data_8WPL
#
_entry.id   8WPL
#
_cell.length_a   1.00
_cell.length_b   1.00
_cell.length_c   1.00
_cell.angle_alpha   90.00
_cell.angle_beta   90.00
_cell.angle_gamma   90.00
#
_symmetry.space_group_name_H-M   'P 1'
#
loop_
_entity.id
_entity.type
_entity.pdbx_description
1 polymer 'Short transient receptor potential channel 1'
2 polymer 'Short transient receptor potential channel 4'
3 non-polymer '2-(HEXADECANOYLOXY)-1-[(PHOSPHONOOXY)METHYL]ETHYL HEXADECANOATE'
4 non-polymer 'ZINC ION'
5 non-polymer 'CHOLESTEROL HEMISUCCINATE'
6 non-polymer 'CALCIUM ION'
#
loop_
_entity_poly.entity_id
_entity_poly.type
_entity_poly.pdbx_seq_one_letter_code
_entity_poly.pdbx_strand_id
1 'polypeptide(L)'
;GPVDMMAALYPSTDLSGASSSSLPSSPSSSSPNEVMALKDVREVKEENTLNEKLFLLACDKGDYYMVKKILEENSSGDLN
INCVDVLGRNAVTITIENENLDILQLLLDYGCQSADALLVAIDSEVVGAVDILLNHRPKRSSRPTIVKLMERIQNPEYST
TMDVAPVILAAHRNNYEILTMLLKQDVSLPKPHAVGCECTLCSAKNKKDSLRHSRFRLDIYRCLASPALIMLTEEDPILR
AFELSADLKELSLVEVEFRNDYEELARQCKMFAKDLLAQARNSRELEVILNHTSSDEPLDKRGLLEERMNLSRLKLAIKY
NQKEFVSQSNCQQFLNTVWFGQMSGYRRKPTCKKIMTVLTVGIFWPVLSLCYLIAPKSQFGRIIHTPFMKFIIHGASYFT
FLLLLNLYSLVYNEDKKNTMGPALERIDYLLILWIIGMIWSDIKRLWYEGLEDFLEESRNQLSFVMNSLYLATFALKVVA
HNKFHDFADRKDWDAFHPTLVAEGLFAFANVLSYLRLFFMYTTSSILGPLQISMGQMLQDFGKFLGMFLLVLFSFTIGLT
QLYDKGYTSKEQKDCVGIFCEQQSNDTFHSFIGTCFALFWYIFSLAHVAIFVTRFSYGEELQSFVGAVIVGTYNVVVVIV
LTKLLVAMLHKSFQLIANHEDKEWKFARAKLWLSYFDDKCTLPPPFNIIPSPKTICYMISSLSKWICSHTSKGKVKRQNS
LKEWRNLKQKRDENYQKVMCCLVHRYLTSMRQKMQSTDQATVENLNELRQDLSKFRNEIRDLLGFRTSKYAMFYPRN
;
A
2 'polypeptide(L)'
;MAQFYYKRNVNAPYRDRIPLRIVRAESELSPSEKAYLNAVEKGDYASVKKSLEEAEIYFKININCIDPLGRTALLIAIEN
ENLELIELLLSFNVYVGDALLHAIRKEVVGAVELLLNHKKPSGEKQVPPILLDKQFSEFTPDITPIILAAHTNNYEIIKL
LVQKGVSVPRPHEVRCNCVECVSSSDVDSLRHSRSRLNIYKALASPSLIALSSEDPFLTAFQLSWELQELSKVENEFKSE
YEELSRQCKQFAKDLLDQTRSSRELEIILNYRDDNSLIEEQSGNDLARLKLAIKYRQKEFVAQPNCQQLLASRWYDEFPG
WRRRHWAVKMVTCFIIGLLFPVFSVCYLIAPKSPLGLFIRKPFIKFICHTASYLTFLFLLLLASQHIDRSDLNRQGPPPT
IVEWMILPWVLGFIWGEIKQMWDGGLQDYIHDWWNLMDFVMNSLYLATISLKIVAFVKYSALNPRESWDMWHPTLVAEAL
FAIANIFSSLRLISLFTANSHLGPLQISLGRMLLDILKFLFIYCLVLLAFANGLNQLYFYYEETKGLTCKGIRCEKQNNA
FSTLFETLQSLFWSIFGLINLYVTNVKAQHEFTEFVGATMFGTYNVISLVVLLNMLIAMMNNSYQLIADHADIEWKFART
KLWMSYFEEGGTLPTPFNVIPSPKSLWYLIKWIWTHLCKKKMRRKPESFGTIGRRAADNLRRHHQYQEVMRNLVKRYVAA
MIRDAKTEEGLTEENFKELKQDISSFRFEVLGLLRGSKLSTIQSANASKESSNSADSDEKSDSEEEVARQQAAGPLERNI
QLESRGLASRGDLSIPGLSEQCVLVDHRERNTDTLGLQVGKRVCPFKSEKVVVEDTVPIIPKEKHAKEEDSSIDYDLNLP
DTVTHEDYVTTRLSRASTVPRARDPPVATLEVLFQ
;
B,C,D
#
# COMPACT_ATOMS: atom_id res chain seq x y z
N GLU A 34 26.04 36.49 22.16
CA GLU A 34 25.33 35.36 22.73
C GLU A 34 25.62 34.07 21.95
N VAL A 35 26.48 33.24 22.53
CA VAL A 35 26.88 31.95 21.96
C VAL A 35 26.92 30.94 23.10
N MET A 36 26.26 29.79 22.92
CA MET A 36 26.40 28.73 23.91
C MET A 36 27.79 28.12 23.82
N ALA A 37 28.48 28.05 24.96
CA ALA A 37 29.79 27.42 25.03
C ALA A 37 29.61 25.96 25.44
N LEU A 38 29.98 25.05 24.55
CA LEU A 38 29.82 23.62 24.82
C LEU A 38 30.90 23.13 25.76
N LYS A 39 30.50 22.32 26.73
CA LYS A 39 31.41 21.74 27.70
C LYS A 39 31.00 20.31 27.98
N ASP A 40 31.98 19.50 28.37
CA ASP A 40 31.71 18.10 28.74
C ASP A 40 31.15 18.07 30.15
N VAL A 41 29.85 17.82 30.27
CA VAL A 41 29.19 17.86 31.57
C VAL A 41 29.62 16.69 32.44
N ARG A 42 29.66 15.49 31.87
CA ARG A 42 29.99 14.28 32.60
C ARG A 42 31.27 13.69 32.06
N GLU A 43 32.24 13.46 32.96
CA GLU A 43 33.51 12.86 32.57
C GLU A 43 33.34 11.36 32.33
N VAL A 44 33.80 10.89 31.18
CA VAL A 44 33.66 9.49 30.81
C VAL A 44 34.98 8.82 30.45
N LYS A 45 35.95 9.56 29.91
CA LYS A 45 37.23 9.01 29.50
C LYS A 45 38.35 9.72 30.26
N GLU A 46 39.23 8.93 30.88
CA GLU A 46 40.42 9.44 31.55
C GLU A 46 41.64 8.96 30.80
N GLU A 47 42.50 9.90 30.38
CA GLU A 47 43.67 9.55 29.60
C GLU A 47 44.76 8.96 30.46
N ASN A 48 45.08 9.62 31.58
CA ASN A 48 46.12 9.23 32.56
C ASN A 48 47.45 9.14 31.82
N THR A 49 48.15 8.01 31.88
CA THR A 49 49.44 7.88 31.20
C THR A 49 49.25 7.41 29.76
N LEU A 50 50.35 7.45 29.00
CA LEU A 50 50.30 7.07 27.59
C LEU A 50 50.22 5.56 27.40
N ASN A 51 50.59 4.77 28.42
CA ASN A 51 50.60 3.33 28.28
C ASN A 51 49.20 2.74 28.16
N GLU A 52 48.23 3.34 28.86
CA GLU A 52 46.84 2.88 28.73
C GLU A 52 46.30 3.13 27.33
N LYS A 53 46.59 4.30 26.75
CA LYS A 53 46.17 4.58 25.39
C LYS A 53 46.90 3.70 24.39
N LEU A 54 48.17 3.39 24.64
CA LEU A 54 48.90 2.47 23.76
C LEU A 54 48.32 1.07 23.81
N PHE A 55 47.94 0.62 25.01
CA PHE A 55 47.29 -0.68 25.16
C PHE A 55 45.94 -0.72 24.44
N LEU A 56 45.16 0.36 24.56
CA LEU A 56 43.87 0.42 23.89
C LEU A 56 44.04 0.44 22.38
N LEU A 57 45.05 1.17 21.89
CA LEU A 57 45.28 1.24 20.45
C LEU A 57 45.81 -0.08 19.89
N ALA A 58 46.65 -0.79 20.66
CA ALA A 58 47.16 -2.07 20.21
C ALA A 58 46.15 -3.21 20.41
N CYS A 59 45.12 -3.00 21.23
CA CYS A 59 44.10 -4.03 21.42
C CYS A 59 43.20 -4.16 20.20
N ASP A 60 42.80 -3.04 19.60
CA ASP A 60 41.94 -3.06 18.43
C ASP A 60 42.71 -3.04 17.12
N LYS A 61 44.02 -3.27 17.15
CA LYS A 61 44.82 -3.43 15.94
C LYS A 61 45.44 -4.82 15.85
N GLY A 62 45.29 -5.66 16.87
CA GLY A 62 45.87 -6.99 16.86
C GLY A 62 47.38 -7.01 16.90
N ASP A 63 47.99 -6.10 17.65
CA ASP A 63 49.44 -5.97 17.72
C ASP A 63 49.95 -6.82 18.87
N TYR A 64 50.14 -8.11 18.60
CA TYR A 64 50.31 -9.10 19.67
C TYR A 64 51.59 -8.88 20.47
N TYR A 65 52.69 -8.51 19.82
CA TYR A 65 53.97 -8.49 20.51
C TYR A 65 54.11 -7.28 21.44
N MET A 66 53.70 -6.09 20.99
CA MET A 66 53.63 -4.97 21.93
C MET A 66 52.51 -5.13 22.95
N VAL A 67 51.46 -5.89 22.64
CA VAL A 67 50.48 -6.21 23.66
C VAL A 67 51.10 -7.05 24.78
N LYS A 68 51.90 -8.06 24.42
CA LYS A 68 52.54 -8.87 25.46
C LYS A 68 53.64 -8.10 26.16
N LYS A 69 54.29 -7.15 25.49
CA LYS A 69 55.25 -6.27 26.16
C LYS A 69 54.53 -5.37 27.18
N ILE A 70 53.38 -4.82 26.79
CA ILE A 70 52.58 -3.99 27.70
C ILE A 70 52.06 -4.83 28.87
N LEU A 71 51.73 -6.09 28.61
CA LEU A 71 51.30 -6.98 29.70
C LEU A 71 52.46 -7.33 30.63
N GLU A 72 53.67 -7.47 30.10
CA GLU A 72 54.84 -7.67 30.94
C GLU A 72 55.11 -6.44 31.81
N GLU A 73 54.93 -5.25 31.24
CA GLU A 73 55.04 -4.02 32.04
C GLU A 73 53.91 -3.90 33.05
N ASN A 74 52.73 -4.44 32.73
CA ASN A 74 51.62 -4.51 33.69
C ASN A 74 51.97 -5.43 34.85
N SER A 75 52.62 -6.56 34.55
CA SER A 75 53.14 -7.42 35.60
C SER A 75 54.20 -6.70 36.43
N SER A 76 55.00 -5.85 35.79
CA SER A 76 55.88 -4.95 36.53
C SER A 76 55.07 -3.95 37.36
N GLY A 77 53.99 -3.41 36.78
CA GLY A 77 53.07 -2.57 37.53
C GLY A 77 52.98 -1.14 37.09
N ASP A 78 53.15 -0.87 35.80
CA ASP A 78 53.12 0.51 35.30
C ASP A 78 51.72 0.98 34.90
N LEU A 79 50.73 0.09 34.85
CA LEU A 79 49.42 0.44 34.35
C LEU A 79 48.39 -0.53 34.92
N ASN A 80 47.12 -0.16 34.79
CA ASN A 80 46.01 -0.96 35.29
C ASN A 80 45.34 -1.72 34.15
N ILE A 81 45.00 -2.98 34.42
CA ILE A 81 44.41 -3.84 33.38
C ILE A 81 43.03 -3.32 32.98
N ASN A 82 42.21 -2.93 33.95
CA ASN A 82 40.86 -2.44 33.67
C ASN A 82 40.95 -0.97 33.28
N CYS A 83 41.05 -0.71 31.98
CA CYS A 83 41.14 0.62 31.43
C CYS A 83 39.84 0.95 30.70
N VAL A 84 39.28 2.12 30.99
CA VAL A 84 38.03 2.57 30.38
C VAL A 84 38.37 3.55 29.26
N ASP A 85 37.90 3.25 28.06
CA ASP A 85 38.13 4.11 26.90
C ASP A 85 36.98 5.11 26.77
N VAL A 86 36.91 5.78 25.61
CA VAL A 86 35.80 6.68 25.32
C VAL A 86 34.49 5.90 25.24
N LEU A 87 34.52 4.74 24.59
CA LEU A 87 33.33 3.90 24.45
C LEU A 87 32.94 3.21 25.75
N GLY A 88 33.78 3.23 26.78
CA GLY A 88 33.48 2.55 28.02
C GLY A 88 33.74 1.07 28.02
N ARG A 89 34.50 0.56 27.05
CA ARG A 89 34.76 -0.86 26.90
C ARG A 89 36.19 -1.18 27.31
N ASN A 90 36.36 -2.25 28.09
CA ASN A 90 37.68 -2.65 28.56
C ASN A 90 38.46 -3.32 27.42
N ALA A 91 39.69 -3.75 27.74
CA ALA A 91 40.51 -4.46 26.75
C ALA A 91 39.91 -5.82 26.39
N VAL A 92 39.31 -6.50 27.37
CA VAL A 92 38.64 -7.77 27.09
C VAL A 92 37.45 -7.56 26.16
N THR A 93 36.68 -6.50 26.40
CA THR A 93 35.54 -6.18 25.53
C THR A 93 36.02 -5.81 24.13
N ILE A 94 37.13 -5.07 24.02
CA ILE A 94 37.66 -4.67 22.73
C ILE A 94 38.13 -5.89 21.94
N THR A 95 38.86 -6.79 22.59
CA THR A 95 39.34 -7.97 21.88
C THR A 95 38.25 -9.01 21.64
N ILE A 96 37.15 -8.96 22.41
CA ILE A 96 36.01 -9.82 22.13
C ILE A 96 35.25 -9.28 20.92
N GLU A 97 35.12 -7.96 20.81
CA GLU A 97 34.50 -7.34 19.64
C GLU A 97 35.29 -7.64 18.37
N ASN A 98 36.62 -7.63 18.48
CA ASN A 98 37.48 -7.99 17.36
C ASN A 98 37.50 -9.50 17.07
N GLU A 99 36.88 -10.30 17.94
CA GLU A 99 36.74 -11.76 17.79
C GLU A 99 38.11 -12.43 17.62
N ASN A 100 39.00 -12.20 18.57
CA ASN A 100 40.38 -12.70 18.49
C ASN A 100 40.66 -13.53 19.74
N LEU A 101 41.01 -14.80 19.52
CA LEU A 101 41.11 -15.75 20.63
C LEU A 101 42.51 -15.81 21.24
N ASP A 102 43.56 -15.61 20.44
CA ASP A 102 44.92 -15.75 20.95
C ASP A 102 45.27 -14.64 21.93
N ILE A 103 45.00 -13.38 21.54
CA ILE A 103 45.26 -12.26 22.43
C ILE A 103 44.29 -12.24 23.61
N LEU A 104 43.06 -12.73 23.44
CA LEU A 104 42.15 -12.88 24.58
C LEU A 104 42.67 -13.92 25.56
N GLN A 105 43.23 -15.02 25.05
CA GLN A 105 43.85 -16.02 25.92
C GLN A 105 45.06 -15.43 26.64
N LEU A 106 45.84 -14.60 25.95
CA LEU A 106 46.96 -13.91 26.58
C LEU A 106 46.50 -12.97 27.69
N LEU A 107 45.38 -12.27 27.46
CA LEU A 107 44.82 -11.41 28.49
C LEU A 107 44.32 -12.21 29.68
N LEU A 108 43.68 -13.36 29.42
CA LEU A 108 43.18 -14.20 30.51
C LEU A 108 44.33 -14.86 31.28
N ASP A 109 45.47 -15.06 30.64
CA ASP A 109 46.60 -15.70 31.32
C ASP A 109 47.30 -14.73 32.28
N TYR A 110 47.03 -13.43 32.17
CA TYR A 110 47.62 -12.43 33.04
C TYR A 110 46.68 -12.03 34.18
N GLY A 111 45.61 -12.79 34.41
CA GLY A 111 44.69 -12.50 35.49
C GLY A 111 43.89 -11.23 35.33
N CYS A 112 43.39 -10.96 34.12
CA CYS A 112 42.56 -9.79 33.90
C CYS A 112 41.18 -9.99 34.50
N GLN A 113 40.54 -8.87 34.86
CA GLN A 113 39.20 -8.92 35.43
C GLN A 113 38.17 -9.21 34.34
N SER A 114 37.32 -10.22 34.56
CA SER A 114 36.31 -10.57 33.58
C SER A 114 35.19 -9.53 33.56
N ALA A 115 34.48 -9.39 34.68
CA ALA A 115 33.39 -8.43 34.87
C ALA A 115 32.31 -8.61 33.80
N ASP A 116 31.71 -9.80 33.81
CA ASP A 116 30.65 -10.20 32.87
C ASP A 116 31.11 -10.09 31.42
N ALA A 117 32.37 -10.46 31.16
CA ALA A 117 32.85 -10.54 29.78
C ALA A 117 32.30 -11.77 29.06
N LEU A 118 31.84 -12.77 29.82
CA LEU A 118 31.20 -13.94 29.21
C LEU A 118 29.93 -13.54 28.48
N LEU A 119 29.16 -12.61 29.06
CA LEU A 119 27.95 -12.12 28.40
C LEU A 119 28.28 -11.36 27.12
N VAL A 120 29.37 -10.59 27.14
CA VAL A 120 29.80 -9.86 25.95
C VAL A 120 30.26 -10.82 24.86
N ALA A 121 30.97 -11.89 25.25
CA ALA A 121 31.38 -12.90 24.28
C ALA A 121 30.19 -13.68 23.74
N ILE A 122 29.18 -13.92 24.57
CA ILE A 122 27.98 -14.61 24.13
C ILE A 122 27.19 -13.74 23.13
N ASP A 123 27.07 -12.44 23.42
CA ASP A 123 26.34 -11.55 22.53
C ASP A 123 27.03 -11.36 21.18
N SER A 124 28.35 -11.44 21.14
CA SER A 124 29.07 -11.36 19.87
C SER A 124 28.99 -12.65 19.06
N GLU A 125 28.51 -13.74 19.67
CA GLU A 125 28.18 -14.99 18.99
C GLU A 125 29.40 -15.62 18.33
N VAL A 126 30.40 -15.96 19.15
CA VAL A 126 31.56 -16.72 18.72
C VAL A 126 31.76 -17.87 19.68
N VAL A 127 32.11 -19.04 19.13
CA VAL A 127 32.27 -20.24 19.93
C VAL A 127 33.50 -20.13 20.82
N GLY A 128 34.63 -19.70 20.25
CA GLY A 128 35.92 -19.83 20.93
C GLY A 128 36.04 -18.96 22.17
N ALA A 129 35.54 -17.72 22.09
CA ALA A 129 35.61 -16.82 23.25
C ALA A 129 34.76 -17.36 24.40
N VAL A 130 33.59 -17.91 24.08
CA VAL A 130 32.70 -18.43 25.12
C VAL A 130 33.28 -19.68 25.75
N ASP A 131 33.83 -20.59 24.93
CA ASP A 131 34.39 -21.81 25.52
C ASP A 131 35.72 -21.55 26.21
N ILE A 132 36.43 -20.46 25.88
CA ILE A 132 37.63 -20.12 26.63
C ILE A 132 37.31 -19.29 27.86
N LEU A 133 36.13 -18.68 27.93
CA LEU A 133 35.69 -18.01 29.14
C LEU A 133 35.06 -18.97 30.15
N LEU A 134 34.71 -20.18 29.71
CA LEU A 134 34.15 -21.20 30.59
C LEU A 134 35.18 -22.21 31.04
N ASN A 135 36.45 -22.02 30.70
CA ASN A 135 37.50 -22.95 31.09
C ASN A 135 37.95 -22.71 32.52
N SER A 159 25.94 -1.47 29.78
CA SER A 159 26.24 -2.85 30.13
C SER A 159 25.07 -3.78 29.77
N THR A 160 24.81 -4.75 30.63
CA THR A 160 23.73 -5.70 30.45
C THR A 160 22.89 -5.73 31.72
N THR A 161 21.58 -5.79 31.54
CA THR A 161 20.64 -5.74 32.67
C THR A 161 20.80 -6.98 33.55
N MET A 162 20.83 -6.75 34.87
CA MET A 162 21.34 -7.73 35.83
C MET A 162 20.51 -9.00 35.94
N ASP A 163 19.27 -9.02 35.45
CA ASP A 163 18.43 -10.20 35.66
C ASP A 163 18.75 -11.34 34.71
N VAL A 164 19.63 -11.12 33.74
CA VAL A 164 19.96 -12.16 32.75
C VAL A 164 21.06 -13.05 33.30
N ALA A 165 21.23 -14.19 32.65
CA ALA A 165 22.27 -15.16 32.90
C ALA A 165 22.99 -15.48 31.60
N PRO A 166 24.12 -16.20 31.65
CA PRO A 166 24.69 -16.71 30.40
C PRO A 166 23.75 -17.59 29.59
N VAL A 167 22.94 -18.43 30.27
CA VAL A 167 21.97 -19.24 29.56
C VAL A 167 20.86 -18.38 28.97
N ILE A 168 20.40 -17.36 29.71
CA ILE A 168 19.34 -16.48 29.24
C ILE A 168 19.81 -15.69 28.02
N LEU A 169 21.02 -15.13 28.09
CA LEU A 169 21.54 -14.36 26.96
C LEU A 169 21.84 -15.25 25.77
N ALA A 170 22.35 -16.47 26.03
CA ALA A 170 22.63 -17.41 24.95
C ALA A 170 21.35 -17.81 24.23
N ALA A 171 20.26 -18.00 24.98
CA ALA A 171 18.97 -18.26 24.34
C ALA A 171 18.43 -17.02 23.65
N HIS A 172 18.75 -15.83 24.17
CA HIS A 172 18.30 -14.59 23.52
C HIS A 172 18.94 -14.41 22.16
N ARG A 173 20.24 -14.71 22.03
CA ARG A 173 20.89 -14.57 20.73
C ARG A 173 20.58 -15.73 19.78
N ASN A 174 19.95 -16.80 20.28
CA ASN A 174 19.56 -17.97 19.49
C ASN A 174 20.76 -18.61 18.79
N ASN A 175 21.78 -18.91 19.58
CA ASN A 175 23.00 -19.56 19.10
C ASN A 175 23.00 -21.00 19.57
N TYR A 176 22.95 -21.94 18.63
CA TYR A 176 22.76 -23.34 19.00
C TYR A 176 24.03 -23.96 19.59
N GLU A 177 25.19 -23.62 19.04
CA GLU A 177 26.43 -24.22 19.55
C GLU A 177 26.80 -23.66 20.91
N ILE A 178 26.60 -22.35 21.12
CA ILE A 178 26.84 -21.73 22.42
C ILE A 178 25.89 -22.31 23.46
N LEU A 179 24.62 -22.49 23.10
CA LEU A 179 23.66 -23.08 24.02
C LEU A 179 23.99 -24.54 24.31
N THR A 180 24.39 -25.31 23.31
CA THR A 180 24.64 -26.74 23.53
C THR A 180 25.96 -26.98 24.24
N MET A 181 26.87 -26.00 24.27
CA MET A 181 28.05 -26.16 25.11
C MET A 181 27.93 -25.44 26.44
N LEU A 182 26.92 -24.60 26.62
CA LEU A 182 26.56 -24.13 27.96
C LEU A 182 25.63 -25.09 28.67
N LEU A 183 24.98 -26.00 27.94
CA LEU A 183 24.12 -27.03 28.51
C LEU A 183 24.86 -28.30 28.87
N LYS A 184 26.16 -28.39 28.57
CA LYS A 184 26.95 -29.52 29.05
C LYS A 184 27.05 -29.51 30.57
N GLN A 185 27.23 -28.33 31.15
CA GLN A 185 27.14 -28.17 32.58
C GLN A 185 25.67 -28.11 33.01
N ASP A 186 25.43 -28.46 34.27
CA ASP A 186 24.07 -28.44 34.79
C ASP A 186 23.60 -27.01 35.02
N VAL A 187 22.55 -26.62 34.32
CA VAL A 187 22.03 -25.26 34.36
C VAL A 187 20.53 -25.31 34.60
N SER A 188 20.05 -24.55 35.59
CA SER A 188 18.64 -24.44 35.89
C SER A 188 18.23 -22.99 35.84
N LEU A 189 17.12 -22.70 35.13
CA LEU A 189 16.58 -21.36 35.02
C LEU A 189 15.35 -21.21 35.91
N PRO A 190 15.08 -20.02 36.45
CA PRO A 190 13.96 -19.87 37.39
C PRO A 190 12.62 -20.00 36.68
N LYS A 191 11.76 -20.86 37.23
CA LYS A 191 10.45 -21.10 36.65
C LYS A 191 9.56 -19.88 36.85
N PRO A 192 9.05 -19.28 35.79
CA PRO A 192 8.16 -18.12 35.96
C PRO A 192 6.80 -18.55 36.48
N HIS A 193 6.14 -17.62 37.16
CA HIS A 193 4.81 -17.89 37.70
C HIS A 193 3.77 -17.87 36.59
N ALA A 194 2.58 -18.35 36.91
CA ALA A 194 1.49 -18.37 35.95
C ALA A 194 0.96 -16.95 35.72
N VAL A 195 0.15 -16.81 34.67
CA VAL A 195 -0.39 -15.50 34.33
C VAL A 195 -1.46 -15.04 35.31
N GLY A 196 -1.97 -15.94 36.14
CA GLY A 196 -2.90 -15.59 37.19
C GLY A 196 -2.36 -15.73 38.60
N CYS A 197 -1.05 -15.86 38.77
CA CYS A 197 -0.46 -16.06 40.09
C CYS A 197 -0.26 -14.72 40.79
N GLU A 198 -0.84 -14.58 41.97
CA GLU A 198 -0.74 -13.36 42.78
C GLU A 198 -0.42 -13.71 44.23
N CYS A 199 0.57 -14.58 44.42
CA CYS A 199 0.96 -15.02 45.75
C CYS A 199 1.82 -13.96 46.42
N THR A 200 2.34 -14.29 47.62
CA THR A 200 3.18 -13.34 48.35
C THR A 200 4.53 -13.12 47.67
N LEU A 201 5.05 -14.15 46.97
CA LEU A 201 6.29 -13.98 46.23
C LEU A 201 6.11 -13.02 45.06
N CYS A 202 4.97 -13.10 44.37
CA CYS A 202 4.68 -12.18 43.28
C CYS A 202 4.27 -10.80 43.77
N SER A 203 3.84 -10.68 45.03
CA SER A 203 3.41 -9.41 45.59
C SER A 203 4.49 -8.75 46.45
N ALA A 204 5.71 -9.25 46.42
CA ALA A 204 6.82 -8.66 47.14
C ALA A 204 7.90 -8.11 46.21
N LYS A 205 8.20 -8.82 45.12
CA LYS A 205 9.21 -8.33 44.18
C LYS A 205 8.70 -7.17 43.35
N ASN A 206 7.39 -7.15 43.04
CA ASN A 206 6.83 -6.08 42.24
C ASN A 206 6.84 -4.75 42.99
N LYS A 207 6.55 -4.80 44.30
CA LYS A 207 6.60 -3.59 45.13
C LYS A 207 8.02 -3.02 45.18
N LYS A 208 9.03 -3.90 45.27
CA LYS A 208 10.41 -3.44 45.25
C LYS A 208 10.77 -2.83 43.91
N ASP A 209 10.55 -3.57 42.82
CA ASP A 209 10.86 -3.03 41.49
C ASP A 209 9.95 -3.73 40.47
N SER A 210 8.82 -3.10 40.16
CA SER A 210 7.90 -3.63 39.15
C SER A 210 8.55 -3.69 37.77
N LEU A 211 9.36 -2.69 37.42
CA LEU A 211 10.02 -2.69 36.13
C LEU A 211 11.02 -3.84 36.02
N ARG A 212 11.79 -4.08 37.08
CA ARG A 212 12.73 -5.19 37.08
C ARG A 212 12.00 -6.53 37.03
N HIS A 213 10.88 -6.63 37.74
CA HIS A 213 10.08 -7.87 37.71
C HIS A 213 9.53 -8.14 36.31
N SER A 214 9.01 -7.11 35.65
CA SER A 214 8.47 -7.28 34.31
C SER A 214 9.56 -7.62 33.31
N ARG A 215 10.72 -6.95 33.39
CA ARG A 215 11.82 -7.27 32.48
C ARG A 215 12.39 -8.65 32.75
N PHE A 216 12.41 -9.09 34.00
CA PHE A 216 12.88 -10.43 34.33
C PHE A 216 11.93 -11.50 33.77
N ARG A 217 10.62 -11.28 33.90
CA ARG A 217 9.66 -12.22 33.33
C ARG A 217 9.76 -12.26 31.81
N LEU A 218 9.93 -11.09 31.18
CA LEU A 218 10.07 -11.04 29.72
C LEU A 218 11.36 -11.73 29.28
N ASP A 219 12.45 -11.56 30.02
CA ASP A 219 13.71 -12.22 29.65
C ASP A 219 13.63 -13.73 29.84
N ILE A 220 12.95 -14.19 30.90
CA ILE A 220 12.76 -15.63 31.10
C ILE A 220 11.93 -16.22 29.96
N TYR A 221 10.83 -15.55 29.59
CA TYR A 221 9.98 -16.09 28.53
C TYR A 221 10.61 -15.95 27.16
N ARG A 222 11.52 -14.98 26.98
CA ARG A 222 12.28 -14.88 25.75
C ARG A 222 13.35 -15.96 25.66
N CYS A 223 13.91 -16.36 26.81
CA CYS A 223 14.85 -17.47 26.81
C CYS A 223 14.14 -18.79 26.54
N LEU A 224 12.96 -18.99 27.13
CA LEU A 224 12.22 -20.24 26.92
C LEU A 224 11.70 -20.37 25.50
N ALA A 225 11.32 -19.25 24.87
CA ALA A 225 10.74 -19.29 23.54
C ALA A 225 11.77 -19.40 22.43
N SER A 226 13.06 -19.47 22.76
CA SER A 226 14.08 -19.66 21.75
C SER A 226 13.97 -21.08 21.17
N PRO A 227 14.13 -21.24 19.86
CA PRO A 227 14.06 -22.58 19.26
C PRO A 227 15.10 -23.56 19.79
N ALA A 228 16.35 -23.11 19.94
CA ALA A 228 17.44 -24.03 20.27
C ALA A 228 17.28 -24.62 21.67
N LEU A 229 16.79 -23.82 22.62
CA LEU A 229 16.50 -24.36 23.95
C LEU A 229 15.33 -25.32 23.92
N ILE A 230 14.40 -25.15 22.98
CA ILE A 230 13.30 -26.10 22.83
C ILE A 230 13.83 -27.43 22.28
N MET A 231 14.78 -27.38 21.35
CA MET A 231 15.41 -28.62 20.89
C MET A 231 16.18 -29.30 22.02
N LEU A 232 17.00 -28.53 22.74
CA LEU A 232 17.97 -29.15 23.65
C LEU A 232 17.29 -29.75 24.89
N THR A 233 16.37 -29.01 25.52
CA THR A 233 15.73 -29.49 26.75
C THR A 233 14.21 -29.45 26.61
N GLU A 234 13.66 -30.47 25.96
CA GLU A 234 12.26 -30.86 25.93
C GLU A 234 12.14 -32.18 25.18
N GLU A 235 11.23 -33.04 25.65
CA GLU A 235 11.00 -34.30 24.96
C GLU A 235 10.17 -34.11 23.71
N ASP A 236 9.19 -33.19 23.74
CA ASP A 236 8.33 -32.91 22.60
C ASP A 236 8.46 -31.44 22.23
N PRO A 237 9.29 -31.09 21.24
CA PRO A 237 9.37 -29.69 20.81
C PRO A 237 8.08 -29.13 20.23
N ILE A 238 7.27 -29.97 19.58
CA ILE A 238 6.02 -29.50 18.99
C ILE A 238 5.04 -29.06 20.07
N LEU A 239 4.86 -29.91 21.09
CA LEU A 239 3.95 -29.58 22.19
C LEU A 239 4.46 -28.40 23.00
N ARG A 240 5.78 -28.30 23.18
CA ARG A 240 6.36 -27.17 23.89
C ARG A 240 6.12 -25.88 23.12
N ALA A 241 6.30 -25.91 21.79
CA ALA A 241 6.04 -24.73 20.97
C ALA A 241 4.56 -24.33 21.03
N PHE A 242 3.66 -25.32 20.99
CA PHE A 242 2.23 -25.03 21.06
C PHE A 242 1.85 -24.38 22.38
N GLU A 243 2.25 -25.00 23.50
CA GLU A 243 1.89 -24.48 24.81
C GLU A 243 2.57 -23.16 25.10
N LEU A 244 3.81 -22.98 24.62
CA LEU A 244 4.51 -21.72 24.83
C LEU A 244 3.88 -20.60 24.03
N SER A 245 3.43 -20.88 22.80
CA SER A 245 2.73 -19.87 22.01
C SER A 245 1.42 -19.47 22.68
N ALA A 246 0.69 -20.45 23.21
CA ALA A 246 -0.55 -20.13 23.93
C ALA A 246 -0.28 -19.29 25.17
N ASP A 247 0.75 -19.66 25.95
CA ASP A 247 1.08 -18.92 27.16
C ASP A 247 1.55 -17.51 26.86
N LEU A 248 2.35 -17.34 25.80
CA LEU A 248 2.81 -16.01 25.43
C LEU A 248 1.68 -15.15 24.89
N LYS A 249 0.71 -15.76 24.17
CA LYS A 249 -0.45 -14.99 23.72
C LYS A 249 -1.30 -14.53 24.89
N GLU A 250 -1.54 -15.41 25.87
CA GLU A 250 -2.33 -14.98 27.03
C GLU A 250 -1.55 -14.00 27.90
N LEU A 251 -0.21 -14.06 27.88
CA LEU A 251 0.59 -13.06 28.58
C LEU A 251 0.50 -11.71 27.88
N SER A 252 0.49 -11.71 26.54
CA SER A 252 0.29 -10.46 25.81
C SER A 252 -1.08 -9.88 26.06
N LEU A 253 -2.09 -10.74 26.21
CA LEU A 253 -3.42 -10.28 26.60
C LEU A 253 -3.42 -9.69 28.01
N VAL A 254 -2.69 -10.32 28.94
CA VAL A 254 -2.67 -9.84 30.32
C VAL A 254 -1.75 -8.64 30.48
N GLU A 255 -0.49 -8.78 30.07
CA GLU A 255 0.48 -7.70 30.18
C GLU A 255 0.28 -6.74 29.02
N VAL A 256 -0.55 -5.72 29.24
CA VAL A 256 -0.90 -4.79 28.18
C VAL A 256 0.25 -3.86 27.80
N GLU A 257 1.17 -3.58 28.72
CA GLU A 257 2.27 -2.67 28.40
C GLU A 257 3.30 -3.33 27.51
N PHE A 258 3.56 -4.62 27.71
CA PHE A 258 4.62 -5.35 27.03
C PHE A 258 4.06 -6.34 26.03
N ARG A 259 2.92 -5.99 25.40
CA ARG A 259 2.21 -6.97 24.58
C ARG A 259 2.90 -7.19 23.24
N ASN A 260 3.73 -6.25 22.78
CA ASN A 260 4.39 -6.43 21.49
C ASN A 260 5.47 -7.50 21.56
N ASP A 261 6.27 -7.50 22.64
CA ASP A 261 7.31 -8.52 22.80
C ASP A 261 6.72 -9.91 22.97
N TYR A 262 5.66 -10.03 23.77
CA TYR A 262 5.01 -11.33 23.96
C TYR A 262 4.32 -11.80 22.69
N GLU A 263 3.74 -10.88 21.92
CA GLU A 263 3.13 -11.24 20.63
C GLU A 263 4.20 -11.73 19.65
N GLU A 264 5.35 -11.05 19.60
CA GLU A 264 6.39 -11.49 18.68
C GLU A 264 7.02 -12.81 19.14
N LEU A 265 7.02 -13.07 20.46
CA LEU A 265 7.51 -14.35 20.94
C LEU A 265 6.54 -15.48 20.61
N ALA A 266 5.24 -15.22 20.70
CA ALA A 266 4.25 -16.22 20.29
C ALA A 266 4.33 -16.49 18.79
N ARG A 267 4.54 -15.44 17.99
CA ARG A 267 4.72 -15.61 16.55
C ARG A 267 6.00 -16.40 16.25
N GLN A 268 7.05 -16.17 17.03
CA GLN A 268 8.30 -16.91 16.87
C GLN A 268 8.11 -18.39 17.18
N CYS A 269 7.36 -18.70 18.25
CA CYS A 269 7.08 -20.09 18.59
C CYS A 269 6.24 -20.77 17.51
N LYS A 270 5.23 -20.08 16.99
CA LYS A 270 4.39 -20.65 15.94
C LYS A 270 5.17 -20.87 14.65
N MET A 271 6.03 -19.92 14.29
CA MET A 271 6.88 -20.08 13.11
C MET A 271 7.87 -21.23 13.28
N PHE A 272 8.39 -21.39 14.51
CA PHE A 272 9.27 -22.52 14.79
C PHE A 272 8.55 -23.85 14.64
N ALA A 273 7.31 -23.93 15.13
CA ALA A 273 6.53 -25.17 14.98
C ALA A 273 6.25 -25.47 13.51
N LYS A 274 5.90 -24.43 12.73
CA LYS A 274 5.64 -24.62 11.31
C LYS A 274 6.89 -25.09 10.57
N ASP A 275 8.05 -24.46 10.86
CA ASP A 275 9.27 -24.83 10.16
C ASP A 275 9.86 -26.14 10.67
N LEU A 276 9.45 -26.59 11.86
CA LEU A 276 9.82 -27.93 12.30
C LEU A 276 8.95 -28.98 11.61
N LEU A 277 7.67 -28.68 11.38
CA LEU A 277 6.82 -29.58 10.62
C LEU A 277 7.26 -29.65 9.15
N ALA A 278 7.80 -28.55 8.62
CA ALA A 278 8.20 -28.49 7.22
C ALA A 278 9.38 -29.39 6.87
N GLN A 279 10.07 -29.96 7.87
CA GLN A 279 11.21 -30.82 7.62
C GLN A 279 10.84 -32.29 7.43
N ALA A 280 9.56 -32.62 7.43
CA ALA A 280 9.15 -34.00 7.21
C ALA A 280 9.37 -34.39 5.75
N ARG A 281 9.98 -35.57 5.55
CA ARG A 281 10.33 -36.01 4.20
C ARG A 281 9.25 -36.90 3.60
N ASN A 282 8.95 -38.02 4.25
CA ASN A 282 7.97 -38.98 3.76
C ASN A 282 6.69 -38.87 4.58
N SER A 283 5.62 -39.49 4.06
CA SER A 283 4.32 -39.41 4.71
C SER A 283 4.23 -40.29 5.96
N ARG A 284 5.08 -41.30 6.08
CA ARG A 284 5.04 -42.18 7.26
C ARG A 284 5.38 -41.42 8.53
N GLU A 285 6.47 -40.65 8.51
CA GLU A 285 6.81 -39.84 9.67
C GLU A 285 5.84 -38.69 9.87
N LEU A 286 5.16 -38.24 8.80
CA LEU A 286 4.12 -37.24 8.94
C LEU A 286 2.92 -37.78 9.71
N GLU A 287 2.49 -39.00 9.38
CA GLU A 287 1.46 -39.66 10.19
C GLU A 287 1.96 -40.01 11.58
N VAL A 288 3.27 -40.19 11.76
CA VAL A 288 3.81 -40.43 13.10
C VAL A 288 3.67 -39.18 13.97
N ILE A 289 4.07 -38.02 13.44
CA ILE A 289 4.01 -36.81 14.25
C ILE A 289 2.59 -36.31 14.42
N LEU A 290 1.75 -36.44 13.38
CA LEU A 290 0.42 -35.83 13.44
C LEU A 290 -0.60 -36.69 14.16
N ASN A 291 -0.25 -37.92 14.54
CA ASN A 291 -1.14 -38.79 15.29
C ASN A 291 -0.66 -39.06 16.70
N HIS A 292 0.34 -38.32 17.17
CA HIS A 292 0.93 -38.60 18.47
C HIS A 292 0.02 -38.16 19.60
N THR A 293 -0.07 -38.99 20.63
CA THR A 293 -0.83 -38.70 21.84
C THR A 293 0.14 -38.47 22.99
N SER A 294 -0.10 -37.41 23.75
CA SER A 294 0.76 -37.09 24.89
C SER A 294 0.68 -38.17 25.96
N SER A 295 -0.53 -38.66 26.24
CA SER A 295 -0.80 -39.72 27.22
C SER A 295 -0.26 -39.40 28.61
N MET A 309 -5.56 -41.96 12.20
CA MET A 309 -6.57 -42.40 13.16
C MET A 309 -7.15 -41.25 13.97
N ASN A 310 -6.70 -41.06 15.21
CA ASN A 310 -7.31 -40.06 16.08
C ASN A 310 -6.90 -38.64 15.71
N LEU A 311 -5.71 -38.47 15.15
CA LEU A 311 -5.14 -37.15 14.80
C LEU A 311 -5.10 -36.22 16.02
N SER A 312 -4.49 -36.71 17.10
CA SER A 312 -4.50 -35.97 18.35
C SER A 312 -3.62 -34.72 18.28
N ARG A 313 -2.47 -34.82 17.62
CA ARG A 313 -1.58 -33.66 17.52
C ARG A 313 -2.16 -32.59 16.60
N LEU A 314 -2.84 -33.01 15.53
CA LEU A 314 -3.52 -32.04 14.66
C LEU A 314 -4.68 -31.36 15.39
N LYS A 315 -5.39 -32.11 16.23
CA LYS A 315 -6.45 -31.51 17.06
C LYS A 315 -5.87 -30.54 18.08
N LEU A 316 -4.70 -30.86 18.63
CA LEU A 316 -4.04 -29.93 19.54
C LEU A 316 -3.59 -28.67 18.82
N ALA A 317 -3.10 -28.81 17.58
CA ALA A 317 -2.71 -27.64 16.80
C ALA A 317 -3.91 -26.78 16.44
N ILE A 318 -5.05 -27.41 16.17
CA ILE A 318 -6.30 -26.67 15.93
C ILE A 318 -6.72 -25.94 17.21
N LYS A 319 -6.61 -26.61 18.36
CA LYS A 319 -7.01 -26.02 19.63
C LYS A 319 -6.13 -24.83 20.01
N TYR A 320 -4.83 -24.94 19.76
CA TYR A 320 -3.88 -23.90 20.18
C TYR A 320 -3.71 -22.79 19.15
N ASN A 321 -4.61 -22.73 18.15
CA ASN A 321 -4.65 -21.65 17.14
C ASN A 321 -3.35 -21.55 16.36
N GLN A 322 -2.76 -22.70 16.04
CA GLN A 322 -1.54 -22.73 15.24
C GLN A 322 -1.93 -22.70 13.76
N LYS A 323 -2.18 -21.48 13.28
CA LYS A 323 -2.63 -21.29 11.91
C LYS A 323 -1.51 -21.58 10.91
N GLU A 324 -0.27 -21.25 11.27
CA GLU A 324 0.85 -21.50 10.37
C GLU A 324 1.20 -22.98 10.30
N PHE A 325 1.06 -23.69 11.43
CA PHE A 325 1.28 -25.13 11.45
C PHE A 325 0.25 -25.85 10.58
N VAL A 326 -1.01 -25.42 10.66
CA VAL A 326 -2.08 -26.08 9.91
C VAL A 326 -1.95 -25.80 8.42
N SER A 327 -1.65 -24.55 8.06
CA SER A 327 -1.58 -24.14 6.66
C SER A 327 -0.28 -24.56 5.97
N GLN A 328 0.55 -25.38 6.63
CA GLN A 328 1.73 -25.94 5.99
C GLN A 328 1.31 -26.89 4.88
N SER A 329 2.08 -26.89 3.79
CA SER A 329 1.71 -27.66 2.60
C SER A 329 1.71 -29.16 2.88
N ASN A 330 2.64 -29.63 3.71
CA ASN A 330 2.64 -31.05 4.09
C ASN A 330 1.40 -31.41 4.89
N CYS A 331 1.06 -30.58 5.88
CA CYS A 331 -0.13 -30.81 6.68
C CYS A 331 -1.40 -30.68 5.85
N GLN A 332 -1.43 -29.72 4.91
CA GLN A 332 -2.59 -29.55 4.04
C GLN A 332 -2.75 -30.75 3.10
N GLN A 333 -1.65 -31.27 2.56
CA GLN A 333 -1.72 -32.45 1.70
C GLN A 333 -2.18 -33.67 2.48
N PHE A 334 -1.68 -33.83 3.71
CA PHE A 334 -2.13 -34.94 4.56
C PHE A 334 -3.61 -34.81 4.89
N LEU A 335 -4.07 -33.58 5.15
CA LEU A 335 -5.48 -33.34 5.40
C LEU A 335 -6.33 -33.67 4.18
N ASN A 336 -5.84 -33.33 2.99
CA ASN A 336 -6.55 -33.66 1.76
C ASN A 336 -6.65 -35.17 1.56
N THR A 337 -5.55 -35.90 1.83
CA THR A 337 -5.58 -37.35 1.67
C THR A 337 -6.51 -38.01 2.68
N VAL A 338 -6.55 -37.52 3.91
CA VAL A 338 -7.50 -38.05 4.89
C VAL A 338 -8.93 -37.68 4.50
N TRP A 339 -9.13 -36.47 3.98
CA TRP A 339 -10.46 -35.94 3.72
C TRP A 339 -11.13 -36.65 2.54
N PHE A 340 -10.39 -36.85 1.44
CA PHE A 340 -10.99 -37.52 0.30
C PHE A 340 -11.09 -39.02 0.48
N GLY A 341 -10.33 -39.60 1.41
CA GLY A 341 -10.50 -41.00 1.75
C GLY A 341 -10.03 -41.92 0.64
N GLN A 342 -10.85 -42.92 0.33
CA GLN A 342 -10.52 -43.90 -0.71
C GLN A 342 -10.71 -43.35 -2.12
N MET A 343 -11.38 -42.22 -2.28
CA MET A 343 -11.61 -41.63 -3.60
C MET A 343 -10.52 -40.60 -3.92
N SER A 344 -9.30 -41.12 -4.06
CA SER A 344 -8.15 -40.28 -4.38
C SER A 344 -8.18 -39.76 -5.81
N GLY A 345 -8.95 -40.40 -6.70
CA GLY A 345 -9.05 -39.97 -8.08
C GLY A 345 -9.97 -38.79 -8.31
N TYR A 346 -10.65 -38.32 -7.27
CA TYR A 346 -11.53 -37.16 -7.41
C TYR A 346 -10.72 -35.89 -7.67
N ARG A 347 -9.54 -35.79 -7.05
CA ARG A 347 -8.70 -34.61 -7.23
C ARG A 347 -8.15 -34.50 -8.64
N ARG A 348 -7.87 -35.63 -9.31
CA ARG A 348 -7.41 -35.61 -10.68
C ARG A 348 -8.53 -35.73 -11.70
N LYS A 349 -9.77 -35.87 -11.25
CA LYS A 349 -10.91 -35.95 -12.15
C LYS A 349 -11.18 -34.59 -12.79
N PRO A 350 -11.82 -34.57 -13.98
CA PRO A 350 -12.24 -33.29 -14.56
C PRO A 350 -13.37 -32.65 -13.76
N THR A 351 -13.64 -31.36 -14.04
CA THR A 351 -14.61 -30.61 -13.24
C THR A 351 -16.02 -31.15 -13.42
N CYS A 352 -16.39 -31.53 -14.64
CA CYS A 352 -17.73 -32.05 -14.90
C CYS A 352 -17.98 -33.34 -14.13
N LYS A 353 -16.98 -34.22 -14.08
CA LYS A 353 -17.08 -35.43 -13.27
C LYS A 353 -17.18 -35.09 -11.78
N LYS A 354 -16.55 -33.99 -11.36
CA LYS A 354 -16.62 -33.58 -9.96
C LYS A 354 -18.02 -33.14 -9.57
N ILE A 355 -18.65 -32.28 -10.40
CA ILE A 355 -20.02 -31.87 -10.12
C ILE A 355 -20.97 -33.05 -10.24
N MET A 356 -20.71 -33.97 -11.18
CA MET A 356 -21.54 -35.15 -11.32
C MET A 356 -21.44 -36.05 -10.08
N THR A 357 -20.24 -36.21 -9.54
CA THR A 357 -20.07 -36.99 -8.32
C THR A 357 -20.77 -36.34 -7.14
N VAL A 358 -20.64 -35.02 -7.02
CA VAL A 358 -21.31 -34.29 -5.93
C VAL A 358 -22.82 -34.43 -6.03
N LEU A 359 -23.37 -34.29 -7.25
CA LEU A 359 -24.81 -34.40 -7.45
C LEU A 359 -25.30 -35.81 -7.18
N THR A 360 -24.55 -36.84 -7.61
CA THR A 360 -24.98 -38.22 -7.38
C THR A 360 -24.94 -38.56 -5.90
N VAL A 361 -23.92 -38.09 -5.17
CA VAL A 361 -23.87 -38.39 -3.74
C VAL A 361 -24.94 -37.60 -2.99
N GLY A 362 -25.26 -36.38 -3.46
CA GLY A 362 -26.25 -35.57 -2.75
C GLY A 362 -27.69 -35.95 -3.03
N ILE A 363 -27.98 -36.51 -4.21
CA ILE A 363 -29.36 -36.82 -4.57
C ILE A 363 -29.86 -38.01 -3.77
N PHE A 364 -29.09 -39.09 -3.73
CA PHE A 364 -29.48 -40.30 -3.01
C PHE A 364 -28.88 -40.38 -1.61
N TRP A 365 -28.71 -39.24 -0.94
CA TRP A 365 -28.26 -39.25 0.45
C TRP A 365 -29.14 -40.03 1.43
N PRO A 366 -30.49 -40.01 1.38
CA PRO A 366 -31.23 -40.85 2.34
C PRO A 366 -31.07 -42.34 2.08
N VAL A 367 -30.85 -42.72 0.81
CA VAL A 367 -30.58 -44.12 0.49
C VAL A 367 -29.27 -44.58 1.12
N LEU A 368 -28.23 -43.76 1.00
CA LEU A 368 -26.95 -44.09 1.63
C LEU A 368 -27.06 -44.10 3.15
N SER A 369 -27.82 -43.16 3.72
CA SER A 369 -27.99 -43.12 5.17
C SER A 369 -28.73 -44.35 5.69
N LEU A 370 -29.82 -44.74 5.02
CA LEU A 370 -30.57 -45.92 5.45
C LEU A 370 -29.78 -47.20 5.20
N CYS A 371 -28.95 -47.22 4.15
CA CYS A 371 -28.16 -48.42 3.89
C CYS A 371 -27.01 -48.56 4.88
N TYR A 372 -26.46 -47.43 5.36
CA TYR A 372 -25.52 -47.48 6.48
C TYR A 372 -26.22 -47.89 7.76
N LEU A 373 -27.46 -47.45 7.95
CA LEU A 373 -28.21 -47.83 9.14
C LEU A 373 -28.54 -49.32 9.16
N ILE A 374 -28.79 -49.91 8.00
CA ILE A 374 -29.10 -51.33 7.93
C ILE A 374 -27.84 -52.17 8.14
N ALA A 375 -26.81 -51.92 7.33
CA ALA A 375 -25.55 -52.67 7.40
C ALA A 375 -24.38 -51.70 7.30
N PRO A 376 -23.73 -51.37 8.41
CA PRO A 376 -22.62 -50.41 8.37
C PRO A 376 -21.31 -51.01 7.89
N LYS A 377 -21.17 -52.34 8.01
CA LYS A 377 -19.90 -53.00 7.78
C LYS A 377 -19.49 -53.05 6.31
N SER A 378 -20.44 -53.25 5.40
CA SER A 378 -20.13 -53.54 4.01
C SER A 378 -19.77 -52.25 3.26
N GLN A 379 -19.69 -52.35 1.93
CA GLN A 379 -19.15 -51.25 1.12
C GLN A 379 -20.12 -50.09 1.01
N PHE A 380 -21.43 -50.34 1.08
CA PHE A 380 -22.39 -49.24 1.00
C PHE A 380 -22.41 -48.40 2.26
N GLY A 381 -22.02 -48.97 3.40
CA GLY A 381 -21.79 -48.19 4.61
C GLY A 381 -20.39 -47.65 4.73
N ARG A 382 -19.55 -47.88 3.72
CA ARG A 382 -18.16 -47.43 3.71
C ARG A 382 -18.00 -46.11 2.97
N ILE A 383 -18.81 -45.89 1.93
CA ILE A 383 -18.75 -44.64 1.17
C ILE A 383 -19.21 -43.46 2.01
N ILE A 384 -20.21 -43.68 2.87
CA ILE A 384 -20.66 -42.61 3.77
C ILE A 384 -19.60 -42.32 4.84
N HIS A 385 -18.78 -43.32 5.19
CA HIS A 385 -17.72 -43.12 6.18
C HIS A 385 -16.63 -42.18 5.68
N THR A 386 -16.53 -41.96 4.38
CA THR A 386 -15.61 -40.97 3.85
C THR A 386 -16.06 -39.57 4.27
N PRO A 387 -15.19 -38.77 4.89
CA PRO A 387 -15.62 -37.45 5.37
C PRO A 387 -16.07 -36.49 4.28
N PHE A 388 -15.56 -36.63 3.06
CA PHE A 388 -16.02 -35.80 1.95
C PHE A 388 -17.45 -36.14 1.57
N MET A 389 -17.74 -37.43 1.41
CA MET A 389 -19.10 -37.86 1.11
C MET A 389 -20.03 -37.64 2.30
N LYS A 390 -19.49 -37.77 3.52
CA LYS A 390 -20.27 -37.45 4.71
C LYS A 390 -20.67 -35.97 4.73
N PHE A 391 -19.74 -35.09 4.39
CA PHE A 391 -20.05 -33.67 4.32
C PHE A 391 -21.05 -33.36 3.21
N ILE A 392 -20.94 -34.05 2.07
CA ILE A 392 -21.88 -33.83 0.98
C ILE A 392 -23.28 -34.30 1.38
N ILE A 393 -23.37 -35.44 2.07
CA ILE A 393 -24.64 -35.95 2.57
C ILE A 393 -25.26 -35.00 3.58
N HIS A 394 -24.43 -34.46 4.51
CA HIS A 394 -24.94 -33.49 5.48
C HIS A 394 -25.40 -32.21 4.80
N GLY A 395 -24.67 -31.76 3.77
CA GLY A 395 -25.08 -30.57 3.04
C GLY A 395 -26.38 -30.77 2.29
N ALA A 396 -26.56 -31.92 1.65
CA ALA A 396 -27.81 -32.22 0.97
C ALA A 396 -28.96 -32.37 1.97
N SER A 397 -28.66 -32.89 3.16
CA SER A 397 -29.64 -32.97 4.23
C SER A 397 -30.11 -31.58 4.66
N TYR A 398 -29.17 -30.66 4.85
CA TYR A 398 -29.55 -29.29 5.19
C TYR A 398 -30.27 -28.60 4.05
N PHE A 399 -29.88 -28.90 2.80
CA PHE A 399 -30.54 -28.30 1.65
C PHE A 399 -31.98 -28.77 1.50
N THR A 400 -32.24 -30.05 1.76
CA THR A 400 -33.64 -30.49 1.70
C THR A 400 -34.44 -30.06 2.92
N PHE A 401 -33.76 -29.78 4.05
CA PHE A 401 -34.43 -29.12 5.16
C PHE A 401 -34.87 -27.71 4.76
N LEU A 402 -33.98 -26.97 4.08
CA LEU A 402 -34.34 -25.66 3.56
C LEU A 402 -35.43 -25.74 2.49
N LEU A 403 -35.43 -26.81 1.69
CA LEU A 403 -36.50 -27.02 0.72
C LEU A 403 -37.84 -27.26 1.40
N LEU A 404 -37.84 -28.01 2.51
CA LEU A 404 -39.06 -28.18 3.30
C LEU A 404 -39.53 -26.84 3.88
N LEU A 405 -38.58 -26.02 4.35
CA LEU A 405 -38.92 -24.69 4.85
C LEU A 405 -39.54 -23.83 3.76
N ASN A 406 -39.01 -23.93 2.53
CA ASN A 406 -39.56 -23.18 1.41
C ASN A 406 -40.94 -23.70 1.00
N LEU A 407 -41.13 -25.01 0.99
CA LEU A 407 -42.39 -25.62 0.60
C LEU A 407 -43.47 -25.51 1.67
N TYR A 408 -43.10 -25.12 2.89
CA TYR A 408 -44.10 -24.86 3.93
C TYR A 408 -45.09 -23.80 3.51
N SER A 409 -44.61 -22.73 2.87
CA SER A 409 -45.49 -21.65 2.43
C SER A 409 -46.46 -22.11 1.33
N LEU A 410 -45.98 -22.94 0.41
CA LEU A 410 -46.83 -23.40 -0.68
C LEU A 410 -47.83 -24.45 -0.20
N VAL A 411 -47.43 -25.31 0.75
CA VAL A 411 -48.35 -26.31 1.28
C VAL A 411 -49.41 -25.64 2.16
N TYR A 412 -49.00 -24.63 2.94
CA TYR A 412 -49.88 -24.02 3.94
C TYR A 412 -51.05 -23.25 3.35
N ASN A 413 -51.06 -22.99 2.04
CA ASN A 413 -52.16 -22.26 1.39
C ASN A 413 -53.30 -23.23 1.09
N GLU A 414 -53.94 -23.70 2.16
CA GLU A 414 -55.08 -24.60 2.08
C GLU A 414 -56.15 -24.17 3.07
N ASP A 415 -56.41 -22.85 3.13
CA ASP A 415 -57.36 -22.22 4.05
C ASP A 415 -57.03 -22.48 5.51
N LYS A 416 -55.76 -22.70 5.83
CA LYS A 416 -55.30 -22.83 7.21
C LYS A 416 -54.82 -21.51 7.80
N LYS A 417 -54.93 -20.42 7.04
CA LYS A 417 -54.49 -19.12 7.51
C LYS A 417 -55.52 -18.42 8.40
N ASN A 418 -56.70 -19.01 8.59
CA ASN A 418 -57.73 -18.44 9.43
C ASN A 418 -57.92 -19.17 10.75
N THR A 419 -57.46 -20.42 10.86
CA THR A 419 -57.61 -21.18 12.09
C THR A 419 -56.74 -20.60 13.19
N MET A 420 -57.31 -20.54 14.41
CA MET A 420 -56.58 -19.96 15.54
C MET A 420 -55.41 -20.85 15.94
N GLY A 421 -55.68 -22.10 16.30
CA GLY A 421 -54.63 -23.08 16.43
C GLY A 421 -54.78 -24.14 15.35
N PRO A 422 -53.93 -24.08 14.34
CA PRO A 422 -54.02 -25.03 13.23
C PRO A 422 -53.56 -26.42 13.61
N ALA A 423 -54.11 -27.41 12.91
CA ALA A 423 -53.61 -28.77 13.01
C ALA A 423 -52.30 -28.90 12.24
N LEU A 424 -51.38 -29.69 12.79
CA LEU A 424 -50.06 -29.82 12.19
C LEU A 424 -50.13 -30.65 10.92
N GLU A 425 -49.56 -30.12 9.84
CA GLU A 425 -49.56 -30.80 8.56
C GLU A 425 -48.42 -31.83 8.51
N ARG A 426 -48.26 -32.46 7.34
CA ARG A 426 -47.15 -33.39 7.15
C ARG A 426 -45.81 -32.66 7.19
N ILE A 427 -45.77 -31.43 6.65
CA ILE A 427 -44.56 -30.63 6.68
C ILE A 427 -44.20 -30.25 8.11
N ASP A 428 -45.19 -30.01 8.97
CA ASP A 428 -44.91 -29.71 10.37
C ASP A 428 -44.28 -30.89 11.09
N TYR A 429 -44.77 -32.10 10.82
CA TYR A 429 -44.18 -33.30 11.42
C TYR A 429 -42.77 -33.55 10.88
N LEU A 430 -42.57 -33.31 9.59
CA LEU A 430 -41.23 -33.42 9.02
C LEU A 430 -40.27 -32.43 9.68
N LEU A 431 -40.72 -31.18 9.87
CA LEU A 431 -39.85 -30.15 10.43
C LEU A 431 -39.57 -30.39 11.91
N ILE A 432 -40.55 -30.89 12.67
CA ILE A 432 -40.29 -31.17 14.08
C ILE A 432 -39.32 -32.34 14.20
N LEU A 433 -39.43 -33.36 13.33
CA LEU A 433 -38.44 -34.44 13.34
C LEU A 433 -37.06 -33.93 12.96
N TRP A 434 -37.00 -33.03 11.97
CA TRP A 434 -35.73 -32.46 11.51
C TRP A 434 -35.04 -31.67 12.63
N ILE A 435 -35.80 -30.84 13.34
CA ILE A 435 -35.14 -30.02 14.36
C ILE A 435 -34.88 -30.81 15.63
N ILE A 436 -35.63 -31.89 15.91
CA ILE A 436 -35.24 -32.80 16.99
C ILE A 436 -33.92 -33.47 16.65
N GLY A 437 -33.74 -33.90 15.40
CA GLY A 437 -32.45 -34.46 15.00
C GLY A 437 -31.31 -33.47 15.09
N MET A 438 -31.56 -32.22 14.67
CA MET A 438 -30.53 -31.19 14.77
C MET A 438 -30.20 -30.86 16.23
N ILE A 439 -31.21 -30.84 17.10
CA ILE A 439 -30.99 -30.58 18.52
C ILE A 439 -30.21 -31.72 19.15
N TRP A 440 -30.48 -32.97 18.74
CA TRP A 440 -29.71 -34.10 19.23
C TRP A 440 -28.26 -34.03 18.78
N SER A 441 -28.03 -33.59 17.53
CA SER A 441 -26.67 -33.39 17.05
C SER A 441 -25.94 -32.31 17.85
N ASP A 442 -26.65 -31.22 18.16
CA ASP A 442 -26.05 -30.16 18.97
C ASP A 442 -25.76 -30.64 20.40
N ILE A 443 -26.63 -31.47 20.95
CA ILE A 443 -26.42 -32.04 22.28
C ILE A 443 -25.21 -32.96 22.28
N LYS A 444 -25.06 -33.76 21.22
CA LYS A 444 -23.88 -34.61 21.09
C LYS A 444 -22.61 -33.79 20.97
N ARG A 445 -22.66 -32.67 20.25
CA ARG A 445 -21.49 -31.80 20.13
C ARG A 445 -21.17 -31.12 21.46
N LEU A 446 -22.18 -30.77 22.26
CA LEU A 446 -21.94 -30.27 23.62
C LEU A 446 -21.29 -31.33 24.49
N TRP A 447 -21.77 -32.57 24.41
CA TRP A 447 -21.28 -33.61 25.30
C TRP A 447 -19.88 -34.08 24.90
N TYR A 448 -19.54 -33.99 23.61
CA TYR A 448 -18.26 -34.54 23.16
C TYR A 448 -17.13 -33.51 23.32
N GLU A 449 -17.28 -32.33 22.73
CA GLU A 449 -16.20 -31.35 22.67
C GLU A 449 -16.62 -30.07 23.38
N GLY A 450 -16.44 -30.04 24.71
CA GLY A 450 -16.50 -28.88 25.57
C GLY A 450 -17.77 -28.03 25.51
N LEU A 451 -17.66 -26.88 26.18
CA LEU A 451 -18.71 -25.87 26.18
C LEU A 451 -18.23 -24.53 25.66
N GLU A 452 -17.07 -24.04 26.12
CA GLU A 452 -16.58 -22.73 25.71
C GLU A 452 -16.13 -22.74 24.24
N ASP A 453 -15.52 -23.83 23.79
CA ASP A 453 -15.14 -23.93 22.39
C ASP A 453 -16.37 -24.03 21.47
N PHE A 454 -17.48 -24.56 22.00
CA PHE A 454 -18.73 -24.50 21.27
C PHE A 454 -19.22 -23.06 21.13
N LEU A 455 -19.09 -22.27 22.20
CA LEU A 455 -19.50 -20.87 22.14
C LEU A 455 -18.53 -20.01 21.34
N GLU A 456 -17.31 -20.50 21.10
CA GLU A 456 -16.33 -19.74 20.31
C GLU A 456 -16.77 -19.61 18.86
N GLU A 457 -17.31 -20.67 18.27
CA GLU A 457 -17.59 -20.67 16.85
C GLU A 457 -18.99 -20.13 16.58
N SER A 458 -19.10 -19.23 15.61
CA SER A 458 -20.34 -18.47 15.43
C SER A 458 -21.48 -19.31 14.86
N ARG A 459 -21.15 -20.33 14.06
CA ARG A 459 -22.19 -21.21 13.52
C ARG A 459 -22.90 -21.97 14.64
N ASN A 460 -22.15 -22.37 15.67
CA ASN A 460 -22.74 -23.08 16.79
C ASN A 460 -23.71 -22.19 17.57
N GLN A 461 -23.33 -20.93 17.82
CA GLN A 461 -24.22 -20.01 18.51
C GLN A 461 -25.46 -19.72 17.69
N LEU A 462 -25.27 -19.50 16.38
CA LEU A 462 -26.41 -19.23 15.50
C LEU A 462 -27.36 -20.42 15.43
N SER A 463 -26.81 -21.64 15.36
CA SER A 463 -27.64 -22.83 15.35
C SER A 463 -28.35 -23.05 16.69
N PHE A 464 -27.68 -22.73 17.80
CA PHE A 464 -28.32 -22.83 19.11
C PHE A 464 -29.50 -21.87 19.22
N VAL A 465 -29.31 -20.64 18.75
CA VAL A 465 -30.39 -19.64 18.82
C VAL A 465 -31.53 -20.04 17.88
N MET A 466 -31.20 -20.55 16.68
CA MET A 466 -32.21 -21.00 15.75
C MET A 466 -33.01 -22.19 16.30
N ASN A 467 -32.33 -23.12 16.97
CA ASN A 467 -33.03 -24.27 17.56
C ASN A 467 -33.87 -23.86 18.75
N SER A 468 -33.42 -22.87 19.53
CA SER A 468 -34.24 -22.33 20.61
C SER A 468 -35.50 -21.66 20.07
N LEU A 469 -35.36 -20.91 18.97
CA LEU A 469 -36.52 -20.29 18.34
C LEU A 469 -37.48 -21.33 17.77
N TYR A 470 -36.93 -22.42 17.20
CA TYR A 470 -37.78 -23.50 16.69
C TYR A 470 -38.52 -24.20 17.83
N LEU A 471 -37.84 -24.43 18.96
CA LEU A 471 -38.49 -25.05 20.11
C LEU A 471 -39.61 -24.16 20.65
N ALA A 472 -39.35 -22.84 20.74
CA ALA A 472 -40.39 -21.92 21.18
C ALA A 472 -41.56 -21.88 20.19
N THR A 473 -41.25 -21.96 18.89
CA THR A 473 -42.29 -21.97 17.87
C THR A 473 -43.20 -23.18 18.01
N PHE A 474 -42.61 -24.38 18.14
CA PHE A 474 -43.43 -25.58 18.24
C PHE A 474 -44.16 -25.66 19.58
N ALA A 475 -43.54 -25.16 20.66
CA ALA A 475 -44.24 -25.12 21.94
C ALA A 475 -45.44 -24.18 21.89
N LEU A 476 -45.28 -23.00 21.31
CA LEU A 476 -46.41 -22.09 21.17
C LEU A 476 -47.47 -22.63 20.21
N LYS A 477 -47.05 -23.37 19.18
CA LYS A 477 -48.00 -23.95 18.24
C LYS A 477 -48.84 -25.03 18.92
N VAL A 478 -48.21 -25.91 19.70
CA VAL A 478 -48.99 -26.95 20.37
C VAL A 478 -49.84 -26.37 21.49
N VAL A 479 -49.37 -25.29 22.14
CA VAL A 479 -50.18 -24.61 23.15
C VAL A 479 -51.41 -23.97 22.53
N ALA A 480 -51.23 -23.31 21.37
CA ALA A 480 -52.36 -22.71 20.68
C ALA A 480 -53.32 -23.76 20.15
N HIS A 481 -52.80 -24.90 19.71
CA HIS A 481 -53.68 -25.98 19.26
C HIS A 481 -54.48 -26.57 20.41
N ASN A 482 -53.86 -26.70 21.59
CA ASN A 482 -54.58 -27.22 22.75
C ASN A 482 -55.60 -26.23 23.29
N LYS A 483 -55.28 -24.93 23.28
CA LYS A 483 -56.12 -23.93 23.94
C LYS A 483 -56.99 -23.16 22.96
N PHE A 484 -56.38 -22.50 21.97
CA PHE A 484 -57.09 -21.58 21.08
C PHE A 484 -57.48 -22.35 19.82
N HIS A 485 -58.65 -23.00 19.87
CA HIS A 485 -59.15 -23.80 18.75
C HIS A 485 -60.55 -23.35 18.35
N ASP A 486 -60.73 -22.03 18.21
CA ASP A 486 -61.98 -21.46 17.73
C ASP A 486 -61.73 -20.85 16.35
N PHE A 487 -62.47 -21.32 15.36
CA PHE A 487 -62.28 -20.84 14.00
C PHE A 487 -62.86 -19.44 13.85
N ALA A 488 -62.07 -18.53 13.29
CA ALA A 488 -62.48 -17.13 13.10
C ALA A 488 -61.67 -16.55 11.96
N ASP A 489 -61.69 -15.23 11.82
CA ASP A 489 -60.90 -14.52 10.83
C ASP A 489 -59.65 -13.95 11.46
N ARG A 490 -58.60 -13.82 10.65
CA ARG A 490 -57.31 -13.35 11.15
C ARG A 490 -57.32 -11.87 11.51
N LYS A 491 -58.25 -11.09 10.96
CA LYS A 491 -58.29 -9.66 11.25
C LYS A 491 -58.74 -9.36 12.66
N ASP A 492 -59.47 -10.27 13.30
CA ASP A 492 -60.02 -10.03 14.63
C ASP A 492 -59.14 -10.53 15.76
N TRP A 493 -57.96 -11.10 15.45
CA TRP A 493 -57.10 -11.61 16.50
C TRP A 493 -56.41 -10.47 17.25
N ASP A 494 -55.88 -10.80 18.42
CA ASP A 494 -55.09 -9.85 19.18
C ASP A 494 -53.65 -9.84 18.66
N ALA A 495 -52.91 -8.81 19.06
CA ALA A 495 -51.53 -8.65 18.58
C ALA A 495 -50.61 -9.71 19.15
N PHE A 496 -50.77 -10.03 20.44
CA PHE A 496 -49.89 -10.98 21.14
C PHE A 496 -50.52 -12.35 21.27
N HIS A 497 -51.28 -12.78 20.28
CA HIS A 497 -51.82 -14.13 20.28
C HIS A 497 -50.68 -15.14 20.09
N PRO A 498 -50.74 -16.30 20.75
CA PRO A 498 -49.62 -17.27 20.65
C PRO A 498 -49.33 -17.77 19.25
N THR A 499 -50.34 -17.87 18.38
CA THR A 499 -50.08 -18.30 17.00
C THR A 499 -49.24 -17.27 16.26
N LEU A 500 -49.55 -15.97 16.42
CA LEU A 500 -48.78 -14.93 15.75
C LEU A 500 -47.34 -14.89 16.24
N VAL A 501 -47.12 -15.07 17.54
CA VAL A 501 -45.77 -15.13 18.08
C VAL A 501 -45.04 -16.36 17.57
N ALA A 502 -45.76 -17.48 17.43
CA ALA A 502 -45.16 -18.70 16.90
C ALA A 502 -44.69 -18.52 15.47
N GLU A 503 -45.51 -17.88 14.63
CA GLU A 503 -45.12 -17.66 13.24
C GLU A 503 -44.02 -16.59 13.12
N GLY A 504 -44.01 -15.61 14.02
CA GLY A 504 -42.90 -14.66 14.02
C GLY A 504 -41.58 -15.30 14.38
N LEU A 505 -41.57 -16.16 15.41
CA LEU A 505 -40.35 -16.89 15.75
C LEU A 505 -40.00 -17.91 14.68
N PHE A 506 -40.99 -18.45 13.97
CA PHE A 506 -40.74 -19.33 12.83
C PHE A 506 -40.04 -18.58 11.70
N ALA A 507 -40.47 -17.35 11.43
CA ALA A 507 -39.81 -16.52 10.42
C ALA A 507 -38.38 -16.19 10.81
N PHE A 508 -38.15 -15.86 12.09
CA PHE A 508 -36.79 -15.62 12.56
C PHE A 508 -35.93 -16.87 12.44
N ALA A 509 -36.48 -18.03 12.78
CA ALA A 509 -35.75 -19.28 12.68
C ALA A 509 -35.46 -19.64 11.22
N ASN A 510 -36.38 -19.30 10.31
CA ASN A 510 -36.11 -19.51 8.88
C ASN A 510 -34.98 -18.61 8.39
N VAL A 511 -34.96 -17.36 8.86
CA VAL A 511 -33.86 -16.45 8.51
C VAL A 511 -32.53 -17.02 8.99
N LEU A 512 -32.48 -17.49 10.23
CA LEU A 512 -31.24 -18.00 10.77
C LEU A 512 -30.85 -19.35 10.14
N SER A 513 -31.84 -20.17 9.78
CA SER A 513 -31.54 -21.45 9.14
C SER A 513 -30.96 -21.26 7.75
N TYR A 514 -31.49 -20.31 6.98
CA TYR A 514 -30.89 -20.01 5.68
C TYR A 514 -29.59 -19.22 5.81
N LEU A 515 -29.39 -18.49 6.90
CA LEU A 515 -28.11 -17.83 7.11
C LEU A 515 -27.03 -18.79 7.62
N ARG A 516 -27.42 -19.96 8.14
CA ARG A 516 -26.45 -20.97 8.53
C ARG A 516 -25.76 -21.63 7.33
N LEU A 517 -26.25 -21.39 6.12
CA LEU A 517 -25.62 -21.88 4.91
C LEU A 517 -24.33 -21.15 4.58
N PHE A 518 -24.01 -20.08 5.31
CA PHE A 518 -22.80 -19.30 5.04
C PHE A 518 -21.54 -20.10 5.33
N PHE A 519 -21.59 -21.00 6.30
CA PHE A 519 -20.39 -21.66 6.78
C PHE A 519 -20.08 -22.94 6.00
N MET A 520 -20.85 -23.23 4.94
CA MET A 520 -20.44 -24.22 3.95
C MET A 520 -19.61 -23.60 2.85
N TYR A 521 -19.31 -22.30 2.94
CA TYR A 521 -18.44 -21.64 1.98
C TYR A 521 -16.97 -21.84 2.29
N THR A 522 -16.65 -22.30 3.50
CA THR A 522 -15.24 -22.40 3.91
C THR A 522 -14.51 -23.51 3.17
N THR A 523 -15.23 -24.54 2.71
CA THR A 523 -14.61 -25.63 1.97
C THR A 523 -14.43 -25.29 0.49
N SER A 524 -14.98 -24.17 0.02
CA SER A 524 -14.82 -23.75 -1.36
C SER A 524 -13.53 -22.96 -1.51
N SER A 525 -12.77 -23.26 -2.56
CA SER A 525 -11.53 -22.57 -2.83
C SER A 525 -11.74 -21.15 -3.35
N ILE A 526 -12.94 -20.83 -3.82
CA ILE A 526 -13.22 -19.53 -4.42
C ILE A 526 -13.91 -18.59 -3.44
N LEU A 527 -14.95 -19.07 -2.76
CA LEU A 527 -15.73 -18.25 -1.83
C LEU A 527 -15.26 -18.40 -0.38
N GLY A 528 -14.20 -19.17 -0.14
CA GLY A 528 -13.71 -19.40 1.19
C GLY A 528 -12.99 -18.23 1.84
N PRO A 529 -11.86 -17.82 1.27
CA PRO A 529 -11.10 -16.70 1.85
C PRO A 529 -11.87 -15.39 1.92
N LEU A 530 -12.78 -15.14 0.98
CA LEU A 530 -13.60 -13.94 1.03
C LEU A 530 -14.52 -13.95 2.24
N GLN A 531 -15.19 -15.08 2.49
CA GLN A 531 -16.08 -15.20 3.64
C GLN A 531 -15.29 -15.12 4.95
N ILE A 532 -14.08 -15.70 4.97
CA ILE A 532 -13.24 -15.63 6.15
C ILE A 532 -12.82 -14.17 6.41
N SER A 533 -12.50 -13.42 5.34
CA SER A 533 -12.12 -12.02 5.49
C SER A 533 -13.27 -11.18 6.01
N MET A 534 -14.50 -11.42 5.51
CA MET A 534 -15.66 -10.69 6.02
C MET A 534 -15.94 -11.01 7.48
N GLY A 535 -15.84 -12.28 7.86
CA GLY A 535 -16.00 -12.65 9.25
C GLY A 535 -14.92 -12.07 10.15
N GLN A 536 -13.71 -11.91 9.62
CA GLN A 536 -12.63 -11.28 10.38
C GLN A 536 -12.86 -9.77 10.52
N MET A 537 -13.45 -9.14 9.51
CA MET A 537 -13.60 -7.69 9.51
C MET A 537 -14.91 -7.21 10.14
N LEU A 538 -15.80 -8.13 10.53
CA LEU A 538 -17.02 -7.73 11.24
C LEU A 538 -16.74 -7.07 12.61
N GLN A 539 -15.58 -7.32 13.20
CA GLN A 539 -15.25 -6.68 14.47
C GLN A 539 -15.11 -5.16 14.33
N ASP A 540 -14.64 -4.71 13.17
CA ASP A 540 -14.61 -3.28 12.86
C ASP A 540 -16.02 -2.70 12.85
N PHE A 541 -16.98 -3.43 12.27
CA PHE A 541 -18.37 -3.02 12.29
C PHE A 541 -18.91 -2.93 13.71
N GLY A 542 -18.55 -3.87 14.58
CA GLY A 542 -18.99 -3.78 15.96
C GLY A 542 -18.42 -2.57 16.70
N LYS A 543 -17.10 -2.36 16.56
CA LYS A 543 -16.44 -1.25 17.23
C LYS A 543 -16.94 0.10 16.73
N PHE A 544 -17.37 0.18 15.47
CA PHE A 544 -17.94 1.41 14.96
C PHE A 544 -19.44 1.51 15.27
N LEU A 545 -20.10 0.36 15.44
CA LEU A 545 -21.50 0.32 15.81
C LEU A 545 -21.72 0.94 17.18
N GLY A 546 -20.77 0.74 18.09
CA GLY A 546 -20.86 1.40 19.39
C GLY A 546 -20.92 2.92 19.29
N MET A 547 -20.02 3.50 18.49
CA MET A 547 -19.98 4.95 18.30
C MET A 547 -21.24 5.47 17.61
N PHE A 548 -21.69 4.75 16.57
CA PHE A 548 -22.90 5.18 15.89
C PHE A 548 -24.12 5.09 16.79
N LEU A 549 -24.18 4.07 17.65
CA LEU A 549 -25.28 3.95 18.61
C LEU A 549 -25.29 5.10 19.59
N LEU A 550 -24.10 5.54 20.04
CA LEU A 550 -24.05 6.69 20.94
C LEU A 550 -24.53 7.98 20.24
N VAL A 551 -24.11 8.18 18.98
CA VAL A 551 -24.53 9.38 18.24
C VAL A 551 -26.04 9.36 18.00
N LEU A 552 -26.57 8.20 17.62
CA LEU A 552 -28.00 8.03 17.41
C LEU A 552 -28.78 8.28 18.69
N PHE A 553 -28.26 7.81 19.83
CA PHE A 553 -28.92 8.04 21.12
C PHE A 553 -28.95 9.53 21.47
N SER A 554 -27.85 10.23 21.19
CA SER A 554 -27.80 11.68 21.46
C SER A 554 -28.82 12.44 20.62
N PHE A 555 -28.84 12.19 19.31
CA PHE A 555 -29.77 12.92 18.46
C PHE A 555 -31.22 12.50 18.71
N THR A 556 -31.43 11.25 19.13
CA THR A 556 -32.77 10.80 19.51
C THR A 556 -33.26 11.54 20.75
N ILE A 557 -32.38 11.72 21.75
CA ILE A 557 -32.73 12.50 22.93
C ILE A 557 -33.10 13.92 22.55
N GLY A 558 -32.30 14.54 21.67
CA GLY A 558 -32.57 15.92 21.29
C GLY A 558 -33.89 16.09 20.55
N LEU A 559 -34.15 15.21 19.57
CA LEU A 559 -35.37 15.33 18.79
C LEU A 559 -36.61 14.97 19.60
N THR A 560 -36.49 13.97 20.49
CA THR A 560 -37.60 13.63 21.37
C THR A 560 -37.91 14.77 22.33
N GLN A 561 -36.88 15.41 22.88
CA GLN A 561 -37.09 16.55 23.78
C GLN A 561 -37.74 17.71 23.05
N LEU A 562 -37.34 17.97 21.81
CA LEU A 562 -37.91 19.10 21.07
C LEU A 562 -39.34 18.81 20.63
N TYR A 563 -39.63 17.60 20.19
CA TYR A 563 -40.89 17.31 19.50
C TYR A 563 -41.96 16.69 20.39
N ASP A 564 -41.72 16.52 21.69
CA ASP A 564 -42.73 15.87 22.53
C ASP A 564 -43.92 16.76 22.83
N LYS A 565 -43.81 18.08 22.63
CA LYS A 565 -44.91 18.99 22.89
C LYS A 565 -46.03 18.85 21.86
N GLY A 566 -45.72 18.37 20.66
CA GLY A 566 -46.74 18.21 19.63
C GLY A 566 -47.68 17.04 19.89
N ASP A 574 -55.80 5.79 13.65
CA ASP A 574 -55.41 5.43 12.29
C ASP A 574 -53.96 4.98 12.24
N CYS A 575 -53.20 5.52 11.29
CA CYS A 575 -51.80 5.16 11.12
C CYS A 575 -50.91 6.20 11.80
N VAL A 576 -50.08 5.74 12.74
CA VAL A 576 -49.16 6.59 13.48
C VAL A 576 -47.75 6.08 13.26
N GLY A 577 -46.84 6.97 12.90
CA GLY A 577 -45.44 6.64 12.76
C GLY A 577 -44.93 6.84 11.34
N ILE A 578 -43.78 6.19 11.08
CA ILE A 578 -43.17 6.28 9.77
C ILE A 578 -43.62 5.16 8.84
N PHE A 579 -44.26 4.12 9.37
CA PHE A 579 -44.78 3.02 8.57
C PHE A 579 -46.19 3.34 8.07
N CYS A 580 -46.29 4.45 7.34
CA CYS A 580 -47.57 4.94 6.86
C CYS A 580 -47.39 5.48 5.44
N GLU A 581 -48.51 5.63 4.74
CA GLU A 581 -48.49 6.28 3.43
C GLU A 581 -48.07 7.75 3.56
N GLN A 582 -48.60 8.43 4.57
CA GLN A 582 -48.21 9.80 4.90
C GLN A 582 -47.58 9.77 6.28
N GLN A 583 -46.25 9.84 6.32
CA GLN A 583 -45.51 9.78 7.59
C GLN A 583 -45.74 11.08 8.37
N SER A 584 -46.53 11.00 9.44
CA SER A 584 -46.92 12.17 10.17
C SER A 584 -45.78 12.64 11.08
N ASN A 585 -45.98 13.81 11.70
CA ASN A 585 -45.03 14.37 12.67
C ASN A 585 -44.94 13.55 13.94
N ASP A 586 -45.90 12.65 14.19
CA ASP A 586 -45.94 11.84 15.40
C ASP A 586 -44.83 10.80 15.49
N THR A 587 -43.94 10.72 14.50
CA THR A 587 -42.82 9.79 14.60
C THR A 587 -41.79 10.27 15.63
N PHE A 588 -41.65 11.58 15.80
CA PHE A 588 -40.71 12.12 16.78
C PHE A 588 -41.34 12.35 18.15
N HIS A 589 -42.56 11.89 18.37
CA HIS A 589 -43.28 12.12 19.61
C HIS A 589 -42.92 11.11 20.69
N SER A 590 -42.06 10.14 20.39
CA SER A 590 -41.67 9.14 21.36
C SER A 590 -40.20 8.78 21.14
N PHE A 591 -39.59 8.17 22.16
CA PHE A 591 -38.18 7.82 22.06
C PHE A 591 -37.94 6.68 21.08
N ILE A 592 -38.74 5.62 21.16
CA ILE A 592 -38.59 4.50 20.23
C ILE A 592 -38.99 4.93 18.81
N GLY A 593 -39.96 5.83 18.68
CA GLY A 593 -40.30 6.37 17.37
C GLY A 593 -39.18 7.22 16.80
N THR A 594 -38.51 8.00 17.65
CA THR A 594 -37.40 8.82 17.18
C THR A 594 -36.21 7.96 16.77
N CYS A 595 -35.95 6.88 17.52
CA CYS A 595 -34.92 5.93 17.12
C CYS A 595 -35.28 5.25 15.80
N PHE A 596 -36.56 4.94 15.60
CA PHE A 596 -37.01 4.36 14.34
C PHE A 596 -36.81 5.33 13.19
N ALA A 597 -37.18 6.60 13.40
CA ALA A 597 -37.08 7.60 12.33
C ALA A 597 -35.63 7.89 11.98
N LEU A 598 -34.76 7.99 12.98
CA LEU A 598 -33.35 8.24 12.72
C LEU A 598 -32.61 7.00 12.24
N PHE A 599 -33.20 5.81 12.42
CA PHE A 599 -32.60 4.60 11.89
C PHE A 599 -32.78 4.48 10.38
N TRP A 600 -33.89 4.99 9.84
CA TRP A 600 -34.12 4.91 8.41
C TRP A 600 -33.50 6.07 7.65
N TYR A 601 -32.76 6.94 8.35
CA TYR A 601 -32.03 8.04 7.74
C TYR A 601 -30.60 7.67 7.34
N ILE A 602 -30.13 6.47 7.70
CA ILE A 602 -28.74 6.10 7.45
C ILE A 602 -28.50 5.88 5.97
N PHE A 603 -29.44 5.24 5.29
CA PHE A 603 -29.21 4.76 3.93
C PHE A 603 -29.24 5.87 2.89
N SER A 604 -29.73 7.05 3.25
CA SER A 604 -29.81 8.22 2.36
C SER A 604 -30.59 7.91 1.08
N LEU A 605 -31.68 7.13 1.23
CA LEU A 605 -32.51 6.72 0.12
C LEU A 605 -33.94 7.23 0.27
N ALA A 606 -34.13 8.32 1.02
CA ALA A 606 -35.43 8.97 1.24
C ALA A 606 -36.46 8.01 1.85
N HIS A 607 -36.01 7.22 2.82
CA HIS A 607 -36.94 6.32 3.51
C HIS A 607 -37.83 7.08 4.48
N VAL A 608 -37.32 8.15 5.09
CA VAL A 608 -38.10 9.05 5.92
C VAL A 608 -37.98 10.44 5.31
N ALA A 609 -39.10 10.97 4.84
CA ALA A 609 -39.10 12.25 4.16
C ALA A 609 -38.94 13.39 5.16
N ILE A 610 -38.61 14.58 4.63
CA ILE A 610 -38.29 15.72 5.49
C ILE A 610 -39.50 16.47 5.99
N PHE A 611 -40.71 16.14 5.52
CA PHE A 611 -41.90 16.81 6.04
C PHE A 611 -42.35 16.25 7.37
N VAL A 612 -41.70 15.19 7.88
CA VAL A 612 -41.97 14.69 9.21
C VAL A 612 -41.35 15.57 10.29
N THR A 613 -40.51 16.52 9.90
CA THR A 613 -39.90 17.47 10.83
C THR A 613 -40.69 18.76 10.94
N ARG A 614 -41.90 18.80 10.40
CA ARG A 614 -42.75 19.97 10.42
C ARG A 614 -43.80 19.82 11.51
N PHE A 615 -43.94 20.84 12.34
CA PHE A 615 -44.97 20.84 13.37
C PHE A 615 -46.35 20.95 12.73
N SER A 616 -47.34 20.31 13.37
CA SER A 616 -48.69 20.24 12.81
C SER A 616 -49.46 21.56 12.95
N TYR A 617 -48.99 22.49 13.78
CA TYR A 617 -49.72 23.73 14.00
C TYR A 617 -48.86 24.96 13.72
N GLY A 618 -47.94 24.84 12.77
CA GLY A 618 -47.22 26.00 12.25
C GLY A 618 -46.28 26.70 13.21
N GLU A 619 -45.49 25.96 13.97
CA GLU A 619 -44.44 26.55 14.80
C GLU A 619 -43.15 26.55 13.99
N GLU A 620 -42.79 27.72 13.48
CA GLU A 620 -41.72 27.80 12.49
C GLU A 620 -40.34 27.60 13.12
N LEU A 621 -40.12 28.17 14.31
CA LEU A 621 -38.82 28.05 14.97
C LEU A 621 -38.55 26.60 15.37
N GLN A 622 -39.53 25.93 15.99
CA GLN A 622 -39.33 24.56 16.42
C GLN A 622 -39.16 23.62 15.23
N SER A 623 -39.95 23.82 14.17
CA SER A 623 -39.81 22.99 12.98
C SER A 623 -38.48 23.21 12.30
N PHE A 624 -38.02 24.46 12.21
CA PHE A 624 -36.72 24.74 11.60
C PHE A 624 -35.58 24.18 12.44
N VAL A 625 -35.69 24.26 13.76
CA VAL A 625 -34.66 23.72 14.64
C VAL A 625 -34.61 22.20 14.52
N GLY A 626 -35.78 21.54 14.45
CA GLY A 626 -35.81 20.11 14.23
C GLY A 626 -35.25 19.70 12.88
N ALA A 627 -35.53 20.50 11.85
CA ALA A 627 -34.97 20.24 10.53
C ALA A 627 -33.45 20.39 10.52
N VAL A 628 -32.94 21.40 11.23
CA VAL A 628 -31.49 21.60 11.33
C VAL A 628 -30.84 20.46 12.11
N ILE A 629 -31.50 19.98 13.16
CA ILE A 629 -30.99 18.86 13.93
C ILE A 629 -30.96 17.58 13.08
N VAL A 630 -32.02 17.35 12.31
CA VAL A 630 -32.07 16.18 11.44
C VAL A 630 -31.02 16.29 10.33
N GLY A 631 -30.80 17.49 9.81
CA GLY A 631 -29.76 17.68 8.81
C GLY A 631 -28.36 17.48 9.37
N THR A 632 -28.12 17.94 10.59
CA THR A 632 -26.83 17.69 11.25
C THR A 632 -26.63 16.20 11.50
N TYR A 633 -27.67 15.49 11.93
CA TYR A 633 -27.59 14.05 12.10
C TYR A 633 -27.29 13.36 10.78
N ASN A 634 -27.95 13.80 9.69
CA ASN A 634 -27.73 13.19 8.39
C ASN A 634 -26.32 13.44 7.88
N VAL A 635 -25.78 14.64 8.12
CA VAL A 635 -24.39 14.91 7.76
C VAL A 635 -23.46 14.01 8.56
N VAL A 636 -23.61 14.00 9.88
CA VAL A 636 -22.70 13.28 10.78
C VAL A 636 -22.72 11.79 10.48
N VAL A 637 -23.89 11.25 10.15
CA VAL A 637 -23.96 9.83 9.81
C VAL A 637 -23.47 9.61 8.38
N VAL A 638 -24.21 10.13 7.40
CA VAL A 638 -24.01 9.72 6.01
C VAL A 638 -22.67 10.20 5.47
N ILE A 639 -22.36 11.48 5.66
CA ILE A 639 -21.22 12.08 4.96
C ILE A 639 -19.94 12.00 5.77
N VAL A 640 -20.01 11.60 7.04
CA VAL A 640 -18.84 11.47 7.90
C VAL A 640 -18.63 10.03 8.35
N LEU A 641 -19.62 9.46 9.05
CA LEU A 641 -19.43 8.17 9.69
C LEU A 641 -19.35 7.04 8.67
N THR A 642 -20.18 7.08 7.62
CA THR A 642 -20.16 6.03 6.61
C THR A 642 -18.83 6.03 5.85
N LYS A 643 -18.32 7.20 5.52
CA LYS A 643 -17.02 7.29 4.86
C LYS A 643 -15.89 6.89 5.80
N LEU A 644 -16.02 7.18 7.09
CA LEU A 644 -15.06 6.69 8.08
C LEU A 644 -15.06 5.18 8.14
N LEU A 645 -16.25 4.57 8.12
CA LEU A 645 -16.37 3.12 8.11
C LEU A 645 -15.75 2.52 6.87
N VAL A 646 -15.92 3.19 5.73
CA VAL A 646 -15.27 2.75 4.48
C VAL A 646 -13.75 2.81 4.63
N ALA A 647 -13.23 3.86 5.27
CA ALA A 647 -11.78 3.98 5.46
C ALA A 647 -11.22 2.90 6.39
N MET A 648 -11.91 2.65 7.51
CA MET A 648 -11.47 1.60 8.41
C MET A 648 -11.60 0.22 7.78
N LEU A 649 -12.61 0.02 6.92
CA LEU A 649 -12.70 -1.23 6.18
C LEU A 649 -11.57 -1.37 5.15
N HIS A 650 -11.18 -0.26 4.53
CA HIS A 650 -10.01 -0.25 3.65
C HIS A 650 -8.76 -0.72 4.38
N LYS A 651 -8.48 -0.14 5.54
CA LYS A 651 -7.27 -0.51 6.27
C LYS A 651 -7.36 -1.95 6.78
N SER A 652 -8.54 -2.36 7.27
CA SER A 652 -8.73 -3.70 7.78
C SER A 652 -8.61 -4.75 6.69
N PHE A 653 -9.14 -4.46 5.49
CA PHE A 653 -9.05 -5.43 4.41
C PHE A 653 -7.65 -5.48 3.80
N GLN A 654 -6.93 -4.36 3.81
CA GLN A 654 -5.55 -4.40 3.35
C GLN A 654 -4.66 -5.18 4.31
N LEU A 655 -4.93 -5.07 5.62
CA LEU A 655 -4.18 -5.87 6.57
C LEU A 655 -4.59 -7.34 6.53
N ILE A 656 -5.88 -7.62 6.33
CA ILE A 656 -6.40 -8.98 6.40
C ILE A 656 -5.97 -9.81 5.18
N ALA A 657 -6.00 -9.21 3.99
CA ALA A 657 -5.75 -9.95 2.75
C ALA A 657 -4.32 -10.44 2.61
N ASN A 658 -3.40 -9.99 3.46
CA ASN A 658 -2.04 -10.53 3.44
C ASN A 658 -2.01 -12.00 3.86
N HIS A 659 -2.83 -12.38 4.83
CA HIS A 659 -2.81 -13.74 5.38
C HIS A 659 -4.17 -14.41 5.25
N GLU A 660 -4.97 -14.05 4.24
CA GLU A 660 -6.31 -14.62 4.11
C GLU A 660 -6.27 -16.10 3.75
N ASP A 661 -5.25 -16.54 3.02
CA ASP A 661 -5.12 -17.94 2.67
C ASP A 661 -4.88 -18.80 3.90
N LYS A 662 -4.06 -18.32 4.84
CA LYS A 662 -3.76 -19.07 6.04
C LYS A 662 -4.99 -19.22 6.93
N GLU A 663 -5.74 -18.14 7.12
CA GLU A 663 -6.97 -18.22 7.91
C GLU A 663 -8.02 -19.08 7.24
N TRP A 664 -8.13 -19.01 5.90
CA TRP A 664 -9.07 -19.87 5.20
C TRP A 664 -8.70 -21.33 5.34
N LYS A 665 -7.40 -21.66 5.24
CA LYS A 665 -6.96 -23.03 5.40
C LYS A 665 -7.18 -23.53 6.82
N PHE A 666 -6.97 -22.67 7.82
CA PHE A 666 -7.24 -23.04 9.20
C PHE A 666 -8.72 -23.31 9.43
N ALA A 667 -9.60 -22.46 8.91
CA ALA A 667 -11.04 -22.66 9.05
C ALA A 667 -11.50 -23.90 8.32
N ARG A 668 -10.95 -24.15 7.12
CA ARG A 668 -11.31 -25.34 6.37
C ARG A 668 -10.81 -26.61 7.07
N ALA A 669 -9.65 -26.53 7.72
CA ALA A 669 -9.16 -27.67 8.49
C ALA A 669 -10.03 -27.94 9.70
N LYS A 670 -10.53 -26.87 10.35
CA LYS A 670 -11.48 -27.04 11.45
C LYS A 670 -12.77 -27.69 10.97
N LEU A 671 -13.27 -27.24 9.81
CA LEU A 671 -14.49 -27.82 9.23
C LEU A 671 -14.29 -29.28 8.85
N TRP A 672 -13.10 -29.62 8.35
CA TRP A 672 -12.81 -31.01 7.99
C TRP A 672 -12.66 -31.88 9.23
N LEU A 673 -12.00 -31.36 10.28
CA LEU A 673 -11.84 -32.11 11.52
C LEU A 673 -13.17 -32.30 12.22
N SER A 674 -14.13 -31.41 12.00
CA SER A 674 -15.48 -31.63 12.50
C SER A 674 -16.15 -32.83 11.85
N TYR A 675 -15.74 -33.21 10.63
CA TYR A 675 -16.32 -34.36 9.94
C TYR A 675 -15.42 -35.59 9.94
N PHE A 676 -14.18 -35.48 10.44
CA PHE A 676 -13.27 -36.62 10.42
C PHE A 676 -13.71 -37.71 11.39
N ASP A 677 -14.29 -37.31 12.53
CA ASP A 677 -14.66 -38.28 13.55
C ASP A 677 -15.83 -39.16 13.11
N ASP A 678 -15.86 -40.37 13.63
CA ASP A 678 -16.91 -41.34 13.33
C ASP A 678 -18.03 -41.35 14.37
N LYS A 679 -17.95 -40.47 15.37
CA LYS A 679 -18.98 -40.43 16.41
C LYS A 679 -20.26 -39.78 15.89
N CYS A 680 -20.15 -38.86 14.94
CA CYS A 680 -21.29 -38.20 14.32
C CYS A 680 -21.21 -38.42 12.82
N THR A 681 -21.75 -39.56 12.36
CA THR A 681 -21.69 -39.94 10.96
C THR A 681 -23.01 -39.71 10.23
N LEU A 682 -24.12 -40.11 10.85
CA LEU A 682 -25.43 -40.01 10.15
C LEU A 682 -25.90 -38.55 10.08
N PRO A 683 -26.58 -38.14 8.99
CA PRO A 683 -27.07 -36.76 8.85
C PRO A 683 -28.15 -36.43 9.89
N PRO A 684 -28.51 -35.14 10.09
CA PRO A 684 -29.47 -34.76 11.14
C PRO A 684 -30.84 -35.47 11.13
N PRO A 685 -31.48 -35.79 9.98
CA PRO A 685 -32.80 -36.41 10.01
C PRO A 685 -32.71 -37.82 10.58
N PHE A 686 -31.75 -38.62 10.11
CA PHE A 686 -31.58 -40.02 10.57
C PHE A 686 -30.46 -40.08 11.61
N ASN A 687 -30.80 -39.86 12.89
CA ASN A 687 -29.78 -39.91 13.97
C ASN A 687 -30.48 -40.05 15.33
N ARG A 725 2.09 -49.38 28.47
CA ARG A 725 1.99 -50.61 27.70
C ARG A 725 3.12 -50.71 26.68
N ASN A 726 3.16 -51.83 25.95
CA ASN A 726 4.16 -51.99 24.90
C ASN A 726 3.87 -51.08 23.72
N LEU A 727 2.58 -50.90 23.39
CA LEU A 727 2.21 -50.02 22.29
C LEU A 727 2.57 -48.57 22.57
N LYS A 728 2.35 -48.11 23.81
CA LYS A 728 2.70 -46.74 24.17
C LYS A 728 4.20 -46.51 24.12
N GLN A 729 4.99 -47.48 24.59
CA GLN A 729 6.44 -47.35 24.54
C GLN A 729 6.95 -47.38 23.10
N LYS A 730 6.34 -48.22 22.26
CA LYS A 730 6.72 -48.26 20.84
C LYS A 730 6.39 -46.94 20.15
N ARG A 731 5.21 -46.37 20.46
CA ARG A 731 4.84 -45.06 19.90
C ARG A 731 5.79 -43.97 20.38
N ASP A 732 6.18 -44.01 21.66
CA ASP A 732 7.12 -43.03 22.17
C ASP A 732 8.49 -43.15 21.51
N GLU A 733 8.95 -44.39 21.29
CA GLU A 733 10.24 -44.60 20.62
C GLU A 733 10.20 -44.11 19.17
N ASN A 734 9.11 -44.42 18.45
CA ASN A 734 8.97 -43.97 17.08
C ASN A 734 8.91 -42.45 17.00
N TYR A 735 8.14 -41.83 17.90
CA TYR A 735 8.04 -40.37 17.90
C TYR A 735 9.36 -39.72 18.27
N GLN A 736 10.12 -40.32 19.19
CA GLN A 736 11.43 -39.77 19.55
C GLN A 736 12.41 -39.89 18.38
N LYS A 737 12.38 -41.00 17.65
CA LYS A 737 13.25 -41.16 16.49
C LYS A 737 12.92 -40.13 15.41
N VAL A 738 11.62 -39.98 15.10
CA VAL A 738 11.20 -39.01 14.09
C VAL A 738 11.49 -37.59 14.54
N MET A 739 11.32 -37.31 15.83
CA MET A 739 11.60 -35.98 16.35
C MET A 739 13.10 -35.67 16.30
N CYS A 740 13.95 -36.66 16.58
CA CYS A 740 15.39 -36.45 16.47
C CYS A 740 15.80 -36.19 15.02
N CYS A 741 15.20 -36.93 14.07
CA CYS A 741 15.48 -36.68 12.66
C CYS A 741 15.04 -35.28 12.24
N LEU A 742 13.85 -34.86 12.69
CA LEU A 742 13.35 -33.52 12.36
C LEU A 742 14.20 -32.43 13.00
N VAL A 743 14.68 -32.67 14.22
CA VAL A 743 15.58 -31.73 14.89
C VAL A 743 16.89 -31.58 14.11
N HIS A 744 17.47 -32.71 13.67
CA HIS A 744 18.72 -32.64 12.92
C HIS A 744 18.55 -31.92 11.59
N ARG A 745 17.46 -32.23 10.86
CA ARG A 745 17.18 -31.57 9.60
C ARG A 745 16.94 -30.08 9.79
N TYR A 746 16.19 -29.72 10.83
CA TYR A 746 15.91 -28.31 11.10
C TYR A 746 17.17 -27.54 11.44
N LEU A 747 18.05 -28.15 12.24
CA LEU A 747 19.30 -27.50 12.63
C LEU A 747 20.20 -27.24 11.42
N THR A 748 20.38 -28.28 10.58
CA THR A 748 21.21 -28.09 9.40
C THR A 748 20.59 -27.09 8.42
N SER A 749 19.27 -27.15 8.23
CA SER A 749 18.60 -26.20 7.34
C SER A 749 18.75 -24.77 7.84
N MET A 750 18.47 -24.52 9.12
CA MET A 750 18.55 -23.15 9.62
C MET A 750 19.97 -22.63 9.69
N ARG A 751 20.96 -23.50 9.97
CA ARG A 751 22.33 -22.99 9.90
C ARG A 751 22.73 -22.68 8.45
N GLN A 752 22.16 -23.39 7.48
CA GLN A 752 22.35 -23.02 6.09
C GLN A 752 21.70 -21.67 5.78
N LYS A 753 20.52 -21.40 6.34
CA LYS A 753 19.90 -20.09 6.15
C LYS A 753 20.71 -18.95 6.80
N MET A 754 21.26 -19.15 8.00
CA MET A 754 22.08 -18.06 8.55
C MET A 754 23.38 -17.90 7.78
N GLN A 755 23.93 -18.98 7.22
CA GLN A 755 25.15 -18.81 6.45
C GLN A 755 24.88 -18.26 5.04
N SER A 756 23.67 -18.40 4.51
CA SER A 756 23.42 -18.06 3.12
C SER A 756 22.58 -16.80 2.92
N THR A 757 21.75 -16.42 3.89
CA THR A 757 20.84 -15.30 3.72
C THR A 757 21.17 -14.08 4.57
N ASP A 758 21.99 -14.22 5.61
CA ASP A 758 22.35 -13.09 6.44
C ASP A 758 23.34 -12.18 5.73
N GLN A 759 23.04 -10.89 5.69
CA GLN A 759 23.91 -9.93 5.03
C GLN A 759 25.07 -9.54 5.94
N ALA A 760 26.14 -9.08 5.31
CA ALA A 760 27.32 -8.64 6.06
C ALA A 760 27.05 -7.33 6.79
N THR A 761 27.83 -7.08 7.84
CA THR A 761 27.72 -5.88 8.65
C THR A 761 29.05 -5.14 8.65
N VAL A 762 29.06 -3.99 9.33
CA VAL A 762 30.30 -3.22 9.50
C VAL A 762 31.26 -3.96 10.41
N GLU A 763 30.74 -4.76 11.34
CA GLU A 763 31.59 -5.54 12.23
C GLU A 763 32.42 -6.56 11.48
N ASN A 764 31.87 -7.14 10.41
CA ASN A 764 32.64 -8.07 9.57
C ASN A 764 33.80 -7.37 8.89
N LEU A 765 33.56 -6.16 8.38
CA LEU A 765 34.63 -5.36 7.77
C LEU A 765 35.69 -4.98 8.80
N ASN A 766 35.26 -4.63 10.02
CA ASN A 766 36.22 -4.30 11.08
C ASN A 766 37.05 -5.52 11.46
N GLU A 767 36.43 -6.70 11.51
CA GLU A 767 37.17 -7.92 11.81
C GLU A 767 38.17 -8.25 10.70
N LEU A 768 37.78 -8.01 9.44
CA LEU A 768 38.69 -8.22 8.32
C LEU A 768 39.89 -7.26 8.40
N ARG A 769 39.62 -5.99 8.74
CA ARG A 769 40.72 -5.03 8.93
C ARG A 769 41.61 -5.44 10.09
N GLN A 770 41.01 -5.98 11.16
CA GLN A 770 41.78 -6.45 12.30
C GLN A 770 42.69 -7.60 11.92
N ASP A 771 42.17 -8.56 11.13
CA ASP A 771 43.00 -9.68 10.67
C ASP A 771 44.12 -9.20 9.75
N LEU A 772 43.82 -8.24 8.88
CA LEU A 772 44.86 -7.71 7.99
C LEU A 772 45.93 -6.97 8.77
N SER A 773 45.55 -6.21 9.80
CA SER A 773 46.55 -5.53 10.62
C SER A 773 47.35 -6.53 11.45
N LYS A 774 46.72 -7.63 11.88
CA LYS A 774 47.46 -8.71 12.54
C LYS A 774 48.53 -9.30 11.63
N PHE A 775 48.16 -9.59 10.37
CA PHE A 775 49.13 -10.15 9.44
C PHE A 775 50.22 -9.14 9.11
N ARG A 776 49.86 -7.85 9.02
CA ARG A 776 50.84 -6.79 8.78
C ARG A 776 51.84 -6.70 9.93
N ASN A 777 51.34 -6.79 11.16
CA ASN A 777 52.21 -6.73 12.33
C ASN A 777 53.09 -7.97 12.43
N GLU A 778 52.56 -9.14 12.06
CA GLU A 778 53.37 -10.35 12.04
C GLU A 778 54.48 -10.25 11.00
N ILE A 779 54.18 -9.70 9.83
CA ILE A 779 55.19 -9.51 8.79
C ILE A 779 56.24 -8.50 9.25
N ARG A 780 55.79 -7.43 9.93
CA ARG A 780 56.72 -6.43 10.46
C ARG A 780 57.65 -7.02 11.51
N ASP A 781 57.11 -7.88 12.38
CA ASP A 781 57.94 -8.47 13.43
C ASP A 781 58.89 -9.52 12.87
N LEU A 782 58.42 -10.32 11.91
CA LEU A 782 59.28 -11.36 11.34
C LEU A 782 60.36 -10.78 10.44
N LEU A 783 59.99 -9.83 9.58
CA LEU A 783 60.95 -9.24 8.65
C LEU A 783 61.55 -7.96 9.22
N ARG B 15 24.51 19.23 -39.91
CA ARG B 15 25.51 18.61 -39.04
C ARG B 15 25.05 17.22 -38.61
N ASP B 16 25.93 16.23 -38.78
CA ASP B 16 25.61 14.83 -38.55
C ASP B 16 25.91 14.39 -37.12
N ARG B 17 27.08 14.75 -36.58
CA ARG B 17 27.50 14.30 -35.27
C ARG B 17 27.65 15.49 -34.34
N ILE B 18 27.40 15.25 -33.04
CA ILE B 18 27.56 16.27 -32.01
C ILE B 18 29.03 16.28 -31.60
N PRO B 19 29.76 17.37 -31.81
CA PRO B 19 31.18 17.40 -31.45
C PRO B 19 31.40 17.67 -29.96
N LEU B 20 31.36 16.62 -29.15
CA LEU B 20 31.51 16.76 -27.71
C LEU B 20 32.91 17.26 -27.35
N ARG B 21 32.95 18.30 -26.51
CA ARG B 21 34.19 18.88 -26.02
C ARG B 21 34.04 19.10 -24.52
N ILE B 22 35.01 19.80 -23.93
CA ILE B 22 34.96 20.16 -22.52
C ILE B 22 34.77 21.67 -22.45
N VAL B 23 33.58 22.10 -22.00
CA VAL B 23 33.31 23.52 -21.90
C VAL B 23 34.02 24.12 -20.69
N ARG B 24 33.95 23.46 -19.55
CA ARG B 24 34.65 23.90 -18.34
C ARG B 24 36.02 23.22 -18.32
N ALA B 25 36.97 23.87 -19.01
CA ALA B 25 38.26 23.26 -19.29
C ALA B 25 39.09 23.03 -18.03
N GLU B 26 39.04 23.95 -17.07
CA GLU B 26 39.79 23.90 -15.81
C GLU B 26 41.29 23.88 -16.13
N SER B 27 42.08 23.25 -15.26
CA SER B 27 43.52 23.10 -15.48
C SER B 27 43.90 21.64 -15.25
N GLU B 28 44.62 21.07 -16.21
CA GLU B 28 45.10 19.70 -16.07
C GLU B 28 46.39 19.68 -15.25
N LEU B 29 46.92 18.48 -15.05
CA LEU B 29 48.09 18.29 -14.19
C LEU B 29 49.22 17.64 -15.00
N SER B 30 50.44 17.84 -14.51
CA SER B 30 51.61 17.24 -15.11
C SER B 30 51.60 15.72 -14.90
N PRO B 31 52.27 14.96 -15.78
CA PRO B 31 52.39 13.52 -15.55
C PRO B 31 53.11 13.15 -14.26
N SER B 32 54.08 13.96 -13.83
CA SER B 32 54.71 13.73 -12.54
C SER B 32 53.72 13.98 -11.39
N GLU B 33 52.91 15.03 -11.50
CA GLU B 33 51.91 15.32 -10.47
C GLU B 33 50.83 14.24 -10.45
N LYS B 34 50.43 13.75 -11.62
CA LYS B 34 49.45 12.66 -11.68
C LYS B 34 50.03 11.38 -11.11
N ALA B 35 51.32 11.12 -11.37
CA ALA B 35 51.98 9.96 -10.79
C ALA B 35 52.05 10.05 -9.28
N TYR B 36 52.34 11.24 -8.76
CA TYR B 36 52.33 11.46 -7.31
C TYR B 36 50.93 11.26 -6.73
N LEU B 37 49.91 11.77 -7.41
CA LEU B 37 48.54 11.64 -6.92
C LEU B 37 48.07 10.19 -6.90
N ASN B 38 48.36 9.42 -7.95
CA ASN B 38 47.99 8.01 -7.90
C ASN B 38 48.91 7.20 -7.01
N ALA B 39 50.11 7.71 -6.69
CA ALA B 39 50.91 7.07 -5.66
C ALA B 39 50.28 7.23 -4.28
N VAL B 40 49.74 8.41 -3.98
CA VAL B 40 48.97 8.59 -2.74
C VAL B 40 47.70 7.75 -2.79
N GLU B 41 47.08 7.64 -3.98
CA GLU B 41 45.85 6.88 -4.10
C GLU B 41 46.08 5.38 -3.89
N LYS B 42 47.23 4.87 -4.33
CA LYS B 42 47.51 3.45 -4.18
C LYS B 42 47.93 3.10 -2.75
N GLY B 43 48.60 4.02 -2.06
CA GLY B 43 49.01 3.78 -0.69
C GLY B 43 50.41 3.27 -0.50
N ASP B 44 51.26 3.32 -1.53
CA ASP B 44 52.66 2.92 -1.38
C ASP B 44 53.41 3.96 -0.55
N TYR B 45 54.04 3.52 0.53
CA TYR B 45 54.76 4.44 1.41
C TYR B 45 56.02 4.98 0.74
N ALA B 46 56.80 4.10 0.09
CA ALA B 46 58.08 4.50 -0.47
C ALA B 46 57.90 5.44 -1.66
N SER B 47 56.91 5.18 -2.51
CA SER B 47 56.69 6.03 -3.68
C SER B 47 56.26 7.43 -3.28
N VAL B 48 55.34 7.54 -2.31
CA VAL B 48 54.91 8.85 -1.83
C VAL B 48 56.06 9.56 -1.12
N LYS B 49 56.87 8.80 -0.37
CA LYS B 49 58.04 9.39 0.29
C LYS B 49 59.03 9.95 -0.71
N LYS B 50 59.30 9.20 -1.78
CA LYS B 50 60.23 9.69 -2.81
C LYS B 50 59.65 10.88 -3.56
N SER B 51 58.34 10.85 -3.86
CA SER B 51 57.71 11.97 -4.52
C SER B 51 57.77 13.23 -3.66
N LEU B 52 57.62 13.08 -2.35
CA LEU B 52 57.76 14.25 -1.48
C LEU B 52 59.22 14.63 -1.23
N GLU B 53 60.17 13.72 -1.46
CA GLU B 53 61.58 14.10 -1.45
C GLU B 53 61.91 15.01 -2.62
N GLU B 54 61.52 14.62 -3.83
CA GLU B 54 61.63 15.56 -4.96
C GLU B 54 60.68 16.75 -4.86
N ALA B 55 59.65 16.67 -4.01
CA ALA B 55 58.83 17.85 -3.74
C ALA B 55 59.44 18.75 -2.67
N GLU B 56 60.43 18.26 -1.91
CA GLU B 56 61.13 19.11 -0.96
C GLU B 56 61.90 20.21 -1.68
N ILE B 57 62.68 19.85 -2.69
CA ILE B 57 63.32 20.84 -3.55
C ILE B 57 62.25 21.46 -4.45
N TYR B 58 62.48 22.70 -4.87
CA TYR B 58 61.50 23.41 -5.67
C TYR B 58 61.46 22.87 -7.09
N PHE B 59 60.70 21.81 -7.30
CA PHE B 59 60.59 21.11 -8.56
C PHE B 59 59.14 21.18 -9.06
N LYS B 60 58.86 20.41 -10.12
CA LYS B 60 57.52 20.40 -10.71
C LYS B 60 56.48 19.86 -9.73
N ILE B 61 56.81 18.79 -9.00
CA ILE B 61 55.87 18.19 -8.06
C ILE B 61 55.79 19.11 -6.84
N ASN B 62 54.60 19.65 -6.58
CA ASN B 62 54.35 20.51 -5.44
C ASN B 62 53.39 19.84 -4.46
N ILE B 63 53.54 20.18 -3.19
CA ILE B 63 52.67 19.62 -2.16
C ILE B 63 51.24 20.15 -2.31
N ASN B 64 51.10 21.41 -2.70
CA ASN B 64 49.79 22.03 -2.89
C ASN B 64 49.23 21.76 -4.29
N CYS B 65 49.15 20.48 -4.65
CA CYS B 65 48.61 20.07 -5.94
C CYS B 65 47.13 19.75 -5.81
N ILE B 66 46.32 20.35 -6.66
CA ILE B 66 44.87 20.21 -6.60
C ILE B 66 44.41 19.47 -7.86
N ASP B 67 43.71 18.37 -7.66
CA ASP B 67 43.17 17.59 -8.76
C ASP B 67 42.06 18.39 -9.45
N PRO B 68 41.85 18.20 -10.76
CA PRO B 68 40.65 18.74 -11.40
C PRO B 68 39.35 18.23 -10.79
N LEU B 69 39.36 17.03 -10.21
CA LEU B 69 38.22 16.56 -9.42
C LEU B 69 38.10 17.29 -8.09
N GLY B 70 39.15 18.01 -7.67
CA GLY B 70 39.14 18.72 -6.41
C GLY B 70 39.78 18.00 -5.24
N ARG B 71 40.50 16.91 -5.50
CA ARG B 71 41.07 16.07 -4.44
C ARG B 71 42.54 16.42 -4.26
N THR B 72 42.84 17.19 -3.21
CA THR B 72 44.22 17.36 -2.79
C THR B 72 44.75 16.05 -2.23
N ALA B 73 46.07 15.86 -2.29
CA ALA B 73 46.67 14.60 -1.87
C ALA B 73 46.43 14.30 -0.40
N LEU B 74 46.33 15.35 0.44
CA LEU B 74 45.93 15.15 1.83
C LEU B 74 44.53 14.57 1.92
N LEU B 75 43.61 15.06 1.08
CA LEU B 75 42.26 14.50 1.07
C LEU B 75 42.25 13.05 0.59
N ILE B 76 43.04 12.74 -0.44
CA ILE B 76 43.13 11.36 -0.92
C ILE B 76 43.68 10.45 0.16
N ALA B 77 44.61 10.95 0.98
CA ALA B 77 45.02 10.20 2.15
C ALA B 77 43.92 10.11 3.19
N ILE B 78 43.06 11.14 3.28
CA ILE B 78 42.02 11.17 4.32
C ILE B 78 40.96 10.10 4.06
N GLU B 79 40.44 10.02 2.83
CA GLU B 79 39.43 8.98 2.61
C GLU B 79 40.02 7.60 2.33
N ASN B 80 41.35 7.47 2.25
CA ASN B 80 41.96 6.15 2.17
C ASN B 80 42.24 5.55 3.54
N GLU B 81 42.03 6.31 4.62
CA GLU B 81 42.19 5.86 6.00
C GLU B 81 43.62 5.38 6.30
N ASN B 82 44.61 5.95 5.61
CA ASN B 82 46.01 5.63 5.84
C ASN B 82 46.57 6.69 6.79
N LEU B 83 46.61 6.35 8.09
CA LEU B 83 47.07 7.29 9.10
C LEU B 83 48.55 7.63 8.93
N GLU B 84 49.36 6.64 8.56
CA GLU B 84 50.78 6.88 8.33
C GLU B 84 51.01 7.83 7.16
N LEU B 85 50.21 7.68 6.10
CA LEU B 85 50.31 8.59 4.95
C LEU B 85 49.90 10.00 5.32
N ILE B 86 48.87 10.15 6.17
CA ILE B 86 48.45 11.47 6.64
C ILE B 86 49.54 12.11 7.49
N GLU B 87 50.17 11.32 8.37
CA GLU B 87 51.28 11.83 9.17
C GLU B 87 52.46 12.24 8.30
N LEU B 88 52.75 11.45 7.26
CA LEU B 88 53.84 11.78 6.34
C LEU B 88 53.55 13.07 5.58
N LEU B 89 52.29 13.25 5.16
CA LEU B 89 51.93 14.49 4.46
C LEU B 89 51.98 15.70 5.38
N LEU B 90 51.45 15.57 6.61
CA LEU B 90 51.43 16.69 7.53
C LEU B 90 52.83 17.01 8.05
N SER B 91 53.76 16.05 7.97
CA SER B 91 55.14 16.34 8.33
C SER B 91 55.81 17.29 7.35
N PHE B 92 55.39 17.26 6.09
CA PHE B 92 55.95 18.11 5.04
C PHE B 92 55.16 19.39 4.83
N ASN B 93 54.17 19.66 5.69
CA ASN B 93 53.43 20.93 5.74
C ASN B 93 52.68 21.23 4.43
N VAL B 94 51.82 20.29 4.05
CA VAL B 94 50.82 20.58 3.03
C VAL B 94 49.76 21.51 3.63
N TYR B 95 49.13 22.29 2.75
CA TYR B 95 48.10 23.24 3.18
C TYR B 95 46.90 22.50 3.76
N VAL B 96 46.46 22.95 4.93
CA VAL B 96 45.29 22.40 5.60
C VAL B 96 44.17 23.43 5.50
N GLY B 97 43.13 23.10 4.75
CA GLY B 97 41.96 23.95 4.66
C GLY B 97 40.75 23.28 5.28
N ASP B 98 39.90 22.70 4.44
CA ASP B 98 38.77 21.91 4.89
C ASP B 98 39.12 20.43 5.03
N ALA B 99 40.41 20.11 5.22
CA ALA B 99 40.81 18.72 5.41
C ALA B 99 40.34 18.18 6.75
N LEU B 100 40.28 19.03 7.77
CA LEU B 100 39.68 18.62 9.04
C LEU B 100 38.20 18.31 8.88
N LEU B 101 37.50 19.12 8.08
CA LEU B 101 36.09 18.84 7.78
C LEU B 101 35.94 17.54 7.00
N HIS B 102 36.85 17.29 6.05
CA HIS B 102 36.79 16.04 5.29
C HIS B 102 37.05 14.83 6.18
N ALA B 103 37.97 14.95 7.14
CA ALA B 103 38.22 13.88 8.09
C ALA B 103 37.04 13.69 9.04
N ILE B 104 36.36 14.78 9.40
CA ILE B 104 35.21 14.69 10.28
C ILE B 104 34.05 13.99 9.58
N ARG B 105 33.78 14.36 8.33
CA ARG B 105 32.71 13.72 7.57
C ARG B 105 33.07 12.29 7.20
N LYS B 106 34.35 12.00 7.01
CA LYS B 106 34.79 10.64 6.69
C LYS B 106 34.68 9.71 7.89
N GLU B 107 34.59 10.27 9.11
CA GLU B 107 34.54 9.53 10.37
C GLU B 107 35.80 8.67 10.57
N VAL B 108 36.94 9.35 10.62
CA VAL B 108 38.20 8.69 10.91
C VAL B 108 38.70 9.19 12.27
N VAL B 109 39.68 8.48 12.82
CA VAL B 109 40.26 8.86 14.10
C VAL B 109 41.56 9.62 13.81
N GLY B 110 41.70 10.06 12.56
CA GLY B 110 42.75 10.99 12.19
C GLY B 110 42.41 12.44 12.43
N ALA B 111 41.20 12.71 12.92
CA ALA B 111 40.80 14.08 13.20
C ALA B 111 41.59 14.68 14.36
N VAL B 112 42.06 13.84 15.29
CA VAL B 112 42.85 14.35 16.40
C VAL B 112 44.22 14.82 15.91
N GLU B 113 44.85 14.05 15.01
CA GLU B 113 46.13 14.46 14.46
C GLU B 113 45.97 15.56 13.40
N LEU B 114 44.79 15.71 12.82
CA LEU B 114 44.51 16.90 12.04
C LEU B 114 44.37 18.13 12.93
N LEU B 115 43.80 17.94 14.13
CA LEU B 115 43.68 19.04 15.09
C LEU B 115 45.01 19.37 15.76
N LEU B 116 45.90 18.39 15.90
CA LEU B 116 47.15 18.58 16.61
C LEU B 116 48.21 19.30 15.80
N ASN B 117 47.95 19.59 14.52
CA ASN B 117 48.89 20.32 13.70
C ASN B 117 49.02 21.77 14.19
N HIS B 118 50.26 22.24 14.26
CA HIS B 118 50.62 23.58 14.77
C HIS B 118 50.06 23.84 16.17
N GLN B 135 38.89 29.70 -4.87
CA GLN B 135 39.00 28.52 -4.03
C GLN B 135 37.72 27.71 -4.05
N PHE B 136 37.84 26.38 -4.11
CA PHE B 136 36.70 25.48 -4.12
C PHE B 136 36.66 24.69 -2.83
N SER B 137 35.52 24.74 -2.14
CA SER B 137 35.31 24.02 -0.89
C SER B 137 34.07 23.14 -1.03
N GLU B 138 34.18 21.89 -0.59
CA GLU B 138 33.05 20.97 -0.64
C GLU B 138 31.97 21.39 0.35
N PHE B 139 32.35 21.88 1.52
CA PHE B 139 31.42 22.28 2.56
C PHE B 139 31.14 23.78 2.48
N THR B 140 29.94 24.15 2.93
CA THR B 140 29.52 25.54 2.92
C THR B 140 30.35 26.35 3.93
N PRO B 141 30.55 27.65 3.67
CA PRO B 141 31.36 28.47 4.59
C PRO B 141 30.78 28.61 6.00
N ASP B 142 29.48 28.40 6.18
CA ASP B 142 28.89 28.46 7.51
C ASP B 142 29.20 27.21 8.35
N ILE B 143 29.74 26.16 7.75
CA ILE B 143 30.03 24.92 8.45
C ILE B 143 31.35 25.07 9.20
N THR B 144 31.31 24.88 10.51
CA THR B 144 32.46 24.77 11.38
C THR B 144 32.70 23.31 11.73
N PRO B 145 33.85 22.97 12.32
CA PRO B 145 34.08 21.56 12.71
C PRO B 145 33.04 20.98 13.67
N ILE B 146 32.56 21.76 14.65
CA ILE B 146 31.59 21.20 15.59
C ILE B 146 30.23 21.01 14.91
N ILE B 147 29.86 21.91 14.00
CA ILE B 147 28.58 21.79 13.31
C ILE B 147 28.56 20.55 12.43
N LEU B 148 29.64 20.31 11.69
CA LEU B 148 29.70 19.13 10.84
C LEU B 148 29.88 17.85 11.66
N ALA B 149 30.57 17.93 12.81
CA ALA B 149 30.69 16.78 13.68
C ALA B 149 29.35 16.39 14.29
N ALA B 150 28.50 17.38 14.61
CA ALA B 150 27.18 17.08 15.12
C ALA B 150 26.22 16.64 14.03
N HIS B 151 26.38 17.17 12.81
CA HIS B 151 25.63 16.63 11.66
C HIS B 151 25.99 15.18 11.40
N THR B 152 27.28 14.85 11.57
CA THR B 152 27.75 13.48 11.43
C THR B 152 27.16 12.58 12.51
N ASN B 153 26.97 13.13 13.72
CA ASN B 153 26.50 12.41 14.90
C ASN B 153 27.45 11.26 15.27
N ASN B 154 28.70 11.64 15.50
CA ASN B 154 29.73 10.74 16.01
C ASN B 154 30.08 11.18 17.42
N TYR B 155 29.91 10.27 18.39
CA TYR B 155 30.13 10.63 19.78
C TYR B 155 31.61 10.90 20.06
N GLU B 156 32.50 10.10 19.46
CA GLU B 156 33.93 10.25 19.69
C GLU B 156 34.45 11.56 19.12
N ILE B 157 34.04 11.90 17.90
CA ILE B 157 34.53 13.13 17.25
C ILE B 157 34.04 14.36 18.00
N ILE B 158 32.76 14.34 18.42
CA ILE B 158 32.20 15.45 19.19
C ILE B 158 32.91 15.57 20.54
N LYS B 159 33.19 14.43 21.19
CA LYS B 159 33.87 14.44 22.48
C LYS B 159 35.28 15.03 22.38
N LEU B 160 36.04 14.59 21.36
CA LEU B 160 37.38 15.15 21.16
C LEU B 160 37.34 16.63 20.79
N LEU B 161 36.34 17.05 20.00
CA LEU B 161 36.23 18.45 19.63
C LEU B 161 35.91 19.34 20.82
N VAL B 162 34.98 18.91 21.67
CA VAL B 162 34.65 19.71 22.85
C VAL B 162 35.75 19.62 23.90
N GLN B 163 36.57 18.56 23.88
CA GLN B 163 37.76 18.55 24.73
C GLN B 163 38.79 19.55 24.24
N LYS B 164 38.90 19.71 22.91
CA LYS B 164 39.79 20.74 22.36
C LYS B 164 39.27 22.14 22.66
N GLY B 165 37.96 22.32 22.60
CA GLY B 165 37.36 23.61 22.90
C GLY B 165 36.66 24.25 21.71
N VAL B 166 35.35 24.04 21.63
CA VAL B 166 34.50 24.55 20.55
C VAL B 166 33.25 25.17 21.15
N SER B 167 32.48 25.84 20.29
CA SER B 167 31.22 26.45 20.69
C SER B 167 30.33 26.61 19.47
N VAL B 168 29.06 26.25 19.62
CA VAL B 168 28.04 26.45 18.59
C VAL B 168 27.46 27.85 18.78
N PRO B 169 27.44 28.70 17.76
CA PRO B 169 26.82 30.03 17.91
C PRO B 169 25.32 29.93 18.15
N ARG B 170 24.83 30.73 19.09
CA ARG B 170 23.44 30.64 19.48
C ARG B 170 22.55 31.34 18.46
N PRO B 171 21.57 30.65 17.89
CA PRO B 171 20.66 31.32 16.95
C PRO B 171 19.71 32.26 17.67
N HIS B 172 19.12 33.17 16.91
CA HIS B 172 18.17 34.13 17.46
C HIS B 172 16.84 33.43 17.75
N GLU B 173 15.88 34.20 18.23
CA GLU B 173 14.55 33.66 18.53
C GLU B 173 13.80 33.32 17.25
N VAL B 174 12.73 32.54 17.41
CA VAL B 174 11.92 32.13 16.27
C VAL B 174 11.24 33.35 15.64
N ARG B 175 10.69 34.24 16.46
CA ARG B 175 10.12 35.51 16.00
C ARG B 175 10.94 36.63 16.62
N CYS B 176 11.92 37.14 15.86
CA CYS B 176 12.81 38.16 16.36
C CYS B 176 12.95 39.27 15.31
N ASN B 177 13.24 40.48 15.79
CA ASN B 177 13.48 41.64 14.93
C ASN B 177 14.78 42.30 15.39
N CYS B 178 15.90 41.84 14.85
CA CYS B 178 17.21 42.38 15.16
C CYS B 178 17.80 43.06 13.93
N VAL B 179 18.66 44.04 14.16
CA VAL B 179 19.30 44.76 13.07
C VAL B 179 20.25 43.83 12.31
N GLU B 180 21.01 43.02 13.04
CA GLU B 180 21.93 42.08 12.40
C GLU B 180 21.18 41.01 11.62
N CYS B 181 20.04 40.55 12.14
CA CYS B 181 19.26 39.52 11.45
C CYS B 181 18.71 40.04 10.12
N VAL B 182 18.11 41.23 10.13
CA VAL B 182 17.57 41.78 8.89
C VAL B 182 18.68 42.21 7.94
N SER B 183 19.84 42.61 8.48
CA SER B 183 20.98 42.93 7.62
C SER B 183 21.51 41.70 6.91
N SER B 184 21.61 40.57 7.63
CA SER B 184 22.04 39.33 7.01
C SER B 184 21.00 38.80 6.03
N SER B 185 19.71 38.99 6.33
CA SER B 185 18.67 38.58 5.39
C SER B 185 18.69 39.42 4.13
N ASP B 186 18.98 40.72 4.26
CA ASP B 186 19.13 41.58 3.09
C ASP B 186 20.37 41.22 2.28
N VAL B 187 21.47 40.87 2.95
CA VAL B 187 22.69 40.49 2.24
C VAL B 187 22.51 39.13 1.58
N ASP B 188 22.06 38.13 2.33
CA ASP B 188 21.93 36.77 1.82
C ASP B 188 20.87 36.04 2.65
N SER B 189 19.67 35.92 2.10
CA SER B 189 18.62 35.17 2.79
C SER B 189 18.87 33.67 2.68
N LEU B 190 19.41 33.22 1.55
CA LEU B 190 19.72 31.80 1.36
C LEU B 190 20.78 31.35 2.35
N ARG B 191 21.86 32.14 2.50
CA ARG B 191 22.93 31.79 3.42
C ARG B 191 22.46 31.84 4.87
N HIS B 192 21.60 32.82 5.19
CA HIS B 192 21.07 32.92 6.55
C HIS B 192 20.19 31.73 6.90
N SER B 193 19.30 31.33 5.96
CA SER B 193 18.44 30.18 6.21
C SER B 193 19.24 28.89 6.30
N ARG B 194 20.24 28.73 5.43
CA ARG B 194 21.08 27.54 5.47
C ARG B 194 21.90 27.47 6.75
N SER B 195 22.42 28.61 7.21
CA SER B 195 23.19 28.64 8.45
C SER B 195 22.31 28.32 9.66
N ARG B 196 21.09 28.87 9.69
CA ARG B 196 20.18 28.57 10.79
C ARG B 196 19.79 27.09 10.78
N LEU B 197 19.54 26.52 9.60
CA LEU B 197 19.22 25.10 9.50
C LEU B 197 20.39 24.23 9.93
N ASN B 198 21.62 24.62 9.58
CA ASN B 198 22.80 23.88 10.01
C ASN B 198 23.00 23.96 11.51
N ILE B 199 22.74 25.13 12.11
CA ILE B 199 22.87 25.29 13.55
C ILE B 199 21.85 24.41 14.27
N TYR B 200 20.60 24.41 13.79
CA TYR B 200 19.58 23.61 14.46
C TYR B 200 19.75 22.12 14.17
N LYS B 201 20.37 21.76 13.05
CA LYS B 201 20.73 20.37 12.82
C LYS B 201 21.85 19.93 13.76
N ALA B 202 22.78 20.84 14.06
CA ALA B 202 23.85 20.52 14.99
C ALA B 202 23.33 20.39 16.41
N LEU B 203 22.42 21.28 16.82
CA LEU B 203 21.90 21.24 18.18
C LEU B 203 21.00 20.04 18.43
N ALA B 204 20.28 19.59 17.40
CA ALA B 204 19.32 18.51 17.56
C ALA B 204 19.94 17.12 17.50
N SER B 205 21.25 17.02 17.35
CA SER B 205 21.90 15.72 17.31
C SER B 205 21.88 15.07 18.69
N PRO B 206 21.60 13.76 18.76
CA PRO B 206 21.56 13.09 20.08
C PRO B 206 22.85 13.13 20.86
N SER B 207 24.00 13.07 20.18
CA SER B 207 25.28 13.03 20.89
C SER B 207 25.59 14.37 21.56
N LEU B 208 25.31 15.48 20.88
CA LEU B 208 25.60 16.79 21.45
C LEU B 208 24.67 17.09 22.63
N ILE B 209 23.42 16.63 22.56
CA ILE B 209 22.51 16.81 23.69
C ILE B 209 22.92 15.94 24.86
N ALA B 210 23.27 14.68 24.58
CA ALA B 210 23.66 13.77 25.65
C ALA B 210 25.01 14.11 26.25
N LEU B 211 25.82 14.92 25.56
CA LEU B 211 27.17 15.25 26.02
C LEU B 211 27.26 16.65 26.63
N SER B 212 26.58 17.64 26.06
CA SER B 212 26.81 19.03 26.42
C SER B 212 25.66 19.69 27.17
N SER B 213 24.60 18.95 27.50
CA SER B 213 23.47 19.51 28.22
C SER B 213 23.34 18.88 29.60
N GLU B 214 22.97 19.69 30.59
CA GLU B 214 22.80 19.19 31.94
C GLU B 214 21.58 18.28 32.06
N ASP B 215 20.47 18.70 31.46
CA ASP B 215 19.25 17.89 31.41
C ASP B 215 18.93 17.56 29.97
N PRO B 216 19.32 16.38 29.48
CA PRO B 216 19.01 16.01 28.09
C PRO B 216 17.53 15.92 27.79
N PHE B 217 16.69 15.57 28.76
CA PHE B 217 15.26 15.45 28.51
C PHE B 217 14.62 16.82 28.28
N LEU B 218 14.93 17.78 29.16
CA LEU B 218 14.40 19.13 28.99
C LEU B 218 14.96 19.79 27.74
N THR B 219 16.24 19.54 27.44
CA THR B 219 16.83 20.06 26.21
C THR B 219 16.15 19.49 24.98
N ALA B 220 15.89 18.18 24.97
CA ALA B 220 15.20 17.56 23.84
C ALA B 220 13.77 18.06 23.70
N PHE B 221 13.08 18.25 24.82
CA PHE B 221 11.69 18.73 24.78
C PHE B 221 11.62 20.15 24.22
N GLN B 222 12.44 21.04 24.76
CA GLN B 222 12.43 22.43 24.31
C GLN B 222 12.93 22.56 22.88
N LEU B 223 13.92 21.73 22.50
CA LEU B 223 14.42 21.75 21.13
C LEU B 223 13.37 21.25 20.15
N SER B 224 12.62 20.20 20.50
CA SER B 224 11.56 19.72 19.63
C SER B 224 10.45 20.74 19.49
N TRP B 225 10.10 21.42 20.59
CA TRP B 225 9.11 22.50 20.50
C TRP B 225 9.59 23.64 19.61
N GLU B 226 10.87 24.03 19.76
CA GLU B 226 11.42 25.11 18.94
C GLU B 226 11.48 24.72 17.47
N LEU B 227 11.82 23.47 17.18
CA LEU B 227 11.88 23.02 15.79
C LEU B 227 10.49 22.92 15.17
N GLN B 228 9.48 22.53 15.95
CA GLN B 228 8.11 22.54 15.45
C GLN B 228 7.64 23.96 15.15
N GLU B 229 7.94 24.91 16.05
CA GLU B 229 7.55 26.29 15.79
C GLU B 229 8.32 26.89 14.61
N LEU B 230 9.57 26.46 14.41
CA LEU B 230 10.33 26.93 13.25
C LEU B 230 9.80 26.33 11.95
N SER B 231 9.37 25.07 11.99
CA SER B 231 8.73 24.46 10.84
C SER B 231 7.42 25.16 10.49
N LYS B 232 6.66 25.57 11.50
CA LYS B 232 5.48 26.38 11.25
C LYS B 232 5.84 27.74 10.67
N VAL B 233 6.89 28.37 11.20
CA VAL B 233 7.27 29.71 10.75
C VAL B 233 7.88 29.67 9.34
N GLU B 234 8.79 28.73 9.11
CA GLU B 234 9.49 28.63 7.84
C GLU B 234 8.69 27.71 6.92
N ASN B 235 8.04 28.30 5.90
CA ASN B 235 7.25 27.50 4.97
C ASN B 235 8.15 26.57 4.16
N GLU B 236 9.22 27.09 3.60
CA GLU B 236 10.28 26.25 3.06
C GLU B 236 11.09 25.65 4.19
N PHE B 237 11.81 24.57 3.88
CA PHE B 237 12.56 23.76 4.85
C PHE B 237 11.67 23.23 5.97
N LYS B 238 10.38 23.04 5.69
CA LYS B 238 9.46 22.54 6.71
C LYS B 238 9.75 21.07 7.02
N SER B 239 10.09 20.29 6.00
CA SER B 239 10.40 18.88 6.21
C SER B 239 11.66 18.69 7.04
N GLU B 240 12.65 19.57 6.85
CA GLU B 240 13.90 19.47 7.61
C GLU B 240 13.67 19.72 9.09
N TYR B 241 12.96 20.80 9.42
CA TYR B 241 12.70 21.11 10.83
C TYR B 241 11.75 20.09 11.45
N GLU B 242 10.79 19.59 10.67
CA GLU B 242 9.89 18.55 11.17
C GLU B 242 10.64 17.26 11.49
N GLU B 243 11.57 16.85 10.61
CA GLU B 243 12.35 15.66 10.87
C GLU B 243 13.35 15.88 12.00
N LEU B 244 13.81 17.12 12.20
CA LEU B 244 14.68 17.40 13.34
C LEU B 244 13.91 17.30 14.66
N SER B 245 12.68 17.81 14.69
CA SER B 245 11.85 17.67 15.88
C SER B 245 11.49 16.22 16.15
N ARG B 246 11.23 15.45 15.08
CA ARG B 246 10.97 14.03 15.22
C ARG B 246 12.21 13.31 15.75
N GLN B 247 13.40 13.72 15.30
CA GLN B 247 14.65 13.15 15.80
C GLN B 247 14.85 13.47 17.28
N CYS B 248 14.50 14.68 17.70
CA CYS B 248 14.60 15.03 19.12
C CYS B 248 13.63 14.20 19.97
N LYS B 249 12.39 14.03 19.49
CA LYS B 249 11.43 13.20 20.20
C LYS B 249 11.89 11.75 20.28
N GLN B 250 12.46 11.24 19.18
CA GLN B 250 12.99 9.88 19.17
C GLN B 250 14.17 9.74 20.13
N PHE B 251 15.02 10.76 20.22
CA PHE B 251 16.13 10.72 21.17
C PHE B 251 15.61 10.68 22.60
N ALA B 252 14.57 11.46 22.90
CA ALA B 252 13.99 11.42 24.24
C ALA B 252 13.38 10.05 24.54
N LYS B 253 12.72 9.44 23.55
CA LYS B 253 12.13 8.12 23.73
C LYS B 253 13.19 7.05 23.97
N ASP B 254 14.26 7.06 23.16
CA ASP B 254 15.31 6.06 23.35
C ASP B 254 16.13 6.33 24.61
N LEU B 255 16.18 7.57 25.08
CA LEU B 255 16.85 7.84 26.35
C LEU B 255 16.02 7.33 27.52
N LEU B 256 14.69 7.49 27.45
CA LEU B 256 13.82 6.88 28.46
C LEU B 256 13.83 5.36 28.39
N ASP B 257 14.07 4.79 27.21
CA ASP B 257 14.11 3.34 27.03
C ASP B 257 15.24 2.65 27.80
N GLN B 258 16.24 3.39 28.27
CA GLN B 258 17.39 2.80 28.94
C GLN B 258 17.16 2.58 30.43
N THR B 259 15.99 2.91 30.95
CA THR B 259 15.69 2.67 32.35
C THR B 259 15.45 1.20 32.61
N ARG B 260 16.12 0.66 33.63
CA ARG B 260 15.97 -0.74 34.01
C ARG B 260 15.50 -0.89 35.45
N SER B 261 14.96 0.17 36.04
CA SER B 261 14.47 0.12 37.41
C SER B 261 13.35 1.15 37.57
N SER B 262 12.38 0.82 38.42
CA SER B 262 11.29 1.75 38.69
C SER B 262 11.73 2.91 39.57
N ARG B 263 12.80 2.74 40.34
CA ARG B 263 13.34 3.87 41.11
C ARG B 263 13.87 4.95 40.19
N GLU B 264 14.58 4.56 39.12
CA GLU B 264 15.07 5.53 38.15
C GLU B 264 13.92 6.20 37.41
N LEU B 265 12.87 5.43 37.10
CA LEU B 265 11.69 6.00 36.43
C LEU B 265 10.98 7.01 37.32
N GLU B 266 10.84 6.70 38.61
CA GLU B 266 10.22 7.65 39.53
C GLU B 266 11.13 8.85 39.79
N ILE B 267 12.44 8.68 39.66
CA ILE B 267 13.34 9.82 39.77
C ILE B 267 13.18 10.74 38.57
N ILE B 268 13.10 10.16 37.37
CA ILE B 268 13.01 10.98 36.15
C ILE B 268 11.66 11.67 36.05
N LEU B 269 10.57 10.90 36.20
CA LEU B 269 9.25 11.42 35.91
C LEU B 269 8.75 12.41 36.95
N ASN B 270 9.25 12.34 38.19
CA ASN B 270 8.85 13.25 39.24
C ASN B 270 9.80 14.43 39.40
N TYR B 271 10.77 14.58 38.49
CA TYR B 271 11.78 15.62 38.62
C TYR B 271 11.19 16.98 38.28
N ARG B 272 11.39 17.95 39.17
CA ARG B 272 10.96 19.32 38.95
C ARG B 272 12.13 20.25 39.23
N ASP B 273 12.38 21.18 38.32
CA ASP B 273 13.49 22.13 38.49
C ASP B 273 12.96 23.55 38.58
N ASP B 285 4.03 14.21 42.75
CA ASP B 285 3.54 14.70 41.46
C ASP B 285 4.55 14.42 40.36
N LEU B 286 4.06 13.98 39.21
CA LEU B 286 4.90 13.67 38.04
C LEU B 286 5.07 14.94 37.23
N ALA B 287 6.05 15.76 37.62
CA ALA B 287 6.24 17.07 36.99
C ALA B 287 6.82 16.93 35.59
N ARG B 288 7.80 16.05 35.41
CA ARG B 288 8.39 15.87 34.09
C ARG B 288 7.42 15.20 33.13
N LEU B 289 6.55 14.33 33.63
CA LEU B 289 5.52 13.73 32.79
C LEU B 289 4.52 14.77 32.29
N LYS B 290 4.12 15.69 33.17
CA LYS B 290 3.25 16.79 32.76
C LYS B 290 3.96 17.73 31.79
N LEU B 291 5.26 17.94 31.99
CA LEU B 291 6.04 18.75 31.05
C LEU B 291 6.11 18.10 29.68
N ALA B 292 6.28 16.77 29.64
CA ALA B 292 6.31 16.06 28.37
C ALA B 292 4.96 16.04 27.69
N ILE B 293 3.88 15.99 28.47
CA ILE B 293 2.54 16.12 27.89
C ILE B 293 2.33 17.53 27.35
N LYS B 294 2.88 18.54 28.03
CA LYS B 294 2.77 19.93 27.57
C LYS B 294 3.48 20.13 26.23
N TYR B 295 4.65 19.50 26.05
CA TYR B 295 5.43 19.65 24.84
C TYR B 295 5.02 18.68 23.74
N ARG B 296 3.95 17.91 23.94
CA ARG B 296 3.37 16.99 22.95
C ARG B 296 4.38 15.95 22.49
N GLN B 297 5.10 15.38 23.46
CA GLN B 297 6.06 14.31 23.18
C GLN B 297 5.32 12.98 23.26
N LYS B 298 4.81 12.53 22.13
CA LYS B 298 4.02 11.31 22.06
C LYS B 298 4.87 10.06 21.96
N GLU B 299 6.20 10.19 21.94
CA GLU B 299 7.11 9.04 21.96
C GLU B 299 7.75 8.82 23.32
N PHE B 300 8.10 9.90 24.03
CA PHE B 300 8.46 9.78 25.44
C PHE B 300 7.29 9.24 26.25
N VAL B 301 6.12 9.81 26.05
CA VAL B 301 4.85 9.29 26.54
C VAL B 301 4.51 8.12 25.62
N ALA B 302 3.70 7.17 26.09
CA ALA B 302 3.31 5.95 25.36
C ALA B 302 4.49 5.02 25.17
N GLN B 303 5.46 5.12 26.06
CA GLN B 303 6.53 4.16 26.28
C GLN B 303 6.06 3.15 27.31
N PRO B 304 6.36 1.86 27.13
CA PRO B 304 5.81 0.83 28.02
C PRO B 304 6.19 0.99 29.49
N ASN B 305 7.38 1.53 29.79
CA ASN B 305 7.74 1.74 31.19
C ASN B 305 6.92 2.87 31.79
N CYS B 306 6.82 4.00 31.07
CA CYS B 306 6.03 5.13 31.54
C CYS B 306 4.54 4.79 31.59
N GLN B 307 4.05 4.05 30.61
CA GLN B 307 2.65 3.60 30.64
C GLN B 307 2.40 2.63 31.77
N GLN B 308 3.36 1.77 32.09
CA GLN B 308 3.22 0.87 33.23
C GLN B 308 3.16 1.64 34.54
N LEU B 309 4.00 2.69 34.67
CA LEU B 309 3.94 3.53 35.86
C LEU B 309 2.62 4.27 35.96
N LEU B 310 2.11 4.78 34.83
CA LEU B 310 0.82 5.47 34.82
C LEU B 310 -0.32 4.52 35.15
N ALA B 311 -0.25 3.27 34.69
CA ALA B 311 -1.28 2.29 35.03
C ALA B 311 -1.19 1.89 36.49
N SER B 312 0.01 1.84 37.05
CA SER B 312 0.15 1.58 38.49
C SER B 312 -0.44 2.72 39.31
N ARG B 313 -0.26 3.96 38.86
CA ARG B 313 -0.89 5.08 39.56
C ARG B 313 -2.39 5.14 39.31
N TRP B 314 -2.86 4.60 38.19
CA TRP B 314 -4.28 4.64 37.86
C TRP B 314 -5.09 3.74 38.77
N TYR B 315 -4.65 2.50 38.95
CA TYR B 315 -5.27 1.58 39.91
C TYR B 315 -4.50 1.65 41.23
N ASP B 316 -4.74 2.72 41.97
CA ASP B 316 -4.06 2.95 43.23
C ASP B 316 -4.61 2.01 44.29
N GLU B 317 -3.73 1.18 44.86
CA GLU B 317 -4.06 0.23 45.94
C GLU B 317 -5.19 -0.73 45.54
N PHE B 318 -5.13 -1.24 44.32
CA PHE B 318 -6.11 -2.22 43.83
C PHE B 318 -5.45 -3.14 42.82
N PRO B 319 -4.68 -4.11 43.30
CA PRO B 319 -4.01 -5.04 42.37
C PRO B 319 -4.94 -6.16 41.93
N GLY B 320 -4.48 -6.91 40.95
CA GLY B 320 -5.27 -8.00 40.39
C GLY B 320 -6.35 -7.57 39.43
N TRP B 321 -6.45 -6.28 39.11
CA TRP B 321 -7.48 -5.80 38.21
C TRP B 321 -7.26 -6.29 36.78
N ARG B 322 -6.00 -6.38 36.34
CA ARG B 322 -5.72 -6.95 35.03
C ARG B 322 -5.99 -8.45 34.99
N ARG B 323 -5.97 -9.11 36.14
CA ARG B 323 -6.24 -10.55 36.23
C ARG B 323 -7.69 -10.73 36.68
N ARG B 324 -8.62 -10.50 35.73
CA ARG B 324 -10.04 -10.64 36.02
C ARG B 324 -10.78 -10.85 34.71
N HIS B 325 -12.00 -11.39 34.82
CA HIS B 325 -12.84 -11.63 33.67
C HIS B 325 -13.61 -10.36 33.31
N TRP B 326 -14.00 -10.25 32.04
CA TRP B 326 -14.64 -9.02 31.55
C TRP B 326 -16.03 -8.84 32.12
N ALA B 327 -16.75 -9.93 32.37
CA ALA B 327 -18.05 -9.83 33.03
C ALA B 327 -17.90 -9.35 34.47
N VAL B 328 -16.88 -9.86 35.19
CA VAL B 328 -16.61 -9.37 36.53
C VAL B 328 -16.16 -7.92 36.49
N LYS B 329 -15.43 -7.54 35.43
CA LYS B 329 -15.07 -6.13 35.21
C LYS B 329 -16.30 -5.25 35.10
N MET B 330 -17.26 -5.64 34.26
CA MET B 330 -18.48 -4.85 34.09
C MET B 330 -19.31 -4.82 35.37
N VAL B 331 -19.38 -5.95 36.09
CA VAL B 331 -20.15 -6.00 37.33
C VAL B 331 -19.54 -5.09 38.39
N THR B 332 -18.21 -5.12 38.54
CA THR B 332 -17.55 -4.24 39.51
C THR B 332 -17.70 -2.78 39.13
N CYS B 333 -17.56 -2.46 37.83
CA CYS B 333 -17.74 -1.08 37.39
C CYS B 333 -19.15 -0.58 37.66
N PHE B 334 -20.16 -1.42 37.38
CA PHE B 334 -21.54 -1.03 37.62
C PHE B 334 -21.83 -0.89 39.12
N ILE B 335 -21.27 -1.78 39.94
CA ILE B 335 -21.55 -1.73 41.37
C ILE B 335 -20.77 -0.61 42.07
N ILE B 336 -19.71 -0.09 41.45
CA ILE B 336 -19.06 1.08 42.02
C ILE B 336 -19.72 2.36 41.52
N GLY B 337 -20.13 2.39 40.25
CA GLY B 337 -20.82 3.56 39.73
C GLY B 337 -22.19 3.78 40.32
N LEU B 338 -22.95 2.70 40.57
CA LEU B 338 -24.29 2.84 41.11
C LEU B 338 -24.27 3.30 42.57
N LEU B 339 -23.13 3.11 43.26
CA LEU B 339 -23.05 3.47 44.70
C LEU B 339 -22.24 4.76 44.85
N PHE B 340 -22.13 5.56 43.80
CA PHE B 340 -21.30 6.76 43.83
C PHE B 340 -21.71 7.85 44.82
N PRO B 341 -23.00 8.20 45.05
CA PRO B 341 -23.25 9.31 46.00
C PRO B 341 -22.89 8.99 47.43
N VAL B 342 -22.84 7.72 47.82
CA VAL B 342 -22.37 7.36 49.16
C VAL B 342 -20.87 7.64 49.27
N PHE B 343 -20.10 7.30 48.23
CA PHE B 343 -18.69 7.64 48.21
C PHE B 343 -18.48 9.15 48.21
N SER B 344 -19.31 9.90 47.48
CA SER B 344 -19.19 11.34 47.44
C SER B 344 -19.63 11.99 48.74
N VAL B 345 -20.45 11.30 49.53
CA VAL B 345 -20.76 11.77 50.89
C VAL B 345 -19.50 11.76 51.75
N CYS B 346 -18.71 10.69 51.64
CA CYS B 346 -17.39 10.67 52.25
C CYS B 346 -16.47 11.67 51.54
N TYR B 347 -15.45 12.13 52.27
CA TYR B 347 -14.44 13.12 51.90
C TYR B 347 -15.04 14.54 51.91
N LEU B 348 -16.36 14.64 52.01
CA LEU B 348 -17.00 15.94 52.14
C LEU B 348 -17.04 16.41 53.59
N ILE B 349 -17.08 15.47 54.54
CA ILE B 349 -17.07 15.75 55.96
C ILE B 349 -15.80 15.24 56.63
N ALA B 350 -15.45 13.98 56.38
CA ALA B 350 -14.28 13.33 56.98
C ALA B 350 -13.40 12.78 55.87
N PRO B 351 -12.43 13.57 55.38
CA PRO B 351 -11.55 13.07 54.31
C PRO B 351 -10.56 12.02 54.77
N LYS B 352 -10.36 11.83 56.07
CA LYS B 352 -9.39 10.86 56.57
C LYS B 352 -9.95 9.46 56.70
N SER B 353 -11.24 9.26 56.42
CA SER B 353 -11.83 7.94 56.47
C SER B 353 -11.29 7.06 55.33
N PRO B 354 -11.23 5.74 55.54
CA PRO B 354 -10.88 4.85 54.42
C PRO B 354 -11.84 4.94 53.25
N LEU B 355 -13.14 5.11 53.52
CA LEU B 355 -14.08 5.39 52.45
C LEU B 355 -13.88 6.78 51.87
N GLY B 356 -13.34 7.71 52.67
CA GLY B 356 -12.96 9.01 52.14
C GLY B 356 -11.70 8.96 51.32
N LEU B 357 -10.87 7.93 51.52
CA LEU B 357 -9.70 7.71 50.68
C LEU B 357 -9.99 6.78 49.51
N PHE B 358 -11.16 6.15 49.48
CA PHE B 358 -11.55 5.34 48.33
C PHE B 358 -11.80 6.20 47.10
N ILE B 359 -12.33 7.42 47.30
CA ILE B 359 -12.53 8.35 46.18
C ILE B 359 -11.23 8.93 45.68
N ARG B 360 -10.15 8.86 46.49
CA ARG B 360 -8.86 9.38 46.07
C ARG B 360 -8.21 8.53 44.99
N LYS B 361 -8.65 7.29 44.82
CA LYS B 361 -8.14 6.45 43.74
C LYS B 361 -8.62 7.01 42.40
N PRO B 362 -7.71 7.23 41.45
CA PRO B 362 -8.10 7.87 40.18
C PRO B 362 -9.11 7.08 39.38
N PHE B 363 -9.04 5.74 39.42
CA PHE B 363 -10.00 4.93 38.67
C PHE B 363 -11.39 5.01 39.29
N ILE B 364 -11.48 4.93 40.61
CA ILE B 364 -12.77 5.05 41.29
C ILE B 364 -13.35 6.46 41.11
N LYS B 365 -12.47 7.47 41.14
CA LYS B 365 -12.91 8.84 40.88
C LYS B 365 -13.43 8.99 39.45
N PHE B 366 -12.75 8.38 38.48
CA PHE B 366 -13.22 8.41 37.09
C PHE B 366 -14.57 7.71 36.95
N ILE B 367 -14.73 6.57 37.62
CA ILE B 367 -15.99 5.83 37.56
C ILE B 367 -17.12 6.65 38.19
N CYS B 368 -16.83 7.31 39.30
CA CYS B 368 -17.84 8.15 39.96
C CYS B 368 -18.21 9.36 39.10
N HIS B 369 -17.24 9.96 38.43
CA HIS B 369 -17.53 11.08 37.53
C HIS B 369 -18.39 10.63 36.34
N THR B 370 -18.06 9.47 35.76
CA THR B 370 -18.87 8.96 34.65
C THR B 370 -20.26 8.57 35.11
N ALA B 371 -20.40 8.04 36.33
CA ALA B 371 -21.70 7.71 36.86
C ALA B 371 -22.52 8.97 37.14
N SER B 372 -21.87 10.04 37.61
CA SER B 372 -22.55 11.32 37.77
C SER B 372 -23.05 11.87 36.44
N TYR B 373 -22.21 11.78 35.41
CA TYR B 373 -22.64 12.24 34.09
C TYR B 373 -23.78 11.38 33.53
N LEU B 374 -23.73 10.06 33.80
CA LEU B 374 -24.81 9.18 33.37
C LEU B 374 -26.11 9.49 34.11
N THR B 375 -26.01 9.83 35.39
CA THR B 375 -27.19 10.24 36.16
C THR B 375 -27.77 11.54 35.61
N PHE B 376 -26.91 12.49 35.25
CA PHE B 376 -27.38 13.72 34.64
C PHE B 376 -28.05 13.46 33.29
N LEU B 377 -27.48 12.54 32.50
CA LEU B 377 -28.09 12.20 31.22
C LEU B 377 -29.41 11.47 31.40
N PHE B 378 -29.54 10.64 32.44
CA PHE B 378 -30.81 10.00 32.73
C PHE B 378 -31.86 11.01 33.18
N LEU B 379 -31.43 12.03 33.93
CA LEU B 379 -32.33 13.11 34.30
C LEU B 379 -32.79 13.89 33.07
N LEU B 380 -31.87 14.11 32.12
CA LEU B 380 -32.24 14.74 30.85
C LEU B 380 -33.21 13.87 30.07
N LEU B 381 -33.00 12.55 30.11
CA LEU B 381 -33.91 11.61 29.45
C LEU B 381 -35.31 11.67 30.06
N LEU B 382 -35.39 11.73 31.40
CA LEU B 382 -36.68 11.83 32.06
C LEU B 382 -37.35 13.17 31.80
N ALA B 383 -36.55 14.24 31.67
CA ALA B 383 -37.10 15.53 31.28
C ALA B 383 -37.65 15.49 29.86
N SER B 384 -36.98 14.77 28.96
CA SER B 384 -37.46 14.59 27.60
C SER B 384 -38.69 13.71 27.51
N GLN B 385 -38.93 12.86 28.51
CA GLN B 385 -40.07 11.93 28.48
C GLN B 385 -41.24 12.52 29.27
N ASP B 391 -48.40 22.72 32.01
CA ASP B 391 -49.81 22.64 31.65
C ASP B 391 -50.13 23.55 30.47
N LEU B 392 -49.26 23.55 29.46
CA LEU B 392 -49.51 24.33 28.20
C LEU B 392 -49.70 25.82 28.50
N ASN B 393 -49.13 26.29 29.62
CA ASN B 393 -49.22 27.71 29.96
C ASN B 393 -48.13 28.50 29.22
N ARG B 394 -48.32 29.83 29.21
CA ARG B 394 -47.39 30.72 28.50
C ARG B 394 -46.01 30.68 29.12
N GLN B 395 -45.92 30.72 30.44
CA GLN B 395 -44.67 30.55 31.16
C GLN B 395 -44.79 29.37 32.10
N GLY B 396 -43.69 28.64 32.27
CA GLY B 396 -43.73 27.44 33.07
C GLY B 396 -42.60 27.35 34.09
N PRO B 397 -42.98 27.34 35.37
CA PRO B 397 -42.02 26.90 36.39
C PRO B 397 -41.63 25.46 36.13
N PRO B 398 -40.38 25.08 36.42
CA PRO B 398 -39.95 23.70 36.23
C PRO B 398 -40.69 22.74 37.15
N PRO B 399 -40.92 21.51 36.72
CA PRO B 399 -41.62 20.55 37.58
C PRO B 399 -40.75 20.07 38.73
N THR B 400 -41.37 19.29 39.62
CA THR B 400 -40.67 18.81 40.80
C THR B 400 -39.69 17.69 40.46
N ILE B 401 -40.11 16.75 39.61
CA ILE B 401 -39.31 15.56 39.34
C ILE B 401 -38.08 15.90 38.51
N VAL B 402 -38.26 16.71 37.45
CA VAL B 402 -37.16 17.06 36.55
C VAL B 402 -37.14 18.57 36.37
N GLU B 403 -36.01 19.06 35.85
CA GLU B 403 -35.73 20.45 35.48
C GLU B 403 -35.55 21.34 36.72
N TRP B 404 -35.81 20.81 37.92
CA TRP B 404 -35.38 21.43 39.15
C TRP B 404 -34.21 20.71 39.78
N MET B 405 -34.19 19.38 39.72
CA MET B 405 -33.04 18.59 40.14
C MET B 405 -31.86 18.72 39.19
N ILE B 406 -32.11 19.14 37.95
CA ILE B 406 -31.06 19.29 36.94
C ILE B 406 -30.14 20.49 37.24
N LEU B 407 -30.70 21.57 37.79
CA LEU B 407 -29.95 22.81 38.00
C LEU B 407 -28.65 22.70 38.79
N PRO B 408 -28.55 21.92 39.88
CA PRO B 408 -27.21 21.75 40.50
C PRO B 408 -26.16 21.15 39.57
N TRP B 409 -26.56 20.23 38.68
CA TRP B 409 -25.60 19.69 37.71
C TRP B 409 -25.12 20.77 36.75
N VAL B 410 -26.03 21.61 36.26
CA VAL B 410 -25.65 22.67 35.33
C VAL B 410 -24.74 23.69 36.02
N LEU B 411 -25.07 24.06 37.25
CA LEU B 411 -24.24 25.00 38.00
C LEU B 411 -22.87 24.40 38.29
N GLY B 412 -22.81 23.11 38.61
CA GLY B 412 -21.53 22.46 38.84
C GLY B 412 -20.71 22.36 37.57
N PHE B 413 -21.37 22.14 36.42
CA PHE B 413 -20.66 22.13 35.14
C PHE B 413 -20.07 23.48 34.82
N ILE B 414 -20.83 24.56 35.06
CA ILE B 414 -20.32 25.91 34.81
C ILE B 414 -19.15 26.22 35.75
N TRP B 415 -19.28 25.85 37.02
CA TRP B 415 -18.21 26.09 37.99
C TRP B 415 -16.97 25.28 37.65
N GLY B 416 -17.14 24.03 37.20
CA GLY B 416 -15.99 23.23 36.78
C GLY B 416 -15.32 23.78 35.54
N GLU B 417 -16.11 24.30 34.59
CA GLU B 417 -15.54 24.93 33.41
C GLU B 417 -14.73 26.17 33.79
N ILE B 418 -15.22 26.96 34.73
CA ILE B 418 -14.48 28.12 35.21
C ILE B 418 -13.20 27.69 35.93
N LYS B 419 -13.28 26.63 36.75
CA LYS B 419 -12.12 26.14 37.48
C LYS B 419 -11.05 25.60 36.53
N GLN B 420 -11.46 24.89 35.48
CA GLN B 420 -10.49 24.41 34.49
C GLN B 420 -9.99 25.54 33.59
N MET B 421 -10.76 26.62 33.46
CA MET B 421 -10.26 27.79 32.75
C MET B 421 -9.22 28.54 33.59
N TRP B 422 -9.31 28.43 34.92
CA TRP B 422 -8.31 29.05 35.79
C TRP B 422 -6.93 28.42 35.58
N ASP B 423 -6.86 27.10 35.46
CA ASP B 423 -5.59 26.39 35.33
C ASP B 423 -5.23 26.23 33.87
N GLY B 424 -4.00 26.57 33.52
CA GLY B 424 -3.51 26.44 32.17
C GLY B 424 -3.87 27.57 31.23
N GLY B 425 -4.58 28.59 31.70
CA GLY B 425 -4.95 29.70 30.86
C GLY B 425 -6.03 29.31 29.85
N LEU B 426 -6.13 30.12 28.80
CA LEU B 426 -7.07 29.89 27.71
C LEU B 426 -6.47 29.13 26.54
N GLN B 427 -5.17 28.84 26.58
CA GLN B 427 -4.53 28.13 25.48
C GLN B 427 -4.96 26.67 25.44
N ASP B 428 -4.94 25.98 26.58
CA ASP B 428 -5.38 24.58 26.62
C ASP B 428 -6.89 24.46 26.48
N TYR B 429 -7.63 25.50 26.85
CA TYR B 429 -9.07 25.50 26.66
C TYR B 429 -9.43 25.54 25.18
N ILE B 430 -8.74 26.37 24.41
CA ILE B 430 -9.02 26.46 22.98
C ILE B 430 -8.31 25.37 22.17
N HIS B 431 -7.29 24.73 22.75
CA HIS B 431 -6.66 23.60 22.06
C HIS B 431 -7.52 22.36 22.13
N ASP B 432 -8.14 22.10 23.28
CA ASP B 432 -9.01 20.95 23.46
C ASP B 432 -10.38 21.27 22.91
N TRP B 433 -10.84 20.47 21.93
CA TRP B 433 -12.14 20.71 21.32
C TRP B 433 -13.28 20.32 22.24
N TRP B 434 -13.04 19.40 23.17
CA TRP B 434 -14.06 19.04 24.14
C TRP B 434 -14.34 20.17 25.11
N ASN B 435 -13.33 20.99 25.42
CA ASN B 435 -13.57 22.18 26.22
C ASN B 435 -14.45 23.18 25.47
N LEU B 436 -14.25 23.30 24.16
CA LEU B 436 -15.12 24.15 23.35
C LEU B 436 -16.55 23.61 23.31
N MET B 437 -16.69 22.29 23.21
CA MET B 437 -18.02 21.67 23.25
C MET B 437 -18.70 21.92 24.59
N ASP B 438 -17.96 21.80 25.69
CA ASP B 438 -18.51 22.08 27.01
C ASP B 438 -18.91 23.55 27.15
N PHE B 439 -18.09 24.46 26.60
CA PHE B 439 -18.42 25.88 26.63
C PHE B 439 -19.70 26.17 25.86
N VAL B 440 -19.85 25.56 24.68
CA VAL B 440 -21.06 25.76 23.88
C VAL B 440 -22.29 25.19 24.59
N MET B 441 -22.15 24.00 25.18
CA MET B 441 -23.26 23.38 25.89
C MET B 441 -23.67 24.20 27.12
N ASN B 442 -22.68 24.71 27.87
CA ASN B 442 -23.00 25.53 29.04
C ASN B 442 -23.58 26.89 28.65
N SER B 443 -23.12 27.46 27.52
CA SER B 443 -23.72 28.69 27.03
C SER B 443 -25.17 28.47 26.63
N LEU B 444 -25.46 27.35 25.97
CA LEU B 444 -26.85 27.02 25.62
C LEU B 444 -27.70 26.82 26.87
N TYR B 445 -27.14 26.15 27.89
CA TYR B 445 -27.88 25.93 29.13
C TYR B 445 -28.16 27.25 29.85
N LEU B 446 -27.18 28.14 29.93
CA LEU B 446 -27.41 29.42 30.61
C LEU B 446 -28.37 30.30 29.82
N ALA B 447 -28.32 30.22 28.48
CA ALA B 447 -29.30 30.93 27.67
C ALA B 447 -30.70 30.39 27.89
N THR B 448 -30.83 29.06 28.02
CA THR B 448 -32.13 28.46 28.33
C THR B 448 -32.65 28.92 29.68
N ILE B 449 -31.78 28.96 30.69
CA ILE B 449 -32.20 29.40 32.03
C ILE B 449 -32.60 30.87 32.01
N SER B 450 -31.83 31.71 31.31
CA SER B 450 -32.14 33.14 31.23
C SER B 450 -33.46 33.37 30.50
N LEU B 451 -33.70 32.63 29.42
CA LEU B 451 -34.96 32.79 28.68
C LEU B 451 -36.14 32.29 29.50
N LYS B 452 -35.95 31.21 30.27
CA LYS B 452 -37.00 30.73 31.15
C LYS B 452 -37.33 31.74 32.25
N ILE B 453 -36.31 32.38 32.82
CA ILE B 453 -36.52 33.41 33.83
C ILE B 453 -37.24 34.61 33.22
N VAL B 454 -36.84 35.02 32.01
CA VAL B 454 -37.46 36.15 31.33
C VAL B 454 -38.93 35.87 31.04
N ALA B 455 -39.24 34.65 30.58
CA ALA B 455 -40.62 34.27 30.35
C ALA B 455 -41.41 34.21 31.66
N PHE B 456 -40.79 33.71 32.73
CA PHE B 456 -41.50 33.52 33.99
C PHE B 456 -41.85 34.85 34.65
N VAL B 457 -40.87 35.76 34.76
CA VAL B 457 -41.10 36.98 35.54
C VAL B 457 -41.30 38.22 34.69
N LYS B 458 -41.23 38.10 33.36
CA LYS B 458 -41.73 39.17 32.49
C LYS B 458 -42.77 38.60 31.54
N ARG B 465 -50.15 26.90 23.93
CA ARG B 465 -49.58 26.37 22.69
C ARG B 465 -50.51 26.68 21.51
N GLU B 466 -49.97 26.55 20.29
CA GLU B 466 -50.67 26.77 19.02
C GLU B 466 -51.18 28.20 18.86
N SER B 467 -50.72 29.13 19.70
CA SER B 467 -51.14 30.52 19.60
C SER B 467 -50.00 31.52 19.71
N TRP B 468 -48.85 31.13 20.25
CA TRP B 468 -47.76 32.07 20.49
C TRP B 468 -47.00 32.35 19.20
N ASP B 469 -46.23 33.43 19.23
CA ASP B 469 -45.34 33.74 18.12
C ASP B 469 -44.17 32.76 18.08
N MET B 470 -43.58 32.60 16.90
CA MET B 470 -42.42 31.72 16.76
C MET B 470 -41.18 32.28 17.44
N TRP B 471 -41.16 33.59 17.73
CA TRP B 471 -40.04 34.23 18.41
C TRP B 471 -40.24 34.27 19.92
N HIS B 472 -41.17 33.47 20.46
CA HIS B 472 -41.48 33.51 21.87
C HIS B 472 -40.32 32.96 22.70
N PRO B 473 -40.06 33.53 23.88
CA PRO B 473 -38.93 33.06 24.70
C PRO B 473 -39.04 31.61 25.14
N THR B 474 -40.25 31.08 25.34
CA THR B 474 -40.38 29.68 25.75
C THR B 474 -39.98 28.72 24.64
N LEU B 475 -40.36 29.03 23.41
CA LEU B 475 -40.01 28.18 22.27
C LEU B 475 -38.51 28.17 22.05
N VAL B 476 -37.87 29.34 22.11
CA VAL B 476 -36.42 29.43 21.96
C VAL B 476 -35.72 28.74 23.12
N ALA B 477 -36.26 28.87 24.33
CA ALA B 477 -35.67 28.22 25.49
C ALA B 477 -35.69 26.71 25.36
N GLU B 478 -36.82 26.14 24.91
CA GLU B 478 -36.90 24.71 24.73
C GLU B 478 -36.07 24.21 23.54
N ALA B 479 -35.96 25.01 22.47
CA ALA B 479 -35.09 24.64 21.36
C ALA B 479 -33.63 24.59 21.79
N LEU B 480 -33.18 25.61 22.55
CA LEU B 480 -31.82 25.61 23.05
C LEU B 480 -31.61 24.50 24.08
N PHE B 481 -32.65 24.15 24.83
CA PHE B 481 -32.56 23.01 25.75
C PHE B 481 -32.35 21.71 24.99
N ALA B 482 -33.06 21.53 23.86
CA ALA B 482 -32.89 20.34 23.04
C ALA B 482 -31.49 20.28 22.43
N ILE B 483 -30.99 21.41 21.92
CA ILE B 483 -29.64 21.42 21.35
C ILE B 483 -28.59 21.16 22.42
N ALA B 484 -28.78 21.73 23.62
CA ALA B 484 -27.87 21.47 24.72
C ALA B 484 -27.94 20.01 25.19
N ASN B 485 -29.11 19.38 25.09
CA ASN B 485 -29.22 17.96 25.37
C ASN B 485 -28.44 17.14 24.35
N ILE B 486 -28.48 17.54 23.07
CA ILE B 486 -27.68 16.88 22.05
C ILE B 486 -26.20 16.99 22.38
N PHE B 487 -25.74 18.19 22.75
CA PHE B 487 -24.33 18.40 23.07
C PHE B 487 -23.93 17.63 24.32
N SER B 488 -24.79 17.60 25.34
CA SER B 488 -24.49 16.90 26.58
C SER B 488 -24.40 15.39 26.36
N SER B 489 -25.29 14.84 25.54
CA SER B 489 -25.21 13.40 25.26
C SER B 489 -24.11 13.06 24.27
N LEU B 490 -23.69 14.01 23.43
CA LEU B 490 -22.55 13.80 22.54
C LEU B 490 -21.21 13.99 23.23
N ARG B 491 -21.22 14.58 24.43
CA ARG B 491 -20.00 14.65 25.23
C ARG B 491 -19.45 13.27 25.59
N LEU B 492 -20.31 12.24 25.60
CA LEU B 492 -19.92 10.88 25.98
C LEU B 492 -18.95 10.24 24.99
N ILE B 493 -18.73 10.83 23.82
CA ILE B 493 -17.71 10.34 22.89
C ILE B 493 -16.33 10.39 23.52
N SER B 494 -16.06 11.45 24.31
CA SER B 494 -14.77 11.63 24.97
C SER B 494 -14.51 10.59 26.06
N LEU B 495 -15.52 9.83 26.47
CA LEU B 495 -15.31 8.74 27.42
C LEU B 495 -14.65 7.53 26.80
N PHE B 496 -14.55 7.48 25.47
CA PHE B 496 -14.05 6.30 24.79
C PHE B 496 -12.53 6.18 24.86
N THR B 497 -11.82 7.24 25.24
CA THR B 497 -10.36 7.19 25.29
C THR B 497 -9.85 6.25 26.38
N ALA B 498 -10.63 6.06 27.44
CA ALA B 498 -10.24 5.12 28.48
C ALA B 498 -10.33 3.68 28.01
N ASN B 499 -11.31 3.37 27.17
CA ASN B 499 -11.47 2.02 26.65
C ASN B 499 -10.40 1.72 25.60
N SER B 500 -9.92 0.48 25.59
CA SER B 500 -8.84 0.08 24.70
C SER B 500 -9.31 -0.24 23.28
N HIS B 501 -10.61 -0.38 23.06
CA HIS B 501 -11.13 -0.72 21.74
C HIS B 501 -11.76 0.47 21.03
N LEU B 502 -12.50 1.31 21.74
CA LEU B 502 -13.12 2.49 21.16
C LEU B 502 -12.26 3.74 21.24
N GLY B 503 -11.04 3.61 21.78
CA GLY B 503 -10.12 4.72 21.90
C GLY B 503 -9.49 5.17 20.60
N PRO B 504 -8.68 4.30 19.97
CA PRO B 504 -7.99 4.70 18.73
C PRO B 504 -8.93 5.08 17.59
N LEU B 505 -10.11 4.49 17.52
CA LEU B 505 -11.08 4.89 16.49
C LEU B 505 -11.53 6.33 16.67
N GLN B 506 -11.85 6.71 17.91
CA GLN B 506 -12.26 8.09 18.18
C GLN B 506 -11.09 9.06 18.00
N ILE B 507 -9.87 8.62 18.34
CA ILE B 507 -8.71 9.48 18.14
C ILE B 507 -8.46 9.72 16.65
N SER B 508 -8.56 8.67 15.83
CA SER B 508 -8.43 8.83 14.38
C SER B 508 -9.52 9.73 13.82
N LEU B 509 -10.75 9.57 14.32
CA LEU B 509 -11.87 10.44 13.94
C LEU B 509 -11.56 11.91 14.20
N GLY B 510 -11.09 12.20 15.43
CA GLY B 510 -10.74 13.58 15.76
C GLY B 510 -9.53 14.09 15.01
N ARG B 511 -8.65 13.18 14.58
CA ARG B 511 -7.50 13.59 13.78
C ARG B 511 -7.91 13.99 12.36
N MET B 512 -8.88 13.28 11.78
CA MET B 512 -9.25 13.59 10.39
C MET B 512 -10.44 14.54 10.27
N LEU B 513 -11.03 14.99 11.39
CA LEU B 513 -12.02 16.08 11.31
C LEU B 513 -11.48 17.34 10.64
N LEU B 514 -10.20 17.64 10.80
CA LEU B 514 -9.62 18.82 10.15
C LEU B 514 -9.66 18.70 8.63
N ASP B 515 -9.29 17.53 8.11
CA ASP B 515 -9.37 17.30 6.67
C ASP B 515 -10.82 17.30 6.19
N ILE B 516 -11.74 16.77 7.01
CA ILE B 516 -13.16 16.79 6.66
C ILE B 516 -13.66 18.23 6.53
N LEU B 517 -13.27 19.10 7.46
CA LEU B 517 -13.68 20.51 7.37
C LEU B 517 -13.02 21.21 6.18
N LYS B 518 -11.78 20.82 5.86
CA LYS B 518 -11.11 21.36 4.68
C LYS B 518 -11.87 21.00 3.41
N PHE B 519 -12.41 19.79 3.34
CA PHE B 519 -13.26 19.41 2.22
C PHE B 519 -14.61 20.13 2.23
N LEU B 520 -15.18 20.33 3.43
CA LEU B 520 -16.47 20.99 3.55
C LEU B 520 -16.40 22.45 3.09
N PHE B 521 -15.22 23.07 3.19
CA PHE B 521 -15.05 24.43 2.67
C PHE B 521 -15.30 24.47 1.15
N ILE B 522 -14.64 23.58 0.40
CA ILE B 522 -14.82 23.59 -1.05
C ILE B 522 -16.21 23.09 -1.43
N TYR B 523 -16.80 22.19 -0.63
CA TYR B 523 -18.17 21.78 -0.91
C TYR B 523 -19.14 22.95 -0.70
N CYS B 524 -18.92 23.76 0.33
CA CYS B 524 -19.76 24.93 0.56
C CYS B 524 -19.58 25.95 -0.55
N LEU B 525 -18.37 26.06 -1.12
CA LEU B 525 -18.16 26.92 -2.28
C LEU B 525 -18.99 26.44 -3.48
N VAL B 526 -18.97 25.13 -3.74
CA VAL B 526 -19.75 24.57 -4.85
C VAL B 526 -21.25 24.75 -4.60
N LEU B 527 -21.68 24.52 -3.35
CA LEU B 527 -23.09 24.71 -2.97
C LEU B 527 -23.51 26.16 -3.17
N LEU B 528 -22.68 27.11 -2.77
CA LEU B 528 -22.99 28.52 -2.95
C LEU B 528 -23.10 28.89 -4.41
N ALA B 529 -22.20 28.34 -5.25
CA ALA B 529 -22.25 28.61 -6.69
C ALA B 529 -23.55 28.11 -7.30
N PHE B 530 -23.89 26.84 -7.06
CA PHE B 530 -25.08 26.28 -7.68
C PHE B 530 -26.35 26.86 -7.08
N ALA B 531 -26.34 27.22 -5.79
CA ALA B 531 -27.50 27.88 -5.18
C ALA B 531 -27.72 29.25 -5.76
N ASN B 532 -26.63 30.02 -5.99
CA ASN B 532 -26.75 31.32 -6.64
C ASN B 532 -27.33 31.19 -8.03
N GLY B 533 -26.85 30.22 -8.80
CA GLY B 533 -27.38 30.03 -10.15
C GLY B 533 -28.84 29.63 -10.17
N LEU B 534 -29.22 28.67 -9.31
CA LEU B 534 -30.59 28.19 -9.29
C LEU B 534 -31.55 29.25 -8.76
N ASN B 535 -31.12 30.04 -7.76
CA ASN B 535 -31.94 31.15 -7.28
C ASN B 535 -32.08 32.24 -8.33
N GLN B 536 -31.00 32.51 -9.10
CA GLN B 536 -31.10 33.49 -10.18
C GLN B 536 -32.09 33.04 -11.25
N LEU B 537 -32.09 31.74 -11.56
CA LEU B 537 -32.99 31.25 -12.60
C LEU B 537 -34.44 31.18 -12.11
N TYR B 538 -34.67 30.73 -10.88
CA TYR B 538 -36.00 30.30 -10.46
C TYR B 538 -36.75 31.31 -9.61
N PHE B 539 -36.20 32.50 -9.35
CA PHE B 539 -36.90 33.44 -8.48
C PHE B 539 -37.93 34.30 -9.21
N TYR B 540 -38.05 34.15 -10.54
CA TYR B 540 -39.15 34.79 -11.26
C TYR B 540 -40.45 34.01 -11.14
N TYR B 541 -40.42 32.81 -10.57
CA TYR B 541 -41.60 31.96 -10.42
C TYR B 541 -41.71 31.60 -8.94
N GLU B 542 -42.44 32.42 -8.19
CA GLU B 542 -42.59 32.22 -6.75
C GLU B 542 -44.06 32.42 -6.38
N GLU B 543 -44.62 31.46 -5.67
CA GLU B 543 -46.00 31.54 -5.22
C GLU B 543 -46.11 31.53 -3.71
N LEU B 547 -51.27 29.45 -0.45
CA LEU B 547 -50.43 28.27 -0.25
C LEU B 547 -50.49 27.79 1.19
N THR B 548 -50.84 26.52 1.38
CA THR B 548 -50.94 25.98 2.73
C THR B 548 -49.56 25.73 3.34
N CYS B 549 -48.58 25.39 2.53
CA CYS B 549 -47.23 25.10 3.02
C CYS B 549 -46.24 25.46 1.93
N LYS B 550 -45.41 26.48 2.18
CA LYS B 550 -44.42 26.94 1.23
C LYS B 550 -43.04 26.46 1.70
N GLY B 551 -42.33 25.77 0.81
CA GLY B 551 -40.99 25.30 1.10
C GLY B 551 -40.83 23.86 0.68
N ILE B 552 -39.71 23.27 1.11
CA ILE B 552 -39.37 21.89 0.77
C ILE B 552 -39.74 20.90 1.86
N ARG B 553 -40.18 21.38 3.03
CA ARG B 553 -40.53 20.51 4.15
C ARG B 553 -42.02 20.24 4.23
N CYS B 554 -42.69 20.18 3.08
CA CYS B 554 -44.10 19.85 2.99
C CYS B 554 -44.27 18.54 2.24
N GLU B 555 -45.51 18.04 2.22
CA GLU B 555 -45.80 16.83 1.46
C GLU B 555 -45.65 17.07 -0.04
N LYS B 556 -46.17 18.19 -0.53
CA LYS B 556 -45.98 18.62 -1.90
C LYS B 556 -44.99 19.78 -1.87
N GLN B 557 -43.75 19.51 -2.27
CA GLN B 557 -42.69 20.50 -2.18
C GLN B 557 -42.84 21.53 -3.29
N ASN B 558 -42.81 22.81 -2.91
CA ASN B 558 -42.95 23.91 -3.86
C ASN B 558 -42.02 25.04 -3.44
N ASN B 559 -41.68 25.89 -4.41
CA ASN B 559 -40.80 27.05 -4.23
C ASN B 559 -39.45 26.64 -3.63
N ALA B 560 -38.89 25.55 -4.16
CA ALA B 560 -37.62 25.05 -3.65
C ALA B 560 -36.45 25.97 -3.97
N PHE B 561 -36.51 26.70 -5.08
CA PHE B 561 -35.44 27.61 -5.45
C PHE B 561 -35.92 29.05 -5.61
N SER B 562 -37.02 29.41 -4.94
CA SER B 562 -37.55 30.76 -5.04
C SER B 562 -36.72 31.77 -4.28
N THR B 563 -36.17 31.39 -3.13
CA THR B 563 -35.30 32.25 -2.34
C THR B 563 -33.95 31.58 -2.14
N LEU B 564 -32.96 32.39 -1.78
CA LEU B 564 -31.61 31.89 -1.61
C LEU B 564 -31.51 30.92 -0.44
N PHE B 565 -32.21 31.21 0.66
CA PHE B 565 -32.22 30.31 1.81
C PHE B 565 -32.87 28.97 1.46
N GLU B 566 -34.00 29.01 0.77
CA GLU B 566 -34.67 27.78 0.37
C GLU B 566 -33.86 27.02 -0.68
N THR B 567 -33.16 27.74 -1.56
CA THR B 567 -32.27 27.09 -2.52
C THR B 567 -31.12 26.37 -1.82
N LEU B 568 -30.53 27.02 -0.81
CA LEU B 568 -29.47 26.38 -0.04
C LEU B 568 -29.99 25.16 0.70
N GLN B 569 -31.18 25.26 1.29
CA GLN B 569 -31.77 24.11 1.98
C GLN B 569 -32.05 22.96 1.04
N SER B 570 -32.61 23.25 -0.15
CA SER B 570 -32.92 22.19 -1.10
C SER B 570 -31.66 21.54 -1.65
N LEU B 571 -30.63 22.34 -1.95
CA LEU B 571 -29.39 21.77 -2.44
C LEU B 571 -28.64 21.01 -1.35
N PHE B 572 -28.83 21.39 -0.08
CA PHE B 572 -28.27 20.62 1.01
C PHE B 572 -28.99 19.29 1.17
N TRP B 573 -30.31 19.29 1.08
CA TRP B 573 -31.08 18.06 1.22
C TRP B 573 -31.00 17.16 0.00
N SER B 574 -30.52 17.68 -1.13
CA SER B 574 -30.40 16.88 -2.35
C SER B 574 -29.28 15.84 -2.27
N ILE B 575 -28.39 15.90 -1.28
CA ILE B 575 -27.38 14.86 -1.13
C ILE B 575 -28.03 13.55 -0.71
N PHE B 576 -29.05 13.62 0.14
CA PHE B 576 -29.71 12.45 0.69
C PHE B 576 -30.92 12.02 -0.14
N GLY B 577 -31.17 12.68 -1.27
CA GLY B 577 -32.28 12.31 -2.11
C GLY B 577 -33.64 12.66 -1.54
N LEU B 578 -33.70 13.66 -0.67
CA LEU B 578 -34.94 14.06 -0.02
C LEU B 578 -35.63 15.23 -0.73
N ILE B 579 -35.17 15.59 -1.92
CA ILE B 579 -35.80 16.61 -2.74
C ILE B 579 -36.27 15.94 -4.02
N ASN B 580 -37.56 16.04 -4.30
CA ASN B 580 -38.16 15.36 -5.43
C ASN B 580 -37.88 16.12 -6.73
N LEU B 581 -38.25 15.48 -7.85
CA LEU B 581 -37.92 16.01 -9.16
C LEU B 581 -38.93 17.04 -9.68
N TYR B 582 -40.11 17.15 -9.07
CA TYR B 582 -41.08 18.12 -9.55
C TYR B 582 -40.82 19.53 -9.03
N VAL B 583 -39.85 19.70 -8.14
CA VAL B 583 -39.53 21.03 -7.61
C VAL B 583 -38.82 21.90 -8.64
N THR B 584 -38.33 21.32 -9.73
CA THR B 584 -37.75 22.07 -10.83
C THR B 584 -38.79 22.49 -11.86
N ASN B 585 -40.06 22.16 -11.65
CA ASN B 585 -41.13 22.45 -12.58
C ASN B 585 -41.88 23.70 -12.11
N VAL B 586 -41.97 24.70 -12.98
CA VAL B 586 -42.73 25.91 -12.70
C VAL B 586 -44.15 25.74 -13.19
N LYS B 587 -45.05 26.59 -12.72
CA LYS B 587 -46.44 26.59 -13.17
C LYS B 587 -46.66 27.48 -14.38
N ALA B 588 -45.61 28.13 -14.88
CA ALA B 588 -45.71 29.01 -16.04
C ALA B 588 -45.55 28.27 -17.36
N GLN B 589 -45.29 26.95 -17.31
CA GLN B 589 -45.17 26.07 -18.48
C GLN B 589 -44.06 26.55 -19.43
N HIS B 590 -42.96 27.03 -18.86
CA HIS B 590 -41.77 27.39 -19.62
C HIS B 590 -40.84 26.19 -19.60
N GLU B 591 -40.88 25.40 -20.68
CA GLU B 591 -40.17 24.13 -20.69
C GLU B 591 -38.67 24.30 -20.83
N PHE B 592 -38.22 25.37 -21.48
CA PHE B 592 -36.78 25.60 -21.62
C PHE B 592 -36.13 25.95 -20.29
N THR B 593 -36.75 26.86 -19.52
CA THR B 593 -36.21 27.20 -18.22
C THR B 593 -36.34 26.04 -17.24
N GLU B 594 -37.40 25.24 -17.35
CA GLU B 594 -37.52 24.03 -16.55
C GLU B 594 -36.41 23.04 -16.85
N PHE B 595 -36.10 22.86 -18.14
CA PHE B 595 -35.01 21.95 -18.53
C PHE B 595 -33.66 22.47 -18.07
N VAL B 596 -33.45 23.79 -18.14
CA VAL B 596 -32.18 24.36 -17.71
C VAL B 596 -32.02 24.24 -16.20
N GLY B 597 -33.08 24.47 -15.43
CA GLY B 597 -33.02 24.27 -13.99
C GLY B 597 -32.83 22.82 -13.60
N ALA B 598 -33.47 21.91 -14.33
CA ALA B 598 -33.25 20.49 -14.08
C ALA B 598 -31.84 20.06 -14.45
N THR B 599 -31.25 20.68 -15.48
CA THR B 599 -29.86 20.41 -15.83
C THR B 599 -28.91 20.93 -14.76
N MET B 600 -29.21 22.09 -14.18
CA MET B 600 -28.42 22.58 -13.05
C MET B 600 -28.53 21.65 -11.86
N PHE B 601 -29.73 21.17 -11.56
CA PHE B 601 -29.91 20.23 -10.46
C PHE B 601 -29.16 18.93 -10.71
N GLY B 602 -29.20 18.44 -11.96
CA GLY B 602 -28.47 17.23 -12.29
C GLY B 602 -26.97 17.39 -12.22
N THR B 603 -26.45 18.53 -12.69
CA THR B 603 -25.02 18.80 -12.62
C THR B 603 -24.56 18.93 -11.18
N TYR B 604 -25.34 19.62 -10.34
CA TYR B 604 -25.02 19.71 -8.93
C TYR B 604 -25.04 18.36 -8.25
N ASN B 605 -26.04 17.53 -8.58
CA ASN B 605 -26.13 16.20 -8.00
C ASN B 605 -24.94 15.34 -8.41
N VAL B 606 -24.53 15.43 -9.69
CA VAL B 606 -23.37 14.68 -10.16
C VAL B 606 -22.11 15.11 -9.42
N ILE B 607 -21.88 16.43 -9.36
CA ILE B 607 -20.67 16.96 -8.73
C ILE B 607 -20.63 16.61 -7.24
N SER B 608 -21.75 16.75 -6.55
CA SER B 608 -21.77 16.54 -5.11
C SER B 608 -21.95 15.08 -4.70
N LEU B 609 -22.32 14.18 -5.60
CA LEU B 609 -22.55 12.79 -5.23
C LEU B 609 -21.61 11.82 -5.92
N VAL B 610 -21.53 11.87 -7.25
CA VAL B 610 -20.66 10.93 -7.95
C VAL B 610 -19.20 11.37 -7.85
N VAL B 611 -18.97 12.67 -7.72
CA VAL B 611 -17.62 13.22 -7.82
C VAL B 611 -17.07 13.55 -6.43
N LEU B 612 -17.70 14.50 -5.73
CA LEU B 612 -17.13 15.01 -4.49
C LEU B 612 -17.26 14.02 -3.34
N LEU B 613 -18.35 13.25 -3.30
CA LEU B 613 -18.51 12.27 -2.22
C LEU B 613 -17.46 11.17 -2.33
N ASN B 614 -17.21 10.67 -3.53
CA ASN B 614 -16.19 9.65 -3.71
C ASN B 614 -14.79 10.21 -3.56
N MET B 615 -14.61 11.50 -3.90
CA MET B 615 -13.36 12.19 -3.62
C MET B 615 -13.09 12.25 -2.12
N LEU B 616 -14.14 12.54 -1.33
CA LEU B 616 -14.04 12.49 0.11
C LEU B 616 -13.71 11.09 0.59
N ILE B 617 -14.30 10.07 -0.03
CA ILE B 617 -14.02 8.68 0.32
C ILE B 617 -12.54 8.36 0.13
N ALA B 618 -12.00 8.72 -1.04
CA ALA B 618 -10.61 8.43 -1.36
C ALA B 618 -9.65 9.16 -0.43
N MET B 619 -9.92 10.44 -0.15
CA MET B 619 -9.00 11.18 0.70
C MET B 619 -9.14 10.77 2.16
N MET B 620 -10.32 10.29 2.58
CA MET B 620 -10.45 9.72 3.92
C MET B 620 -9.68 8.43 4.03
N ASN B 621 -9.67 7.62 2.95
CA ASN B 621 -8.87 6.40 2.95
C ASN B 621 -7.39 6.72 3.11
N ASN B 622 -6.92 7.73 2.37
CA ASN B 622 -5.51 8.14 2.48
C ASN B 622 -5.18 8.68 3.87
N SER B 623 -6.07 9.52 4.41
CA SER B 623 -5.84 10.11 5.74
C SER B 623 -5.85 9.05 6.83
N TYR B 624 -6.77 8.09 6.75
CA TYR B 624 -6.79 7.02 7.75
C TYR B 624 -5.58 6.11 7.63
N GLN B 625 -5.10 5.87 6.40
CA GLN B 625 -3.88 5.09 6.24
C GLN B 625 -2.68 5.81 6.83
N LEU B 626 -2.64 7.14 6.70
CA LEU B 626 -1.56 7.90 7.33
C LEU B 626 -1.70 7.91 8.86
N ILE B 627 -2.92 7.97 9.36
CA ILE B 627 -3.14 8.10 10.81
C ILE B 627 -2.87 6.79 11.53
N ALA B 628 -3.28 5.66 10.95
CA ALA B 628 -3.28 4.38 11.65
C ALA B 628 -1.88 3.86 11.98
N ASP B 629 -0.83 4.45 11.42
CA ASP B 629 0.52 4.05 11.81
C ASP B 629 0.86 4.50 13.23
N HIS B 630 0.44 5.70 13.61
CA HIS B 630 0.74 6.26 14.94
C HIS B 630 -0.54 6.45 15.75
N ALA B 631 -1.63 5.82 15.30
CA ALA B 631 -2.89 5.85 16.06
C ALA B 631 -2.74 5.26 17.46
N ASP B 632 -1.86 4.27 17.64
CA ASP B 632 -1.67 3.67 18.96
C ASP B 632 -1.05 4.66 19.94
N ILE B 633 0.04 5.33 19.53
CA ILE B 633 0.69 6.28 20.43
C ILE B 633 -0.17 7.52 20.62
N GLU B 634 -0.96 7.90 19.60
CA GLU B 634 -1.90 9.01 19.78
C GLU B 634 -3.00 8.67 20.78
N TRP B 635 -3.53 7.44 20.70
CA TRP B 635 -4.54 7.01 21.67
C TRP B 635 -3.96 6.94 23.07
N LYS B 636 -2.73 6.46 23.21
CA LYS B 636 -2.13 6.39 24.53
C LYS B 636 -1.80 7.77 25.09
N PHE B 637 -1.44 8.72 24.23
CA PHE B 637 -1.28 10.11 24.64
C PHE B 637 -2.59 10.70 25.15
N ALA B 638 -3.69 10.47 24.43
CA ALA B 638 -4.99 10.95 24.88
C ALA B 638 -5.42 10.26 26.17
N ARG B 639 -5.13 8.96 26.30
CA ARG B 639 -5.50 8.22 27.48
C ARG B 639 -4.73 8.69 28.71
N THR B 640 -3.44 8.98 28.57
CA THR B 640 -2.71 9.48 29.73
C THR B 640 -3.05 10.94 30.03
N LYS B 641 -3.48 11.72 29.03
CA LYS B 641 -4.02 13.04 29.35
C LYS B 641 -5.30 12.93 30.17
N LEU B 642 -6.17 11.99 29.78
CA LEU B 642 -7.39 11.74 30.56
C LEU B 642 -7.06 11.22 31.96
N TRP B 643 -6.00 10.41 32.08
CA TRP B 643 -5.59 9.89 33.38
C TRP B 643 -5.05 10.98 34.29
N MET B 644 -4.17 11.85 33.76
CA MET B 644 -3.66 12.96 34.55
C MET B 644 -4.71 14.03 34.80
N SER B 645 -5.81 14.02 34.05
CA SER B 645 -6.95 14.86 34.41
C SER B 645 -7.56 14.44 35.75
N TYR B 646 -7.42 13.16 36.13
CA TYR B 646 -7.93 12.67 37.39
C TYR B 646 -6.84 12.38 38.42
N PHE B 647 -5.56 12.43 38.02
CA PHE B 647 -4.49 12.20 38.98
C PHE B 647 -4.34 13.34 40.00
N GLU B 648 -4.81 14.53 39.66
CA GLU B 648 -4.66 15.68 40.54
C GLU B 648 -5.56 15.56 41.77
N GLU B 649 -5.13 16.20 42.85
CA GLU B 649 -5.88 16.19 44.11
C GLU B 649 -6.88 17.34 44.21
N GLY B 650 -7.03 18.14 43.16
CA GLY B 650 -7.97 19.24 43.16
C GLY B 650 -9.14 18.96 42.24
N GLY B 651 -10.32 19.39 42.67
CA GLY B 651 -11.55 19.14 41.91
C GLY B 651 -11.93 17.68 41.85
N THR B 652 -11.76 16.95 42.96
CA THR B 652 -12.06 15.52 42.98
C THR B 652 -13.54 15.23 43.22
N LEU B 653 -14.30 16.21 43.66
CA LEU B 653 -15.72 15.99 43.91
C LEU B 653 -16.49 15.93 42.60
N PRO B 654 -17.54 15.10 42.51
CA PRO B 654 -18.36 15.07 41.29
C PRO B 654 -19.19 16.32 41.11
N THR B 655 -19.94 16.38 40.00
CA THR B 655 -20.67 17.59 39.64
C THR B 655 -21.74 18.04 40.64
N PRO B 656 -22.63 17.19 41.20
CA PRO B 656 -23.64 17.73 42.12
C PRO B 656 -23.11 18.08 43.50
N PHE B 657 -21.81 17.92 43.76
CA PHE B 657 -21.23 18.26 45.05
C PHE B 657 -20.01 19.17 44.96
N ASN B 658 -19.54 19.51 43.77
CA ASN B 658 -18.33 20.33 43.65
C ASN B 658 -18.61 21.82 43.79
N VAL B 659 -19.87 22.23 43.91
CA VAL B 659 -20.21 23.63 44.09
C VAL B 659 -19.91 24.07 45.52
N ARG B 695 15.16 23.23 52.80
CA ARG B 695 14.51 23.09 51.51
C ARG B 695 15.55 22.93 50.40
N ALA B 696 16.63 23.72 50.49
CA ALA B 696 17.68 23.67 49.48
C ALA B 696 18.46 22.36 49.53
N ALA B 697 18.56 21.75 50.72
CA ALA B 697 19.26 20.48 50.84
C ALA B 697 18.51 19.36 50.11
N ASP B 698 17.18 19.32 50.25
CA ASP B 698 16.38 18.32 49.55
C ASP B 698 16.41 18.55 48.04
N ASN B 699 16.40 19.81 47.61
CA ASN B 699 16.51 20.10 46.19
C ASN B 699 17.87 19.69 45.64
N LEU B 700 18.94 19.91 46.41
CA LEU B 700 20.27 19.47 45.98
C LEU B 700 20.36 17.95 45.92
N ARG B 701 19.74 17.26 46.89
CA ARG B 701 19.71 15.80 46.86
C ARG B 701 18.94 15.28 45.64
N ARG B 702 17.80 15.91 45.33
CA ARG B 702 17.03 15.55 44.14
C ARG B 702 17.83 15.79 42.87
N HIS B 703 18.54 16.91 42.80
CA HIS B 703 19.36 17.21 41.62
C HIS B 703 20.52 16.21 41.48
N HIS B 704 21.13 15.83 42.60
CA HIS B 704 22.22 14.85 42.55
C HIS B 704 21.72 13.47 42.11
N GLN B 705 20.56 13.05 42.63
CA GLN B 705 19.98 11.79 42.21
C GLN B 705 19.62 11.80 40.72
N TYR B 706 19.03 12.91 40.25
CA TYR B 706 18.69 13.02 38.85
C TYR B 706 19.93 13.05 37.97
N GLN B 707 21.01 13.69 38.44
CA GLN B 707 22.23 13.73 37.65
C GLN B 707 22.90 12.36 37.57
N GLU B 708 22.88 11.60 38.67
CA GLU B 708 23.41 10.23 38.64
C GLU B 708 22.60 9.34 37.70
N VAL B 709 21.27 9.42 37.78
CA VAL B 709 20.41 8.66 36.88
C VAL B 709 20.63 9.09 35.44
N MET B 710 20.86 10.39 35.22
CA MET B 710 21.07 10.89 33.86
C MET B 710 22.39 10.43 33.27
N ARG B 711 23.47 10.42 34.07
CA ARG B 711 24.74 9.94 33.51
C ARG B 711 24.69 8.44 33.27
N ASN B 712 24.01 7.68 34.14
CA ASN B 712 23.79 6.27 33.86
C ASN B 712 22.99 6.06 32.58
N LEU B 713 21.94 6.86 32.39
CA LEU B 713 21.09 6.73 31.21
C LEU B 713 21.83 7.09 29.93
N VAL B 714 22.63 8.15 29.95
CA VAL B 714 23.35 8.51 28.72
C VAL B 714 24.49 7.54 28.47
N LYS B 715 25.07 6.94 29.51
CA LYS B 715 26.05 5.88 29.31
C LYS B 715 25.42 4.67 28.63
N ARG B 716 24.24 4.26 29.10
CA ARG B 716 23.53 3.16 28.47
C ARG B 716 23.11 3.51 27.05
N TYR B 717 22.74 4.77 26.80
CA TYR B 717 22.31 5.18 25.47
C TYR B 717 23.47 5.18 24.48
N VAL B 718 24.63 5.70 24.89
CA VAL B 718 25.77 5.69 23.97
C VAL B 718 26.29 4.27 23.78
N ALA B 719 26.17 3.41 24.80
CA ALA B 719 26.52 2.00 24.61
C ALA B 719 25.58 1.33 23.61
N ALA B 720 24.28 1.59 23.73
CA ALA B 720 23.31 1.01 22.80
C ALA B 720 23.53 1.52 21.38
N MET B 721 23.85 2.81 21.23
CA MET B 721 24.12 3.34 19.91
C MET B 721 25.43 2.79 19.33
N ILE B 722 26.42 2.51 20.19
CA ILE B 722 27.67 1.94 19.71
C ILE B 722 27.46 0.51 19.21
N ARG B 723 26.74 -0.31 20.00
CA ARG B 723 26.48 -1.68 19.59
C ARG B 723 25.33 -1.86 18.61
N ASP B 724 24.75 -0.75 18.13
CA ASP B 724 23.70 -0.86 17.08
C ASP B 724 24.21 -0.18 15.82
N ALA B 725 25.26 0.64 15.94
CA ALA B 725 25.81 1.37 14.79
C ALA B 725 27.06 0.69 14.25
N LYS B 726 27.90 0.13 15.12
CA LYS B 726 29.11 -0.56 14.67
C LYS B 726 28.79 -1.90 14.02
N THR B 727 27.59 -2.43 14.21
CA THR B 727 27.14 -3.64 13.56
C THR B 727 25.69 -3.45 13.16
N GLU B 728 25.12 -4.49 12.51
CA GLU B 728 23.73 -4.50 12.04
C GLU B 728 23.43 -3.33 11.11
N GLU B 729 24.40 -3.01 10.25
CA GLU B 729 24.25 -1.89 9.28
C GLU B 729 24.96 -2.30 7.99
N GLY B 730 24.31 -2.13 6.83
CA GLY B 730 24.90 -2.59 5.54
C GLY B 730 26.22 -1.93 5.22
N LEU B 731 27.03 -2.57 4.38
CA LEU B 731 28.35 -2.00 3.97
C LEU B 731 28.11 -0.84 3.00
N THR B 732 29.05 0.10 2.93
CA THR B 732 28.96 1.15 1.88
C THR B 732 29.87 0.63 0.76
N GLU B 733 30.11 1.42 -0.27
CA GLU B 733 31.09 0.96 -1.30
C GLU B 733 32.47 1.39 -0.80
N GLU B 734 32.53 2.34 0.12
CA GLU B 734 33.82 2.88 0.65
C GLU B 734 34.53 1.84 1.53
N ASN B 735 33.82 1.21 2.47
CA ASN B 735 34.50 0.28 3.40
C ASN B 735 35.32 -0.72 2.58
N PHE B 736 34.69 -1.39 1.61
CA PHE B 736 35.42 -2.32 0.71
C PHE B 736 36.59 -1.58 0.07
N LYS B 737 36.38 -0.30 -0.29
CA LYS B 737 37.46 0.51 -0.88
C LYS B 737 38.58 0.66 0.13
N GLU B 738 38.24 0.94 1.39
CA GLU B 738 39.26 1.05 2.46
C GLU B 738 39.98 -0.30 2.59
N LEU B 739 39.21 -1.39 2.58
CA LEU B 739 39.80 -2.75 2.71
C LEU B 739 40.77 -2.96 1.55
N LYS B 740 40.45 -2.42 0.37
CA LYS B 740 41.32 -2.58 -0.78
C LYS B 740 42.61 -1.77 -0.61
N GLN B 741 42.50 -0.56 -0.05
CA GLN B 741 43.68 0.25 0.21
C GLN B 741 44.55 -0.40 1.29
N ASP B 742 43.92 -1.04 2.28
CA ASP B 742 44.69 -1.72 3.32
C ASP B 742 45.50 -2.88 2.75
N ILE B 743 44.86 -3.75 1.96
CA ILE B 743 45.59 -4.87 1.36
C ILE B 743 46.63 -4.37 0.36
N SER B 744 46.33 -3.29 -0.37
CA SER B 744 47.29 -2.75 -1.32
C SER B 744 48.52 -2.18 -0.63
N SER B 745 48.31 -1.39 0.44
CA SER B 745 49.43 -0.84 1.19
C SER B 745 50.25 -1.94 1.86
N PHE B 746 49.57 -2.99 2.34
CA PHE B 746 50.29 -4.15 2.85
C PHE B 746 51.13 -4.82 1.76
N ARG B 747 50.60 -4.89 0.53
CA ARG B 747 51.34 -5.51 -0.56
C ARG B 747 52.58 -4.70 -0.94
N PHE B 748 52.44 -3.37 -1.06
CA PHE B 748 53.62 -2.56 -1.34
C PHE B 748 54.62 -2.55 -0.17
N GLU B 749 54.12 -2.65 1.07
CA GLU B 749 55.04 -2.76 2.20
C GLU B 749 55.83 -4.06 2.16
N VAL B 750 55.16 -5.17 1.84
CA VAL B 750 55.83 -6.45 1.71
C VAL B 750 56.85 -6.43 0.57
N LEU B 751 56.48 -5.83 -0.57
CA LEU B 751 57.40 -5.74 -1.70
C LEU B 751 58.60 -4.86 -1.37
N GLY B 752 58.39 -3.77 -0.62
CA GLY B 752 59.50 -2.94 -0.18
C GLY B 752 60.41 -3.65 0.81
N LEU B 753 59.82 -4.47 1.68
CA LEU B 753 60.63 -5.23 2.65
C LEU B 753 61.48 -6.29 1.95
N LEU B 754 60.93 -6.93 0.93
CA LEU B 754 61.66 -7.96 0.19
C LEU B 754 61.99 -7.49 -1.22
N ARG C 15 10.35 -44.57 -23.44
CA ARG C 15 11.34 -43.82 -22.67
C ARG C 15 10.71 -43.20 -21.43
N ASP C 16 11.04 -43.77 -20.26
CA ASP C 16 10.55 -43.26 -18.98
C ASP C 16 11.46 -42.22 -18.36
N ARG C 17 12.59 -41.91 -19.00
CA ARG C 17 13.52 -40.90 -18.51
C ARG C 17 13.85 -39.93 -19.63
N ILE C 18 14.19 -38.71 -19.25
CA ILE C 18 14.55 -37.66 -20.20
C ILE C 18 16.07 -37.68 -20.38
N PRO C 19 16.58 -38.05 -21.55
CA PRO C 19 18.04 -38.04 -21.76
C PRO C 19 18.53 -36.63 -22.05
N LEU C 20 19.28 -36.06 -21.12
CA LEU C 20 19.75 -34.69 -21.22
C LEU C 20 21.07 -34.64 -21.98
N ARG C 21 21.10 -33.84 -23.05
CA ARG C 21 22.29 -33.66 -23.86
C ARG C 21 22.43 -32.19 -24.19
N ILE C 22 23.67 -31.77 -24.47
CA ILE C 22 23.92 -30.39 -24.86
C ILE C 22 23.56 -30.23 -26.33
N VAL C 23 22.62 -29.31 -26.61
CA VAL C 23 22.20 -29.06 -27.98
C VAL C 23 23.12 -28.07 -28.66
N ARG C 24 23.46 -26.98 -27.98
CA ARG C 24 24.35 -25.96 -28.52
C ARG C 24 25.76 -26.25 -28.04
N ALA C 25 26.45 -27.14 -28.75
CA ALA C 25 27.80 -27.53 -28.40
C ALA C 25 28.82 -26.58 -29.01
N GLU C 26 29.98 -26.50 -28.36
CA GLU C 26 31.07 -25.65 -28.83
C GLU C 26 32.32 -26.48 -29.05
N SER C 27 33.43 -25.82 -29.37
CA SER C 27 34.71 -26.50 -29.54
C SER C 27 35.44 -26.73 -28.23
N GLU C 28 34.95 -26.15 -27.13
CA GLU C 28 35.51 -26.27 -25.78
C GLU C 28 36.95 -25.81 -25.70
N LEU C 29 37.66 -26.20 -24.65
CA LEU C 29 39.04 -25.80 -24.44
C LEU C 29 39.88 -27.01 -24.06
N SER C 30 41.15 -26.97 -24.47
CA SER C 30 42.11 -27.99 -24.05
C SER C 30 42.40 -27.85 -22.56
N PRO C 31 42.85 -28.93 -21.91
CA PRO C 31 43.26 -28.81 -20.49
C PRO C 31 44.38 -27.82 -20.25
N SER C 32 45.31 -27.68 -21.20
CA SER C 32 46.33 -26.64 -21.08
C SER C 32 45.71 -25.25 -21.16
N GLU C 33 44.77 -25.05 -22.08
CA GLU C 33 44.11 -23.74 -22.19
C GLU C 33 43.20 -23.49 -20.98
N LYS C 34 42.57 -24.54 -20.45
CA LYS C 34 41.77 -24.39 -19.24
C LYS C 34 42.64 -24.01 -18.05
N ALA C 35 43.83 -24.62 -17.93
CA ALA C 35 44.75 -24.25 -16.86
C ALA C 35 45.28 -22.83 -17.06
N TYR C 36 45.47 -22.42 -18.32
CA TYR C 36 45.89 -21.05 -18.60
C TYR C 36 44.81 -20.05 -18.21
N LEU C 37 43.54 -20.36 -18.48
CA LEU C 37 42.45 -19.48 -18.06
C LEU C 37 42.32 -19.46 -16.54
N ASN C 38 42.58 -20.60 -15.89
CA ASN C 38 42.58 -20.62 -14.42
C ASN C 38 43.72 -19.79 -13.86
N ALA C 39 44.87 -19.77 -14.54
CA ALA C 39 45.98 -18.91 -14.14
C ALA C 39 45.63 -17.44 -14.34
N VAL C 40 44.87 -17.12 -15.39
CA VAL C 40 44.36 -15.76 -15.57
C VAL C 40 43.43 -15.40 -14.41
N GLU C 41 42.55 -16.33 -14.02
CA GLU C 41 41.55 -16.06 -13.00
C GLU C 41 42.18 -15.87 -11.62
N LYS C 42 43.07 -16.79 -11.22
CA LYS C 42 43.60 -16.77 -9.85
C LYS C 42 44.55 -15.60 -9.63
N GLY C 43 45.41 -15.31 -10.60
CA GLY C 43 46.39 -14.25 -10.44
C GLY C 43 47.83 -14.73 -10.41
N ASP C 44 48.07 -15.93 -10.94
CA ASP C 44 49.43 -16.44 -11.12
C ASP C 44 50.11 -15.69 -12.25
N TYR C 45 50.84 -14.62 -11.92
CA TYR C 45 51.54 -13.84 -12.93
C TYR C 45 52.65 -14.65 -13.60
N ALA C 46 53.36 -15.45 -12.81
CA ALA C 46 54.42 -16.30 -13.36
C ALA C 46 53.86 -17.34 -14.32
N SER C 47 52.69 -17.92 -13.98
CA SER C 47 52.12 -18.95 -14.85
C SER C 47 51.58 -18.37 -16.15
N VAL C 48 50.95 -17.19 -16.10
CA VAL C 48 50.46 -16.62 -17.36
C VAL C 48 51.63 -16.13 -18.19
N LYS C 49 52.69 -15.65 -17.55
CA LYS C 49 53.89 -15.24 -18.29
C LYS C 49 54.53 -16.44 -18.98
N LYS C 50 54.62 -17.58 -18.28
CA LYS C 50 55.18 -18.79 -18.87
C LYS C 50 54.28 -19.32 -19.98
N SER C 51 52.96 -19.27 -19.79
CA SER C 51 52.03 -19.72 -20.82
C SER C 51 52.09 -18.83 -22.06
N LEU C 52 52.23 -17.52 -21.87
CA LEU C 52 52.35 -16.61 -22.99
C LEU C 52 53.67 -16.81 -23.72
N GLU C 53 54.76 -17.04 -22.97
CA GLU C 53 56.05 -17.32 -23.60
C GLU C 53 56.01 -18.62 -24.39
N GLU C 54 55.31 -19.63 -23.89
CA GLU C 54 55.07 -20.83 -24.67
C GLU C 54 54.14 -20.58 -25.85
N ALA C 55 53.27 -19.57 -25.75
CA ALA C 55 52.38 -19.23 -26.86
C ALA C 55 53.09 -18.45 -27.96
N GLU C 56 54.22 -17.81 -27.65
CA GLU C 56 55.02 -17.20 -28.72
C GLU C 56 55.52 -18.25 -29.70
N ILE C 57 56.03 -19.36 -29.18
CA ILE C 57 56.40 -20.48 -30.03
C ILE C 57 55.15 -21.30 -30.37
N TYR C 58 55.28 -22.15 -31.40
CA TYR C 58 54.12 -22.83 -31.97
C TYR C 58 53.63 -23.96 -31.08
N PHE C 59 52.84 -23.64 -30.05
CA PHE C 59 52.23 -24.63 -29.16
C PHE C 59 50.72 -24.61 -29.27
N LYS C 60 50.05 -25.37 -28.40
CA LYS C 60 48.60 -25.48 -28.45
C LYS C 60 47.93 -24.18 -28.01
N ILE C 61 48.51 -23.50 -27.04
CA ILE C 61 47.90 -22.29 -26.47
C ILE C 61 48.10 -21.13 -27.44
N ASN C 62 46.99 -20.49 -27.81
CA ASN C 62 47.01 -19.29 -28.64
C ASN C 62 46.59 -18.09 -27.82
N ILE C 63 47.04 -16.91 -28.24
CA ILE C 63 46.77 -15.69 -27.48
C ILE C 63 45.29 -15.31 -27.56
N ASN C 64 44.71 -15.38 -28.74
CA ASN C 64 43.30 -15.00 -28.94
C ASN C 64 42.36 -16.19 -28.77
N CYS C 65 42.48 -16.88 -27.65
CA CYS C 65 41.59 -18.00 -27.37
C CYS C 65 40.22 -17.47 -26.96
N ILE C 66 39.18 -18.27 -27.21
CA ILE C 66 37.80 -17.89 -26.94
C ILE C 66 37.17 -18.94 -26.03
N ASP C 67 36.71 -18.51 -24.87
CA ASP C 67 36.00 -19.39 -23.96
C ASP C 67 34.62 -19.74 -24.53
N PRO C 68 34.05 -20.89 -24.15
CA PRO C 68 32.65 -21.17 -24.51
C PRO C 68 31.67 -20.12 -24.01
N LEU C 69 31.98 -19.43 -22.90
CA LEU C 69 31.19 -18.31 -22.43
C LEU C 69 31.57 -16.99 -23.09
N GLY C 70 32.44 -17.03 -24.10
CA GLY C 70 32.87 -15.82 -24.77
C GLY C 70 33.84 -14.97 -23.98
N ARG C 71 34.54 -15.55 -23.02
CA ARG C 71 35.44 -14.81 -22.14
C ARG C 71 36.87 -14.97 -22.65
N THR C 72 37.31 -14.00 -23.44
CA THR C 72 38.71 -13.91 -23.83
C THR C 72 39.55 -13.61 -22.59
N ALA C 73 40.83 -14.04 -22.62
CA ALA C 73 41.72 -13.85 -21.49
C ALA C 73 41.85 -12.39 -21.08
N LEU C 74 41.83 -11.48 -22.06
CA LEU C 74 41.82 -10.05 -21.77
C LEU C 74 40.55 -9.65 -21.01
N LEU C 75 39.41 -10.25 -21.36
CA LEU C 75 38.16 -9.89 -20.70
C LEU C 75 38.14 -10.31 -19.23
N ILE C 76 38.52 -11.56 -18.94
CA ILE C 76 38.53 -12.02 -17.55
C ILE C 76 39.64 -11.33 -16.76
N ALA C 77 40.73 -10.95 -17.43
CA ALA C 77 41.71 -10.07 -16.78
C ALA C 77 41.12 -8.70 -16.46
N ILE C 78 40.25 -8.17 -17.33
CA ILE C 78 39.66 -6.85 -17.11
C ILE C 78 38.68 -6.89 -15.95
N GLU C 79 37.79 -7.89 -15.92
CA GLU C 79 36.79 -7.93 -14.86
C GLU C 79 37.35 -8.33 -13.50
N ASN C 80 38.62 -8.75 -13.43
CA ASN C 80 39.26 -9.00 -12.15
C ASN C 80 40.03 -7.78 -11.63
N GLU C 81 40.01 -6.67 -12.38
CA GLU C 81 40.65 -5.40 -11.99
C GLU C 81 42.14 -5.56 -11.71
N ASN C 82 42.82 -6.33 -12.55
CA ASN C 82 44.26 -6.55 -12.43
C ASN C 82 44.94 -5.85 -13.60
N LEU C 83 45.47 -4.65 -13.34
CA LEU C 83 46.10 -3.85 -14.39
C LEU C 83 47.37 -4.47 -14.92
N GLU C 84 48.13 -5.18 -14.07
CA GLU C 84 49.36 -5.83 -14.52
C GLU C 84 49.06 -6.93 -15.54
N LEU C 85 47.99 -7.71 -15.31
CA LEU C 85 47.58 -8.72 -16.27
C LEU C 85 47.16 -8.10 -17.59
N ILE C 86 46.38 -7.01 -17.53
CA ILE C 86 45.93 -6.34 -18.75
C ILE C 86 47.12 -5.82 -19.54
N GLU C 87 48.09 -5.20 -18.86
CA GLU C 87 49.29 -4.74 -19.53
C GLU C 87 50.11 -5.90 -20.08
N LEU C 88 50.06 -7.05 -19.42
CA LEU C 88 50.76 -8.23 -19.92
C LEU C 88 50.15 -8.73 -21.22
N LEU C 89 48.82 -8.81 -21.30
CA LEU C 89 48.20 -9.23 -22.56
C LEU C 89 48.37 -8.19 -23.66
N LEU C 90 48.25 -6.90 -23.35
CA LEU C 90 48.46 -5.92 -24.42
C LEU C 90 49.94 -5.75 -24.78
N SER C 91 50.86 -6.25 -23.97
CA SER C 91 52.27 -6.21 -24.34
C SER C 91 52.61 -7.24 -25.42
N PHE C 92 51.86 -8.33 -25.51
CA PHE C 92 52.11 -9.38 -26.47
C PHE C 92 51.14 -9.36 -27.65
N ASN C 93 50.48 -8.21 -27.87
CA ASN C 93 49.59 -7.96 -29.01
C ASN C 93 48.42 -8.96 -29.05
N VAL C 94 47.76 -9.13 -27.90
CA VAL C 94 46.51 -9.86 -27.86
C VAL C 94 45.44 -9.04 -28.58
N TYR C 95 44.68 -9.68 -29.46
CA TYR C 95 43.68 -8.99 -30.26
C TYR C 95 42.61 -8.35 -29.37
N VAL C 96 42.33 -7.07 -29.62
CA VAL C 96 41.40 -6.29 -28.84
C VAL C 96 40.16 -6.04 -29.68
N GLY C 97 39.02 -6.55 -29.22
CA GLY C 97 37.77 -6.31 -29.90
C GLY C 97 36.93 -5.28 -29.16
N ASP C 98 35.95 -5.76 -28.41
CA ASP C 98 35.13 -4.91 -27.55
C ASP C 98 35.57 -4.97 -26.09
N ALA C 99 36.86 -5.13 -25.85
CA ALA C 99 37.38 -5.15 -24.49
C ALA C 99 37.37 -3.77 -23.86
N LEU C 100 37.48 -2.71 -24.68
CA LEU C 100 37.33 -1.35 -24.17
C LEU C 100 35.92 -1.13 -23.63
N LEU C 101 34.91 -1.68 -24.31
CA LEU C 101 33.55 -1.59 -23.83
C LEU C 101 33.35 -2.36 -22.53
N HIS C 102 34.04 -3.50 -22.39
CA HIS C 102 33.96 -4.26 -21.14
C HIS C 102 34.63 -3.53 -20.00
N ALA C 103 35.75 -2.84 -20.28
CA ALA C 103 36.39 -2.04 -19.26
C ALA C 103 35.55 -0.83 -18.88
N ILE C 104 34.83 -0.25 -19.85
CA ILE C 104 33.98 0.90 -19.58
C ILE C 104 32.77 0.49 -18.75
N ARG C 105 32.15 -0.64 -19.11
CA ARG C 105 30.96 -1.10 -18.38
C ARG C 105 31.30 -1.52 -16.95
N LYS C 106 32.49 -2.09 -16.75
CA LYS C 106 32.97 -2.43 -15.42
C LYS C 106 33.46 -1.22 -14.65
N GLU C 107 33.62 -0.08 -15.31
CA GLU C 107 34.16 1.16 -14.73
C GLU C 107 35.55 0.92 -14.14
N VAL C 108 36.48 0.55 -15.04
CA VAL C 108 37.80 0.08 -14.68
C VAL C 108 38.83 1.07 -15.23
N VAL C 109 39.80 1.44 -14.38
CA VAL C 109 40.80 2.44 -14.73
C VAL C 109 41.79 1.97 -15.80
N GLY C 110 41.72 0.71 -16.21
CA GLY C 110 42.48 0.20 -17.35
C GLY C 110 41.94 0.62 -18.70
N ALA C 111 40.88 1.42 -18.72
CA ALA C 111 40.41 2.01 -19.97
C ALA C 111 41.46 2.91 -20.60
N VAL C 112 42.34 3.52 -19.79
CA VAL C 112 43.44 4.30 -20.33
C VAL C 112 44.39 3.41 -21.12
N GLU C 113 44.76 2.26 -20.54
CA GLU C 113 45.66 1.33 -21.24
C GLU C 113 44.98 0.75 -22.47
N LEU C 114 43.66 0.55 -22.41
CA LEU C 114 42.93 0.10 -23.59
C LEU C 114 42.88 1.15 -24.68
N LEU C 115 42.84 2.44 -24.29
CA LEU C 115 42.79 3.51 -25.27
C LEU C 115 44.15 3.75 -25.92
N LEU C 116 45.23 3.69 -25.14
CA LEU C 116 46.55 3.92 -25.75
C LEU C 116 47.12 2.68 -26.43
N ASN C 117 46.46 1.54 -26.36
CA ASN C 117 46.90 0.34 -27.05
C ASN C 117 46.64 0.51 -28.55
N HIS C 118 47.67 0.89 -29.29
CA HIS C 118 47.62 1.11 -30.74
C HIS C 118 46.53 2.11 -31.15
N GLN C 135 31.53 -13.04 -34.81
CA GLN C 135 31.96 -13.20 -33.43
C GLN C 135 30.82 -12.87 -32.47
N PHE C 136 31.02 -13.18 -31.20
CA PHE C 136 30.02 -12.92 -30.17
C PHE C 136 30.38 -11.66 -29.40
N SER C 137 29.44 -10.71 -29.36
CA SER C 137 29.62 -9.47 -28.62
C SER C 137 28.49 -9.33 -27.60
N GLU C 138 28.84 -8.91 -26.39
CA GLU C 138 27.85 -8.70 -25.34
C GLU C 138 27.16 -7.34 -25.44
N PHE C 139 27.53 -6.53 -26.42
CA PHE C 139 26.95 -5.20 -26.60
C PHE C 139 26.34 -5.08 -27.98
N THR C 140 25.32 -4.22 -28.07
CA THR C 140 24.67 -3.94 -29.34
C THR C 140 25.66 -3.25 -30.28
N PRO C 141 25.64 -3.56 -31.58
CA PRO C 141 26.62 -2.95 -32.50
C PRO C 141 26.52 -1.43 -32.62
N ASP C 142 25.40 -0.81 -32.24
CA ASP C 142 25.34 0.64 -32.24
C ASP C 142 25.98 1.28 -31.01
N ILE C 143 26.43 0.48 -30.05
CA ILE C 143 27.06 1.01 -28.84
C ILE C 143 28.52 1.34 -29.14
N THR C 144 28.88 2.60 -28.99
CA THR C 144 30.25 3.09 -29.07
C THR C 144 30.77 3.33 -27.66
N PRO C 145 32.09 3.51 -27.48
CA PRO C 145 32.62 3.78 -26.13
C PRO C 145 32.03 4.99 -25.42
N ILE C 146 31.79 6.10 -26.13
CA ILE C 146 31.23 7.27 -25.48
C ILE C 146 29.78 7.04 -25.07
N ILE C 147 29.01 6.32 -25.90
CA ILE C 147 27.62 6.00 -25.58
C ILE C 147 27.56 5.13 -24.33
N LEU C 148 28.42 4.11 -24.25
CA LEU C 148 28.40 3.23 -23.09
C LEU C 148 28.93 3.92 -21.84
N ALA C 149 29.93 4.80 -21.99
CA ALA C 149 30.44 5.55 -20.86
C ALA C 149 29.41 6.52 -20.31
N ALA C 150 28.59 7.10 -21.20
CA ALA C 150 27.50 7.94 -20.74
C ALA C 150 26.37 7.11 -20.13
N HIS C 151 26.15 5.89 -20.62
CA HIS C 151 25.17 5.02 -19.99
C HIS C 151 25.59 4.64 -18.58
N THR C 152 26.87 4.37 -18.36
CA THR C 152 27.36 4.02 -17.04
C THR C 152 27.44 5.22 -16.10
N ASN C 153 27.43 6.44 -16.64
CA ASN C 153 27.45 7.69 -15.88
C ASN C 153 28.69 7.78 -14.99
N ASN C 154 29.85 7.47 -15.55
CA ASN C 154 31.12 7.63 -14.85
C ASN C 154 31.79 8.89 -15.35
N TYR C 155 32.04 9.84 -14.44
CA TYR C 155 32.57 11.14 -14.83
C TYR C 155 34.00 11.03 -15.35
N GLU C 156 34.81 10.15 -14.73
CA GLU C 156 36.22 10.05 -15.11
C GLU C 156 36.38 9.45 -16.50
N ILE C 157 35.64 8.38 -16.80
CA ILE C 157 35.75 7.72 -18.10
C ILE C 157 35.18 8.62 -19.20
N ILE C 158 34.09 9.32 -18.91
CA ILE C 158 33.52 10.28 -19.87
C ILE C 158 34.51 11.41 -20.14
N LYS C 159 35.15 11.91 -19.09
CA LYS C 159 36.15 12.96 -19.25
C LYS C 159 37.34 12.48 -20.08
N LEU C 160 37.78 11.24 -19.84
CA LEU C 160 38.89 10.67 -20.59
C LEU C 160 38.53 10.52 -22.07
N LEU C 161 37.33 10.02 -22.36
CA LEU C 161 36.93 9.81 -23.75
C LEU C 161 36.72 11.13 -24.48
N VAL C 162 36.17 12.14 -23.80
CA VAL C 162 36.00 13.44 -24.43
C VAL C 162 37.34 14.12 -24.66
N GLN C 163 38.30 13.96 -23.72
CA GLN C 163 39.65 14.47 -23.95
C GLN C 163 40.32 13.78 -25.13
N LYS C 164 40.09 12.47 -25.29
CA LYS C 164 40.61 11.78 -26.46
C LYS C 164 39.89 12.20 -27.74
N GLY C 165 38.66 12.68 -27.64
CA GLY C 165 37.92 13.15 -28.79
C GLY C 165 36.89 12.15 -29.29
N VAL C 166 35.63 12.38 -28.92
CA VAL C 166 34.53 11.50 -29.28
C VAL C 166 33.35 12.35 -29.74
N SER C 167 32.44 11.71 -30.46
CA SER C 167 31.25 12.38 -30.97
C SER C 167 30.05 11.46 -30.89
N VAL C 168 28.95 11.98 -30.37
CA VAL C 168 27.68 11.27 -30.36
C VAL C 168 26.92 11.70 -31.61
N PRO C 169 26.38 10.76 -32.40
CA PRO C 169 25.60 11.15 -33.57
C PRO C 169 24.35 11.91 -33.17
N ARG C 170 24.02 12.93 -33.96
CA ARG C 170 22.90 13.81 -33.63
C ARG C 170 21.58 13.12 -33.97
N PRO C 171 20.69 12.91 -33.01
CA PRO C 171 19.37 12.36 -33.35
C PRO C 171 18.52 13.37 -34.08
N HIS C 172 17.60 12.86 -34.90
CA HIS C 172 16.73 13.71 -35.68
C HIS C 172 15.59 14.25 -34.80
N GLU C 173 14.65 14.95 -35.43
CA GLU C 173 13.51 15.50 -34.71
C GLU C 173 12.56 14.37 -34.32
N VAL C 174 11.71 14.66 -33.33
CA VAL C 174 10.83 13.64 -32.75
C VAL C 174 9.85 13.11 -33.79
N ARG C 175 9.21 14.01 -34.53
CA ARG C 175 8.28 13.63 -35.60
C ARG C 175 8.85 14.14 -36.92
N CYS C 176 9.73 13.35 -37.53
CA CYS C 176 10.35 13.69 -38.80
C CYS C 176 10.22 12.52 -39.76
N ASN C 177 10.21 12.83 -41.05
CA ASN C 177 10.00 11.84 -42.11
C ASN C 177 11.02 12.02 -43.22
N CYS C 178 12.29 12.15 -42.85
CA CYS C 178 13.34 12.23 -43.86
C CYS C 178 13.62 10.85 -44.44
N VAL C 179 14.40 10.83 -45.52
CA VAL C 179 14.66 9.60 -46.26
C VAL C 179 15.49 8.63 -45.43
N GLU C 180 16.43 9.15 -44.63
CA GLU C 180 17.31 8.28 -43.84
C GLU C 180 16.53 7.51 -42.77
N CYS C 181 15.61 8.19 -42.07
CA CYS C 181 14.85 7.54 -41.01
C CYS C 181 13.92 6.45 -41.55
N VAL C 182 13.22 6.74 -42.66
CA VAL C 182 12.32 5.74 -43.21
C VAL C 182 13.11 4.59 -43.85
N SER C 183 14.29 4.88 -44.41
CA SER C 183 15.13 3.82 -44.95
C SER C 183 15.64 2.91 -43.83
N SER C 184 16.08 3.49 -42.71
CA SER C 184 16.55 2.68 -41.60
C SER C 184 15.41 1.90 -40.95
N SER C 185 14.20 2.47 -40.92
CA SER C 185 13.05 1.76 -40.41
C SER C 185 12.64 0.61 -41.33
N ASP C 186 12.79 0.80 -42.65
CA ASP C 186 12.50 -0.30 -43.58
C ASP C 186 13.54 -1.39 -43.48
N VAL C 187 14.81 -1.03 -43.25
CA VAL C 187 15.87 -2.03 -43.13
C VAL C 187 15.76 -2.76 -41.79
N ASP C 188 15.75 -2.01 -40.69
CA ASP C 188 15.71 -2.61 -39.35
C ASP C 188 15.08 -1.59 -38.40
N SER C 189 13.80 -1.79 -38.09
CA SER C 189 13.12 -0.89 -37.15
C SER C 189 13.59 -1.11 -35.72
N LEU C 190 13.86 -2.36 -35.35
CA LEU C 190 14.36 -2.66 -34.00
C LEU C 190 15.71 -2.01 -33.76
N ARG C 191 16.63 -2.13 -34.71
CA ARG C 191 17.96 -1.54 -34.57
C ARG C 191 17.88 -0.02 -34.54
N HIS C 192 17.02 0.57 -35.38
CA HIS C 192 16.88 2.03 -35.39
C HIS C 192 16.31 2.54 -34.07
N SER C 193 15.28 1.88 -33.55
CA SER C 193 14.71 2.29 -32.27
C SER C 193 15.69 2.11 -31.12
N ARG C 194 16.44 1.01 -31.12
CA ARG C 194 17.42 0.77 -30.07
C ARG C 194 18.56 1.77 -30.14
N SER C 195 19.01 2.12 -31.36
CA SER C 195 20.08 3.09 -31.51
C SER C 195 19.63 4.48 -31.07
N ARG C 196 18.39 4.87 -31.42
CA ARG C 196 17.87 6.16 -30.98
C ARG C 196 17.71 6.21 -29.46
N LEU C 197 17.22 5.12 -28.86
CA LEU C 197 17.09 5.06 -27.40
C LEU C 197 18.46 5.10 -26.73
N ASN C 198 19.46 4.43 -27.29
CA ASN C 198 20.80 4.46 -26.73
C ASN C 198 21.42 5.86 -26.83
N ILE C 199 21.20 6.54 -27.95
CA ILE C 199 21.70 7.90 -28.13
C ILE C 199 21.05 8.84 -27.11
N TYR C 200 19.73 8.72 -26.92
CA TYR C 200 19.06 9.60 -25.98
C TYR C 200 19.38 9.22 -24.53
N LYS C 201 19.71 7.96 -24.27
CA LYS C 201 20.19 7.58 -22.94
C LYS C 201 21.58 8.16 -22.69
N ALA C 202 22.41 8.23 -23.72
CA ALA C 202 23.74 8.81 -23.57
C ALA C 202 23.67 10.32 -23.37
N LEU C 203 22.80 11.00 -24.12
CA LEU C 203 22.70 12.45 -24.01
C LEU C 203 22.11 12.88 -22.67
N ALA C 204 21.22 12.08 -22.09
CA ALA C 204 20.49 12.43 -20.88
C ALA C 204 21.25 12.13 -19.61
N SER C 205 22.48 11.65 -19.70
CA SER C 205 23.24 11.36 -18.48
C SER C 205 23.70 12.66 -17.83
N PRO C 206 23.66 12.74 -16.50
CA PRO C 206 24.10 13.96 -15.81
C PRO C 206 25.56 14.33 -16.04
N SER C 207 26.45 13.34 -16.17
CA SER C 207 27.87 13.65 -16.32
C SER C 207 28.18 14.26 -17.68
N LEU C 208 27.53 13.76 -18.74
CA LEU C 208 27.78 14.31 -20.07
C LEU C 208 27.24 15.73 -20.20
N ILE C 209 26.10 16.01 -19.56
CA ILE C 209 25.58 17.38 -19.55
C ILE C 209 26.46 18.29 -18.70
N ALA C 210 26.95 17.79 -17.57
CA ALA C 210 27.81 18.59 -16.71
C ALA C 210 29.18 18.84 -17.33
N LEU C 211 29.62 17.98 -18.25
CA LEU C 211 30.96 18.10 -18.82
C LEU C 211 30.99 18.73 -20.19
N SER C 212 30.01 18.46 -21.05
CA SER C 212 30.10 18.82 -22.46
C SER C 212 29.06 19.83 -22.92
N SER C 213 28.18 20.31 -22.04
CA SER C 213 27.14 21.25 -22.43
C SER C 213 27.50 22.66 -21.98
N GLU C 214 27.16 23.63 -22.82
CA GLU C 214 27.42 25.03 -22.49
C GLU C 214 26.50 25.50 -21.36
N ASP C 215 25.20 25.21 -21.48
CA ASP C 215 24.22 25.55 -20.44
C ASP C 215 23.56 24.27 -19.97
N PRO C 216 24.01 23.69 -18.85
CA PRO C 216 23.40 22.44 -18.36
C PRO C 216 21.92 22.56 -18.01
N PHE C 217 21.46 23.71 -17.50
CA PHE C 217 20.05 23.85 -17.16
C PHE C 217 19.18 23.86 -18.41
N LEU C 218 19.57 24.64 -19.42
CA LEU C 218 18.81 24.68 -20.66
C LEU C 218 18.87 23.34 -21.38
N THR C 219 20.03 22.68 -21.36
CA THR C 219 20.17 21.36 -21.96
C THR C 219 19.26 20.34 -21.26
N ALA C 220 19.22 20.37 -19.93
CA ALA C 220 18.36 19.46 -19.18
C ALA C 220 16.88 19.73 -19.47
N PHE C 221 16.51 21.01 -19.55
CA PHE C 221 15.10 21.36 -19.80
C PHE C 221 14.67 20.90 -21.18
N GLN C 222 15.46 21.24 -22.22
CA GLN C 222 15.12 20.86 -23.58
C GLN C 222 15.20 19.35 -23.78
N LEU C 223 16.13 18.68 -23.10
CA LEU C 223 16.24 17.23 -23.21
C LEU C 223 15.04 16.54 -22.58
N SER C 224 14.60 17.01 -21.41
CA SER C 224 13.41 16.43 -20.78
C SER C 224 12.17 16.66 -21.63
N TRP C 225 12.07 17.85 -22.26
CA TRP C 225 10.96 18.12 -23.16
C TRP C 225 10.98 17.18 -24.38
N GLU C 226 12.17 16.99 -24.98
CA GLU C 226 12.29 16.11 -26.13
C GLU C 226 11.98 14.66 -25.76
N LEU C 227 12.43 14.21 -24.58
CA LEU C 227 12.18 12.84 -24.16
C LEU C 227 10.71 12.63 -23.80
N GLN C 228 10.04 13.65 -23.27
CA GLN C 228 8.60 13.54 -23.06
C GLN C 228 7.84 13.43 -24.37
N GLU C 229 8.22 14.23 -25.37
CA GLU C 229 7.59 14.10 -26.69
C GLU C 229 7.89 12.75 -27.33
N LEU C 230 9.09 12.21 -27.11
CA LEU C 230 9.43 10.89 -27.64
C LEU C 230 8.63 9.80 -26.95
N SER C 231 8.41 9.92 -25.63
CA SER C 231 7.58 8.96 -24.92
C SER C 231 6.13 9.02 -25.40
N LYS C 232 5.65 10.22 -25.73
CA LYS C 232 4.31 10.33 -26.30
C LYS C 232 4.25 9.73 -27.70
N VAL C 233 5.30 9.92 -28.51
CA VAL C 233 5.28 9.44 -29.87
C VAL C 233 5.57 7.94 -29.93
N GLU C 234 6.65 7.50 -29.30
CA GLU C 234 7.01 6.08 -29.27
C GLU C 234 6.20 5.42 -28.16
N ASN C 235 5.12 4.73 -28.55
CA ASN C 235 4.28 4.04 -27.58
C ASN C 235 5.03 2.92 -26.89
N GLU C 236 5.82 2.16 -27.64
CA GLU C 236 6.79 1.26 -27.03
C GLU C 236 8.02 2.07 -26.61
N PHE C 237 8.78 1.52 -25.66
CA PHE C 237 9.88 2.21 -24.97
C PHE C 237 9.41 3.49 -24.29
N LYS C 238 8.13 3.56 -23.92
CA LYS C 238 7.58 4.78 -23.32
C LYS C 238 8.12 4.97 -21.91
N SER C 239 8.19 3.88 -21.13
CA SER C 239 8.71 3.97 -19.77
C SER C 239 10.18 4.35 -19.76
N GLU C 240 10.96 3.93 -20.76
CA GLU C 240 12.36 4.30 -20.84
C GLU C 240 12.52 5.79 -21.06
N TYR C 241 11.75 6.37 -21.98
CA TYR C 241 11.86 7.80 -22.25
C TYR C 241 11.30 8.63 -21.09
N GLU C 242 10.25 8.13 -20.43
CA GLU C 242 9.74 8.81 -19.24
C GLU C 242 10.76 8.80 -18.10
N GLU C 243 11.46 7.67 -17.93
CA GLU C 243 12.52 7.60 -16.92
C GLU C 243 13.67 8.53 -17.28
N LEU C 244 14.01 8.65 -18.56
CA LEU C 244 15.07 9.57 -18.98
C LEU C 244 14.67 11.02 -18.73
N SER C 245 13.41 11.37 -19.01
CA SER C 245 12.93 12.72 -18.73
C SER C 245 12.93 13.02 -17.24
N ARG C 246 12.52 12.04 -16.43
CA ARG C 246 12.58 12.19 -14.97
C ARG C 246 14.01 12.34 -14.49
N GLN C 247 14.96 11.63 -15.12
CA GLN C 247 16.36 11.76 -14.79
C GLN C 247 16.89 13.15 -15.12
N CYS C 248 16.50 13.70 -16.28
CA CYS C 248 16.90 15.07 -16.64
C CYS C 248 16.34 16.10 -15.66
N LYS C 249 15.07 15.95 -15.29
CA LYS C 249 14.46 16.87 -14.33
C LYS C 249 15.14 16.75 -12.96
N GLN C 250 15.46 15.52 -12.55
CA GLN C 250 16.06 15.29 -11.24
C GLN C 250 17.48 15.84 -11.21
N PHE C 251 18.20 15.72 -12.33
CA PHE C 251 19.51 16.33 -12.47
C PHE C 251 19.46 17.85 -12.39
N ALA C 252 18.46 18.46 -13.04
CA ALA C 252 18.31 19.91 -12.96
C ALA C 252 18.00 20.36 -11.54
N LYS C 253 17.17 19.60 -10.83
CA LYS C 253 16.87 19.91 -9.43
C LYS C 253 18.11 19.81 -8.55
N ASP C 254 18.91 18.75 -8.73
CA ASP C 254 20.13 18.62 -7.95
C ASP C 254 21.18 19.67 -8.31
N LEU C 255 21.23 20.09 -9.58
CA LEU C 255 22.17 21.15 -9.94
C LEU C 255 21.76 22.47 -9.31
N LEU C 256 20.46 22.76 -9.26
CA LEU C 256 20.00 23.95 -8.56
C LEU C 256 20.20 23.83 -7.05
N ASP C 257 20.19 22.60 -6.52
CA ASP C 257 20.37 22.36 -5.09
C ASP C 257 21.75 22.73 -4.58
N GLN C 258 22.73 22.95 -5.45
CA GLN C 258 24.10 23.25 -5.04
C GLN C 258 24.36 24.74 -4.87
N THR C 259 23.32 25.58 -4.93
CA THR C 259 23.49 27.00 -4.73
C THR C 259 23.81 27.30 -3.27
N ARG C 260 24.82 28.16 -3.05
CA ARG C 260 25.26 28.49 -1.71
C ARG C 260 24.99 29.93 -1.31
N SER C 261 24.64 30.80 -2.26
CA SER C 261 24.35 32.19 -1.95
C SER C 261 23.12 32.62 -2.75
N SER C 262 22.47 33.66 -2.25
CA SER C 262 21.30 34.20 -2.96
C SER C 262 21.72 34.94 -4.23
N ARG C 263 22.95 35.44 -4.27
CA ARG C 263 23.45 36.09 -5.48
C ARG C 263 23.56 35.12 -6.64
N GLU C 264 24.04 33.90 -6.36
CA GLU C 264 24.11 32.87 -7.39
C GLU C 264 22.72 32.47 -7.86
N LEU C 265 21.76 32.38 -6.93
CA LEU C 265 20.39 32.05 -7.29
C LEU C 265 19.76 33.11 -8.18
N GLU C 266 19.97 34.38 -7.86
CA GLU C 266 19.46 35.46 -8.71
C GLU C 266 20.20 35.53 -10.04
N ILE C 267 21.47 35.11 -10.08
CA ILE C 267 22.17 35.04 -11.36
C ILE C 267 21.58 33.94 -12.23
N ILE C 268 21.30 32.77 -11.64
CA ILE C 268 20.77 31.65 -12.41
C ILE C 268 19.36 31.92 -12.90
N LEU C 269 18.49 32.38 -12.00
CA LEU C 269 17.07 32.46 -12.32
C LEU C 269 16.75 33.61 -13.28
N ASN C 270 17.54 34.68 -13.24
CA ASN C 270 17.30 35.85 -14.08
C ASN C 270 18.18 35.85 -15.33
N TYR C 271 18.61 34.68 -15.79
CA TYR C 271 19.50 34.57 -16.93
C TYR C 271 18.71 34.38 -18.21
N ARG C 272 19.06 35.14 -19.25
CA ARG C 272 18.46 35.01 -20.56
C ARG C 272 19.56 35.07 -21.61
N ASP C 273 19.36 34.33 -22.70
CA ASP C 273 20.33 34.30 -23.79
C ASP C 273 19.72 34.84 -25.08
N ASP C 285 13.82 39.68 -13.47
CA ASP C 285 12.80 39.35 -14.45
C ASP C 285 12.43 37.87 -14.39
N LEU C 286 13.38 37.06 -13.89
CA LEU C 286 13.24 35.61 -13.73
C LEU C 286 12.90 34.94 -15.06
N ALA C 287 13.83 35.08 -16.02
CA ALA C 287 13.64 34.47 -17.33
C ALA C 287 13.81 32.95 -17.28
N ARG C 288 14.80 32.47 -16.53
CA ARG C 288 15.01 31.03 -16.42
C ARG C 288 13.91 30.36 -15.61
N LEU C 289 13.34 31.07 -14.62
CA LEU C 289 12.19 30.53 -13.89
C LEU C 289 10.97 30.42 -14.80
N LYS C 290 10.77 31.41 -15.67
CA LYS C 290 9.71 31.33 -16.67
C LYS C 290 9.94 30.18 -17.64
N LEU C 291 11.20 29.95 -18.02
CA LEU C 291 11.52 28.83 -18.90
C LEU C 291 11.26 27.49 -18.20
N ALA C 292 11.59 27.40 -16.92
CA ALA C 292 11.34 26.16 -16.16
C ALA C 292 9.85 25.92 -15.96
N ILE C 293 9.07 26.98 -15.80
CA ILE C 293 7.61 26.84 -15.78
C ILE C 293 7.10 26.38 -17.14
N LYS C 294 7.70 26.91 -18.22
CA LYS C 294 7.28 26.54 -19.57
C LYS C 294 7.59 25.08 -19.89
N TYR C 295 8.72 24.57 -19.38
CA TYR C 295 9.14 23.20 -19.65
C TYR C 295 8.61 22.21 -18.62
N ARG C 296 7.67 22.63 -17.77
CA ARG C 296 7.02 21.78 -16.77
C ARG C 296 8.03 21.16 -15.81
N GLN C 297 9.03 21.93 -15.41
CA GLN C 297 10.05 21.48 -14.47
C GLN C 297 9.54 21.70 -13.06
N LYS C 298 8.72 20.76 -12.59
CA LYS C 298 8.10 20.87 -11.28
C LYS C 298 9.09 20.65 -10.14
N GLU C 299 10.26 20.09 -10.41
CA GLU C 299 11.28 19.87 -9.39
C GLU C 299 12.34 20.96 -9.34
N PHE C 300 12.59 21.64 -10.47
CA PHE C 300 13.41 22.84 -10.43
C PHE C 300 12.71 23.94 -9.63
N VAL C 301 11.42 24.13 -9.88
CA VAL C 301 10.55 24.93 -9.03
C VAL C 301 10.17 24.03 -7.85
N ALA C 302 9.51 24.61 -6.83
CA ALA C 302 9.12 23.89 -5.60
C ALA C 302 10.32 23.40 -4.82
N GLN C 303 11.45 24.09 -4.98
CA GLN C 303 12.72 24.04 -4.28
C GLN C 303 12.75 25.13 -3.22
N PRO C 304 13.27 24.84 -2.02
CA PRO C 304 13.22 25.82 -0.93
C PRO C 304 13.91 27.14 -1.23
N ASN C 305 15.01 27.13 -2.00
CA ASN C 305 15.65 28.38 -2.38
C ASN C 305 14.81 29.14 -3.39
N CYS C 306 14.28 28.44 -4.40
CA CYS C 306 13.41 29.08 -5.39
C CYS C 306 12.15 29.61 -4.74
N GLN C 307 11.54 28.82 -3.86
CA GLN C 307 10.33 29.28 -3.17
C GLN C 307 10.62 30.42 -2.21
N GLN C 308 11.81 30.43 -1.59
CA GLN C 308 12.20 31.55 -0.76
C GLN C 308 12.35 32.84 -1.57
N LEU C 309 12.97 32.74 -2.76
CA LEU C 309 13.09 33.91 -3.62
C LEU C 309 11.73 34.39 -4.12
N LEU C 310 10.86 33.46 -4.47
CA LEU C 310 9.52 33.83 -4.93
C LEU C 310 8.68 34.45 -3.82
N ALA C 311 8.86 33.97 -2.59
CA ALA C 311 8.16 34.58 -1.46
C ALA C 311 8.73 35.96 -1.12
N SER C 312 10.04 36.14 -1.29
CA SER C 312 10.63 37.46 -1.10
C SER C 312 10.13 38.45 -2.14
N ARG C 313 9.96 38.00 -3.39
CA ARG C 313 9.40 38.85 -4.43
C ARG C 313 7.89 38.98 -4.34
N TRP C 314 7.22 38.11 -3.57
CA TRP C 314 5.77 38.14 -3.40
C TRP C 314 5.36 39.13 -2.31
N TYR C 315 5.88 38.97 -1.10
CA TYR C 315 5.71 39.98 -0.05
C TYR C 315 6.90 40.94 -0.08
N ASP C 316 6.98 41.69 -1.18
CA ASP C 316 8.07 42.64 -1.33
C ASP C 316 7.86 43.84 -0.40
N GLU C 317 8.96 44.26 0.23
CA GLU C 317 8.97 45.35 1.21
C GLU C 317 8.00 45.10 2.37
N PHE C 318 7.86 43.83 2.76
CA PHE C 318 6.98 43.40 3.85
C PHE C 318 7.81 42.64 4.86
N PRO C 319 8.45 43.34 5.81
CA PRO C 319 9.30 42.66 6.80
C PRO C 319 8.46 41.93 7.83
N GLY C 320 8.62 40.61 7.88
CA GLY C 320 7.92 39.78 8.85
C GLY C 320 6.41 39.71 8.68
N TRP C 321 5.95 39.59 7.44
CA TRP C 321 4.51 39.44 7.21
C TRP C 321 4.01 38.10 7.73
N ARG C 322 4.67 37.01 7.37
CA ARG C 322 4.20 35.68 7.73
C ARG C 322 4.42 35.37 9.21
N ARG C 323 5.31 36.10 9.88
CA ARG C 323 5.53 35.92 11.31
C ARG C 323 4.60 36.80 12.13
N ARG C 324 3.30 36.66 11.88
CA ARG C 324 2.27 37.44 12.54
C ARG C 324 1.11 36.52 12.87
N HIS C 325 0.26 36.97 13.81
CA HIS C 325 -0.93 36.22 14.15
C HIS C 325 -1.91 36.21 12.98
N TRP C 326 -2.68 35.13 12.88
CA TRP C 326 -3.58 34.95 11.76
C TRP C 326 -4.74 35.95 11.77
N ALA C 327 -5.21 36.34 12.96
CA ALA C 327 -6.32 37.27 13.07
C ALA C 327 -5.95 38.65 12.52
N VAL C 328 -4.74 39.12 12.85
CA VAL C 328 -4.26 40.39 12.31
C VAL C 328 -4.10 40.29 10.80
N LYS C 329 -3.70 39.11 10.31
CA LYS C 329 -3.55 38.91 8.86
C LYS C 329 -4.88 39.02 8.14
N MET C 330 -5.94 38.38 8.67
CA MET C 330 -7.23 38.50 7.98
C MET C 330 -7.81 39.90 8.16
N VAL C 331 -7.52 40.56 9.28
CA VAL C 331 -7.99 41.93 9.48
C VAL C 331 -7.38 42.88 8.45
N THR C 332 -6.05 42.79 8.26
CA THR C 332 -5.43 43.68 7.28
C THR C 332 -5.75 43.26 5.85
N CYS C 333 -6.00 41.96 5.61
CA CYS C 333 -6.46 41.53 4.30
C CYS C 333 -7.84 42.10 3.98
N PHE C 334 -8.74 42.13 4.97
CA PHE C 334 -10.04 42.75 4.77
C PHE C 334 -9.91 44.26 4.56
N ILE C 335 -9.02 44.90 5.32
CA ILE C 335 -8.80 46.34 5.16
C ILE C 335 -8.29 46.68 3.76
N ILE C 336 -7.37 45.89 3.22
CA ILE C 336 -6.95 46.08 1.83
C ILE C 336 -8.10 45.74 0.87
N GLY C 337 -8.93 44.75 1.22
CA GLY C 337 -10.02 44.34 0.34
C GLY C 337 -11.07 45.41 0.13
N LEU C 338 -11.47 46.08 1.21
CA LEU C 338 -12.45 47.19 1.09
C LEU C 338 -11.77 48.40 0.45
N LEU C 339 -10.44 48.46 0.52
CA LEU C 339 -9.70 49.60 -0.01
C LEU C 339 -9.16 49.35 -1.41
N PHE C 340 -9.75 48.41 -2.16
CA PHE C 340 -9.32 48.20 -3.54
C PHE C 340 -9.56 49.38 -4.49
N PRO C 341 -10.71 50.09 -4.49
CA PRO C 341 -10.89 51.11 -5.54
C PRO C 341 -10.03 52.34 -5.34
N VAL C 342 -9.70 52.71 -4.10
CA VAL C 342 -8.85 53.88 -3.88
C VAL C 342 -7.43 53.60 -4.36
N PHE C 343 -6.92 52.39 -4.11
CA PHE C 343 -5.62 52.01 -4.66
C PHE C 343 -5.64 51.93 -6.18
N SER C 344 -6.74 51.43 -6.75
CA SER C 344 -6.85 51.37 -8.21
C SER C 344 -6.87 52.76 -8.84
N VAL C 345 -7.61 53.69 -8.23
CA VAL C 345 -7.67 55.06 -8.73
C VAL C 345 -6.32 55.75 -8.55
N CYS C 346 -5.63 55.48 -7.43
CA CYS C 346 -4.32 56.07 -7.22
C CYS C 346 -3.29 55.55 -8.21
N TYR C 347 -3.40 54.28 -8.60
CA TYR C 347 -2.53 53.77 -9.66
C TYR C 347 -2.89 54.39 -11.00
N LEU C 348 -4.19 54.60 -11.26
CA LEU C 348 -4.60 55.17 -12.53
C LEU C 348 -4.24 56.65 -12.65
N ILE C 349 -4.06 57.34 -11.52
CA ILE C 349 -3.79 58.77 -11.54
C ILE C 349 -2.38 59.13 -11.07
N ALA C 350 -1.67 58.23 -10.39
CA ALA C 350 -0.33 58.52 -9.90
C ALA C 350 0.45 57.24 -9.67
N PRO C 351 1.05 56.66 -10.71
CA PRO C 351 1.83 55.42 -10.51
C PRO C 351 3.09 55.60 -9.67
N LYS C 352 3.61 56.82 -9.56
CA LYS C 352 4.83 57.07 -8.80
C LYS C 352 4.56 57.45 -7.34
N SER C 353 3.30 57.57 -6.95
CA SER C 353 2.96 57.82 -5.56
C SER C 353 3.26 56.58 -4.72
N PRO C 354 3.57 56.77 -3.42
CA PRO C 354 3.71 55.59 -2.54
C PRO C 354 2.44 54.75 -2.44
N LEU C 355 1.27 55.38 -2.44
CA LEU C 355 0.03 54.62 -2.52
C LEU C 355 -0.18 54.06 -3.92
N GLY C 356 0.36 54.72 -4.94
CA GLY C 356 0.38 54.17 -6.28
C GLY C 356 1.41 53.11 -6.51
N LEU C 357 2.35 52.94 -5.57
CA LEU C 357 3.30 51.84 -5.60
C LEU C 357 2.95 50.72 -4.63
N PHE C 358 2.02 50.96 -3.70
CA PHE C 358 1.55 49.89 -2.83
C PHE C 358 0.74 48.84 -3.60
N ILE C 359 0.01 49.28 -4.63
CA ILE C 359 -0.73 48.34 -5.47
C ILE C 359 0.23 47.52 -6.31
N ARG C 360 1.41 48.06 -6.63
CA ARG C 360 2.41 47.36 -7.44
C ARG C 360 2.99 46.13 -6.76
N LYS C 361 2.81 45.98 -5.45
CA LYS C 361 3.21 44.77 -4.75
C LYS C 361 2.35 43.61 -5.23
N PRO C 362 2.94 42.46 -5.60
CA PRO C 362 2.14 41.36 -6.16
C PRO C 362 1.11 40.78 -5.21
N PHE C 363 1.43 40.70 -3.90
CA PHE C 363 0.45 40.20 -2.94
C PHE C 363 -0.69 41.17 -2.74
N ILE C 364 -0.39 42.47 -2.69
CA ILE C 364 -1.42 43.48 -2.54
C ILE C 364 -2.32 43.52 -3.78
N LYS C 365 -1.73 43.37 -4.97
CA LYS C 365 -2.55 43.34 -6.17
C LYS C 365 -3.35 42.05 -6.28
N PHE C 366 -2.84 40.95 -5.71
CA PHE C 366 -3.64 39.72 -5.65
C PHE C 366 -4.85 39.90 -4.75
N ILE C 367 -4.65 40.54 -3.59
CA ILE C 367 -5.78 40.84 -2.69
C ILE C 367 -6.76 41.80 -3.37
N CYS C 368 -6.22 42.75 -4.15
CA CYS C 368 -7.07 43.69 -4.88
C CYS C 368 -7.94 42.98 -5.92
N HIS C 369 -7.34 42.07 -6.69
CA HIS C 369 -8.11 41.33 -7.70
C HIS C 369 -9.12 40.40 -7.04
N THR C 370 -8.75 39.77 -5.92
CA THR C 370 -9.68 38.91 -5.20
C THR C 370 -10.86 39.72 -4.66
N ALA C 371 -10.60 40.91 -4.13
CA ALA C 371 -11.67 41.77 -3.65
C ALA C 371 -12.57 42.24 -4.78
N SER C 372 -11.99 42.54 -5.95
CA SER C 372 -12.80 42.91 -7.11
C SER C 372 -13.70 41.77 -7.54
N TYR C 373 -13.17 40.55 -7.59
CA TYR C 373 -14.00 39.40 -7.98
C TYR C 373 -15.08 39.10 -6.93
N LEU C 374 -14.75 39.30 -5.65
CA LEU C 374 -15.74 39.09 -4.59
C LEU C 374 -16.85 40.12 -4.67
N THR C 375 -16.51 41.38 -4.98
CA THR C 375 -17.54 42.41 -5.13
C THR C 375 -18.41 42.13 -6.35
N PHE C 376 -17.81 41.63 -7.44
CA PHE C 376 -18.59 41.23 -8.60
C PHE C 376 -19.54 40.08 -8.27
N LEU C 377 -19.08 39.10 -7.51
CA LEU C 377 -19.97 37.99 -7.10
C LEU C 377 -21.06 38.45 -6.16
N PHE C 378 -20.76 39.42 -5.29
CA PHE C 378 -21.79 40.00 -4.44
C PHE C 378 -22.84 40.75 -5.27
N LEU C 379 -22.40 41.43 -6.32
CA LEU C 379 -23.34 42.05 -7.25
C LEU C 379 -24.19 41.02 -7.98
N LEU C 380 -23.61 39.87 -8.34
CA LEU C 380 -24.39 38.79 -8.92
C LEU C 380 -25.42 38.26 -7.93
N LEU C 381 -25.05 38.13 -6.66
CA LEU C 381 -25.98 37.69 -5.64
C LEU C 381 -27.10 38.71 -5.44
N LEU C 382 -26.78 40.00 -5.51
CA LEU C 382 -27.81 41.03 -5.47
C LEU C 382 -28.73 40.97 -6.67
N ALA C 383 -28.18 40.66 -7.86
CA ALA C 383 -29.01 40.52 -9.05
C ALA C 383 -29.91 39.31 -8.95
N SER C 384 -29.48 38.25 -8.25
CA SER C 384 -30.36 37.09 -8.04
C SER C 384 -31.50 37.39 -7.08
N GLN C 385 -31.40 38.46 -6.29
CA GLN C 385 -32.44 38.83 -5.36
C GLN C 385 -33.13 40.12 -5.78
N ASP C 391 -42.00 41.62 -13.66
CA ASP C 391 -41.56 40.53 -14.52
C ASP C 391 -42.55 40.26 -15.63
N LEU C 392 -43.42 41.23 -15.89
CA LEU C 392 -44.46 41.10 -16.90
C LEU C 392 -44.13 41.80 -18.21
N ASN C 393 -42.89 42.26 -18.38
CA ASN C 393 -42.47 42.97 -19.57
C ASN C 393 -41.63 42.07 -20.46
N ARG C 394 -41.99 42.01 -21.75
CA ARG C 394 -41.24 41.21 -22.70
C ARG C 394 -39.82 41.76 -22.91
N GLN C 395 -39.70 43.08 -23.02
CA GLN C 395 -38.41 43.73 -23.08
C GLN C 395 -37.94 44.02 -21.66
N GLY C 396 -36.76 43.51 -21.32
CA GLY C 396 -36.21 43.73 -20.01
C GLY C 396 -35.05 44.71 -20.03
N PRO C 397 -35.30 45.95 -19.60
CA PRO C 397 -34.19 46.88 -19.43
C PRO C 397 -33.35 46.50 -18.23
N PRO C 398 -32.08 46.90 -18.21
CA PRO C 398 -31.27 46.69 -16.99
C PRO C 398 -31.85 47.47 -15.83
N PRO C 399 -31.87 46.89 -14.63
CA PRO C 399 -32.30 47.64 -13.45
C PRO C 399 -31.38 48.82 -13.19
N THR C 400 -31.98 49.93 -12.74
CA THR C 400 -31.29 51.21 -12.65
C THR C 400 -30.13 51.21 -11.66
N ILE C 401 -30.06 50.23 -10.77
CA ILE C 401 -28.96 50.13 -9.80
C ILE C 401 -28.08 48.90 -10.05
N VAL C 402 -28.68 47.69 -10.04
CA VAL C 402 -27.90 46.47 -9.85
C VAL C 402 -27.08 46.11 -11.08
N GLU C 403 -27.74 45.87 -12.21
CA GLU C 403 -27.05 45.32 -13.37
C GLU C 403 -26.19 46.36 -14.07
N TRP C 404 -26.44 47.65 -13.82
CA TRP C 404 -25.78 48.69 -14.61
C TRP C 404 -24.29 48.79 -14.31
N MET C 405 -23.86 48.56 -13.06
CA MET C 405 -22.43 48.58 -12.80
C MET C 405 -21.82 47.19 -12.96
N ILE C 406 -22.64 46.17 -13.22
CA ILE C 406 -22.16 44.81 -13.43
C ILE C 406 -21.45 44.73 -14.78
N LEU C 407 -21.98 45.44 -15.77
CA LEU C 407 -21.41 45.43 -17.12
C LEU C 407 -19.93 45.84 -17.21
N PRO C 408 -19.41 46.83 -16.47
CA PRO C 408 -17.95 47.05 -16.47
C PRO C 408 -17.12 45.84 -16.06
N TRP C 409 -17.58 45.03 -15.09
CA TRP C 409 -16.83 43.82 -14.77
C TRP C 409 -16.86 42.82 -15.93
N VAL C 410 -17.99 42.72 -16.62
CA VAL C 410 -18.11 41.79 -17.74
C VAL C 410 -17.17 42.21 -18.88
N LEU C 411 -17.19 43.50 -19.23
CA LEU C 411 -16.26 43.98 -20.26
C LEU C 411 -14.81 43.91 -19.82
N GLY C 412 -14.54 44.09 -18.52
CA GLY C 412 -13.18 43.92 -18.04
C GLY C 412 -12.69 42.50 -18.14
N PHE C 413 -13.56 41.53 -17.81
CA PHE C 413 -13.20 40.12 -17.98
C PHE C 413 -12.97 39.78 -19.43
N ILE C 414 -13.82 40.28 -20.33
CA ILE C 414 -13.66 40.02 -21.76
C ILE C 414 -12.36 40.63 -22.28
N TRP C 415 -12.07 41.88 -21.92
CA TRP C 415 -10.87 42.54 -22.39
C TRP C 415 -9.62 41.89 -21.81
N GLY C 416 -9.68 41.45 -20.55
CA GLY C 416 -8.56 40.73 -19.98
C GLY C 416 -8.32 39.39 -20.65
N GLU C 417 -9.40 38.69 -21.02
CA GLU C 417 -9.24 37.41 -21.72
C GLU C 417 -8.63 37.61 -23.10
N ILE C 418 -9.08 38.62 -23.84
CA ILE C 418 -8.49 38.88 -25.16
C ILE C 418 -7.04 39.31 -25.03
N LYS C 419 -6.73 40.16 -24.04
CA LYS C 419 -5.35 40.59 -23.84
C LYS C 419 -4.44 39.43 -23.45
N GLN C 420 -4.92 38.53 -22.58
CA GLN C 420 -4.12 37.38 -22.17
C GLN C 420 -3.99 36.38 -23.31
N MET C 421 -5.00 36.29 -24.18
CA MET C 421 -4.90 35.41 -25.33
C MET C 421 -3.95 35.96 -26.39
N TRP C 422 -3.79 37.29 -26.43
CA TRP C 422 -2.94 37.89 -27.46
C TRP C 422 -1.46 37.66 -27.18
N ASP C 423 -1.04 37.71 -25.92
CA ASP C 423 0.36 37.53 -25.56
C ASP C 423 0.53 36.15 -24.92
N GLY C 424 1.48 35.37 -25.44
CA GLY C 424 1.73 34.05 -24.92
C GLY C 424 1.35 32.95 -25.89
N GLY C 425 0.21 33.12 -26.55
CA GLY C 425 -0.27 32.16 -27.52
C GLY C 425 -1.59 31.52 -27.09
N LEU C 426 -2.12 30.69 -27.99
CA LEU C 426 -3.38 30.01 -27.76
C LEU C 426 -3.21 28.59 -27.21
N GLN C 427 -2.02 28.02 -27.31
CA GLN C 427 -1.79 26.68 -26.78
C GLN C 427 -1.85 26.68 -25.26
N ASP C 428 -1.18 27.64 -24.62
CA ASP C 428 -1.26 27.76 -23.17
C ASP C 428 -2.62 28.23 -22.69
N TYR C 429 -3.39 28.88 -23.57
CA TYR C 429 -4.77 29.24 -23.22
C TYR C 429 -5.63 27.99 -23.08
N ILE C 430 -5.52 27.07 -24.03
CA ILE C 430 -6.30 25.83 -23.95
C ILE C 430 -5.67 24.83 -23.00
N HIS C 431 -4.41 25.04 -22.61
CA HIS C 431 -3.76 24.16 -21.64
C HIS C 431 -4.17 24.45 -20.20
N ASP C 432 -4.89 25.54 -19.96
CA ASP C 432 -5.39 25.90 -18.64
C ASP C 432 -6.91 25.73 -18.63
N TRP C 433 -7.42 24.90 -17.71
CA TRP C 433 -8.84 24.63 -17.68
C TRP C 433 -9.64 25.79 -17.11
N TRP C 434 -9.04 26.58 -16.22
CA TRP C 434 -9.71 27.77 -15.72
C TRP C 434 -9.89 28.80 -16.81
N ASN C 435 -8.97 28.85 -17.77
CA ASN C 435 -9.14 29.72 -18.94
C ASN C 435 -10.31 29.25 -19.79
N LEU C 436 -10.48 27.95 -19.94
CA LEU C 436 -11.67 27.43 -20.63
C LEU C 436 -12.94 27.80 -19.88
N MET C 437 -12.92 27.71 -18.54
CA MET C 437 -14.08 28.02 -17.74
C MET C 437 -14.47 29.49 -17.85
N ASP C 438 -13.50 30.40 -17.76
CA ASP C 438 -13.86 31.81 -17.82
C ASP C 438 -14.12 32.26 -19.26
N PHE C 439 -13.57 31.55 -20.26
CA PHE C 439 -13.98 31.80 -21.64
C PHE C 439 -15.44 31.42 -21.84
N VAL C 440 -15.85 30.28 -21.27
CA VAL C 440 -17.26 29.88 -21.35
C VAL C 440 -18.15 30.89 -20.63
N MET C 441 -17.72 31.35 -19.45
CA MET C 441 -18.50 32.33 -18.71
C MET C 441 -18.62 33.65 -19.46
N ASN C 442 -17.53 34.10 -20.09
CA ASN C 442 -17.58 35.36 -20.83
C ASN C 442 -18.41 35.23 -22.11
N SER C 443 -18.36 34.06 -22.75
CA SER C 443 -19.22 33.83 -23.92
C SER C 443 -20.69 33.84 -23.52
N LEU C 444 -21.01 33.23 -22.38
CA LEU C 444 -22.39 33.26 -21.88
C LEU C 444 -22.83 34.67 -21.53
N TYR C 445 -21.93 35.46 -20.93
CA TYR C 445 -22.27 36.84 -20.59
C TYR C 445 -22.48 37.70 -21.84
N LEU C 446 -21.65 37.49 -22.86
CA LEU C 446 -21.85 38.17 -24.14
C LEU C 446 -23.17 37.78 -24.78
N ALA C 447 -23.52 36.48 -24.68
CA ALA C 447 -24.81 36.03 -25.21
C ALA C 447 -25.97 36.67 -24.48
N THR C 448 -25.86 36.81 -23.14
CA THR C 448 -26.92 37.48 -22.38
C THR C 448 -27.03 38.95 -22.75
N ILE C 449 -25.90 39.62 -22.95
CA ILE C 449 -25.91 41.03 -23.33
C ILE C 449 -26.57 41.20 -24.70
N SER C 450 -26.22 40.34 -25.65
CA SER C 450 -26.81 40.41 -26.99
C SER C 450 -28.30 40.09 -26.96
N LEU C 451 -28.70 39.11 -26.15
CA LEU C 451 -30.11 38.74 -26.05
C LEU C 451 -30.93 39.84 -25.38
N LYS C 452 -30.36 40.51 -24.37
CA LYS C 452 -31.04 41.64 -23.75
C LYS C 452 -31.19 42.80 -24.73
N ILE C 453 -30.15 43.06 -25.53
CA ILE C 453 -30.23 44.11 -26.55
C ILE C 453 -31.31 43.77 -27.59
N VAL C 454 -31.35 42.51 -28.02
CA VAL C 454 -32.32 42.08 -29.02
C VAL C 454 -33.74 42.19 -28.47
N ALA C 455 -33.96 41.77 -27.22
CA ALA C 455 -35.27 41.89 -26.60
C ALA C 455 -35.67 43.34 -26.39
N PHE C 456 -34.70 44.22 -26.12
CA PHE C 456 -35.02 45.64 -25.96
C PHE C 456 -35.40 46.29 -27.28
N VAL C 457 -34.69 45.95 -28.37
CA VAL C 457 -34.94 46.60 -29.65
C VAL C 457 -36.01 45.89 -30.47
N LYS C 458 -36.50 44.74 -30.02
CA LYS C 458 -37.55 44.02 -30.74
C LYS C 458 -38.83 43.88 -29.96
N TYR C 459 -38.75 43.44 -28.70
CA TYR C 459 -39.95 43.24 -27.89
C TYR C 459 -40.20 44.43 -26.98
N PRO C 464 -48.10 39.43 -20.03
CA PRO C 464 -47.71 38.69 -18.83
C PRO C 464 -46.63 37.67 -19.10
N ARG C 465 -45.95 37.21 -18.05
CA ARG C 465 -44.85 36.25 -18.22
C ARG C 465 -45.38 34.87 -18.59
N GLU C 466 -46.56 34.50 -18.08
CA GLU C 466 -47.08 33.14 -18.27
C GLU C 466 -47.57 32.89 -19.69
N SER C 467 -47.67 33.91 -20.52
CA SER C 467 -48.16 33.77 -21.89
C SER C 467 -47.04 34.02 -22.90
N TRP C 468 -45.81 33.67 -22.52
CA TRP C 468 -44.65 33.81 -23.39
C TRP C 468 -44.32 32.48 -24.06
N ASP C 469 -43.69 32.56 -25.22
CA ASP C 469 -43.12 31.38 -25.85
C ASP C 469 -41.95 30.87 -25.01
N MET C 470 -41.73 29.55 -25.06
CA MET C 470 -40.67 28.96 -24.25
C MET C 470 -39.29 29.34 -24.75
N TRP C 471 -39.15 29.80 -26.00
CA TRP C 471 -37.89 30.28 -26.54
C TRP C 471 -37.87 31.80 -26.67
N HIS C 472 -38.50 32.49 -25.73
CA HIS C 472 -38.43 33.95 -25.68
C HIS C 472 -37.00 34.38 -25.36
N PRO C 473 -36.49 35.42 -26.02
CA PRO C 473 -35.10 35.85 -25.75
C PRO C 473 -34.85 36.29 -24.32
N THR C 474 -35.85 36.80 -23.61
CA THR C 474 -35.68 37.13 -22.20
C THR C 474 -35.45 35.87 -21.37
N LEU C 475 -36.21 34.81 -21.65
CA LEU C 475 -36.06 33.56 -20.91
C LEU C 475 -34.69 32.93 -21.16
N VAL C 476 -34.25 32.92 -22.42
CA VAL C 476 -32.93 32.39 -22.76
C VAL C 476 -31.83 33.23 -22.12
N ALA C 477 -32.02 34.56 -22.11
CA ALA C 477 -31.04 35.45 -21.49
C ALA C 477 -30.93 35.19 -19.99
N GLU C 478 -32.06 35.00 -19.32
CA GLU C 478 -32.03 34.70 -17.88
C GLU C 478 -31.41 33.35 -17.59
N ALA C 479 -31.70 32.34 -18.42
CA ALA C 479 -31.11 31.02 -18.23
C ALA C 479 -29.59 31.06 -18.43
N LEU C 480 -29.13 31.72 -19.49
CA LEU C 480 -27.69 31.82 -19.71
C LEU C 480 -27.02 32.69 -18.67
N PHE C 481 -27.73 33.69 -18.13
CA PHE C 481 -27.18 34.49 -17.05
C PHE C 481 -27.01 33.66 -15.78
N ALA C 482 -27.96 32.76 -15.50
CA ALA C 482 -27.82 31.89 -14.35
C ALA C 482 -26.68 30.89 -14.53
N ILE C 483 -26.51 30.36 -15.75
CA ILE C 483 -25.39 29.46 -16.02
C ILE C 483 -24.05 30.19 -15.88
N ALA C 484 -23.99 31.43 -16.38
CA ALA C 484 -22.77 32.22 -16.24
C ALA C 484 -22.51 32.59 -14.79
N ASN C 485 -23.57 32.79 -13.99
CA ASN C 485 -23.39 33.02 -12.56
C ASN C 485 -22.81 31.78 -11.88
N ILE C 486 -23.27 30.60 -12.29
CA ILE C 486 -22.71 29.34 -11.77
C ILE C 486 -21.23 29.26 -12.09
N PHE C 487 -20.86 29.56 -13.34
CA PHE C 487 -19.45 29.48 -13.73
C PHE C 487 -18.60 30.53 -13.03
N SER C 488 -19.13 31.75 -12.88
CA SER C 488 -18.38 32.82 -12.21
C SER C 488 -18.15 32.50 -10.74
N SER C 489 -19.16 31.96 -10.07
CA SER C 489 -18.98 31.60 -8.67
C SER C 489 -18.19 30.31 -8.49
N LEU C 490 -18.13 29.45 -9.52
CA LEU C 490 -17.26 28.28 -9.49
C LEU C 490 -15.82 28.61 -9.84
N ARG C 491 -15.57 29.80 -10.41
CA ARG C 491 -14.20 30.24 -10.65
C ARG C 491 -13.44 30.56 -9.36
N LEU C 492 -14.11 30.61 -8.21
CA LEU C 492 -13.45 30.94 -6.95
C LEU C 492 -12.53 29.83 -6.45
N ILE C 493 -12.65 28.61 -6.98
CA ILE C 493 -11.80 27.51 -6.54
C ILE C 493 -10.36 27.71 -7.02
N SER C 494 -10.15 28.52 -8.05
CA SER C 494 -8.80 28.80 -8.51
C SER C 494 -7.99 29.65 -7.53
N LEU C 495 -8.66 30.34 -6.61
CA LEU C 495 -7.98 31.14 -5.60
C LEU C 495 -7.54 30.33 -4.40
N PHE C 496 -7.88 29.03 -4.35
CA PHE C 496 -7.41 28.18 -3.27
C PHE C 496 -5.93 27.85 -3.38
N THR C 497 -5.31 28.10 -4.54
CA THR C 497 -3.91 27.78 -4.73
C THR C 497 -2.99 28.64 -3.86
N ALA C 498 -3.41 29.88 -3.57
CA ALA C 498 -2.61 30.75 -2.71
C ALA C 498 -2.54 30.22 -1.28
N ASN C 499 -3.64 29.65 -0.79
CA ASN C 499 -3.66 29.12 0.57
C ASN C 499 -2.84 27.83 0.66
N SER C 500 -2.25 27.61 1.83
CA SER C 500 -1.39 26.46 2.05
C SER C 500 -2.13 25.23 2.54
N HIS C 501 -3.42 25.35 2.84
CA HIS C 501 -4.23 24.24 3.34
C HIS C 501 -5.17 23.67 2.29
N LEU C 502 -5.90 24.53 1.58
CA LEU C 502 -6.77 24.08 0.51
C LEU C 502 -6.05 23.94 -0.83
N GLY C 503 -4.80 24.40 -0.91
CA GLY C 503 -4.03 24.38 -2.12
C GLY C 503 -3.74 23.00 -2.69
N PRO C 504 -2.96 22.17 -1.97
CA PRO C 504 -2.67 20.82 -2.47
C PRO C 504 -3.90 19.96 -2.65
N LEU C 505 -4.91 20.13 -1.78
CA LEU C 505 -6.17 19.42 -1.93
C LEU C 505 -6.85 19.79 -3.25
N GLN C 506 -6.95 21.10 -3.54
CA GLN C 506 -7.57 21.55 -4.78
C GLN C 506 -6.78 21.06 -5.99
N ILE C 507 -5.45 21.06 -5.90
CA ILE C 507 -4.62 20.62 -7.02
C ILE C 507 -4.83 19.13 -7.30
N SER C 508 -4.85 18.30 -6.25
CA SER C 508 -5.04 16.86 -6.46
C SER C 508 -6.43 16.54 -7.00
N LEU C 509 -7.45 17.19 -6.44
CA LEU C 509 -8.81 16.94 -6.90
C LEU C 509 -9.08 17.52 -8.28
N GLY C 510 -8.28 18.49 -8.73
CA GLY C 510 -8.32 18.86 -10.13
C GLY C 510 -7.52 17.95 -11.02
N ARG C 511 -6.51 17.27 -10.45
CA ARG C 511 -5.70 16.34 -11.24
C ARG C 511 -6.45 15.06 -11.60
N MET C 512 -7.32 14.55 -10.72
CA MET C 512 -8.00 13.29 -11.11
C MET C 512 -9.22 13.49 -12.04
N LEU C 513 -9.36 14.66 -12.65
CA LEU C 513 -10.53 14.92 -13.49
C LEU C 513 -10.45 14.22 -14.85
N LEU C 514 -9.23 13.98 -15.36
CA LEU C 514 -9.10 13.19 -16.60
C LEU C 514 -9.58 11.77 -16.39
N ASP C 515 -9.22 11.18 -15.26
CA ASP C 515 -9.69 9.85 -14.89
C ASP C 515 -11.22 9.84 -14.71
N ILE C 516 -11.76 10.91 -14.11
CA ILE C 516 -13.21 11.08 -14.03
C ILE C 516 -13.84 11.07 -15.41
N LEU C 517 -13.22 11.77 -16.37
CA LEU C 517 -13.78 11.84 -17.71
C LEU C 517 -13.74 10.49 -18.41
N LYS C 518 -12.68 9.71 -18.19
CA LYS C 518 -12.62 8.36 -18.76
C LYS C 518 -13.72 7.47 -18.22
N PHE C 519 -13.92 7.48 -16.89
CA PHE C 519 -14.98 6.66 -16.33
C PHE C 519 -16.37 7.17 -16.75
N LEU C 520 -16.50 8.48 -16.96
CA LEU C 520 -17.76 9.02 -17.45
C LEU C 520 -18.03 8.60 -18.89
N PHE C 521 -16.97 8.45 -19.70
CA PHE C 521 -17.13 7.89 -21.04
C PHE C 521 -17.67 6.46 -20.98
N ILE C 522 -17.10 5.64 -20.09
CA ILE C 522 -17.55 4.25 -19.95
C ILE C 522 -19.01 4.21 -19.49
N TYR C 523 -19.34 5.02 -18.49
CA TYR C 523 -20.71 5.03 -17.98
C TYR C 523 -21.69 5.59 -19.01
N CYS C 524 -21.26 6.55 -19.82
CA CYS C 524 -22.12 7.10 -20.86
C CYS C 524 -22.44 6.05 -21.92
N LEU C 525 -21.45 5.20 -22.26
CA LEU C 525 -21.72 4.09 -23.17
C LEU C 525 -22.73 3.11 -22.57
N VAL C 526 -22.59 2.80 -21.28
CA VAL C 526 -23.54 1.90 -20.61
C VAL C 526 -24.94 2.50 -20.59
N LEU C 527 -25.04 3.80 -20.27
CA LEU C 527 -26.32 4.49 -20.23
C LEU C 527 -26.98 4.51 -21.60
N LEU C 528 -26.18 4.75 -22.65
CA LEU C 528 -26.73 4.75 -24.01
C LEU C 528 -27.28 3.37 -24.38
N ALA C 529 -26.58 2.30 -24.00
CA ALA C 529 -27.06 0.96 -24.27
C ALA C 529 -28.39 0.68 -23.58
N PHE C 530 -28.45 0.96 -22.27
CA PHE C 530 -29.68 0.64 -21.54
C PHE C 530 -30.83 1.57 -21.92
N ALA C 531 -30.54 2.82 -22.29
CA ALA C 531 -31.57 3.73 -22.76
C ALA C 531 -32.14 3.28 -24.10
N ASN C 532 -31.26 2.81 -25.00
CA ASN C 532 -31.72 2.27 -26.28
C ASN C 532 -32.65 1.08 -26.06
N GLY C 533 -32.26 0.16 -25.18
CA GLY C 533 -33.10 -1.00 -24.93
C GLY C 533 -34.43 -0.66 -24.28
N LEU C 534 -34.42 0.21 -23.28
CA LEU C 534 -35.66 0.56 -22.57
C LEU C 534 -36.60 1.36 -23.46
N ASN C 535 -36.06 2.28 -24.28
CA ASN C 535 -36.90 3.00 -25.22
C ASN C 535 -37.48 2.08 -26.27
N GLN C 536 -36.68 1.13 -26.77
CA GLN C 536 -37.17 0.15 -27.74
C GLN C 536 -38.31 -0.68 -27.17
N LEU C 537 -38.20 -1.06 -25.90
CA LEU C 537 -39.28 -1.85 -25.29
C LEU C 537 -40.52 -0.99 -25.03
N TYR C 538 -40.35 0.23 -24.54
CA TYR C 538 -41.46 0.98 -23.96
C TYR C 538 -42.05 2.06 -24.87
N PHE C 539 -41.56 2.23 -26.10
CA PHE C 539 -42.11 3.31 -26.90
C PHE C 539 -43.47 2.97 -27.51
N TYR C 540 -43.91 1.71 -27.44
CA TYR C 540 -45.24 1.35 -27.92
C TYR C 540 -46.36 1.80 -26.98
N TYR C 541 -46.04 2.18 -25.76
CA TYR C 541 -47.04 2.49 -24.73
C TYR C 541 -46.98 3.96 -24.33
N GLU C 542 -46.82 4.85 -25.31
CA GLU C 542 -46.75 6.28 -25.05
C GLU C 542 -48.17 6.84 -24.99
N GLU C 543 -48.49 7.50 -23.88
CA GLU C 543 -49.81 8.10 -23.68
C GLU C 543 -49.73 9.61 -23.79
N THR C 544 -50.85 10.23 -24.16
CA THR C 544 -50.92 11.68 -24.30
C THR C 544 -52.14 12.23 -23.57
N LEU C 547 -53.91 15.01 -19.11
CA LEU C 547 -52.51 14.78 -18.77
C LEU C 547 -51.67 16.02 -19.06
N THR C 548 -51.58 16.91 -18.07
CA THR C 548 -50.83 18.15 -18.25
C THR C 548 -49.32 17.91 -18.31
N CYS C 549 -48.82 17.02 -17.46
CA CYS C 549 -47.39 16.71 -17.42
C CYS C 549 -47.12 15.41 -18.17
N LYS C 550 -46.04 15.41 -18.96
CA LYS C 550 -45.60 14.21 -19.67
C LYS C 550 -44.10 14.10 -19.45
N GLY C 551 -43.70 13.33 -18.45
CA GLY C 551 -42.30 13.14 -18.15
C GLY C 551 -42.12 12.72 -16.70
N ILE C 552 -40.86 12.79 -16.25
CA ILE C 552 -40.50 12.39 -14.90
C ILE C 552 -40.46 13.54 -13.92
N ARG C 553 -40.81 14.75 -14.35
CA ARG C 553 -40.68 15.95 -13.51
C ARG C 553 -42.01 16.43 -12.97
N CYS C 554 -42.91 15.50 -12.61
CA CYS C 554 -44.14 15.84 -11.91
C CYS C 554 -44.34 14.83 -10.78
N GLU C 555 -45.45 14.98 -10.06
CA GLU C 555 -45.73 14.10 -8.92
C GLU C 555 -46.00 12.67 -9.39
N LYS C 556 -46.87 12.51 -10.38
CA LYS C 556 -47.12 11.21 -11.00
C LYS C 556 -46.20 11.09 -12.20
N GLN C 557 -45.07 10.42 -12.02
CA GLN C 557 -44.11 10.25 -13.11
C GLN C 557 -44.67 9.29 -14.15
N ASN C 558 -44.72 9.74 -15.40
CA ASN C 558 -45.30 8.96 -16.47
C ASN C 558 -44.49 9.19 -17.75
N ASN C 559 -44.62 8.23 -18.67
CA ASN C 559 -43.93 8.26 -19.97
C ASN C 559 -42.42 8.40 -19.81
N ALA C 560 -41.86 7.66 -18.85
CA ALA C 560 -40.44 7.80 -18.55
C ALA C 560 -39.56 7.23 -19.65
N PHE C 561 -39.98 6.14 -20.29
CA PHE C 561 -39.18 5.51 -21.34
C PHE C 561 -39.85 5.59 -22.70
N SER C 562 -40.85 6.47 -22.86
CA SER C 562 -41.54 6.58 -24.13
C SER C 562 -40.72 7.31 -25.18
N THR C 563 -39.84 8.22 -24.77
CA THR C 563 -38.99 8.97 -25.68
C THR C 563 -37.53 8.66 -25.33
N LEU C 564 -36.67 8.68 -26.35
CA LEU C 564 -35.25 8.41 -26.13
C LEU C 564 -34.61 9.44 -25.22
N PHE C 565 -34.96 10.72 -25.41
CA PHE C 565 -34.48 11.77 -24.50
C PHE C 565 -35.02 11.57 -23.10
N GLU C 566 -36.31 11.22 -22.98
CA GLU C 566 -36.88 10.95 -21.67
C GLU C 566 -36.31 9.69 -21.06
N THR C 567 -35.98 8.68 -21.87
CA THR C 567 -35.32 7.49 -21.36
C THR C 567 -33.93 7.82 -20.82
N LEU C 568 -33.19 8.69 -21.52
CA LEU C 568 -31.88 9.12 -21.04
C LEU C 568 -32.01 9.88 -19.72
N GLN C 569 -33.02 10.77 -19.62
CA GLN C 569 -33.22 11.51 -18.37
C GLN C 569 -33.64 10.59 -17.23
N SER C 570 -34.50 9.61 -17.51
CA SER C 570 -34.96 8.69 -16.47
C SER C 570 -33.84 7.79 -15.99
N LEU C 571 -32.95 7.37 -16.90
CA LEU C 571 -31.81 6.56 -16.47
C LEU C 571 -30.75 7.40 -15.78
N PHE C 572 -30.64 8.68 -16.13
CA PHE C 572 -29.72 9.56 -15.42
C PHE C 572 -30.19 9.83 -14.01
N TRP C 573 -31.49 10.05 -13.83
CA TRP C 573 -32.02 10.40 -12.51
C TRP C 573 -32.20 9.19 -11.60
N SER C 574 -31.99 7.98 -12.10
CA SER C 574 -32.12 6.78 -11.29
C SER C 574 -30.90 6.50 -10.43
N ILE C 575 -29.78 7.19 -10.67
CA ILE C 575 -28.62 7.06 -9.80
C ILE C 575 -28.93 7.59 -8.42
N PHE C 576 -29.63 8.72 -8.35
CA PHE C 576 -29.96 9.38 -7.11
C PHE C 576 -31.29 8.93 -6.53
N GLY C 577 -31.94 7.95 -7.16
CA GLY C 577 -33.19 7.43 -6.64
C GLY C 577 -34.40 8.33 -6.83
N LEU C 578 -34.35 9.25 -7.78
CA LEU C 578 -35.45 10.19 -8.00
C LEU C 578 -36.46 9.68 -9.01
N ILE C 579 -36.31 8.46 -9.51
CA ILE C 579 -37.27 7.83 -10.40
C ILE C 579 -37.94 6.69 -9.65
N ASN C 580 -39.26 6.74 -9.56
CA ASN C 580 -40.00 5.75 -8.80
C ASN C 580 -40.22 4.49 -9.63
N LEU C 581 -40.82 3.48 -8.99
CA LEU C 581 -40.97 2.17 -9.61
C LEU C 581 -42.25 2.03 -10.44
N TYR C 582 -43.16 3.01 -10.40
CA TYR C 582 -44.36 2.92 -11.23
C TYR C 582 -44.13 3.41 -12.65
N VAL C 583 -42.93 3.90 -12.97
CA VAL C 583 -42.63 4.32 -14.33
C VAL C 583 -42.41 3.15 -15.27
N THR C 584 -42.25 1.94 -14.74
CA THR C 584 -42.09 0.74 -15.56
C THR C 584 -43.41 0.07 -15.88
N ASN C 585 -44.53 0.63 -15.44
CA ASN C 585 -45.84 0.04 -15.69
C ASN C 585 -46.47 0.66 -16.93
N VAL C 586 -47.34 -0.09 -17.58
CA VAL C 586 -48.06 0.37 -18.76
C VAL C 586 -49.56 0.34 -18.43
N LYS C 587 -50.34 1.00 -19.30
CA LYS C 587 -51.80 1.02 -19.10
C LYS C 587 -52.41 -0.35 -19.32
N ALA C 588 -51.92 -1.11 -20.30
CA ALA C 588 -52.44 -2.44 -20.56
C ALA C 588 -51.95 -3.42 -19.51
N GLN C 589 -52.59 -4.59 -19.48
CA GLN C 589 -52.22 -5.65 -18.55
C GLN C 589 -51.19 -6.60 -19.15
N HIS C 590 -50.09 -6.04 -19.66
CA HIS C 590 -48.99 -6.81 -20.24
C HIS C 590 -47.94 -6.99 -19.15
N GLU C 591 -48.12 -8.02 -18.33
CA GLU C 591 -47.22 -8.23 -17.20
C GLU C 591 -45.84 -8.69 -17.65
N PHE C 592 -45.74 -9.36 -18.80
CA PHE C 592 -44.44 -9.79 -19.30
C PHE C 592 -43.59 -8.60 -19.73
N THR C 593 -44.18 -7.65 -20.46
CA THR C 593 -43.47 -6.46 -20.89
C THR C 593 -43.05 -5.62 -19.69
N GLU C 594 -43.94 -5.47 -18.70
CA GLU C 594 -43.61 -4.73 -17.50
C GLU C 594 -42.49 -5.40 -16.72
N PHE C 595 -42.53 -6.73 -16.61
CA PHE C 595 -41.48 -7.46 -15.90
C PHE C 595 -40.13 -7.33 -16.61
N VAL C 596 -40.13 -7.41 -17.94
CA VAL C 596 -38.88 -7.32 -18.68
C VAL C 596 -38.31 -5.90 -18.61
N GLY C 597 -39.17 -4.88 -18.67
CA GLY C 597 -38.70 -3.52 -18.51
C GLY C 597 -38.19 -3.23 -17.11
N ALA C 598 -38.86 -3.77 -16.09
CA ALA C 598 -38.38 -3.62 -14.72
C ALA C 598 -37.08 -4.39 -14.50
N THR C 599 -36.90 -5.51 -15.20
CA THR C 599 -35.62 -6.23 -15.13
C THR C 599 -34.51 -5.44 -15.79
N MET C 600 -34.81 -4.75 -16.90
CA MET C 600 -33.83 -3.83 -17.49
C MET C 600 -33.47 -2.72 -16.52
N PHE C 601 -34.48 -2.14 -15.87
CA PHE C 601 -34.23 -1.07 -14.90
C PHE C 601 -33.41 -1.57 -13.72
N GLY C 602 -33.70 -2.78 -13.24
CA GLY C 602 -32.93 -3.35 -12.15
C GLY C 602 -31.50 -3.66 -12.53
N THR C 603 -31.28 -4.21 -13.73
CA THR C 603 -29.93 -4.49 -14.20
C THR C 603 -29.13 -3.21 -14.37
N TYR C 604 -29.75 -2.17 -14.93
CA TYR C 604 -29.08 -0.89 -15.08
C TYR C 604 -28.73 -0.28 -13.72
N ASN C 605 -29.66 -0.36 -12.76
CA ASN C 605 -29.39 0.15 -11.43
C ASN C 605 -28.26 -0.63 -10.76
N VAL C 606 -28.27 -1.96 -10.91
CA VAL C 606 -27.22 -2.79 -10.33
C VAL C 606 -25.86 -2.42 -10.89
N ILE C 607 -25.76 -2.30 -12.21
CA ILE C 607 -24.49 -1.92 -12.82
C ILE C 607 -24.08 -0.53 -12.35
N SER C 608 -24.87 0.50 -12.67
CA SER C 608 -24.50 1.89 -12.46
C SER C 608 -24.41 2.29 -11.00
N LEU C 609 -24.87 1.46 -10.06
CA LEU C 609 -24.75 1.80 -8.64
C LEU C 609 -23.86 0.84 -7.87
N VAL C 610 -24.10 -0.46 -7.96
CA VAL C 610 -23.26 -1.40 -7.23
C VAL C 610 -21.93 -1.61 -7.94
N VAL C 611 -21.95 -1.80 -9.26
CA VAL C 611 -20.75 -2.20 -9.98
C VAL C 611 -19.93 -0.97 -10.34
N LEU C 612 -20.51 -0.08 -11.15
CA LEU C 612 -19.74 0.99 -11.76
C LEU C 612 -19.33 2.04 -10.74
N LEU C 613 -20.21 2.39 -9.80
CA LEU C 613 -19.86 3.40 -8.80
C LEU C 613 -18.74 2.92 -7.89
N ASN C 614 -18.74 1.64 -7.53
CA ASN C 614 -17.67 1.11 -6.69
C ASN C 614 -16.37 0.93 -7.46
N MET C 615 -16.42 0.60 -8.76
CA MET C 615 -15.20 0.68 -9.58
C MET C 615 -14.67 2.10 -9.65
N LEU C 616 -15.57 3.09 -9.73
CA LEU C 616 -15.14 4.48 -9.70
C LEU C 616 -14.48 4.84 -8.39
N ILE C 617 -15.05 4.37 -7.26
CA ILE C 617 -14.46 4.63 -5.95
C ILE C 617 -13.07 4.00 -5.85
N ALA C 618 -12.92 2.77 -6.34
CA ALA C 618 -11.64 2.09 -6.32
C ALA C 618 -10.59 2.83 -7.16
N MET C 619 -11.00 3.32 -8.32
CA MET C 619 -10.03 3.95 -9.20
C MET C 619 -9.69 5.37 -8.74
N MET C 620 -10.59 5.99 -7.97
CA MET C 620 -10.25 7.31 -7.35
C MET C 620 -9.35 7.03 -6.14
N ASN C 621 -9.47 5.85 -5.51
CA ASN C 621 -8.57 5.48 -4.42
C ASN C 621 -7.15 5.28 -4.94
N ASN C 622 -7.01 4.55 -6.04
CA ASN C 622 -5.70 4.33 -6.64
C ASN C 622 -5.09 5.65 -7.14
N SER C 623 -5.90 6.48 -7.80
CA SER C 623 -5.39 7.75 -8.32
C SER C 623 -4.93 8.68 -7.20
N TYR C 624 -5.72 8.78 -6.12
CA TYR C 624 -5.36 9.66 -5.02
C TYR C 624 -4.16 9.16 -4.26
N GLN C 625 -4.02 7.83 -4.10
CA GLN C 625 -2.80 7.31 -3.51
C GLN C 625 -1.59 7.53 -4.41
N LEU C 626 -1.79 7.55 -5.73
CA LEU C 626 -0.69 7.78 -6.64
C LEU C 626 -0.25 9.25 -6.67
N ILE C 627 -1.19 10.19 -6.52
CA ILE C 627 -0.85 11.60 -6.70
C ILE C 627 -0.72 12.36 -5.38
N ALA C 628 -0.88 11.71 -4.24
CA ALA C 628 -0.67 12.38 -2.96
C ALA C 628 0.79 12.41 -2.54
N ASP C 629 1.66 11.64 -3.20
CA ASP C 629 3.08 11.64 -2.89
C ASP C 629 3.83 12.80 -3.53
N HIS C 630 3.18 13.53 -4.44
CA HIS C 630 3.78 14.70 -5.09
C HIS C 630 2.90 15.93 -4.94
N ALA C 631 2.00 15.92 -3.96
CA ALA C 631 0.99 16.97 -3.83
C ALA C 631 1.63 18.33 -3.53
N ASP C 632 2.66 18.34 -2.68
CA ASP C 632 3.39 19.57 -2.40
C ASP C 632 4.06 20.13 -3.64
N ILE C 633 4.64 19.25 -4.47
CA ILE C 633 5.36 19.68 -5.66
C ILE C 633 4.42 20.33 -6.67
N GLU C 634 3.30 19.66 -6.97
CA GLU C 634 2.32 20.23 -7.90
C GLU C 634 1.67 21.48 -7.35
N TRP C 635 1.37 21.50 -6.05
CA TRP C 635 0.76 22.69 -5.45
C TRP C 635 1.70 23.88 -5.49
N LYS C 636 2.99 23.66 -5.20
CA LYS C 636 3.94 24.77 -5.23
C LYS C 636 4.23 25.22 -6.66
N PHE C 637 4.17 24.30 -7.64
CA PHE C 637 4.30 24.71 -9.04
C PHE C 637 3.12 25.57 -9.47
N ALA C 638 1.91 25.17 -9.10
CA ALA C 638 0.73 25.96 -9.44
C ALA C 638 0.71 27.30 -8.70
N ARG C 639 1.17 27.31 -7.45
CA ARG C 639 1.25 28.56 -6.70
C ARG C 639 2.32 29.48 -7.28
N THR C 640 3.42 28.92 -7.79
CA THR C 640 4.41 29.72 -8.49
C THR C 640 3.84 30.33 -9.76
N LYS C 641 3.05 29.55 -10.51
CA LYS C 641 2.39 30.09 -11.70
C LYS C 641 1.43 31.22 -11.33
N LEU C 642 0.67 31.03 -10.25
CA LEU C 642 -0.25 32.08 -9.78
C LEU C 642 0.51 33.33 -9.34
N TRP C 643 1.66 33.16 -8.68
CA TRP C 643 2.45 34.30 -8.23
C TRP C 643 3.05 35.05 -9.41
N MET C 644 3.66 34.32 -10.35
CA MET C 644 4.27 34.95 -11.51
C MET C 644 3.24 35.52 -12.48
N SER C 645 1.97 35.13 -12.34
CA SER C 645 0.90 35.85 -13.05
C SER C 645 0.80 37.28 -12.56
N TYR C 646 0.95 37.51 -11.25
CA TYR C 646 0.87 38.84 -10.67
C TYR C 646 2.22 39.53 -10.54
N PHE C 647 3.32 38.84 -10.86
CA PHE C 647 4.64 39.47 -10.77
C PHE C 647 4.84 40.55 -11.82
N GLU C 648 4.24 40.38 -13.00
CA GLU C 648 4.49 41.29 -14.11
C GLU C 648 3.83 42.65 -13.86
N GLU C 649 4.37 43.67 -14.53
CA GLU C 649 3.84 45.02 -14.39
C GLU C 649 2.51 45.20 -15.12
N GLY C 650 2.32 44.50 -16.24
CA GLY C 650 1.09 44.62 -16.98
C GLY C 650 -0.08 43.96 -16.26
N GLY C 651 -1.27 44.50 -16.50
CA GLY C 651 -2.47 44.01 -15.83
C GLY C 651 -2.47 44.25 -14.33
N THR C 652 -1.89 45.36 -13.88
CA THR C 652 -1.90 45.68 -12.47
C THR C 652 -3.29 46.08 -11.99
N LEU C 653 -4.02 46.84 -12.80
CA LEU C 653 -5.34 47.31 -12.42
C LEU C 653 -6.35 46.15 -12.44
N PRO C 654 -7.31 46.16 -11.54
CA PRO C 654 -8.37 45.13 -11.56
C PRO C 654 -9.30 45.32 -12.76
N THR C 655 -10.11 44.29 -12.98
CA THR C 655 -10.99 44.27 -14.15
C THR C 655 -12.04 45.39 -14.25
N PRO C 656 -12.57 46.01 -13.18
CA PRO C 656 -13.42 47.19 -13.41
C PRO C 656 -12.65 48.40 -13.95
N PHE C 657 -11.35 48.48 -13.71
CA PHE C 657 -10.55 49.61 -14.14
C PHE C 657 -9.53 49.28 -15.21
N ASN C 658 -9.33 48.00 -15.55
CA ASN C 658 -8.32 47.64 -16.53
C ASN C 658 -8.72 48.01 -17.95
N VAL C 659 -10.01 48.27 -18.21
CA VAL C 659 -10.43 48.75 -19.52
C VAL C 659 -10.19 50.24 -19.68
N ILE C 660 -9.98 50.97 -18.59
CA ILE C 660 -9.74 52.40 -18.64
C ILE C 660 -8.26 52.67 -18.89
N ARG C 694 27.58 48.63 -25.46
CA ARG C 694 26.87 48.73 -24.19
C ARG C 694 26.01 47.49 -23.96
N ARG C 695 25.14 47.19 -24.91
CA ARG C 695 24.31 45.99 -24.80
C ARG C 695 25.14 44.72 -24.96
N ALA C 696 26.09 44.74 -25.91
CA ALA C 696 26.96 43.58 -26.11
C ALA C 696 27.88 43.37 -24.91
N ALA C 697 28.38 44.45 -24.32
CA ALA C 697 29.19 44.33 -23.11
C ALA C 697 28.38 43.78 -21.94
N ASP C 698 27.12 44.23 -21.82
CA ASP C 698 26.25 43.70 -20.77
C ASP C 698 25.97 42.21 -20.99
N ASN C 699 25.75 41.80 -22.24
CA ASN C 699 25.52 40.39 -22.52
C ASN C 699 26.76 39.55 -22.24
N LEU C 700 27.94 40.08 -22.57
CA LEU C 700 29.18 39.37 -22.29
C LEU C 700 29.44 39.24 -20.80
N ARG C 701 29.16 40.30 -20.04
CA ARG C 701 29.32 40.25 -18.58
C ARG C 701 28.34 39.27 -17.94
N ARG C 702 27.09 39.27 -18.41
CA ARG C 702 26.11 38.32 -17.91
C ARG C 702 26.48 36.88 -18.25
N HIS C 703 27.00 36.66 -19.45
CA HIS C 703 27.43 35.33 -19.84
C HIS C 703 28.62 34.86 -19.02
N HIS C 704 29.56 35.75 -18.74
CA HIS C 704 30.73 35.39 -17.94
C HIS C 704 30.33 35.07 -16.50
N GLN C 705 29.43 35.88 -15.93
CA GLN C 705 28.95 35.62 -14.57
C GLN C 705 28.20 34.30 -14.49
N TYR C 706 27.34 34.03 -15.49
CA TYR C 706 26.59 32.78 -15.52
C TYR C 706 27.52 31.59 -15.71
N GLN C 707 28.57 31.73 -16.51
CA GLN C 707 29.51 30.64 -16.72
C GLN C 707 30.33 30.36 -15.46
N GLU C 708 30.70 31.40 -14.73
CA GLU C 708 31.43 31.19 -13.47
C GLU C 708 30.55 30.50 -12.44
N VAL C 709 29.29 30.95 -12.31
CA VAL C 709 28.35 30.32 -11.39
C VAL C 709 28.09 28.87 -11.78
N MET C 710 27.95 28.61 -13.09
CA MET C 710 27.74 27.25 -13.57
C MET C 710 28.96 26.37 -13.34
N ARG C 711 30.16 26.93 -13.47
CA ARG C 711 31.37 26.16 -13.18
C ARG C 711 31.42 25.74 -11.72
N ASN C 712 31.11 26.67 -10.82
CA ASN C 712 31.07 26.35 -9.40
C ASN C 712 29.98 25.31 -9.10
N LEU C 713 28.80 25.47 -9.71
CA LEU C 713 27.69 24.54 -9.50
C LEU C 713 28.01 23.15 -10.01
N VAL C 714 28.65 23.07 -11.18
CA VAL C 714 28.99 21.77 -11.77
C VAL C 714 30.07 21.08 -10.93
N LYS C 715 31.04 21.85 -10.43
CA LYS C 715 32.06 21.27 -9.55
C LYS C 715 31.43 20.73 -8.27
N ARG C 716 30.53 21.50 -7.65
CA ARG C 716 29.85 21.05 -6.43
C ARG C 716 28.99 19.82 -6.68
N TYR C 717 28.26 19.81 -7.81
CA TYR C 717 27.41 18.67 -8.14
C TYR C 717 28.23 17.42 -8.40
N VAL C 718 29.34 17.55 -9.12
CA VAL C 718 30.19 16.40 -9.43
C VAL C 718 30.78 15.83 -8.14
N ALA C 719 31.28 16.71 -7.26
CA ALA C 719 31.82 16.25 -5.99
C ALA C 719 30.76 15.57 -5.12
N ALA C 720 29.55 16.15 -5.08
CA ALA C 720 28.49 15.57 -4.25
C ALA C 720 28.05 14.21 -4.77
N MET C 721 27.82 14.08 -6.08
CA MET C 721 27.38 12.80 -6.62
C MET C 721 28.50 11.76 -6.59
N ILE C 722 29.76 12.19 -6.62
CA ILE C 722 30.85 11.23 -6.43
C ILE C 722 30.88 10.74 -4.99
N ARG C 723 30.63 11.65 -4.03
CA ARG C 723 30.62 11.24 -2.61
C ARG C 723 29.34 10.43 -2.42
N ASP C 724 28.24 10.82 -3.06
CA ASP C 724 27.01 10.00 -2.95
C ASP C 724 27.23 8.62 -3.60
N ALA C 725 27.86 8.58 -4.77
CA ALA C 725 28.10 7.32 -5.49
C ALA C 725 28.80 6.14 -4.84
N LYS C 726 29.79 6.40 -3.99
CA LYS C 726 30.54 5.35 -3.32
C LYS C 726 30.03 5.05 -1.92
N THR C 727 28.86 5.56 -1.56
CA THR C 727 28.29 5.34 -0.24
C THR C 727 27.00 4.51 -0.28
N GLU C 728 26.03 4.91 -1.09
CA GLU C 728 24.74 4.25 -1.14
C GLU C 728 24.70 3.08 -2.12
N GLU C 729 25.80 2.78 -2.80
CA GLU C 729 25.78 1.75 -3.84
C GLU C 729 25.69 0.36 -3.25
N GLY C 730 26.38 0.11 -2.13
CA GLY C 730 26.39 -1.21 -1.54
C GLY C 730 27.44 -2.11 -2.15
N LEU C 731 27.49 -3.35 -1.66
CA LEU C 731 28.48 -4.33 -2.07
C LEU C 731 27.80 -5.46 -2.84
N THR C 732 28.24 -5.68 -4.08
CA THR C 732 27.76 -6.78 -4.90
C THR C 732 28.67 -7.99 -4.71
N GLU C 733 28.52 -9.00 -5.57
CA GLU C 733 29.45 -10.11 -5.57
C GLU C 733 30.69 -9.83 -6.40
N GLU C 734 30.63 -8.81 -7.28
CA GLU C 734 31.78 -8.47 -8.11
C GLU C 734 32.95 -7.96 -7.26
N ASN C 735 32.67 -7.13 -6.26
CA ASN C 735 33.74 -6.62 -5.42
C ASN C 735 34.27 -7.68 -4.47
N PHE C 736 33.43 -8.65 -4.08
CA PHE C 736 33.94 -9.78 -3.31
C PHE C 736 34.87 -10.64 -4.17
N LYS C 737 34.52 -10.85 -5.44
CA LYS C 737 35.42 -11.56 -6.35
C LYS C 737 36.70 -10.78 -6.57
N GLU C 738 36.61 -9.45 -6.60
CA GLU C 738 37.79 -8.60 -6.71
C GLU C 738 38.68 -8.75 -5.48
N LEU C 739 38.08 -8.80 -4.29
CA LEU C 739 38.84 -9.02 -3.05
C LEU C 739 39.55 -10.37 -3.08
N LYS C 740 38.82 -11.42 -3.50
CA LYS C 740 39.41 -12.75 -3.57
C LYS C 740 40.56 -12.79 -4.57
N GLN C 741 40.38 -12.17 -5.74
CA GLN C 741 41.43 -12.16 -6.75
C GLN C 741 42.65 -11.36 -6.28
N ASP C 742 42.43 -10.24 -5.60
CA ASP C 742 43.55 -9.43 -5.11
C ASP C 742 44.31 -10.16 -4.02
N ILE C 743 43.61 -10.82 -3.09
CA ILE C 743 44.29 -11.57 -2.03
C ILE C 743 45.03 -12.77 -2.61
N SER C 744 44.43 -13.44 -3.60
CA SER C 744 45.11 -14.55 -4.26
C SER C 744 46.35 -14.07 -5.02
N SER C 745 46.26 -12.91 -5.68
CA SER C 745 47.41 -12.37 -6.39
C SER C 745 48.53 -12.00 -5.43
N PHE C 746 48.20 -11.41 -4.28
CA PHE C 746 49.21 -11.12 -3.26
C PHE C 746 49.83 -12.40 -2.72
N ARG C 747 49.02 -13.42 -2.49
CA ARG C 747 49.53 -14.71 -2.01
C ARG C 747 50.48 -15.33 -3.01
N PHE C 748 50.14 -15.27 -4.30
CA PHE C 748 50.96 -15.89 -5.31
C PHE C 748 52.23 -15.09 -5.56
N GLU C 749 52.18 -13.75 -5.40
CA GLU C 749 53.38 -12.94 -5.48
C GLU C 749 54.32 -13.23 -4.31
N VAL C 750 53.75 -13.43 -3.11
CA VAL C 750 54.55 -13.80 -1.95
C VAL C 750 55.20 -15.16 -2.15
N LEU C 751 54.44 -16.11 -2.72
CA LEU C 751 54.99 -17.43 -3.03
C LEU C 751 56.10 -17.34 -4.08
N GLY C 752 55.92 -16.45 -5.07
CA GLY C 752 56.96 -16.26 -6.06
C GLY C 752 58.23 -15.64 -5.49
N LEU C 753 58.07 -14.75 -4.50
CA LEU C 753 59.23 -14.17 -3.83
C LEU C 753 60.01 -15.21 -3.06
N LEU C 754 59.31 -16.11 -2.37
CA LEU C 754 59.96 -17.16 -1.60
C LEU C 754 59.65 -18.53 -2.18
N ASP D 16 10.77 -25.45 41.59
CA ASP D 16 10.61 -24.00 41.55
C ASP D 16 11.48 -23.38 40.46
N ARG D 17 12.36 -24.20 39.89
CA ARG D 17 13.21 -23.79 38.78
C ARG D 17 13.20 -24.86 37.71
N ILE D 18 13.18 -24.45 36.45
CA ILE D 18 13.10 -25.38 35.32
C ILE D 18 14.46 -26.04 35.13
N PRO D 19 14.55 -27.37 35.20
CA PRO D 19 15.81 -28.05 34.90
C PRO D 19 16.03 -28.15 33.40
N LEU D 20 17.25 -27.84 32.97
CA LEU D 20 17.63 -27.87 31.56
C LEU D 20 18.67 -28.95 31.37
N ARG D 21 18.30 -30.03 30.67
CA ARG D 21 19.19 -31.14 30.38
C ARG D 21 19.10 -31.48 28.91
N ILE D 22 20.24 -31.89 28.34
CA ILE D 22 20.29 -32.20 26.92
C ILE D 22 19.52 -33.50 26.66
N VAL D 23 18.47 -33.42 25.86
CA VAL D 23 17.65 -34.58 25.51
C VAL D 23 18.10 -35.19 24.19
N ARG D 24 18.31 -34.38 23.17
CA ARG D 24 18.85 -34.85 21.90
C ARG D 24 20.35 -35.01 22.08
N ALA D 25 20.75 -36.17 22.63
CA ALA D 25 22.14 -36.43 22.95
C ALA D 25 22.91 -36.89 21.72
N GLU D 26 24.11 -36.36 21.55
CA GLU D 26 25.00 -36.74 20.47
C GLU D 26 26.40 -36.98 21.03
N SER D 27 27.19 -37.73 20.28
CA SER D 27 28.58 -37.98 20.67
C SER D 27 29.39 -36.70 20.53
N GLU D 28 30.18 -36.39 21.55
CA GLU D 28 30.98 -35.17 21.59
C GLU D 28 32.35 -35.34 20.97
N LEU D 29 32.62 -36.49 20.36
CA LEU D 29 33.87 -36.83 19.65
C LEU D 29 35.03 -36.76 20.63
N SER D 30 36.20 -36.35 20.15
CA SER D 30 37.41 -36.25 20.94
C SER D 30 38.04 -34.89 20.76
N PRO D 31 38.82 -34.41 21.74
CA PRO D 31 39.53 -33.13 21.56
C PRO D 31 40.51 -33.13 20.40
N SER D 32 41.11 -34.28 20.07
CA SER D 32 41.94 -34.36 18.88
C SER D 32 41.12 -34.20 17.61
N GLU D 33 39.92 -34.79 17.58
CA GLU D 33 39.04 -34.59 16.43
C GLU D 33 38.51 -33.17 16.38
N LYS D 34 38.31 -32.53 17.54
CA LYS D 34 37.96 -31.11 17.55
C LYS D 34 39.11 -30.26 17.01
N ALA D 35 40.35 -30.65 17.31
CA ALA D 35 41.51 -29.96 16.73
C ALA D 35 41.55 -30.14 15.22
N TYR D 36 41.20 -31.34 14.74
CA TYR D 36 41.11 -31.59 13.30
C TYR D 36 40.04 -30.68 12.68
N LEU D 37 38.89 -30.56 13.35
CA LEU D 37 37.78 -29.77 12.81
C LEU D 37 38.14 -28.28 12.76
N ASN D 38 38.74 -27.75 13.84
CA ASN D 38 39.11 -26.34 13.78
C ASN D 38 40.33 -26.09 12.90
N ALA D 39 41.15 -27.13 12.65
CA ALA D 39 42.23 -26.99 11.69
C ALA D 39 41.69 -26.86 10.27
N VAL D 40 40.74 -27.72 9.89
CA VAL D 40 40.14 -27.58 8.56
C VAL D 40 39.20 -26.39 8.48
N GLU D 41 38.75 -25.87 9.62
CA GLU D 41 37.99 -24.61 9.61
C GLU D 41 38.90 -23.41 9.42
N LYS D 42 40.11 -23.45 10.00
CA LYS D 42 41.06 -22.36 9.81
C LYS D 42 41.65 -22.36 8.40
N GLY D 43 41.95 -23.55 7.88
CA GLY D 43 42.43 -23.69 6.52
C GLY D 43 43.92 -23.90 6.36
N ASP D 44 44.65 -24.22 7.42
CA ASP D 44 46.07 -24.46 7.30
C ASP D 44 46.34 -25.81 6.62
N TYR D 45 47.52 -25.90 6.02
CA TYR D 45 47.89 -27.06 5.21
C TYR D 45 48.69 -28.10 5.97
N ALA D 46 49.60 -27.67 6.85
CA ALA D 46 50.48 -28.63 7.53
C ALA D 46 49.76 -29.36 8.65
N SER D 47 48.82 -28.70 9.33
CA SER D 47 48.13 -29.32 10.46
C SER D 47 47.21 -30.45 9.99
N VAL D 48 46.52 -30.25 8.87
CA VAL D 48 45.69 -31.31 8.31
C VAL D 48 46.56 -32.46 7.81
N LYS D 49 47.75 -32.15 7.28
CA LYS D 49 48.72 -33.17 6.90
C LYS D 49 49.12 -34.02 8.11
N LYS D 50 49.45 -33.36 9.22
CA LYS D 50 49.87 -34.08 10.42
C LYS D 50 48.73 -34.90 11.00
N SER D 51 47.50 -34.34 11.01
CA SER D 51 46.35 -35.08 11.51
C SER D 51 46.03 -36.30 10.66
N LEU D 52 46.13 -36.16 9.33
CA LEU D 52 45.85 -37.29 8.45
C LEU D 52 46.94 -38.36 8.54
N GLU D 53 48.20 -37.94 8.71
CA GLU D 53 49.27 -38.93 8.90
C GLU D 53 49.16 -39.64 10.24
N GLU D 54 48.67 -38.94 11.28
CA GLU D 54 48.39 -39.60 12.54
C GLU D 54 47.21 -40.56 12.42
N ALA D 55 46.20 -40.19 11.61
CA ALA D 55 45.09 -41.09 11.34
C ALA D 55 45.53 -42.31 10.54
N GLU D 56 46.59 -42.17 9.75
CA GLU D 56 47.13 -43.33 9.02
C GLU D 56 47.72 -44.36 9.97
N ILE D 57 48.33 -43.93 11.08
CA ILE D 57 48.89 -44.83 12.06
C ILE D 57 47.92 -45.07 13.22
N TYR D 58 46.62 -44.82 13.00
CA TYR D 58 45.54 -45.12 13.95
C TYR D 58 45.70 -44.39 15.28
N PHE D 59 45.68 -43.06 15.19
CA PHE D 59 45.62 -42.20 16.37
C PHE D 59 44.17 -42.07 16.82
N LYS D 60 43.90 -41.13 17.72
CA LYS D 60 42.53 -40.86 18.15
C LYS D 60 41.71 -40.15 17.08
N ILE D 61 42.33 -39.68 16.01
CA ILE D 61 41.65 -39.00 14.92
C ILE D 61 41.25 -40.01 13.86
N ASN D 62 39.97 -40.02 13.50
CA ASN D 62 39.47 -40.80 12.39
C ASN D 62 39.11 -39.89 11.22
N ILE D 63 39.13 -40.46 10.01
CA ILE D 63 38.87 -39.66 8.82
C ILE D 63 37.41 -39.22 8.76
N ASN D 64 36.49 -40.11 9.11
CA ASN D 64 35.06 -39.81 9.06
C ASN D 64 34.57 -39.30 10.42
N CYS D 65 35.15 -38.17 10.84
CA CYS D 65 34.78 -37.54 12.11
C CYS D 65 33.43 -36.86 11.93
N ILE D 66 32.37 -37.51 12.42
CA ILE D 66 31.02 -37.02 12.24
C ILE D 66 30.72 -35.96 13.30
N ASP D 67 30.65 -34.71 12.88
CA ASP D 67 30.19 -33.64 13.75
C ASP D 67 28.71 -33.86 14.07
N PRO D 68 28.27 -33.57 15.30
CA PRO D 68 26.83 -33.63 15.60
C PRO D 68 25.98 -32.68 14.77
N LEU D 69 26.57 -31.62 14.21
CA LEU D 69 25.88 -30.78 13.24
C LEU D 69 25.98 -31.33 11.82
N GLY D 70 26.63 -32.48 11.63
CA GLY D 70 26.83 -33.05 10.32
C GLY D 70 28.00 -32.49 9.54
N ARG D 71 28.82 -31.64 10.16
CA ARG D 71 29.93 -30.99 9.49
C ARG D 71 31.14 -31.93 9.49
N THR D 72 31.11 -32.90 8.58
CA THR D 72 32.28 -33.72 8.34
C THR D 72 33.39 -32.87 7.73
N ALA D 73 34.64 -33.26 7.97
CA ALA D 73 35.79 -32.47 7.51
C ALA D 73 35.82 -32.34 5.99
N LEU D 74 35.37 -33.36 5.27
CA LEU D 74 35.19 -33.22 3.83
C LEU D 74 34.13 -32.17 3.50
N LEU D 75 33.03 -32.15 4.26
CA LEU D 75 31.98 -31.17 4.01
C LEU D 75 32.42 -29.77 4.38
N ILE D 76 33.23 -29.61 5.43
CA ILE D 76 33.77 -28.29 5.77
C ILE D 76 34.76 -27.82 4.71
N ALA D 77 35.62 -28.73 4.23
CA ALA D 77 36.56 -28.38 3.18
C ALA D 77 35.87 -28.10 1.85
N ILE D 78 34.69 -28.68 1.64
CA ILE D 78 33.92 -28.41 0.42
C ILE D 78 33.16 -27.09 0.53
N GLU D 79 32.66 -26.78 1.73
CA GLU D 79 31.93 -25.53 1.96
C GLU D 79 32.80 -24.32 1.68
N ASN D 80 34.07 -24.36 2.11
CA ASN D 80 35.02 -23.33 1.74
C ASN D 80 35.60 -23.64 0.37
N GLU D 81 35.88 -22.59 -0.40
CA GLU D 81 36.43 -22.75 -1.75
C GLU D 81 37.95 -22.79 -1.70
N ASN D 82 38.46 -23.90 -1.17
CA ASN D 82 39.89 -24.20 -1.15
C ASN D 82 40.05 -25.60 -1.73
N LEU D 83 40.37 -25.66 -3.03
CA LEU D 83 40.41 -26.93 -3.75
C LEU D 83 41.62 -27.78 -3.37
N GLU D 84 42.69 -27.17 -2.85
CA GLU D 84 43.86 -27.93 -2.46
C GLU D 84 43.56 -28.82 -1.25
N LEU D 85 42.85 -28.29 -0.27
CA LEU D 85 42.42 -29.10 0.87
C LEU D 85 41.41 -30.16 0.44
N ILE D 86 40.55 -29.82 -0.53
CA ILE D 86 39.60 -30.78 -1.07
C ILE D 86 40.34 -31.97 -1.68
N GLU D 87 41.37 -31.69 -2.50
CA GLU D 87 42.17 -32.76 -3.07
C GLU D 87 42.97 -33.50 -2.01
N LEU D 88 43.34 -32.81 -0.92
CA LEU D 88 44.08 -33.46 0.15
C LEU D 88 43.25 -34.52 0.85
N LEU D 89 42.00 -34.19 1.23
CA LEU D 89 41.16 -35.24 1.81
C LEU D 89 40.55 -36.18 0.77
N LEU D 90 40.54 -35.83 -0.52
CA LEU D 90 40.14 -36.83 -1.51
C LEU D 90 41.27 -37.79 -1.86
N SER D 91 42.51 -37.44 -1.54
CA SER D 91 43.62 -38.36 -1.80
C SER D 91 43.79 -39.36 -0.65
N PHE D 92 43.11 -39.15 0.47
CA PHE D 92 43.23 -40.00 1.64
C PHE D 92 42.11 -41.01 1.77
N ASN D 93 41.28 -41.15 0.73
CA ASN D 93 40.12 -42.07 0.71
C ASN D 93 39.15 -41.79 1.87
N VAL D 94 38.90 -40.50 2.10
CA VAL D 94 37.82 -40.11 3.01
C VAL D 94 36.49 -40.50 2.40
N TYR D 95 35.63 -41.12 3.22
CA TYR D 95 34.34 -41.61 2.73
C TYR D 95 33.47 -40.47 2.23
N VAL D 96 32.94 -40.63 1.01
CA VAL D 96 32.12 -39.63 0.36
C VAL D 96 30.69 -40.14 0.31
N GLY D 97 29.75 -39.29 0.71
CA GLY D 97 28.34 -39.61 0.63
C GLY D 97 27.62 -38.71 -0.35
N ASP D 98 26.92 -37.71 0.18
CA ASP D 98 26.28 -36.67 -0.62
C ASP D 98 27.15 -35.42 -0.74
N ALA D 99 28.48 -35.59 -0.69
CA ALA D 99 29.37 -34.44 -0.73
C ALA D 99 29.38 -33.76 -2.10
N LEU D 100 29.13 -34.53 -3.16
CA LEU D 100 28.94 -33.92 -4.48
C LEU D 100 27.71 -33.04 -4.48
N LEU D 101 26.63 -33.49 -3.84
CA LEU D 101 25.43 -32.67 -3.71
C LEU D 101 25.69 -31.44 -2.86
N HIS D 102 26.52 -31.56 -1.83
CA HIS D 102 26.89 -30.40 -1.00
C HIS D 102 27.69 -29.38 -1.81
N ALA D 103 28.61 -29.84 -2.64
CA ALA D 103 29.37 -28.94 -3.50
C ALA D 103 28.50 -28.31 -4.57
N ILE D 104 27.50 -29.05 -5.06
CA ILE D 104 26.58 -28.52 -6.05
C ILE D 104 25.69 -27.43 -5.45
N ARG D 105 25.15 -27.69 -4.25
CA ARG D 105 24.33 -26.70 -3.56
C ARG D 105 25.15 -25.46 -3.19
N LYS D 106 26.38 -25.67 -2.73
CA LYS D 106 27.28 -24.56 -2.40
C LYS D 106 27.70 -23.77 -3.64
N GLU D 107 27.49 -24.34 -4.83
CA GLU D 107 27.83 -23.73 -6.13
C GLU D 107 29.33 -23.44 -6.23
N VAL D 108 30.09 -24.52 -6.10
CA VAL D 108 31.54 -24.49 -6.24
C VAL D 108 31.89 -25.11 -7.59
N VAL D 109 32.62 -24.35 -8.42
CA VAL D 109 33.01 -24.82 -9.74
C VAL D 109 33.94 -26.03 -9.68
N GLY D 110 34.70 -26.17 -8.60
CA GLY D 110 35.58 -27.31 -8.43
C GLY D 110 34.90 -28.59 -7.99
N ALA D 111 33.75 -28.90 -8.60
CA ALA D 111 33.10 -30.19 -8.43
C ALA D 111 33.64 -31.24 -9.38
N VAL D 112 34.60 -30.86 -10.24
CA VAL D 112 35.24 -31.82 -11.13
C VAL D 112 36.04 -32.85 -10.34
N GLU D 113 36.57 -32.47 -9.18
CA GLU D 113 37.28 -33.42 -8.34
C GLU D 113 36.33 -34.45 -7.74
N LEU D 114 35.13 -34.02 -7.34
CA LEU D 114 34.14 -34.96 -6.83
C LEU D 114 33.57 -35.84 -7.94
N LEU D 115 33.43 -35.28 -9.15
CA LEU D 115 32.90 -36.05 -10.27
C LEU D 115 33.93 -37.06 -10.77
N LEU D 116 35.21 -36.70 -10.77
CA LEU D 116 36.27 -37.55 -11.30
C LEU D 116 36.85 -38.50 -10.26
N ASN D 117 36.36 -38.46 -9.03
CA ASN D 117 36.85 -39.38 -8.02
C ASN D 117 36.37 -40.80 -8.30
N HIS D 118 37.31 -41.75 -8.22
CA HIS D 118 37.07 -43.17 -8.49
C HIS D 118 36.47 -43.42 -9.88
N GLN D 135 15.90 -41.32 7.67
CA GLN D 135 17.35 -41.15 7.65
C GLN D 135 17.74 -39.71 7.36
N PHE D 136 18.51 -39.11 8.27
CA PHE D 136 18.96 -37.73 8.10
C PHE D 136 20.15 -37.70 7.13
N SER D 137 19.96 -37.01 6.00
CA SER D 137 21.02 -36.92 5.01
C SER D 137 21.12 -35.54 4.38
N GLU D 138 20.40 -34.54 4.90
CA GLU D 138 20.32 -33.14 4.44
C GLU D 138 19.70 -33.00 3.05
N PHE D 139 19.27 -34.08 2.40
CA PHE D 139 18.66 -34.02 1.09
C PHE D 139 17.57 -35.07 0.98
N THR D 140 16.53 -34.73 0.23
CA THR D 140 15.46 -35.68 -0.05
C THR D 140 16.01 -36.83 -0.89
N PRO D 141 15.65 -38.08 -0.57
CA PRO D 141 16.34 -39.23 -1.19
C PRO D 141 16.22 -39.35 -2.70
N ASP D 142 15.23 -38.71 -3.34
CA ASP D 142 15.15 -38.79 -4.79
C ASP D 142 15.97 -37.71 -5.50
N ILE D 143 16.69 -36.89 -4.75
CA ILE D 143 17.50 -35.83 -5.35
C ILE D 143 18.78 -36.45 -5.91
N THR D 144 18.97 -36.33 -7.21
CA THR D 144 20.20 -36.67 -7.91
C THR D 144 21.01 -35.40 -8.13
N PRO D 145 22.30 -35.52 -8.50
CA PRO D 145 23.09 -34.31 -8.77
C PRO D 145 22.53 -33.39 -9.83
N ILE D 146 21.92 -33.92 -10.89
CA ILE D 146 21.41 -33.07 -11.97
C ILE D 146 20.21 -32.25 -11.50
N ILE D 147 19.35 -32.84 -10.66
CA ILE D 147 18.17 -32.14 -10.16
C ILE D 147 18.59 -30.98 -9.27
N LEU D 148 19.56 -31.20 -8.38
CA LEU D 148 20.02 -30.14 -7.49
C LEU D 148 20.80 -29.08 -8.26
N ALA D 149 21.56 -29.49 -9.28
CA ALA D 149 22.28 -28.53 -10.10
C ALA D 149 21.31 -27.63 -10.87
N ALA D 150 20.21 -28.20 -11.35
CA ALA D 150 19.19 -27.37 -12.00
C ALA D 150 18.45 -26.50 -10.99
N HIS D 151 18.28 -26.98 -9.75
CA HIS D 151 17.69 -26.14 -8.72
C HIS D 151 18.57 -24.94 -8.41
N THR D 152 19.90 -25.14 -8.36
CA THR D 152 20.81 -24.02 -8.08
C THR D 152 20.93 -23.07 -9.26
N ASN D 153 20.55 -23.50 -10.47
CA ASN D 153 20.59 -22.68 -11.69
C ASN D 153 22.00 -22.16 -11.98
N ASN D 154 23.00 -23.02 -11.84
CA ASN D 154 24.37 -22.69 -12.21
C ASN D 154 24.66 -23.31 -13.57
N TYR D 155 24.99 -22.46 -14.54
CA TYR D 155 25.19 -22.94 -15.91
C TYR D 155 26.40 -23.85 -16.02
N GLU D 156 27.47 -23.52 -15.28
CA GLU D 156 28.71 -24.29 -15.37
C GLU D 156 28.53 -25.71 -14.84
N ILE D 157 27.93 -25.85 -13.65
CA ILE D 157 27.77 -27.16 -13.02
C ILE D 157 26.80 -28.02 -13.83
N ILE D 158 25.73 -27.41 -14.35
CA ILE D 158 24.81 -28.12 -15.22
C ILE D 158 25.52 -28.58 -16.48
N LYS D 159 26.40 -27.75 -17.04
CA LYS D 159 27.15 -28.14 -18.23
C LYS D 159 28.06 -29.32 -17.97
N LEU D 160 28.78 -29.31 -16.82
CA LEU D 160 29.64 -30.45 -16.48
C LEU D 160 28.82 -31.72 -16.25
N LEU D 161 27.66 -31.61 -15.60
CA LEU D 161 26.87 -32.79 -15.32
C LEU D 161 26.24 -33.37 -16.58
N VAL D 162 25.80 -32.51 -17.50
CA VAL D 162 25.26 -33.00 -18.77
C VAL D 162 26.37 -33.59 -19.63
N GLN D 163 27.58 -32.99 -19.58
CA GLN D 163 28.72 -33.56 -20.30
C GLN D 163 29.10 -34.93 -19.76
N LYS D 164 29.03 -35.10 -18.43
CA LYS D 164 29.32 -36.41 -17.85
C LYS D 164 28.25 -37.44 -18.21
N GLY D 165 27.00 -37.01 -18.36
CA GLY D 165 25.92 -37.92 -18.71
C GLY D 165 24.92 -38.12 -17.58
N VAL D 166 23.79 -37.42 -17.66
CA VAL D 166 22.75 -37.49 -16.64
C VAL D 166 21.40 -37.64 -17.33
N SER D 167 20.40 -38.02 -16.54
CA SER D 167 19.05 -38.19 -17.06
C SER D 167 18.04 -37.88 -15.96
N VAL D 168 17.13 -36.97 -16.23
CA VAL D 168 16.02 -36.63 -15.33
C VAL D 168 14.88 -37.59 -15.64
N PRO D 169 14.25 -38.20 -14.62
CA PRO D 169 13.08 -39.05 -14.90
C PRO D 169 11.94 -38.26 -15.52
N ARG D 170 11.26 -38.87 -16.48
CA ARG D 170 10.18 -38.19 -17.18
C ARG D 170 8.92 -38.22 -16.33
N PRO D 171 8.39 -37.06 -15.94
CA PRO D 171 7.14 -37.06 -15.16
C PRO D 171 5.96 -37.35 -16.05
N HIS D 172 4.92 -37.92 -15.43
CA HIS D 172 3.66 -38.16 -16.13
C HIS D 172 2.93 -36.84 -16.34
N GLU D 173 1.89 -36.87 -17.16
CA GLU D 173 1.12 -35.66 -17.36
C GLU D 173 0.25 -35.36 -16.15
N VAL D 174 -0.46 -34.23 -16.21
CA VAL D 174 -1.09 -33.64 -15.04
C VAL D 174 -2.20 -34.51 -14.49
N ARG D 175 -3.02 -35.11 -15.36
CA ARG D 175 -4.13 -35.97 -14.93
C ARG D 175 -3.89 -37.36 -15.48
N CYS D 176 -3.68 -38.33 -14.60
CA CYS D 176 -3.42 -39.70 -15.00
C CYS D 176 -4.05 -40.65 -14.00
N ASN D 177 -4.31 -41.88 -14.45
CA ASN D 177 -4.84 -42.94 -13.61
C ASN D 177 -4.08 -44.24 -13.83
N CYS D 178 -2.85 -44.15 -14.32
CA CYS D 178 -2.03 -45.34 -14.56
C CYS D 178 -1.61 -45.98 -13.24
N VAL D 179 -1.33 -47.28 -13.30
CA VAL D 179 -1.19 -48.09 -12.10
C VAL D 179 0.05 -47.70 -11.29
N GLU D 180 1.12 -47.27 -11.96
CA GLU D 180 2.36 -46.93 -11.25
C GLU D 180 2.17 -45.70 -10.36
N CYS D 181 1.51 -44.66 -10.88
CA CYS D 181 1.34 -43.44 -10.10
C CYS D 181 0.38 -43.64 -8.93
N VAL D 182 -0.71 -44.38 -9.14
CA VAL D 182 -1.63 -44.64 -8.04
C VAL D 182 -1.01 -45.58 -7.02
N SER D 183 -0.13 -46.49 -7.46
CA SER D 183 0.58 -47.34 -6.51
C SER D 183 1.57 -46.54 -5.68
N SER D 184 2.29 -45.62 -6.32
CA SER D 184 3.22 -44.76 -5.59
C SER D 184 2.49 -43.83 -4.62
N SER D 185 1.33 -43.32 -5.03
CA SER D 185 0.55 -42.46 -4.15
C SER D 185 -0.05 -43.24 -2.98
N ASP D 186 -0.42 -44.50 -3.20
CA ASP D 186 -0.92 -45.32 -2.09
C ASP D 186 0.21 -45.68 -1.13
N VAL D 187 1.41 -45.95 -1.66
CA VAL D 187 2.54 -46.28 -0.79
C VAL D 187 3.01 -45.04 -0.04
N ASP D 188 3.25 -43.94 -0.75
CA ASP D 188 3.79 -42.73 -0.13
C ASP D 188 3.41 -41.54 -1.00
N SER D 189 2.44 -40.73 -0.54
CA SER D 189 1.97 -39.61 -1.32
C SER D 189 2.84 -38.38 -1.16
N LEU D 190 3.35 -38.13 0.05
CA LEU D 190 4.21 -36.97 0.28
C LEU D 190 5.52 -37.09 -0.48
N ARG D 191 6.12 -38.27 -0.47
CA ARG D 191 7.36 -38.49 -1.21
C ARG D 191 7.14 -38.36 -2.71
N HIS D 192 6.01 -38.86 -3.21
CA HIS D 192 5.69 -38.74 -4.63
C HIS D 192 5.49 -37.28 -5.02
N SER D 193 4.77 -36.51 -4.20
CA SER D 193 4.56 -35.10 -4.49
C SER D 193 5.86 -34.32 -4.45
N ARG D 194 6.72 -34.59 -3.47
CA ARG D 194 8.01 -33.91 -3.38
C ARG D 194 8.90 -34.26 -4.56
N SER D 195 8.91 -35.53 -4.98
CA SER D 195 9.72 -35.93 -6.12
C SER D 195 9.24 -35.29 -7.41
N ARG D 196 7.91 -35.24 -7.62
CA ARG D 196 7.36 -34.59 -8.80
C ARG D 196 7.68 -33.09 -8.80
N LEU D 197 7.56 -32.44 -7.64
CA LEU D 197 7.89 -31.02 -7.55
C LEU D 197 9.36 -30.77 -7.80
N ASN D 198 10.24 -31.66 -7.31
CA ASN D 198 11.67 -31.51 -7.56
C ASN D 198 12.01 -31.69 -9.04
N ILE D 199 11.37 -32.68 -9.70
CA ILE D 199 11.60 -32.88 -11.12
C ILE D 199 11.13 -31.68 -11.93
N TYR D 200 9.95 -31.14 -11.59
CA TYR D 200 9.45 -29.98 -12.32
C TYR D 200 10.23 -28.70 -11.99
N LYS D 201 10.81 -28.63 -10.79
CA LYS D 201 11.70 -27.51 -10.47
C LYS D 201 12.99 -27.61 -11.28
N ALA D 202 13.48 -28.82 -11.49
CA ALA D 202 14.70 -29.00 -12.28
C ALA D 202 14.45 -28.72 -13.76
N LEU D 203 13.30 -29.15 -14.29
CA LEU D 203 13.04 -28.95 -15.71
C LEU D 203 12.76 -27.49 -16.05
N ALA D 204 12.19 -26.74 -15.12
CA ALA D 204 11.78 -25.36 -15.37
C ALA D 204 12.90 -24.35 -15.14
N SER D 205 14.11 -24.80 -14.85
CA SER D 205 15.21 -23.87 -14.64
C SER D 205 15.65 -23.27 -15.98
N PRO D 206 15.97 -21.98 -16.01
CA PRO D 206 16.39 -21.34 -17.27
C PRO D 206 17.66 -21.91 -17.86
N SER D 207 18.61 -22.34 -17.02
CA SER D 207 19.89 -22.82 -17.52
C SER D 207 19.74 -24.17 -18.23
N LEU D 208 18.93 -25.07 -17.68
CA LEU D 208 18.73 -26.37 -18.30
C LEU D 208 17.99 -26.24 -19.62
N ILE D 209 17.01 -25.34 -19.69
CA ILE D 209 16.30 -25.11 -20.95
C ILE D 209 17.21 -24.45 -21.98
N ALA D 210 18.06 -23.51 -21.54
CA ALA D 210 18.97 -22.86 -22.47
C ALA D 210 20.05 -23.80 -22.96
N LEU D 211 20.42 -24.80 -22.16
CA LEU D 211 21.53 -25.68 -22.50
C LEU D 211 21.09 -26.95 -23.23
N SER D 212 19.94 -27.52 -22.88
CA SER D 212 19.61 -28.86 -23.30
C SER D 212 18.30 -29.01 -24.08
N SER D 213 17.61 -27.91 -24.39
CA SER D 213 16.35 -27.98 -25.10
C SER D 213 16.54 -27.58 -26.57
N GLU D 214 15.83 -28.27 -27.45
CA GLU D 214 15.91 -27.94 -28.88
C GLU D 214 15.26 -26.59 -29.17
N ASP D 215 14.06 -26.37 -28.67
CA ASP D 215 13.36 -25.09 -28.80
C ASP D 215 13.08 -24.56 -27.40
N PRO D 216 13.92 -23.66 -26.90
CA PRO D 216 13.69 -23.11 -25.54
C PRO D 216 12.40 -22.34 -25.40
N PHE D 217 11.93 -21.67 -26.46
CA PHE D 217 10.66 -20.94 -26.37
C PHE D 217 9.48 -21.88 -26.25
N LEU D 218 9.45 -22.92 -27.09
CA LEU D 218 8.38 -23.91 -27.00
C LEU D 218 8.44 -24.67 -25.68
N THR D 219 9.65 -24.98 -25.22
CA THR D 219 9.81 -25.65 -23.93
C THR D 219 9.30 -24.78 -22.79
N ALA D 220 9.63 -23.48 -22.82
CA ALA D 220 9.16 -22.57 -21.77
C ALA D 220 7.65 -22.42 -21.80
N PHE D 221 7.07 -22.31 -23.00
CA PHE D 221 5.62 -22.15 -23.12
C PHE D 221 4.89 -23.39 -22.61
N GLN D 222 5.29 -24.57 -23.09
CA GLN D 222 4.65 -25.81 -22.66
C GLN D 222 4.87 -26.07 -21.18
N LEU D 223 6.08 -25.77 -20.67
CA LEU D 223 6.37 -25.98 -19.27
C LEU D 223 5.53 -25.06 -18.38
N SER D 224 5.36 -23.80 -18.78
CA SER D 224 4.51 -22.89 -18.02
C SER D 224 3.06 -23.37 -18.04
N TRP D 225 2.61 -23.93 -19.17
CA TRP D 225 1.25 -24.48 -19.23
C TRP D 225 1.09 -25.68 -18.29
N GLU D 226 2.04 -26.61 -18.28
CA GLU D 226 1.95 -27.76 -17.38
C GLU D 226 2.05 -27.34 -15.93
N LEU D 227 2.88 -26.34 -15.62
CA LEU D 227 2.98 -25.89 -14.24
C LEU D 227 1.72 -25.17 -13.78
N GLN D 228 1.06 -24.42 -14.68
CA GLN D 228 -0.24 -23.84 -14.33
C GLN D 228 -1.29 -24.91 -14.10
N GLU D 229 -1.31 -25.94 -14.95
CA GLU D 229 -2.27 -27.03 -14.76
C GLU D 229 -2.00 -27.81 -13.48
N LEU D 230 -0.72 -27.98 -13.13
CA LEU D 230 -0.37 -28.67 -11.89
C LEU D 230 -0.71 -27.82 -10.67
N SER D 231 -0.59 -26.49 -10.78
CA SER D 231 -1.04 -25.62 -9.70
C SER D 231 -2.55 -25.69 -9.52
N LYS D 232 -3.29 -25.82 -10.64
CA LYS D 232 -4.73 -26.03 -10.54
C LYS D 232 -5.05 -27.37 -9.89
N VAL D 233 -4.32 -28.42 -10.25
CA VAL D 233 -4.64 -29.76 -9.76
C VAL D 233 -4.14 -29.94 -8.33
N GLU D 234 -2.86 -29.67 -8.09
CA GLU D 234 -2.31 -29.75 -6.74
C GLU D 234 -2.70 -28.49 -5.99
N ASN D 235 -3.73 -28.61 -5.13
CA ASN D 235 -4.13 -27.49 -4.30
C ASN D 235 -3.04 -27.10 -3.33
N GLU D 236 -2.41 -28.09 -2.69
CA GLU D 236 -1.16 -27.86 -1.99
C GLU D 236 -0.03 -27.68 -3.00
N PHE D 237 1.03 -27.00 -2.56
CA PHE D 237 2.15 -26.57 -3.41
C PHE D 237 1.70 -25.72 -4.60
N LYS D 238 0.58 -25.01 -4.44
CA LYS D 238 0.08 -24.15 -5.51
C LYS D 238 1.03 -22.99 -5.76
N SER D 239 1.55 -22.39 -4.70
CA SER D 239 2.49 -21.28 -4.82
C SER D 239 3.79 -21.71 -5.50
N GLU D 240 4.26 -22.92 -5.23
CA GLU D 240 5.49 -23.40 -5.84
C GLU D 240 5.34 -23.56 -7.36
N TYR D 241 4.24 -24.19 -7.80
CA TYR D 241 4.02 -24.36 -9.23
C TYR D 241 3.72 -23.04 -9.92
N GLU D 242 3.02 -22.12 -9.24
CA GLU D 242 2.79 -20.80 -9.80
C GLU D 242 4.08 -20.02 -9.95
N GLU D 243 4.99 -20.12 -8.97
CA GLU D 243 6.28 -19.47 -9.05
C GLU D 243 7.12 -20.08 -10.18
N LEU D 244 7.05 -21.40 -10.36
CA LEU D 244 7.76 -22.03 -11.46
C LEU D 244 7.24 -21.60 -12.82
N SER D 245 5.91 -21.48 -12.95
CA SER D 245 5.32 -21.00 -14.19
C SER D 245 5.71 -19.55 -14.48
N ARG D 246 5.71 -18.70 -13.44
CA ARG D 246 6.14 -17.32 -13.60
C ARG D 246 7.62 -17.25 -13.98
N GLN D 247 8.43 -18.15 -13.43
CA GLN D 247 9.85 -18.21 -13.78
C GLN D 247 10.04 -18.62 -15.24
N CYS D 248 9.25 -19.58 -15.72
CA CYS D 248 9.31 -19.96 -17.13
C CYS D 248 8.91 -18.81 -18.05
N LYS D 249 7.84 -18.09 -17.68
CA LYS D 249 7.41 -16.94 -18.49
C LYS D 249 8.46 -15.84 -18.46
N GLN D 250 9.09 -15.62 -17.31
CA GLN D 250 10.11 -14.59 -17.18
C GLN D 250 11.35 -14.95 -17.99
N PHE D 251 11.70 -16.24 -18.01
CA PHE D 251 12.80 -16.72 -18.86
C PHE D 251 12.49 -16.53 -20.34
N ALA D 252 11.25 -16.80 -20.75
CA ALA D 252 10.88 -16.58 -22.15
C ALA D 252 10.96 -15.10 -22.52
N LYS D 253 10.53 -14.22 -21.62
CA LYS D 253 10.63 -12.79 -21.86
C LYS D 253 12.09 -12.34 -21.95
N ASP D 254 12.95 -12.86 -21.08
CA ASP D 254 14.37 -12.51 -21.15
C ASP D 254 15.04 -13.06 -22.40
N LEU D 255 14.63 -14.24 -22.87
CA LEU D 255 15.20 -14.77 -24.10
C LEU D 255 14.75 -13.95 -25.30
N LEU D 256 13.51 -13.44 -25.28
CA LEU D 256 13.08 -12.53 -26.33
C LEU D 256 13.79 -11.18 -26.23
N ASP D 257 14.19 -10.78 -25.02
CA ASP D 257 14.86 -9.50 -24.82
C ASP D 257 16.22 -9.42 -25.53
N GLN D 258 16.85 -10.55 -25.85
CA GLN D 258 18.18 -10.56 -26.43
C GLN D 258 18.18 -10.42 -27.95
N THR D 259 17.02 -10.25 -28.57
CA THR D 259 16.95 -10.00 -30.01
C THR D 259 17.36 -8.56 -30.28
N ARG D 260 18.45 -8.39 -31.03
CA ARG D 260 18.96 -7.07 -31.37
C ARG D 260 18.78 -6.71 -32.84
N SER D 261 17.99 -7.48 -33.57
CA SER D 261 17.71 -7.21 -34.97
C SER D 261 16.26 -7.52 -35.27
N SER D 262 15.71 -6.85 -36.29
CA SER D 262 14.35 -7.13 -36.69
C SER D 262 14.25 -8.44 -37.47
N ARG D 263 15.32 -8.83 -38.16
CA ARG D 263 15.34 -10.12 -38.85
C ARG D 263 15.26 -11.27 -37.87
N GLU D 264 15.99 -11.17 -36.75
CA GLU D 264 15.92 -12.21 -35.72
C GLU D 264 14.53 -12.28 -35.09
N LEU D 265 13.90 -11.12 -34.87
CA LEU D 265 12.54 -11.11 -34.32
C LEU D 265 11.54 -11.71 -35.29
N GLU D 266 11.69 -11.42 -36.59
CA GLU D 266 10.81 -12.01 -37.58
C GLU D 266 11.03 -13.51 -37.72
N ILE D 267 12.27 -13.97 -37.53
CA ILE D 267 12.54 -15.40 -37.54
C ILE D 267 11.90 -16.07 -36.32
N ILE D 268 12.01 -15.43 -35.14
CA ILE D 268 11.48 -16.00 -33.92
C ILE D 268 9.95 -16.06 -33.95
N LEU D 269 9.31 -14.96 -34.33
CA LEU D 269 7.86 -14.87 -34.20
C LEU D 269 7.12 -15.66 -35.27
N ASN D 270 7.69 -15.83 -36.45
CA ASN D 270 7.03 -16.53 -37.54
C ASN D 270 7.35 -18.01 -37.59
N TYR D 271 8.11 -18.53 -36.64
CA TYR D 271 8.55 -19.92 -36.69
C TYR D 271 7.41 -20.86 -36.31
N ARG D 272 7.23 -21.91 -37.11
CA ARG D 272 6.29 -22.97 -36.81
C ARG D 272 7.03 -24.30 -36.80
N ASP D 273 6.63 -25.19 -35.90
CA ASP D 273 7.29 -26.48 -35.73
C ASP D 273 7.13 -27.39 -36.95
N ASP D 274 5.94 -27.44 -37.54
CA ASP D 274 5.70 -28.29 -38.70
C ASP D 274 6.35 -27.70 -39.95
N ASN D 284 5.27 -14.94 -42.72
CA ASN D 284 4.52 -13.83 -42.18
C ASN D 284 3.28 -14.33 -41.44
N ASP D 285 3.31 -15.61 -41.05
CA ASP D 285 2.19 -16.22 -40.36
C ASP D 285 2.08 -15.77 -38.90
N LEU D 286 3.21 -15.41 -38.28
CA LEU D 286 3.30 -15.12 -36.84
C LEU D 286 2.77 -16.29 -36.01
N ALA D 287 3.24 -17.49 -36.34
CA ALA D 287 2.76 -18.70 -35.70
C ALA D 287 3.20 -18.79 -34.25
N ARG D 288 4.45 -18.42 -33.96
CA ARG D 288 4.93 -18.46 -32.58
C ARG D 288 4.27 -17.39 -31.72
N LEU D 289 3.94 -16.25 -32.31
CA LEU D 289 3.18 -15.23 -31.58
C LEU D 289 1.79 -15.72 -31.23
N LYS D 290 1.13 -16.42 -32.16
CA LYS D 290 -0.18 -17.01 -31.88
C LYS D 290 -0.07 -18.10 -30.83
N LEU D 291 1.02 -18.87 -30.85
CA LEU D 291 1.25 -19.89 -29.83
C LEU D 291 1.46 -19.27 -28.45
N ALA D 292 2.21 -18.16 -28.39
CA ALA D 292 2.42 -17.46 -27.13
C ALA D 292 1.14 -16.84 -26.60
N ILE D 293 0.28 -16.35 -27.49
CA ILE D 293 -1.03 -15.87 -27.06
C ILE D 293 -1.89 -17.01 -26.56
N LYS D 294 -1.82 -18.17 -27.23
CA LYS D 294 -2.58 -19.34 -26.79
C LYS D 294 -2.11 -19.83 -25.43
N TYR D 295 -0.81 -19.80 -25.18
CA TYR D 295 -0.25 -20.23 -23.90
C TYR D 295 -0.29 -19.15 -22.84
N ARG D 296 -0.93 -18.01 -23.13
CA ARG D 296 -1.16 -16.91 -22.18
C ARG D 296 0.16 -16.34 -21.65
N GLN D 297 1.04 -15.96 -22.56
CA GLN D 297 2.31 -15.34 -22.21
C GLN D 297 2.16 -13.83 -22.37
N LYS D 298 1.66 -13.19 -21.31
CA LYS D 298 1.39 -11.76 -21.36
C LYS D 298 2.68 -10.95 -21.43
N GLU D 299 3.70 -11.35 -20.67
CA GLU D 299 4.96 -10.61 -20.65
C GLU D 299 5.73 -10.79 -21.95
N PHE D 300 5.67 -11.99 -22.54
CA PHE D 300 6.32 -12.24 -23.82
C PHE D 300 5.65 -11.42 -24.93
N VAL D 301 4.32 -11.35 -24.92
CA VAL D 301 3.60 -10.63 -25.97
C VAL D 301 3.79 -9.12 -25.82
N ALA D 302 3.72 -8.61 -24.59
CA ALA D 302 3.81 -7.18 -24.34
C ALA D 302 5.25 -6.65 -24.32
N GLN D 303 6.22 -7.42 -24.83
CA GLN D 303 7.57 -6.90 -24.98
C GLN D 303 7.59 -5.82 -26.05
N PRO D 304 8.36 -4.75 -25.86
CA PRO D 304 8.30 -3.61 -26.81
C PRO D 304 8.74 -3.94 -28.23
N ASN D 305 9.63 -4.91 -28.42
CA ASN D 305 10.10 -5.24 -29.78
C ASN D 305 8.99 -5.89 -30.60
N CYS D 306 8.33 -6.91 -30.04
CA CYS D 306 7.21 -7.52 -30.76
C CYS D 306 6.00 -6.60 -30.77
N GLN D 307 5.88 -5.70 -29.79
CA GLN D 307 4.85 -4.67 -29.85
C GLN D 307 5.06 -3.75 -31.05
N GLN D 308 6.32 -3.37 -31.30
CA GLN D 308 6.64 -2.54 -32.46
C GLN D 308 6.42 -3.31 -33.76
N LEU D 309 6.75 -4.59 -33.77
CA LEU D 309 6.51 -5.41 -34.95
C LEU D 309 5.01 -5.55 -35.25
N LEU D 310 4.20 -5.77 -34.21
CA LEU D 310 2.76 -5.86 -34.38
C LEU D 310 2.16 -4.51 -34.78
N ALA D 311 2.73 -3.41 -34.30
CA ALA D 311 2.26 -2.09 -34.72
C ALA D 311 2.61 -1.83 -36.18
N SER D 312 3.79 -2.28 -36.61
CA SER D 312 4.17 -2.15 -38.02
C SER D 312 3.26 -2.98 -38.93
N ARG D 313 2.91 -4.19 -38.49
CA ARG D 313 1.98 -5.00 -39.27
C ARG D 313 0.54 -4.49 -39.13
N TRP D 314 0.27 -3.69 -38.10
CA TRP D 314 -1.07 -3.15 -37.90
C TRP D 314 -1.33 -1.97 -38.82
N TYR D 315 -0.45 -0.98 -38.79
CA TYR D 315 -0.52 0.16 -39.70
C TYR D 315 0.21 -0.19 -41.00
N ASP D 316 -0.43 -1.07 -41.77
CA ASP D 316 0.16 -1.54 -43.02
C ASP D 316 0.11 -0.43 -44.06
N GLU D 317 1.29 -0.06 -44.57
CA GLU D 317 1.48 1.00 -45.57
C GLU D 317 0.88 2.33 -45.08
N PHE D 318 1.29 2.72 -43.87
CA PHE D 318 0.85 3.96 -43.25
C PHE D 318 2.08 4.77 -42.84
N PRO D 319 2.59 5.62 -43.74
CA PRO D 319 3.80 6.39 -43.41
C PRO D 319 3.53 7.53 -42.44
N GLY D 320 4.07 7.43 -41.24
CA GLY D 320 3.98 8.50 -40.28
C GLY D 320 2.64 8.65 -39.59
N TRP D 321 1.82 7.59 -39.54
CA TRP D 321 0.55 7.67 -38.84
C TRP D 321 0.75 7.76 -37.33
N ARG D 322 1.77 7.11 -36.79
CA ARG D 322 2.00 7.09 -35.34
C ARG D 322 2.47 8.43 -34.80
N ARG D 323 2.89 9.36 -35.64
CA ARG D 323 3.32 10.68 -35.22
C ARG D 323 2.42 11.79 -35.75
N ARG D 324 1.25 11.46 -36.27
CA ARG D 324 0.37 12.46 -36.84
C ARG D 324 -0.38 13.20 -35.74
N HIS D 325 -0.96 14.34 -36.12
CA HIS D 325 -1.70 15.18 -35.19
C HIS D 325 -3.10 14.59 -34.96
N TRP D 326 -3.60 14.73 -33.73
CA TRP D 326 -4.69 13.88 -33.25
C TRP D 326 -6.02 14.17 -33.93
N ALA D 327 -6.37 15.43 -34.15
CA ALA D 327 -7.64 15.72 -34.82
C ALA D 327 -7.56 15.39 -36.30
N VAL D 328 -6.36 15.43 -36.88
CA VAL D 328 -6.17 14.93 -38.24
C VAL D 328 -6.42 13.43 -38.29
N LYS D 329 -5.95 12.71 -37.26
CA LYS D 329 -6.25 11.28 -37.14
C LYS D 329 -7.75 11.02 -37.02
N MET D 330 -8.44 11.84 -36.23
CA MET D 330 -9.89 11.69 -36.07
C MET D 330 -10.63 11.97 -37.38
N VAL D 331 -10.21 12.99 -38.11
CA VAL D 331 -10.85 13.35 -39.38
C VAL D 331 -10.64 12.24 -40.40
N THR D 332 -9.41 11.71 -40.49
CA THR D 332 -9.14 10.63 -41.43
C THR D 332 -9.89 9.35 -41.04
N CYS D 333 -9.97 9.04 -39.75
CA CYS D 333 -10.74 7.88 -39.30
C CYS D 333 -12.22 8.04 -39.63
N PHE D 334 -12.75 9.26 -39.49
CA PHE D 334 -14.12 9.54 -39.89
C PHE D 334 -14.30 9.35 -41.39
N ILE D 335 -13.32 9.78 -42.19
CA ILE D 335 -13.40 9.68 -43.64
C ILE D 335 -13.43 8.21 -44.08
N ILE D 336 -12.54 7.39 -43.49
CA ILE D 336 -12.59 5.95 -43.77
C ILE D 336 -13.86 5.31 -43.21
N GLY D 337 -14.39 5.84 -42.12
CA GLY D 337 -15.62 5.29 -41.56
C GLY D 337 -16.83 5.48 -42.46
N LEU D 338 -16.96 6.66 -43.06
CA LEU D 338 -18.05 6.87 -44.01
C LEU D 338 -17.83 6.12 -45.32
N LEU D 339 -16.61 5.65 -45.60
CA LEU D 339 -16.29 4.98 -46.85
C LEU D 339 -16.11 3.48 -46.70
N PHE D 340 -16.69 2.87 -45.67
CA PHE D 340 -16.65 1.41 -45.58
C PHE D 340 -17.36 0.65 -46.71
N PRO D 341 -18.58 1.02 -47.18
CA PRO D 341 -19.21 0.15 -48.20
C PRO D 341 -18.55 0.23 -49.58
N VAL D 342 -17.96 1.37 -49.95
CA VAL D 342 -17.29 1.45 -51.25
C VAL D 342 -16.04 0.57 -51.25
N PHE D 343 -15.29 0.57 -50.13
CA PHE D 343 -14.16 -0.35 -50.00
C PHE D 343 -14.62 -1.80 -49.98
N SER D 344 -15.77 -2.07 -49.36
CA SER D 344 -16.28 -3.44 -49.30
C SER D 344 -16.67 -3.96 -50.68
N VAL D 345 -17.39 -3.17 -51.46
CA VAL D 345 -17.73 -3.62 -52.81
C VAL D 345 -16.52 -3.58 -53.74
N CYS D 346 -15.50 -2.76 -53.43
CA CYS D 346 -14.27 -2.82 -54.20
C CYS D 346 -13.52 -4.13 -53.94
N TYR D 347 -13.53 -4.60 -52.69
CA TYR D 347 -12.98 -5.91 -52.41
C TYR D 347 -13.84 -7.02 -52.99
N LEU D 348 -15.15 -6.78 -53.11
CA LEU D 348 -16.04 -7.75 -53.74
C LEU D 348 -15.75 -7.91 -55.23
N ILE D 349 -15.61 -6.80 -55.95
CA ILE D 349 -15.47 -6.87 -57.41
C ILE D 349 -14.03 -6.88 -57.90
N ALA D 350 -13.08 -6.43 -57.07
CA ALA D 350 -11.69 -6.36 -57.52
C ALA D 350 -10.73 -6.42 -56.34
N PRO D 351 -10.40 -7.61 -55.83
CA PRO D 351 -9.39 -7.69 -54.77
C PRO D 351 -8.00 -7.26 -55.20
N LYS D 352 -7.68 -7.36 -56.49
CA LYS D 352 -6.37 -6.97 -56.98
C LYS D 352 -6.23 -5.46 -57.17
N SER D 353 -7.33 -4.72 -57.17
CA SER D 353 -7.27 -3.27 -57.29
C SER D 353 -6.70 -2.67 -56.01
N PRO D 354 -6.02 -1.52 -56.10
CA PRO D 354 -5.59 -0.82 -54.88
C PRO D 354 -6.73 -0.42 -53.97
N LEU D 355 -7.90 -0.09 -54.53
CA LEU D 355 -9.08 0.16 -53.71
C LEU D 355 -9.52 -1.11 -52.99
N GLY D 356 -9.46 -2.25 -53.67
CA GLY D 356 -9.76 -3.52 -53.04
C GLY D 356 -8.69 -4.00 -52.09
N LEU D 357 -7.45 -3.54 -52.26
CA LEU D 357 -6.36 -3.87 -51.35
C LEU D 357 -6.24 -2.91 -50.19
N PHE D 358 -6.99 -1.80 -50.22
CA PHE D 358 -7.00 -0.90 -49.06
C PHE D 358 -7.71 -1.51 -47.87
N ILE D 359 -8.68 -2.41 -48.11
CA ILE D 359 -9.35 -3.10 -47.02
C ILE D 359 -8.47 -4.20 -46.43
N ARG D 360 -7.40 -4.58 -47.12
CA ARG D 360 -6.53 -5.63 -46.59
C ARG D 360 -5.63 -5.12 -45.47
N LYS D 361 -5.51 -3.80 -45.31
CA LYS D 361 -4.78 -3.26 -44.18
C LYS D 361 -5.57 -3.52 -42.91
N PRO D 362 -4.94 -4.08 -41.86
CA PRO D 362 -5.69 -4.43 -40.65
C PRO D 362 -6.31 -3.23 -39.94
N PHE D 363 -5.65 -2.07 -39.96
CA PHE D 363 -6.23 -0.89 -39.30
C PHE D 363 -7.44 -0.38 -40.07
N ILE D 364 -7.36 -0.36 -41.40
CA ILE D 364 -8.51 0.04 -42.22
C ILE D 364 -9.65 -0.95 -42.06
N LYS D 365 -9.33 -2.24 -41.98
CA LYS D 365 -10.35 -3.26 -41.75
C LYS D 365 -11.04 -3.07 -40.40
N PHE D 366 -10.26 -2.78 -39.35
CA PHE D 366 -10.83 -2.52 -38.04
C PHE D 366 -11.71 -1.26 -38.05
N ILE D 367 -11.25 -0.21 -38.74
CA ILE D 367 -12.02 1.02 -38.83
C ILE D 367 -13.34 0.78 -39.56
N CYS D 368 -13.31 0.02 -40.65
CA CYS D 368 -14.51 -0.26 -41.40
C CYS D 368 -15.47 -1.17 -40.62
N HIS D 369 -14.93 -2.11 -39.86
CA HIS D 369 -15.78 -2.96 -39.01
C HIS D 369 -16.45 -2.14 -37.90
N THR D 370 -15.70 -1.22 -37.28
CA THR D 370 -16.31 -0.37 -36.25
C THR D 370 -17.35 0.57 -36.85
N ALA D 371 -17.09 1.10 -38.06
CA ALA D 371 -18.08 1.94 -38.72
C ALA D 371 -19.32 1.15 -39.09
N SER D 372 -19.16 -0.11 -39.50
CA SER D 372 -20.31 -0.98 -39.74
C SER D 372 -21.12 -1.19 -38.48
N TYR D 373 -20.45 -1.49 -37.36
CA TYR D 373 -21.18 -1.70 -36.11
C TYR D 373 -21.87 -0.42 -35.64
N LEU D 374 -21.26 0.74 -35.89
CA LEU D 374 -21.91 2.01 -35.57
C LEU D 374 -23.14 2.24 -36.45
N THR D 375 -23.06 1.84 -37.72
CA THR D 375 -24.24 1.93 -38.59
C THR D 375 -25.34 0.99 -38.10
N PHE D 376 -24.96 -0.19 -37.62
CA PHE D 376 -25.93 -1.13 -37.05
C PHE D 376 -26.62 -0.54 -35.82
N LEU D 377 -25.85 0.09 -34.94
CA LEU D 377 -26.45 0.71 -33.77
C LEU D 377 -27.29 1.93 -34.14
N PHE D 378 -26.92 2.65 -35.20
CA PHE D 378 -27.75 3.74 -35.68
C PHE D 378 -29.08 3.23 -36.22
N LEU D 379 -29.06 2.10 -36.93
CA LEU D 379 -30.31 1.48 -37.37
C LEU D 379 -31.13 0.99 -36.19
N LEU D 380 -30.47 0.47 -35.15
CA LEU D 380 -31.17 0.05 -33.94
C LEU D 380 -31.85 1.24 -33.25
N LEU D 381 -31.16 2.38 -33.22
CA LEU D 381 -31.76 3.59 -32.68
C LEU D 381 -32.92 4.08 -33.53
N LEU D 382 -32.79 3.99 -34.86
CA LEU D 382 -33.86 4.39 -35.76
C LEU D 382 -35.05 3.45 -35.72
N ALA D 383 -34.86 2.22 -35.22
CA ALA D 383 -35.99 1.29 -35.10
C ALA D 383 -37.03 1.80 -34.11
N SER D 384 -36.60 2.37 -33.00
CA SER D 384 -37.54 2.89 -32.01
C SER D 384 -38.19 4.18 -32.48
N GLN D 385 -37.43 5.05 -33.13
CA GLN D 385 -37.99 6.30 -33.61
C GLN D 385 -38.87 6.08 -34.82
N HIS D 386 -39.92 6.91 -34.93
CA HIS D 386 -40.93 6.91 -36.01
C HIS D 386 -41.42 5.52 -36.44
N ASP D 391 -48.21 0.49 -32.50
CA ASP D 391 -49.21 0.15 -33.51
C ASP D 391 -50.20 -0.88 -32.99
N LEU D 392 -51.34 -0.99 -33.66
CA LEU D 392 -52.39 -1.92 -33.30
C LEU D 392 -52.37 -3.19 -34.14
N ASN D 393 -51.34 -3.38 -34.96
CA ASN D 393 -51.26 -4.53 -35.85
C ASN D 393 -50.87 -5.77 -35.06
N ARG D 394 -51.73 -6.79 -35.08
CA ARG D 394 -51.41 -8.06 -34.42
C ARG D 394 -50.38 -8.85 -35.20
N GLN D 395 -50.27 -8.63 -36.50
CA GLN D 395 -49.38 -9.37 -37.38
C GLN D 395 -48.48 -8.41 -38.15
N GLY D 396 -47.87 -7.46 -37.43
CA GLY D 396 -47.10 -6.41 -38.02
C GLY D 396 -45.88 -6.87 -38.78
N PRO D 397 -45.82 -6.57 -40.07
CA PRO D 397 -44.65 -6.90 -40.88
C PRO D 397 -43.49 -5.99 -40.53
N PRO D 398 -42.25 -6.40 -40.82
CA PRO D 398 -41.11 -5.50 -40.60
C PRO D 398 -41.16 -4.31 -41.52
N PRO D 399 -41.04 -3.09 -40.98
CA PRO D 399 -41.05 -1.90 -41.84
C PRO D 399 -39.84 -1.87 -42.77
N THR D 400 -40.05 -1.36 -43.98
CA THR D 400 -38.99 -1.31 -44.98
C THR D 400 -37.97 -0.23 -44.69
N ILE D 401 -38.31 0.75 -43.84
CA ILE D 401 -37.40 1.85 -43.57
C ILE D 401 -36.21 1.38 -42.74
N VAL D 402 -36.45 0.55 -41.72
CA VAL D 402 -35.40 0.19 -40.78
C VAL D 402 -35.24 -1.33 -40.66
N GLU D 403 -36.34 -2.04 -40.41
CA GLU D 403 -36.24 -3.44 -40.01
C GLU D 403 -35.91 -4.39 -41.16
N TRP D 404 -36.14 -3.98 -42.41
CA TRP D 404 -35.87 -4.90 -43.52
C TRP D 404 -34.39 -5.02 -43.83
N MET D 405 -33.59 -3.98 -43.62
CA MET D 405 -32.14 -4.10 -43.73
C MET D 405 -31.48 -4.32 -42.36
N ILE D 406 -32.27 -4.65 -41.35
CA ILE D 406 -31.71 -5.20 -40.10
C ILE D 406 -31.47 -6.70 -40.22
N LEU D 407 -32.40 -7.40 -40.89
CA LEU D 407 -32.31 -8.85 -41.09
C LEU D 407 -31.03 -9.34 -41.77
N PRO D 408 -30.56 -8.77 -42.91
CA PRO D 408 -29.28 -9.26 -43.46
C PRO D 408 -28.11 -9.03 -42.55
N TRP D 409 -28.18 -7.99 -41.70
CA TRP D 409 -27.09 -7.74 -40.77
C TRP D 409 -27.06 -8.80 -39.68
N VAL D 410 -28.25 -9.24 -39.24
CA VAL D 410 -28.34 -10.33 -38.27
C VAL D 410 -27.81 -11.63 -38.86
N LEU D 411 -28.14 -11.91 -40.13
CA LEU D 411 -27.59 -13.08 -40.79
C LEU D 411 -26.07 -12.99 -40.92
N GLY D 412 -25.56 -11.79 -41.20
CA GLY D 412 -24.12 -11.60 -41.26
C GLY D 412 -23.43 -11.82 -39.92
N PHE D 413 -24.04 -11.33 -38.84
CA PHE D 413 -23.49 -11.55 -37.50
C PHE D 413 -23.50 -13.02 -37.13
N ILE D 414 -24.59 -13.73 -37.45
CA ILE D 414 -24.68 -15.15 -37.14
C ILE D 414 -23.66 -15.94 -37.94
N TRP D 415 -23.51 -15.63 -39.23
CA TRP D 415 -22.54 -16.34 -40.06
C TRP D 415 -21.11 -16.04 -39.63
N GLY D 416 -20.83 -14.81 -39.21
CA GLY D 416 -19.51 -14.49 -38.69
C GLY D 416 -19.20 -15.21 -37.40
N GLU D 417 -20.19 -15.33 -36.50
CA GLU D 417 -19.99 -16.09 -35.27
C GLU D 417 -19.79 -17.57 -35.56
N ILE D 418 -20.52 -18.12 -36.53
CA ILE D 418 -20.36 -19.52 -36.90
C ILE D 418 -18.97 -19.77 -37.49
N LYS D 419 -18.51 -18.86 -38.36
CA LYS D 419 -17.17 -18.97 -38.94
C LYS D 419 -16.08 -18.83 -37.88
N GLN D 420 -16.26 -17.94 -36.91
CA GLN D 420 -15.29 -17.81 -35.83
C GLN D 420 -15.28 -19.04 -34.94
N MET D 421 -16.45 -19.64 -34.70
CA MET D 421 -16.51 -20.85 -33.89
C MET D 421 -15.87 -22.04 -34.60
N TRP D 422 -16.02 -22.13 -35.92
CA TRP D 422 -15.42 -23.22 -36.68
C TRP D 422 -13.90 -23.08 -36.71
N ASP D 423 -13.40 -21.88 -37.00
CA ASP D 423 -11.96 -21.64 -37.13
C ASP D 423 -11.43 -21.19 -35.77
N GLY D 424 -11.01 -22.16 -34.96
CA GLY D 424 -10.43 -21.86 -33.67
C GLY D 424 -10.89 -22.77 -32.56
N GLY D 425 -11.99 -23.48 -32.77
CA GLY D 425 -12.55 -24.35 -31.75
C GLY D 425 -13.52 -23.64 -30.84
N LEU D 426 -13.97 -24.38 -29.83
CA LEU D 426 -14.96 -23.89 -28.88
C LEU D 426 -14.37 -23.49 -27.53
N GLN D 427 -13.16 -23.91 -27.22
CA GLN D 427 -12.56 -23.56 -25.93
C GLN D 427 -12.19 -22.09 -25.89
N ASP D 428 -11.53 -21.60 -26.94
CA ASP D 428 -11.20 -20.17 -27.00
C ASP D 428 -12.44 -19.31 -27.17
N TYR D 429 -13.49 -19.87 -27.77
CA TYR D 429 -14.76 -19.13 -27.88
C TYR D 429 -15.39 -18.93 -26.51
N ILE D 430 -15.38 -19.95 -25.66
CA ILE D 430 -15.95 -19.81 -24.33
C ILE D 430 -14.99 -19.11 -23.37
N HIS D 431 -13.70 -19.02 -23.73
CA HIS D 431 -12.75 -18.29 -22.89
C HIS D 431 -13.00 -16.79 -22.94
N ASP D 432 -13.46 -16.27 -24.08
CA ASP D 432 -13.74 -14.85 -24.24
C ASP D 432 -15.19 -14.57 -23.83
N TRP D 433 -15.37 -13.61 -22.93
CA TRP D 433 -16.72 -13.26 -22.46
C TRP D 433 -17.49 -12.50 -23.52
N TRP D 434 -16.79 -11.74 -24.38
CA TRP D 434 -17.45 -11.01 -25.45
C TRP D 434 -18.06 -11.96 -26.48
N ASN D 435 -17.42 -13.10 -26.72
CA ASN D 435 -18.00 -14.11 -27.61
C ASN D 435 -19.28 -14.70 -27.02
N LEU D 436 -19.30 -14.90 -25.70
CA LEU D 436 -20.53 -15.35 -25.04
C LEU D 436 -21.63 -14.30 -25.15
N MET D 437 -21.28 -13.03 -24.97
CA MET D 437 -22.26 -11.94 -25.13
C MET D 437 -22.80 -11.88 -26.55
N ASP D 438 -21.91 -12.04 -27.54
CA ASP D 438 -22.34 -12.04 -28.94
C ASP D 438 -23.23 -13.24 -29.25
N PHE D 439 -22.92 -14.41 -28.69
CA PHE D 439 -23.77 -15.58 -28.87
C PHE D 439 -25.15 -15.37 -28.25
N VAL D 440 -25.20 -14.75 -27.06
CA VAL D 440 -26.47 -14.46 -26.41
C VAL D 440 -27.30 -13.50 -27.26
N MET D 441 -26.66 -12.44 -27.77
CA MET D 441 -27.39 -11.46 -28.57
C MET D 441 -27.84 -12.03 -29.91
N ASN D 442 -27.07 -12.96 -30.49
CA ASN D 442 -27.47 -13.57 -31.75
C ASN D 442 -28.60 -14.57 -31.54
N SER D 443 -28.58 -15.29 -30.41
CA SER D 443 -29.68 -16.17 -30.08
C SER D 443 -30.96 -15.37 -29.83
N LEU D 444 -30.85 -14.22 -29.17
CA LEU D 444 -32.01 -13.36 -28.95
C LEU D 444 -32.54 -12.80 -30.27
N TYR D 445 -31.64 -12.43 -31.19
CA TYR D 445 -32.07 -11.93 -32.49
C TYR D 445 -32.75 -13.03 -33.31
N LEU D 446 -32.23 -14.25 -33.27
CA LEU D 446 -32.87 -15.38 -33.96
C LEU D 446 -34.24 -15.69 -33.36
N ALA D 447 -34.35 -15.63 -32.04
CA ALA D 447 -35.64 -15.86 -31.39
C ALA D 447 -36.64 -14.76 -31.75
N THR D 448 -36.17 -13.51 -31.84
CA THR D 448 -37.03 -12.41 -32.26
C THR D 448 -37.51 -12.60 -33.69
N ILE D 449 -36.61 -13.05 -34.58
CA ILE D 449 -36.97 -13.28 -35.98
C ILE D 449 -37.99 -14.41 -36.09
N SER D 450 -37.78 -15.50 -35.34
CA SER D 450 -38.70 -16.63 -35.36
C SER D 450 -40.06 -16.24 -34.79
N LEU D 451 -40.09 -15.45 -33.71
CA LEU D 451 -41.35 -15.02 -33.15
C LEU D 451 -42.08 -14.05 -34.08
N LYS D 452 -41.33 -13.22 -34.82
CA LYS D 452 -41.96 -12.31 -35.77
C LYS D 452 -42.57 -13.07 -36.94
N ILE D 453 -41.87 -14.08 -37.47
CA ILE D 453 -42.48 -14.83 -38.57
C ILE D 453 -43.62 -15.71 -38.07
N VAL D 454 -43.57 -16.16 -36.81
CA VAL D 454 -44.70 -16.89 -36.22
C VAL D 454 -45.91 -15.97 -36.08
N ALA D 455 -45.71 -14.74 -35.60
CA ALA D 455 -46.80 -13.78 -35.50
C ALA D 455 -47.27 -13.27 -36.85
N PHE D 456 -46.47 -13.45 -37.90
CA PHE D 456 -46.94 -13.10 -39.24
C PHE D 456 -47.78 -14.21 -39.85
N VAL D 457 -47.33 -15.47 -39.75
CA VAL D 457 -48.08 -16.58 -40.34
C VAL D 457 -49.12 -17.17 -39.39
N LYS D 458 -49.18 -16.72 -38.14
CA LYS D 458 -50.16 -17.19 -37.20
C LYS D 458 -50.54 -16.03 -36.28
N TYR D 459 -51.71 -16.16 -35.65
CA TYR D 459 -52.31 -15.12 -34.80
C TYR D 459 -52.44 -13.79 -35.55
N SER D 460 -52.87 -13.88 -36.81
CA SER D 460 -53.03 -12.70 -37.65
C SER D 460 -54.27 -11.90 -37.28
N ASN D 463 -57.77 -5.82 -33.79
CA ASN D 463 -57.56 -5.99 -32.36
C ASN D 463 -56.67 -4.89 -31.80
N PRO D 464 -57.17 -4.17 -30.79
CA PRO D 464 -56.35 -3.13 -30.17
C PRO D 464 -55.21 -3.71 -29.35
N ARG D 465 -54.21 -2.85 -29.11
CA ARG D 465 -52.99 -3.27 -28.42
C ARG D 465 -53.27 -3.68 -26.98
N GLU D 466 -54.17 -2.97 -26.30
CA GLU D 466 -54.41 -3.21 -24.88
C GLU D 466 -55.14 -4.53 -24.61
N SER D 467 -55.74 -5.13 -25.63
CA SER D 467 -56.49 -6.36 -25.45
C SER D 467 -55.69 -7.61 -25.78
N TRP D 468 -54.40 -7.47 -26.09
CA TRP D 468 -53.59 -8.62 -26.44
C TRP D 468 -53.31 -9.49 -25.22
N ASP D 469 -52.93 -10.74 -25.48
CA ASP D 469 -52.51 -11.64 -24.43
C ASP D 469 -51.17 -11.17 -23.84
N MET D 470 -50.95 -11.52 -22.57
CA MET D 470 -49.71 -11.09 -21.92
C MET D 470 -48.52 -11.93 -22.40
N TRP D 471 -48.78 -13.13 -22.88
CA TRP D 471 -47.79 -13.94 -23.61
C TRP D 471 -48.01 -13.89 -25.11
N HIS D 472 -48.39 -12.74 -25.66
CA HIS D 472 -48.55 -12.60 -27.10
C HIS D 472 -47.17 -12.67 -27.77
N PRO D 473 -47.05 -13.40 -28.89
CA PRO D 473 -45.73 -13.56 -29.53
C PRO D 473 -45.11 -12.25 -30.03
N THR D 474 -45.93 -11.27 -30.41
CA THR D 474 -45.39 -9.97 -30.81
C THR D 474 -44.75 -9.25 -29.62
N LEU D 475 -45.37 -9.34 -28.45
CA LEU D 475 -44.80 -8.72 -27.25
C LEU D 475 -43.49 -9.39 -26.85
N VAL D 476 -43.44 -10.72 -26.93
CA VAL D 476 -42.20 -11.44 -26.64
C VAL D 476 -41.11 -11.09 -27.65
N ALA D 477 -41.49 -10.95 -28.92
CA ALA D 477 -40.53 -10.56 -29.95
C ALA D 477 -39.97 -9.16 -29.69
N GLU D 478 -40.84 -8.22 -29.29
CA GLU D 478 -40.37 -6.88 -28.99
C GLU D 478 -39.47 -6.85 -27.75
N ALA D 479 -39.81 -7.63 -26.72
CA ALA D 479 -38.98 -7.68 -25.52
C ALA D 479 -37.61 -8.29 -25.81
N LEU D 480 -37.58 -9.38 -26.57
CA LEU D 480 -36.30 -9.99 -26.93
C LEU D 480 -35.49 -9.10 -27.85
N PHE D 481 -36.16 -8.33 -28.72
CA PHE D 481 -35.47 -7.34 -29.55
C PHE D 481 -34.84 -6.25 -28.69
N ALA D 482 -35.54 -5.82 -27.64
CA ALA D 482 -34.99 -4.79 -26.75
C ALA D 482 -33.78 -5.33 -25.99
N ILE D 483 -33.85 -6.57 -25.49
CA ILE D 483 -32.71 -7.16 -24.78
C ILE D 483 -31.52 -7.33 -25.71
N ALA D 484 -31.78 -7.77 -26.95
CA ALA D 484 -30.71 -7.90 -27.93
C ALA D 484 -30.14 -6.55 -28.32
N ASN D 485 -30.96 -5.49 -28.32
CA ASN D 485 -30.46 -4.14 -28.55
C ASN D 485 -29.52 -3.70 -27.44
N ILE D 486 -29.87 -4.03 -26.19
CA ILE D 486 -29.00 -3.72 -25.06
C ILE D 486 -27.67 -4.45 -25.20
N PHE D 487 -27.71 -5.73 -25.56
CA PHE D 487 -26.46 -6.49 -25.69
C PHE D 487 -25.62 -5.98 -26.86
N SER D 488 -26.26 -5.63 -27.98
CA SER D 488 -25.54 -5.11 -29.13
C SER D 488 -24.88 -3.77 -28.83
N SER D 489 -25.57 -2.89 -28.12
CA SER D 489 -24.96 -1.62 -27.76
C SER D 489 -23.97 -1.73 -26.62
N LEU D 490 -24.06 -2.78 -25.80
CA LEU D 490 -23.08 -3.04 -24.77
C LEU D 490 -21.83 -3.75 -25.30
N ARG D 491 -21.91 -4.29 -26.53
CA ARG D 491 -20.71 -4.83 -27.16
C ARG D 491 -19.71 -3.76 -27.59
N LEU D 492 -20.07 -2.48 -27.51
CA LEU D 492 -19.17 -1.41 -27.91
C LEU D 492 -18.00 -1.21 -26.94
N ILE D 493 -18.08 -1.75 -25.73
CA ILE D 493 -17.00 -1.60 -24.77
C ILE D 493 -15.78 -2.43 -25.18
N SER D 494 -15.96 -3.43 -26.04
CA SER D 494 -14.84 -4.20 -26.55
C SER D 494 -13.94 -3.38 -27.48
N LEU D 495 -14.44 -2.29 -28.03
CA LEU D 495 -13.63 -1.41 -28.87
C LEU D 495 -12.72 -0.49 -28.06
N PHE D 496 -12.91 -0.43 -26.74
CA PHE D 496 -12.06 0.42 -25.91
C PHE D 496 -10.64 -0.12 -25.80
N THR D 497 -10.44 -1.41 -26.11
CA THR D 497 -9.11 -2.03 -25.98
C THR D 497 -8.12 -1.44 -26.97
N ALA D 498 -8.59 -1.02 -28.16
CA ALA D 498 -7.70 -0.42 -29.14
C ALA D 498 -7.14 0.91 -28.65
N ASN D 499 -7.97 1.71 -27.97
CA ASN D 499 -7.53 3.01 -27.48
C ASN D 499 -6.58 2.85 -26.30
N SER D 500 -5.58 3.72 -26.24
CA SER D 500 -4.54 3.64 -25.22
C SER D 500 -4.97 4.24 -23.88
N HIS D 501 -6.05 5.01 -23.84
CA HIS D 501 -6.52 5.64 -22.61
C HIS D 501 -7.62 4.84 -21.92
N LEU D 502 -8.64 4.43 -22.67
CA LEU D 502 -9.73 3.64 -22.12
C LEU D 502 -9.40 2.15 -22.04
N GLY D 503 -8.34 1.70 -22.70
CA GLY D 503 -7.96 0.31 -22.76
C GLY D 503 -7.64 -0.34 -21.42
N PRO D 504 -6.59 0.15 -20.73
CA PRO D 504 -6.27 -0.40 -19.40
C PRO D 504 -7.39 -0.26 -18.39
N LEU D 505 -8.18 0.83 -18.48
CA LEU D 505 -9.32 0.99 -17.59
C LEU D 505 -10.37 -0.10 -17.83
N GLN D 506 -10.69 -0.35 -19.10
CA GLN D 506 -11.66 -1.40 -19.43
C GLN D 506 -11.15 -2.77 -19.03
N ILE D 507 -9.85 -3.02 -19.20
CA ILE D 507 -9.26 -4.29 -18.80
C ILE D 507 -9.34 -4.47 -17.29
N SER D 508 -9.07 -3.41 -16.52
CA SER D 508 -9.15 -3.47 -15.06
C SER D 508 -10.58 -3.72 -14.59
N LEU D 509 -11.55 -3.08 -15.24
CA LEU D 509 -12.95 -3.33 -14.89
C LEU D 509 -13.35 -4.77 -15.19
N GLY D 510 -12.87 -5.30 -16.32
CA GLY D 510 -13.11 -6.70 -16.63
C GLY D 510 -12.47 -7.66 -15.64
N ARG D 511 -11.31 -7.29 -15.11
CA ARG D 511 -10.67 -8.13 -14.08
C ARG D 511 -11.43 -8.07 -12.77
N MET D 512 -11.99 -6.91 -12.42
CA MET D 512 -12.76 -6.79 -11.18
C MET D 512 -14.17 -7.35 -11.28
N LEU D 513 -14.65 -7.64 -12.49
CA LEU D 513 -15.96 -8.27 -12.64
C LEU D 513 -16.04 -9.64 -11.96
N LEU D 514 -14.94 -10.39 -11.93
CA LEU D 514 -14.93 -11.69 -11.25
C LEU D 514 -15.15 -11.53 -9.75
N ASP D 515 -14.49 -10.55 -9.13
CA ASP D 515 -14.74 -10.27 -7.72
C ASP D 515 -16.15 -9.76 -7.49
N ILE D 516 -16.69 -9.00 -8.45
CA ILE D 516 -18.09 -8.57 -8.38
C ILE D 516 -19.01 -9.78 -8.28
N LEU D 517 -18.82 -10.77 -9.16
CA LEU D 517 -19.65 -11.97 -9.13
C LEU D 517 -19.44 -12.78 -7.84
N LYS D 518 -18.20 -12.84 -7.37
CA LYS D 518 -17.90 -13.57 -6.13
C LYS D 518 -18.63 -12.96 -4.94
N PHE D 519 -18.72 -11.63 -4.88
CA PHE D 519 -19.50 -10.99 -3.82
C PHE D 519 -21.00 -11.11 -4.05
N LEU D 520 -21.43 -11.14 -5.32
CA LEU D 520 -22.85 -11.28 -5.62
C LEU D 520 -23.39 -12.63 -5.18
N PHE D 521 -22.54 -13.67 -5.16
CA PHE D 521 -22.98 -14.96 -4.62
C PHE D 521 -23.36 -14.84 -3.14
N ILE D 522 -22.52 -14.17 -2.35
CA ILE D 522 -22.78 -13.97 -0.92
C ILE D 522 -24.02 -13.12 -0.71
N TYR D 523 -24.15 -12.04 -1.50
CA TYR D 523 -25.35 -11.20 -1.38
C TYR D 523 -26.60 -11.98 -1.75
N CYS D 524 -26.51 -12.85 -2.77
CA CYS D 524 -27.66 -13.64 -3.18
C CYS D 524 -28.09 -14.60 -2.07
N LEU D 525 -27.11 -15.18 -1.36
CA LEU D 525 -27.45 -16.04 -0.22
C LEU D 525 -28.16 -15.25 0.88
N VAL D 526 -27.66 -14.04 1.19
CA VAL D 526 -28.32 -13.18 2.18
C VAL D 526 -29.74 -12.82 1.73
N LEU D 527 -29.89 -12.52 0.44
CA LEU D 527 -31.18 -12.12 -0.11
C LEU D 527 -32.20 -13.26 -0.04
N LEU D 528 -31.78 -14.47 -0.38
CA LEU D 528 -32.68 -15.62 -0.26
C LEU D 528 -33.07 -15.89 1.18
N ALA D 529 -32.12 -15.71 2.11
CA ALA D 529 -32.42 -15.91 3.53
C ALA D 529 -33.50 -14.96 4.02
N PHE D 530 -33.30 -13.66 3.78
CA PHE D 530 -34.26 -12.68 4.27
C PHE D 530 -35.56 -12.74 3.48
N ALA D 531 -35.51 -13.13 2.20
CA ALA D 531 -36.71 -13.27 1.40
C ALA D 531 -37.58 -14.41 1.91
N ASN D 532 -36.98 -15.55 2.24
CA ASN D 532 -37.78 -16.65 2.79
C ASN D 532 -38.33 -16.29 4.17
N GLY D 533 -37.56 -15.56 4.98
CA GLY D 533 -38.08 -15.14 6.28
C GLY D 533 -39.27 -14.20 6.16
N LEU D 534 -39.17 -13.19 5.30
CA LEU D 534 -40.28 -12.26 5.12
C LEU D 534 -41.48 -12.92 4.45
N ASN D 535 -41.24 -13.87 3.53
CA ASN D 535 -42.33 -14.59 2.90
C ASN D 535 -43.05 -15.48 3.91
N GLN D 536 -42.30 -16.15 4.79
CA GLN D 536 -42.91 -16.96 5.83
C GLN D 536 -43.69 -16.11 6.83
N LEU D 537 -43.22 -14.89 7.12
CA LEU D 537 -43.97 -14.06 8.04
C LEU D 537 -45.23 -13.48 7.40
N TYR D 538 -45.15 -13.04 6.15
CA TYR D 538 -46.16 -12.14 5.59
C TYR D 538 -47.10 -12.78 4.57
N PHE D 539 -46.97 -14.08 4.28
CA PHE D 539 -47.85 -14.65 3.26
C PHE D 539 -49.24 -14.94 3.78
N TYR D 540 -49.47 -14.85 5.09
CA TYR D 540 -50.83 -14.97 5.61
C TYR D 540 -51.66 -13.73 5.30
N TYR D 541 -51.03 -12.56 5.23
CA TYR D 541 -51.73 -11.30 4.98
C TYR D 541 -51.62 -10.94 3.50
N GLU D 542 -52.20 -11.79 2.66
CA GLU D 542 -52.29 -11.56 1.23
C GLU D 542 -53.74 -11.25 0.88
N GLU D 543 -53.95 -10.16 0.15
CA GLU D 543 -55.29 -9.68 -0.16
C GLU D 543 -55.39 -9.30 -1.62
N THR D 544 -56.61 -9.39 -2.16
CA THR D 544 -56.94 -8.85 -3.47
C THR D 544 -57.70 -7.53 -3.34
N LYS D 545 -58.86 -7.55 -2.66
CA LYS D 545 -59.66 -6.38 -2.30
C LYS D 545 -60.12 -5.58 -3.52
N GLY D 546 -60.20 -6.22 -4.69
CA GLY D 546 -60.58 -5.51 -5.90
C GLY D 546 -59.55 -4.51 -6.37
N LEU D 547 -58.30 -4.67 -5.97
CA LEU D 547 -57.25 -3.72 -6.33
C LEU D 547 -56.82 -3.94 -7.77
N THR D 548 -56.59 -2.84 -8.49
CA THR D 548 -56.00 -2.95 -9.82
C THR D 548 -54.53 -3.29 -9.75
N CYS D 549 -53.91 -3.08 -8.59
CA CYS D 549 -52.50 -3.34 -8.38
C CYS D 549 -52.30 -4.48 -7.40
N LYS D 550 -51.33 -5.34 -7.69
CA LYS D 550 -50.82 -6.30 -6.72
C LYS D 550 -49.32 -6.44 -6.96
N GLY D 551 -48.53 -5.84 -6.07
CA GLY D 551 -47.09 -5.86 -6.19
C GLY D 551 -46.50 -4.52 -5.80
N ILE D 552 -45.18 -4.41 -5.97
CA ILE D 552 -44.44 -3.21 -5.56
C ILE D 552 -44.23 -2.23 -6.69
N ARG D 553 -44.72 -2.52 -7.89
CA ARG D 553 -44.35 -1.77 -9.08
C ARG D 553 -45.40 -0.76 -9.52
N CYS D 554 -46.15 -0.20 -8.58
CA CYS D 554 -47.03 0.92 -8.89
C CYS D 554 -47.07 1.92 -7.74
N GLU D 555 -48.03 2.84 -7.84
CA GLU D 555 -48.06 4.01 -6.97
C GLU D 555 -48.35 3.64 -5.52
N LYS D 556 -49.35 2.79 -5.30
CA LYS D 556 -49.65 2.28 -3.96
C LYS D 556 -49.04 0.89 -3.85
N GLN D 557 -47.90 0.80 -3.16
CA GLN D 557 -47.19 -0.46 -3.05
C GLN D 557 -47.88 -1.36 -2.03
N ASN D 558 -48.21 -2.57 -2.45
CA ASN D 558 -48.94 -3.52 -1.62
C ASN D 558 -48.51 -4.92 -1.99
N ASN D 559 -48.75 -5.85 -1.05
CA ASN D 559 -48.40 -7.27 -1.20
C ASN D 559 -46.92 -7.44 -1.54
N ALA D 560 -46.07 -6.71 -0.80
CA ALA D 560 -44.63 -6.74 -1.07
C ALA D 560 -44.02 -8.10 -0.73
N PHE D 561 -44.47 -8.74 0.34
CA PHE D 561 -43.90 -10.01 0.79
C PHE D 561 -44.93 -11.13 0.78
N SER D 562 -45.93 -11.03 -0.12
CA SER D 562 -46.98 -12.04 -0.15
C SER D 562 -46.48 -13.36 -0.74
N THR D 563 -45.73 -13.29 -1.83
CA THR D 563 -45.13 -14.47 -2.44
C THR D 563 -43.62 -14.36 -2.39
N LEU D 564 -42.94 -15.46 -2.69
CA LEU D 564 -41.48 -15.46 -2.69
C LEU D 564 -40.92 -14.63 -3.83
N PHE D 565 -41.56 -14.65 -5.00
CA PHE D 565 -41.11 -13.81 -6.12
C PHE D 565 -41.24 -12.33 -5.78
N GLU D 566 -42.38 -11.93 -5.23
CA GLU D 566 -42.57 -10.53 -4.85
C GLU D 566 -41.67 -10.14 -3.70
N THR D 567 -41.39 -11.06 -2.77
CA THR D 567 -40.44 -10.77 -1.70
C THR D 567 -39.03 -10.56 -2.24
N LEU D 568 -38.62 -11.40 -3.20
CA LEU D 568 -37.32 -11.23 -3.83
C LEU D 568 -37.23 -9.91 -4.57
N GLN D 569 -38.30 -9.53 -5.28
CA GLN D 569 -38.32 -8.25 -5.98
C GLN D 569 -38.27 -7.07 -5.01
N SER D 570 -39.03 -7.14 -3.91
CA SER D 570 -39.09 -6.03 -2.97
C SER D 570 -37.78 -5.90 -2.20
N LEU D 571 -37.13 -7.01 -1.88
CA LEU D 571 -35.83 -6.95 -1.23
C LEU D 571 -34.74 -6.54 -2.20
N PHE D 572 -34.92 -6.83 -3.49
CA PHE D 572 -33.96 -6.38 -4.49
C PHE D 572 -33.99 -4.86 -4.64
N TRP D 573 -35.18 -4.27 -4.61
CA TRP D 573 -35.32 -2.83 -4.83
C TRP D 573 -35.06 -2.02 -3.57
N SER D 574 -34.77 -2.67 -2.44
CA SER D 574 -34.48 -1.95 -1.21
C SER D 574 -33.05 -1.41 -1.19
N ILE D 575 -32.17 -1.92 -2.07
CA ILE D 575 -30.81 -1.39 -2.16
C ILE D 575 -30.84 0.03 -2.72
N PHE D 576 -31.70 0.26 -3.71
CA PHE D 576 -31.81 1.55 -4.36
C PHE D 576 -32.87 2.44 -3.73
N GLY D 577 -33.51 1.98 -2.66
CA GLY D 577 -34.47 2.78 -1.92
C GLY D 577 -35.74 3.10 -2.68
N LEU D 578 -36.22 2.19 -3.52
CA LEU D 578 -37.48 2.36 -4.22
C LEU D 578 -38.63 1.64 -3.55
N ILE D 579 -38.40 1.08 -2.36
CA ILE D 579 -39.43 0.39 -1.59
C ILE D 579 -39.72 1.23 -0.36
N ASN D 580 -40.97 1.64 -0.20
CA ASN D 580 -41.36 2.51 0.90
C ASN D 580 -41.56 1.70 2.18
N LEU D 581 -41.69 2.43 3.29
CA LEU D 581 -41.78 1.80 4.61
C LEU D 581 -43.15 1.23 4.92
N TYR D 582 -44.20 1.65 4.21
CA TYR D 582 -45.53 1.16 4.55
C TYR D 582 -45.83 -0.21 3.97
N VAL D 583 -44.92 -0.77 3.18
CA VAL D 583 -45.12 -2.11 2.63
C VAL D 583 -44.97 -3.21 3.68
N THR D 584 -44.43 -2.88 4.85
CA THR D 584 -44.29 -3.83 5.96
C THR D 584 -45.51 -3.83 6.86
N ASN D 585 -46.53 -3.04 6.53
CA ASN D 585 -47.74 -2.91 7.34
C ASN D 585 -48.84 -3.79 6.77
N VAL D 586 -49.60 -4.42 7.66
CA VAL D 586 -50.75 -5.23 7.27
C VAL D 586 -52.01 -4.45 7.59
N LYS D 587 -53.11 -4.87 6.96
CA LYS D 587 -54.40 -4.22 7.20
C LYS D 587 -54.96 -4.54 8.57
N ALA D 588 -54.56 -5.66 9.17
CA ALA D 588 -55.02 -6.04 10.49
C ALA D 588 -54.26 -5.25 11.56
N GLN D 589 -54.78 -5.28 12.78
CA GLN D 589 -54.17 -4.58 13.91
C GLN D 589 -53.24 -5.52 14.67
N HIS D 590 -52.31 -6.11 13.93
CA HIS D 590 -51.30 -7.02 14.50
C HIS D 590 -49.98 -6.27 14.55
N GLU D 591 -49.71 -5.63 15.68
CA GLU D 591 -48.51 -4.82 15.81
C GLU D 591 -47.25 -5.66 15.98
N PHE D 592 -47.38 -6.87 16.52
CA PHE D 592 -46.20 -7.70 16.74
C PHE D 592 -45.61 -8.20 15.42
N THR D 593 -46.46 -8.70 14.52
CA THR D 593 -45.98 -9.15 13.22
C THR D 593 -45.46 -7.99 12.38
N GLU D 594 -46.10 -6.83 12.49
CA GLU D 594 -45.59 -5.64 11.80
C GLU D 594 -44.22 -5.23 12.34
N PHE D 595 -44.04 -5.31 13.67
CA PHE D 595 -42.74 -4.99 14.26
C PHE D 595 -41.68 -5.99 13.84
N VAL D 596 -42.02 -7.27 13.78
CA VAL D 596 -41.07 -8.30 13.35
C VAL D 596 -40.69 -8.10 11.89
N GLY D 597 -41.67 -7.78 11.05
CA GLY D 597 -41.38 -7.50 9.64
C GLY D 597 -40.54 -6.27 9.44
N ALA D 598 -40.82 -5.20 10.19
CA ALA D 598 -40.01 -4.00 10.11
C ALA D 598 -38.59 -4.25 10.62
N THR D 599 -38.45 -5.04 11.68
CA THR D 599 -37.14 -5.39 12.20
C THR D 599 -36.34 -6.22 11.20
N MET D 600 -36.98 -7.19 10.54
CA MET D 600 -36.29 -8.01 9.55
C MET D 600 -35.93 -7.19 8.32
N PHE D 601 -36.82 -6.28 7.90
CA PHE D 601 -36.52 -5.39 6.78
C PHE D 601 -35.35 -4.46 7.11
N GLY D 602 -35.33 -3.91 8.33
CA GLY D 602 -34.22 -3.07 8.73
C GLY D 602 -32.91 -3.83 8.88
N THR D 603 -32.99 -5.08 9.36
CA THR D 603 -31.81 -5.92 9.45
C THR D 603 -31.25 -6.24 8.08
N TYR D 604 -32.13 -6.56 7.12
CA TYR D 604 -31.68 -6.79 5.75
C TYR D 604 -31.08 -5.53 5.15
N ASN D 605 -31.70 -4.37 5.40
CA ASN D 605 -31.18 -3.11 4.87
C ASN D 605 -29.80 -2.79 5.45
N VAL D 606 -29.62 -3.03 6.75
CA VAL D 606 -28.31 -2.82 7.36
C VAL D 606 -27.28 -3.76 6.77
N ILE D 607 -27.60 -5.06 6.74
CA ILE D 607 -26.65 -6.08 6.30
C ILE D 607 -26.25 -5.86 4.85
N SER D 608 -27.19 -5.44 4.00
CA SER D 608 -26.82 -5.13 2.62
C SER D 608 -26.07 -3.80 2.56
N LEU D 609 -26.76 -2.70 2.82
CA LEU D 609 -26.26 -1.37 2.48
C LEU D 609 -25.08 -0.96 3.37
N VAL D 610 -25.21 -1.09 4.69
CA VAL D 610 -24.15 -0.62 5.56
C VAL D 610 -22.98 -1.60 5.55
N VAL D 611 -23.27 -2.90 5.62
CA VAL D 611 -22.22 -3.90 5.80
C VAL D 611 -21.66 -4.34 4.46
N LEU D 612 -22.48 -4.96 3.62
CA LEU D 612 -21.94 -5.66 2.46
C LEU D 612 -21.51 -4.71 1.36
N LEU D 613 -22.21 -3.59 1.18
CA LEU D 613 -21.79 -2.62 0.17
C LEU D 613 -20.45 -1.98 0.53
N ASN D 614 -20.25 -1.66 1.81
CA ASN D 614 -18.98 -1.07 2.23
C ASN D 614 -17.85 -2.11 2.20
N MET D 615 -18.17 -3.37 2.55
CA MET D 615 -17.22 -4.46 2.39
C MET D 615 -16.80 -4.61 0.93
N LEU D 616 -17.77 -4.53 0.02
CA LEU D 616 -17.48 -4.61 -1.40
C LEU D 616 -16.63 -3.43 -1.85
N ILE D 617 -16.91 -2.24 -1.34
CA ILE D 617 -16.12 -1.05 -1.70
C ILE D 617 -14.67 -1.25 -1.28
N ALA D 618 -14.44 -1.71 -0.05
CA ALA D 618 -13.07 -1.93 0.42
C ALA D 618 -12.39 -3.06 -0.34
N MET D 619 -13.13 -4.10 -0.69
CA MET D 619 -12.52 -5.27 -1.33
C MET D 619 -12.15 -4.97 -2.77
N MET D 620 -13.00 -4.23 -3.51
CA MET D 620 -12.59 -3.78 -4.84
C MET D 620 -11.57 -2.66 -4.78
N ASN D 621 -11.49 -1.90 -3.69
CA ASN D 621 -10.37 -0.98 -3.50
C ASN D 621 -9.06 -1.75 -3.50
N ASN D 622 -9.01 -2.82 -2.71
CA ASN D 622 -7.81 -3.67 -2.65
C ASN D 622 -7.55 -4.36 -4.00
N SER D 623 -8.61 -4.81 -4.67
CA SER D 623 -8.45 -5.50 -5.95
C SER D 623 -7.91 -4.56 -7.02
N TYR D 624 -8.40 -3.32 -7.07
CA TYR D 624 -7.88 -2.36 -8.05
C TYR D 624 -6.47 -1.91 -7.68
N GLN D 625 -6.14 -1.88 -6.39
CA GLN D 625 -4.75 -1.63 -6.01
C GLN D 625 -3.85 -2.76 -6.47
N LEU D 626 -4.34 -4.00 -6.42
CA LEU D 626 -3.52 -5.14 -6.82
C LEU D 626 -3.34 -5.20 -8.34
N ILE D 627 -4.42 -4.96 -9.11
CA ILE D 627 -4.36 -5.21 -10.55
C ILE D 627 -3.92 -4.00 -11.36
N ALA D 628 -3.77 -2.83 -10.75
CA ALA D 628 -3.30 -1.67 -11.52
C ALA D 628 -1.80 -1.70 -11.75
N ASP D 629 -1.06 -2.53 -11.01
CA ASP D 629 0.38 -2.63 -11.21
C ASP D 629 0.71 -3.32 -12.52
N HIS D 630 -0.10 -4.31 -12.92
CA HIS D 630 0.10 -5.04 -14.16
C HIS D 630 -0.95 -4.72 -15.21
N ALA D 631 -1.47 -3.49 -15.22
CA ALA D 631 -2.52 -3.15 -16.18
C ALA D 631 -1.98 -3.06 -17.61
N ASP D 632 -0.74 -2.59 -17.78
CA ASP D 632 -0.20 -2.36 -19.11
C ASP D 632 0.02 -3.66 -19.88
N ILE D 633 0.52 -4.70 -19.21
CA ILE D 633 0.83 -5.94 -19.91
C ILE D 633 -0.46 -6.66 -20.34
N GLU D 634 -1.48 -6.67 -19.48
CA GLU D 634 -2.74 -7.30 -19.87
C GLU D 634 -3.49 -6.48 -20.90
N TRP D 635 -3.41 -5.15 -20.83
CA TRP D 635 -4.00 -4.33 -21.88
C TRP D 635 -3.32 -4.56 -23.22
N LYS D 636 -1.99 -4.68 -23.21
CA LYS D 636 -1.27 -4.93 -24.46
C LYS D 636 -1.56 -6.32 -25.00
N PHE D 637 -1.71 -7.30 -24.10
CA PHE D 637 -2.08 -8.66 -24.52
C PHE D 637 -3.46 -8.68 -25.18
N ALA D 638 -4.44 -8.00 -24.56
CA ALA D 638 -5.78 -7.95 -25.13
C ALA D 638 -5.81 -7.16 -26.43
N ARG D 639 -5.04 -6.08 -26.51
CA ARG D 639 -4.98 -5.29 -27.74
C ARG D 639 -4.31 -6.07 -28.86
N THR D 640 -3.31 -6.91 -28.55
CA THR D 640 -2.70 -7.73 -29.58
C THR D 640 -3.62 -8.84 -30.04
N LYS D 641 -4.42 -9.40 -29.11
CA LYS D 641 -5.45 -10.35 -29.52
C LYS D 641 -6.45 -9.70 -30.46
N LEU D 642 -6.86 -8.47 -30.16
CA LEU D 642 -7.72 -7.71 -31.06
C LEU D 642 -7.04 -7.42 -32.39
N TRP D 643 -5.73 -7.17 -32.36
CA TRP D 643 -5.00 -6.85 -33.59
C TRP D 643 -4.91 -8.04 -34.53
N MET D 644 -4.47 -9.19 -34.01
CA MET D 644 -4.43 -10.38 -34.87
C MET D 644 -5.78 -11.05 -35.03
N SER D 645 -6.85 -10.51 -34.43
CA SER D 645 -8.19 -10.84 -34.91
C SER D 645 -8.40 -10.31 -36.32
N TYR D 646 -7.72 -9.23 -36.69
CA TYR D 646 -7.84 -8.61 -38.00
C TYR D 646 -6.62 -8.84 -38.88
N PHE D 647 -5.71 -9.75 -38.50
CA PHE D 647 -4.53 -9.99 -39.32
C PHE D 647 -4.78 -11.03 -40.40
N GLU D 648 -5.70 -11.97 -40.16
CA GLU D 648 -5.95 -13.04 -41.11
C GLU D 648 -6.70 -12.53 -42.33
N GLU D 649 -6.51 -13.23 -43.46
CA GLU D 649 -7.16 -12.82 -44.70
C GLU D 649 -8.66 -13.13 -44.68
N GLY D 650 -9.07 -14.20 -44.00
CA GLY D 650 -10.48 -14.52 -43.92
C GLY D 650 -11.23 -13.58 -43.00
N GLY D 651 -12.52 -13.42 -43.29
CA GLY D 651 -13.35 -12.49 -42.54
C GLY D 651 -12.97 -11.04 -42.74
N THR D 652 -12.55 -10.68 -43.96
CA THR D 652 -12.12 -9.31 -44.22
C THR D 652 -13.32 -8.37 -44.32
N LEU D 653 -14.39 -8.83 -44.97
CA LEU D 653 -15.53 -7.97 -45.26
C LEU D 653 -16.32 -7.63 -43.99
N PRO D 654 -16.93 -6.44 -43.94
CA PRO D 654 -17.79 -6.11 -42.79
C PRO D 654 -19.10 -6.89 -42.81
N THR D 655 -19.92 -6.68 -41.78
CA THR D 655 -21.11 -7.52 -41.56
C THR D 655 -22.15 -7.51 -42.68
N PRO D 656 -22.58 -6.37 -43.25
CA PRO D 656 -23.61 -6.46 -44.32
C PRO D 656 -23.14 -7.15 -45.58
N PHE D 657 -21.83 -7.18 -45.84
CA PHE D 657 -21.29 -7.83 -47.02
C PHE D 657 -20.56 -9.13 -46.70
N ASN D 658 -20.46 -9.50 -45.42
CA ASN D 658 -19.89 -10.79 -45.06
C ASN D 658 -20.80 -11.94 -45.48
N VAL D 659 -22.11 -11.73 -45.40
CA VAL D 659 -23.08 -12.74 -45.82
C VAL D 659 -23.20 -12.76 -47.34
N ARG D 695 9.57 -28.00 -50.10
CA ARG D 695 8.85 -28.27 -48.86
C ARG D 695 9.79 -28.77 -47.77
N ALA D 696 10.52 -29.86 -48.06
CA ALA D 696 11.45 -30.41 -47.09
C ALA D 696 12.69 -29.53 -46.96
N ALA D 697 13.21 -29.03 -48.09
CA ALA D 697 14.39 -28.17 -48.06
C ALA D 697 14.11 -26.84 -47.39
N ASP D 698 12.93 -26.26 -47.66
CA ASP D 698 12.54 -25.01 -47.03
C ASP D 698 12.37 -25.18 -45.52
N ASN D 699 11.75 -26.28 -45.10
CA ASN D 699 11.62 -26.55 -43.67
C ASN D 699 12.98 -26.78 -43.01
N LEU D 700 13.89 -27.48 -43.71
CA LEU D 700 15.22 -27.72 -43.17
C LEU D 700 16.00 -26.41 -43.01
N ARG D 701 15.91 -25.52 -44.00
CA ARG D 701 16.59 -24.23 -43.90
C ARG D 701 15.93 -23.35 -42.84
N ARG D 702 14.62 -23.50 -42.63
CA ARG D 702 13.95 -22.77 -41.56
C ARG D 702 14.43 -23.25 -40.19
N HIS D 703 14.60 -24.56 -40.03
CA HIS D 703 15.13 -25.10 -38.78
C HIS D 703 16.57 -24.65 -38.55
N HIS D 704 17.39 -24.60 -39.60
CA HIS D 704 18.76 -24.11 -39.45
C HIS D 704 18.80 -22.63 -39.06
N GLN D 705 17.97 -21.80 -39.71
CA GLN D 705 17.93 -20.38 -39.37
C GLN D 705 17.45 -20.15 -37.94
N TYR D 706 16.39 -20.86 -37.55
CA TYR D 706 15.88 -20.73 -36.18
C TYR D 706 16.88 -21.24 -35.16
N GLN D 707 17.63 -22.29 -35.50
CA GLN D 707 18.63 -22.81 -34.57
C GLN D 707 19.80 -21.85 -34.42
N GLU D 708 20.20 -21.18 -35.51
CA GLU D 708 21.29 -20.21 -35.39
C GLU D 708 20.84 -18.97 -34.60
N VAL D 709 19.59 -18.55 -34.78
CA VAL D 709 19.05 -17.44 -33.98
C VAL D 709 18.94 -17.84 -32.52
N MET D 710 18.55 -19.10 -32.26
CA MET D 710 18.48 -19.60 -30.89
C MET D 710 19.86 -19.71 -30.27
N ARG D 711 20.87 -20.09 -31.04
CA ARG D 711 22.24 -20.13 -30.53
C ARG D 711 22.70 -18.74 -30.09
N ASN D 712 22.46 -17.74 -30.94
CA ASN D 712 22.85 -16.37 -30.59
C ASN D 712 22.07 -15.87 -29.38
N LEU D 713 20.76 -16.14 -29.33
CA LEU D 713 19.92 -15.68 -28.23
C LEU D 713 20.31 -16.34 -26.92
N VAL D 714 20.60 -17.65 -26.95
CA VAL D 714 20.99 -18.38 -25.74
C VAL D 714 22.36 -17.91 -25.26
N LYS D 715 23.29 -17.65 -26.18
CA LYS D 715 24.60 -17.14 -25.79
C LYS D 715 24.49 -15.77 -25.11
N ARG D 716 23.70 -14.87 -25.71
CA ARG D 716 23.49 -13.56 -25.11
C ARG D 716 22.79 -13.66 -23.76
N TYR D 717 21.82 -14.58 -23.65
CA TYR D 717 21.08 -14.72 -22.41
C TYR D 717 21.94 -15.28 -21.28
N VAL D 718 22.78 -16.29 -21.57
CA VAL D 718 23.62 -16.82 -20.50
C VAL D 718 24.71 -15.82 -20.15
N ALA D 719 25.19 -15.03 -21.12
CA ALA D 719 26.15 -13.96 -20.80
C ALA D 719 25.51 -12.93 -19.86
N ALA D 720 24.31 -12.47 -20.19
CA ALA D 720 23.61 -11.52 -19.32
C ALA D 720 23.25 -12.13 -17.97
N MET D 721 22.95 -13.43 -17.95
CA MET D 721 22.69 -14.11 -16.69
C MET D 721 23.91 -14.06 -15.79
N ILE D 722 25.10 -14.28 -16.36
CA ILE D 722 26.31 -14.19 -15.54
C ILE D 722 26.59 -12.75 -15.12
N ARG D 723 26.34 -11.78 -16.02
CA ARG D 723 26.56 -10.37 -15.70
C ARG D 723 25.62 -9.94 -14.56
N ASP D 724 24.32 -10.07 -14.78
CA ASP D 724 23.34 -9.72 -13.72
C ASP D 724 23.62 -10.56 -12.46
N ALA D 725 24.05 -11.81 -12.63
CA ALA D 725 24.22 -12.64 -11.44
C ALA D 725 25.40 -12.26 -10.55
N LYS D 726 26.49 -11.79 -11.16
CA LYS D 726 27.64 -11.35 -10.35
C LYS D 726 27.51 -9.92 -9.86
N THR D 727 26.46 -9.19 -10.23
CA THR D 727 26.20 -7.86 -9.74
C THR D 727 24.99 -7.82 -8.81
N GLU D 728 24.71 -8.92 -8.13
CA GLU D 728 23.62 -8.96 -7.15
C GLU D 728 24.00 -8.10 -5.95
N GLU D 729 23.20 -7.07 -5.68
CA GLU D 729 23.56 -6.01 -4.75
C GLU D 729 23.60 -6.45 -3.28
N GLY D 730 23.17 -7.67 -2.96
CA GLY D 730 23.25 -8.17 -1.61
C GLY D 730 24.47 -9.05 -1.43
N LEU D 731 25.27 -8.73 -0.41
CA LEU D 731 26.44 -9.52 -0.05
C LEU D 731 26.11 -10.30 1.22
N THR D 732 26.29 -11.62 1.16
CA THR D 732 25.90 -12.51 2.24
C THR D 732 26.98 -12.51 3.33
N GLU D 733 26.86 -13.44 4.28
CA GLU D 733 27.84 -13.58 5.35
C GLU D 733 28.76 -14.77 5.17
N GLU D 734 28.46 -15.68 4.24
CA GLU D 734 29.39 -16.78 3.98
C GLU D 734 30.63 -16.30 3.24
N ASN D 735 30.49 -15.30 2.37
CA ASN D 735 31.63 -14.80 1.62
C ASN D 735 32.62 -14.07 2.53
N PHE D 736 32.13 -13.44 3.60
CA PHE D 736 33.03 -12.89 4.61
C PHE D 736 33.80 -14.00 5.31
N LYS D 737 33.16 -15.15 5.53
CA LYS D 737 33.86 -16.30 6.09
C LYS D 737 34.89 -16.87 5.12
N GLU D 738 34.59 -16.84 3.81
CA GLU D 738 35.58 -17.26 2.82
C GLU D 738 36.77 -16.30 2.80
N LEU D 739 36.50 -15.00 2.95
CA LEU D 739 37.58 -14.02 3.01
C LEU D 739 38.44 -14.24 4.25
N LYS D 740 37.80 -14.53 5.40
CA LYS D 740 38.54 -14.85 6.61
C LYS D 740 39.37 -16.11 6.45
N GLN D 741 38.81 -17.14 5.80
CA GLN D 741 39.54 -18.38 5.59
C GLN D 741 40.73 -18.17 4.66
N ASP D 742 40.56 -17.36 3.62
CA ASP D 742 41.67 -17.07 2.71
C ASP D 742 42.78 -16.31 3.43
N ILE D 743 42.41 -15.32 4.25
CA ILE D 743 43.40 -14.55 5.00
C ILE D 743 44.12 -15.45 6.01
N SER D 744 43.38 -16.31 6.70
CA SER D 744 43.99 -17.21 7.68
C SER D 744 44.90 -18.24 7.02
N SER D 745 44.50 -18.76 5.86
CA SER D 745 45.34 -19.71 5.15
C SER D 745 46.62 -19.06 4.65
N PHE D 746 46.52 -17.82 4.15
CA PHE D 746 47.71 -17.06 3.77
C PHE D 746 48.63 -16.82 4.96
N ARG D 747 48.04 -16.45 6.10
CA ARG D 747 48.82 -16.20 7.32
C ARG D 747 49.54 -17.47 7.77
N PHE D 748 48.84 -18.60 7.76
CA PHE D 748 49.45 -19.87 8.14
C PHE D 748 50.52 -20.29 7.15
N GLU D 749 50.33 -20.00 5.86
CA GLU D 749 51.32 -20.38 4.86
C GLU D 749 52.62 -19.60 5.03
N VAL D 750 52.54 -18.28 5.24
CA VAL D 750 53.76 -17.51 5.46
C VAL D 750 54.37 -17.83 6.83
N LEU D 751 53.54 -18.17 7.83
CA LEU D 751 54.08 -18.61 9.11
C LEU D 751 54.85 -19.92 8.97
N GLY D 752 54.36 -20.84 8.14
CA GLY D 752 55.12 -22.04 7.84
C GLY D 752 56.38 -21.74 7.04
N LEU D 753 56.30 -20.78 6.12
CA LEU D 753 57.47 -20.43 5.31
C LEU D 753 58.54 -19.73 6.14
N LEU D 754 58.14 -18.76 6.95
CA LEU D 754 59.09 -18.05 7.81
C LEU D 754 59.34 -18.80 9.10
#